data_8GAF
#
_entry.id   8GAF
#
loop_
_entity.id
_entity.type
_entity.pdbx_description
1 polymer Cas7
2 polymer Cas8
3 polymer Cas11
4 polymer 'crRNA (43-MER)'
5 polymer Cas5
#
loop_
_entity_poly.entity_id
_entity_poly.type
_entity_poly.pdbx_seq_one_letter_code
_entity_poly.pdbx_strand_id
1 'polypeptide(L)'
;TIEKRYDFVFLFDVQDGNPNGDPDAGNLPRIDPQTGEGLVTDVCLKRKVRNFIQMTQNDEHHDIFIREKGILNNLIDEAH
EQENVKGKEKGEKTEAARQYMCSRYYDIRTFGAVMTTGKNAGQVRGPVQLTFSRSIDPIMTLEHSITRMAVTNEKDASET
GDNRTMGRKFTVPYGLYRCHGFISTHFAKQTGFSENDLELFWQALVNMFDHDHSAARGQMNARGLYVFEHSNNLGDAPAD
SLFKRIQVVKKDGVEVVRSFDDYLVSVDDKNLEETKLLRKLGG
;
A,B,C,D,E,F,M
2 'polypeptide(L)'
;MILHALTQYYQRKAESDGGIAQEGFENKEIPFIIVIDKQGNFIQLEDTRELKVKKKVGRTFLVPKGLGRSGSKSYEVSNL
LWDHYGYVLAYAGEKGQEQADKQHASFTAKVNELKQALPDDAGVTAVAAFLSSAEEKSKVMQAANWAECAKVKGCNLSFR
LVDEAVDLVCQSKAVREYVSQANQTQSDNAQKGICLVTGKAAPIARLHNAVKGVNAKPAPFASVNLSAFESYGKEQGFAF
PIGEQAMFEYTTALNTLLAGENRFRIGDVTTVCWGAKRTPLEESLASLINGGGKDKPDAHIDAVKALYKSLYNGQYCKPD
GEDKFYLLGLSPNSARIVVRFWHETTVAALSESIAAWYDDLQMVRGENSPYPEYMPLPRLLGNLVLDGKMENLPSDLIAQ
ITDAALNNRVLPVSLLQAALRRNKAEQKITYGRASLLKAYINRAIRAGRLKNMKELTMGLDRNRQDIGYVLGRLFAVLEK
IQAEANPGLNATIADRYFGSASSTPIAVFGTLMRLLPHHLNKLEFEGRAVQLQWEIRQILEHCQRFPNHLNLEQQGLFAI
GYYHETQFLFTKDALKNLFNEA
;
G,H
3 'polypeptide(L)'
;GLDRNRQDIGYVLGRLFAVLEKIQAEANPGLNATIADRYFGSASSTPIAVFGTLMRLLPHHLNKLEFEGRAVQLQWEIRQ
ILEHCQRFPNHLNLEQQGLFAIGYYHETQFLFTKDALKNLFNEA
;
I,J
4 'polyribonucleotide' GUUGAAACAGGGUCAGCUUGCCGUAGGUGGCAUCGCCCUCGUC K
5 'polypeptide(L)'
;RFILEISGDLACFTRSELKVERVSYPVITPSAARNILMAILWKPAIRWKVLKIEILKPIQWTNIRRNEVGTKMSERSGSL
YIEDNRQQRASMLLKDVAYRIHADFDMTSEAGESDNYVKFAEMFKRRAKKGQYFHQPYLGCREFPCDFRLLEKAEDGLPL
EDITQDFGFMLYDMDFSKSDPRDSNNAEPMFYQCKAVNGVITVPP
;
N
#
loop_
_chem_comp.id
_chem_comp.type
_chem_comp.name
_chem_comp.formula
A RNA linking ADENOSINE-5'-MONOPHOSPHATE 'C10 H14 N5 O7 P'
C RNA linking CYTIDINE-5'-MONOPHOSPHATE 'C9 H14 N3 O8 P'
G RNA linking GUANOSINE-5'-MONOPHOSPHATE 'C10 H14 N5 O8 P'
U RNA linking URIDINE-5'-MONOPHOSPHATE 'C9 H13 N2 O9 P'
#
# COMPACT_ATOMS: atom_id res chain seq x y z
N THR A 1 12.49 46.11 -1.32
CA THR A 1 11.45 45.23 -0.78
C THR A 1 10.09 45.58 -1.38
N ILE A 2 9.45 44.60 -2.02
CA ILE A 2 8.14 44.80 -2.64
C ILE A 2 7.08 44.87 -1.55
N GLU A 3 5.88 45.31 -1.93
CA GLU A 3 4.78 45.43 -0.98
C GLU A 3 3.45 44.94 -1.54
N LYS A 4 3.43 44.36 -2.73
CA LYS A 4 2.21 43.88 -3.35
C LYS A 4 2.39 42.44 -3.82
N ARG A 5 1.33 41.65 -3.70
CA ARG A 5 1.38 40.25 -4.10
C ARG A 5 1.26 40.12 -5.62
N TYR A 6 1.89 39.07 -6.15
CA TYR A 6 1.89 38.80 -7.58
C TYR A 6 1.49 37.35 -7.83
N ASP A 7 0.64 37.14 -8.83
CA ASP A 7 0.24 35.80 -9.26
C ASP A 7 0.44 35.72 -10.77
N PHE A 8 1.46 34.95 -11.20
CA PHE A 8 1.82 34.91 -12.61
C PHE A 8 1.63 33.51 -13.17
N VAL A 9 0.91 33.42 -14.28
CA VAL A 9 0.75 32.18 -15.04
C VAL A 9 1.67 32.26 -16.25
N PHE A 10 2.38 31.17 -16.51
CA PHE A 10 3.43 31.12 -17.54
C PHE A 10 3.16 29.91 -18.43
N LEU A 11 2.84 30.16 -19.69
CA LEU A 11 2.64 29.11 -20.68
C LEU A 11 3.86 29.05 -21.58
N PHE A 12 4.57 27.94 -21.54
CA PHE A 12 5.77 27.74 -22.35
C PHE A 12 5.63 26.47 -23.17
N ASP A 13 6.14 26.51 -24.39
CA ASP A 13 5.99 25.42 -25.34
C ASP A 13 7.34 24.74 -25.59
N VAL A 14 7.29 23.41 -25.69
CA VAL A 14 8.43 22.61 -26.12
C VAL A 14 8.07 21.96 -27.45
N GLN A 15 8.91 22.20 -28.46
CA GLN A 15 8.63 21.68 -29.80
C GLN A 15 9.06 20.23 -29.93
N ASP A 16 10.24 19.89 -29.43
CA ASP A 16 10.73 18.52 -29.51
C ASP A 16 11.81 18.31 -28.48
N GLY A 17 11.82 17.13 -27.86
CA GLY A 17 12.78 16.78 -26.83
C GLY A 17 12.07 16.50 -25.52
N ASN A 18 12.87 16.36 -24.46
CA ASN A 18 12.34 16.10 -23.14
C ASN A 18 12.12 17.42 -22.42
N PRO A 19 10.87 17.83 -22.14
CA PRO A 19 10.65 19.12 -21.48
C PRO A 19 11.06 19.12 -20.02
N ASN A 20 10.74 18.06 -19.31
CA ASN A 20 11.03 17.93 -17.89
C ASN A 20 12.03 16.79 -17.69
N GLY A 21 11.85 15.88 -16.73
CA GLY A 21 12.80 14.83 -16.49
C GLY A 21 12.18 13.48 -16.22
N ASP A 22 12.91 12.62 -15.50
CA ASP A 22 12.49 11.27 -15.23
C ASP A 22 12.35 11.04 -13.73
N PRO A 23 11.36 10.25 -13.30
CA PRO A 23 11.16 9.99 -11.86
C PRO A 23 12.13 8.93 -11.32
N ASP A 24 13.41 9.29 -11.30
CA ASP A 24 14.48 8.45 -10.77
C ASP A 24 14.57 7.10 -11.47
N ALA A 25 13.56 6.25 -11.28
CA ALA A 25 13.56 4.92 -11.88
C ALA A 25 13.44 5.03 -13.40
N GLY A 26 14.39 4.42 -14.10
CA GLY A 26 14.37 4.41 -15.56
C GLY A 26 14.70 5.75 -16.18
N ASN A 27 14.11 6.02 -17.36
CA ASN A 27 14.41 7.27 -18.05
C ASN A 27 13.20 7.87 -18.76
N LEU A 28 11.98 7.40 -18.47
CA LEU A 28 10.82 7.94 -19.15
C LEU A 28 10.47 9.33 -18.61
N PRO A 29 9.88 10.18 -19.44
CA PRO A 29 9.50 11.52 -18.97
C PRO A 29 8.37 11.46 -17.95
N ARG A 30 8.12 12.60 -17.33
CA ARG A 30 7.05 12.71 -16.35
C ARG A 30 5.70 12.56 -17.05
N ILE A 31 5.14 11.36 -17.03
CA ILE A 31 3.89 11.08 -17.70
C ILE A 31 2.74 11.26 -16.72
N ASP A 32 1.52 11.06 -17.21
CA ASP A 32 0.32 11.12 -16.39
C ASP A 32 -0.38 9.77 -16.47
N PRO A 33 -0.56 9.07 -15.35
CA PRO A 33 -1.14 7.71 -15.43
C PRO A 33 -2.58 7.69 -15.93
N GLN A 34 -3.36 8.73 -15.69
CA GLN A 34 -4.76 8.74 -16.09
C GLN A 34 -4.93 9.21 -17.53
N THR A 35 -5.19 10.50 -17.71
CA THR A 35 -5.46 11.05 -19.04
C THR A 35 -4.26 11.00 -19.97
N GLY A 36 -3.04 10.85 -19.44
CA GLY A 36 -1.87 10.82 -20.29
C GLY A 36 -1.31 12.19 -20.63
N GLU A 37 -1.58 13.19 -19.81
CA GLU A 37 -1.09 14.55 -20.05
C GLU A 37 0.39 14.62 -19.63
N GLY A 38 0.90 15.84 -19.48
CA GLY A 38 2.28 16.06 -19.11
C GLY A 38 2.39 16.93 -17.88
N LEU A 39 3.46 16.71 -17.11
CA LEU A 39 3.73 17.47 -15.90
C LEU A 39 5.21 17.89 -15.90
N VAL A 40 5.46 19.12 -15.49
CA VAL A 40 6.81 19.67 -15.42
C VAL A 40 7.06 20.16 -14.01
N THR A 41 8.17 19.72 -13.42
CA THR A 41 8.52 20.12 -12.06
C THR A 41 8.95 21.58 -12.03
N ASP A 42 8.70 22.23 -10.88
CA ASP A 42 9.13 23.61 -10.71
C ASP A 42 10.64 23.73 -10.51
N VAL A 43 11.30 22.65 -10.09
CA VAL A 43 12.74 22.70 -9.88
C VAL A 43 13.47 22.88 -11.20
N CYS A 44 12.90 22.39 -12.31
CA CYS A 44 13.50 22.61 -13.62
C CYS A 44 13.49 24.09 -13.98
N LEU A 45 12.35 24.75 -13.77
CA LEU A 45 12.28 26.20 -14.03
C LEU A 45 13.19 26.96 -13.09
N LYS A 46 13.30 26.50 -11.83
CA LYS A 46 14.20 27.15 -10.88
C LYS A 46 15.65 27.05 -11.36
N ARG A 47 16.07 25.87 -11.81
CA ARG A 47 17.43 25.69 -12.30
C ARG A 47 17.66 26.49 -13.57
N LYS A 48 16.66 26.59 -14.43
CA LYS A 48 16.79 27.41 -15.64
C LYS A 48 16.97 28.88 -15.30
N VAL A 49 16.20 29.38 -14.32
CA VAL A 49 16.36 30.76 -13.89
C VAL A 49 17.73 30.98 -13.27
N ARG A 50 18.19 30.00 -12.47
CA ARG A 50 19.53 30.10 -11.88
C ARG A 50 20.60 30.19 -12.97
N ASN A 51 20.52 29.32 -13.99
CA ASN A 51 21.50 29.33 -15.05
C ASN A 51 21.44 30.63 -15.84
N PHE A 52 20.24 31.16 -16.09
CA PHE A 52 20.12 32.42 -16.82
C PHE A 52 20.73 33.58 -16.03
N ILE A 53 20.47 33.63 -14.72
CA ILE A 53 21.06 34.69 -13.91
C ILE A 53 22.57 34.53 -13.82
N GLN A 54 23.07 33.30 -13.78
CA GLN A 54 24.51 33.08 -13.73
C GLN A 54 25.18 33.51 -15.03
N MET A 55 24.56 33.21 -16.17
CA MET A 55 25.13 33.60 -17.45
C MET A 55 24.90 35.06 -17.79
N THR A 56 23.98 35.73 -17.10
CA THR A 56 23.70 37.14 -17.34
C THR A 56 24.42 38.03 -16.33
N GLN A 57 24.15 37.87 -15.05
CA GLN A 57 24.76 38.70 -14.01
C GLN A 57 26.22 38.31 -13.81
N ASN A 58 26.45 37.24 -13.03
CA ASN A 58 27.79 36.77 -12.71
C ASN A 58 28.62 37.85 -12.04
N ASP A 59 28.01 38.49 -11.04
CA ASP A 59 28.69 39.56 -10.29
C ASP A 59 28.59 39.30 -8.79
N GLU A 60 28.99 40.28 -7.98
CA GLU A 60 28.95 40.13 -6.54
C GLU A 60 27.51 40.27 -6.04
N HIS A 61 27.27 39.68 -4.86
CA HIS A 61 25.96 39.70 -4.20
C HIS A 61 24.88 39.11 -5.09
N HIS A 62 25.23 38.14 -5.93
CA HIS A 62 24.29 37.48 -6.83
C HIS A 62 24.77 36.06 -7.08
N ASP A 63 24.74 35.23 -6.04
CA ASP A 63 25.12 33.83 -6.19
C ASP A 63 24.00 33.04 -6.86
N ILE A 64 24.32 31.82 -7.26
CA ILE A 64 23.42 31.02 -8.09
C ILE A 64 23.51 29.55 -7.69
N PHE A 65 24.65 29.15 -7.15
CA PHE A 65 25.01 27.75 -6.92
C PHE A 65 25.22 27.05 -8.26
N ILE A 66 26.46 26.67 -8.55
CA ILE A 66 26.83 26.12 -9.86
C ILE A 66 26.37 24.67 -9.97
N ARG A 67 26.99 23.92 -10.87
CA ARG A 67 26.60 22.54 -11.14
C ARG A 67 27.16 21.59 -10.09
N GLU A 68 27.83 20.52 -10.53
CA GLU A 68 28.37 19.53 -9.61
C GLU A 68 29.60 20.02 -8.87
N LYS A 69 30.22 21.11 -9.30
CA LYS A 69 31.40 21.67 -8.66
C LYS A 69 31.06 22.63 -7.52
N GLY A 70 29.84 22.55 -6.98
CA GLY A 70 29.43 23.42 -5.90
C GLY A 70 28.78 22.68 -4.75
N ILE A 71 29.59 22.25 -3.78
CA ILE A 71 29.06 21.54 -2.62
C ILE A 71 28.26 22.52 -1.77
N LEU A 72 27.09 22.08 -1.31
CA LEU A 72 26.21 22.96 -0.54
C LEU A 72 26.84 23.33 0.80
N ASN A 73 27.32 22.33 1.54
CA ASN A 73 27.88 22.59 2.87
C ASN A 73 29.14 23.42 2.79
N ASN A 74 30.04 23.09 1.86
CA ASN A 74 31.29 23.81 1.73
C ASN A 74 31.10 25.25 1.27
N LEU A 75 29.95 25.56 0.66
CA LEU A 75 29.66 26.93 0.24
C LEU A 75 28.83 27.71 1.25
N ILE A 76 28.01 27.03 2.06
CA ILE A 76 27.28 27.74 3.12
C ILE A 76 28.13 27.92 4.36
N ASP A 77 29.20 27.13 4.53
CA ASP A 77 30.10 27.33 5.65
C ASP A 77 30.96 28.57 5.49
N GLU A 78 31.13 29.07 4.26
CA GLU A 78 31.90 30.29 4.05
C GLU A 78 31.13 31.52 4.46
N ALA A 79 29.79 31.49 4.34
CA ALA A 79 28.97 32.64 4.70
C ALA A 79 29.02 32.94 6.19
N HIS A 80 29.43 31.98 7.02
CA HIS A 80 29.54 32.19 8.46
C HIS A 80 30.80 32.93 8.86
N GLU A 81 31.65 33.32 7.90
CA GLU A 81 32.88 34.02 8.21
C GLU A 81 32.82 35.47 7.72
N GLN A 82 31.75 36.18 8.06
CA GLN A 82 31.60 37.57 7.65
C GLN A 82 31.16 38.43 8.83
N GLU A 83 29.95 39.00 8.74
CA GLU A 83 29.42 39.84 9.80
C GLU A 83 28.77 39.05 10.93
N ASN A 84 28.63 37.73 10.77
CA ASN A 84 28.03 36.87 11.79
C ASN A 84 29.08 35.84 12.21
N VAL A 85 30.03 36.27 13.04
CA VAL A 85 31.10 35.40 13.51
C VAL A 85 30.65 34.71 14.79
N LYS A 86 31.59 34.00 15.44
CA LYS A 86 31.30 33.28 16.68
C LYS A 86 31.26 34.28 17.83
N GLY A 87 30.05 34.59 18.28
CA GLY A 87 29.86 35.52 19.37
C GLY A 87 28.67 36.43 19.18
N LYS A 88 27.51 35.84 18.85
CA LYS A 88 26.30 36.62 18.62
C LYS A 88 25.04 35.80 18.86
N GLU A 89 25.12 34.77 19.72
CA GLU A 89 24.02 33.86 20.03
C GLU A 89 23.62 33.03 18.82
N LYS A 90 23.60 31.70 18.98
CA LYS A 90 23.29 30.81 17.86
C LYS A 90 21.90 31.09 17.30
N GLY A 91 20.93 31.34 18.18
CA GLY A 91 19.58 31.65 17.72
C GLY A 91 19.53 32.89 16.85
N GLU A 92 20.39 33.87 17.12
CA GLU A 92 20.50 35.06 16.29
C GLU A 92 21.55 34.92 15.20
N LYS A 93 22.60 34.13 15.43
CA LYS A 93 23.61 33.91 14.40
C LYS A 93 23.02 33.18 13.20
N THR A 94 22.11 32.23 13.44
CA THR A 94 21.46 31.54 12.33
C THR A 94 20.64 32.49 11.49
N GLU A 95 19.88 33.39 12.13
CA GLU A 95 19.09 34.36 11.39
C GLU A 95 19.98 35.34 10.63
N ALA A 96 21.10 35.75 11.24
CA ALA A 96 22.02 36.65 10.57
C ALA A 96 22.64 35.98 9.35
N ALA A 97 23.03 34.72 9.48
CA ALA A 97 23.59 33.99 8.34
C ALA A 97 22.55 33.80 7.24
N ARG A 98 21.31 33.53 7.62
CA ARG A 98 20.24 33.39 6.63
C ARG A 98 20.01 34.70 5.90
N GLN A 99 20.01 35.82 6.62
CA GLN A 99 19.82 37.12 5.97
C GLN A 99 20.99 37.44 5.04
N TYR A 100 22.21 37.13 5.48
CA TYR A 100 23.38 37.38 4.63
C TYR A 100 23.34 36.53 3.37
N MET A 101 22.94 35.27 3.50
CA MET A 101 22.83 34.41 2.32
C MET A 101 21.73 34.88 1.39
N CYS A 102 20.61 35.35 1.95
CA CYS A 102 19.53 35.87 1.11
C CYS A 102 19.97 37.12 0.37
N SER A 103 20.73 37.99 1.04
CA SER A 103 21.24 39.19 0.39
C SER A 103 22.35 38.88 -0.61
N ARG A 104 23.03 37.75 -0.46
CA ARG A 104 24.11 37.35 -1.37
C ARG A 104 23.66 36.37 -2.44
N TYR A 105 22.93 35.33 -2.05
CA TYR A 105 22.48 34.30 -3.00
C TYR A 105 21.17 34.75 -3.63
N TYR A 106 21.13 34.82 -4.96
CA TYR A 106 19.89 35.17 -5.64
C TYR A 106 18.88 34.02 -5.61
N ASP A 107 19.36 32.78 -5.63
CA ASP A 107 18.46 31.63 -5.59
C ASP A 107 17.74 31.55 -4.26
N ILE A 108 18.45 31.77 -3.16
CA ILE A 108 17.81 31.72 -1.84
C ILE A 108 16.87 32.90 -1.66
N ARG A 109 17.20 34.06 -2.25
CA ARG A 109 16.32 35.22 -2.14
C ARG A 109 15.03 35.01 -2.93
N THR A 110 15.15 34.49 -4.15
CA THR A 110 13.96 34.23 -4.96
C THR A 110 13.24 32.97 -4.50
N PHE A 111 13.93 31.84 -4.54
CA PHE A 111 13.34 30.56 -4.11
C PHE A 111 13.80 30.22 -2.70
N GLY A 112 14.48 29.09 -2.54
CA GLY A 112 14.93 28.68 -1.23
C GLY A 112 15.96 27.58 -1.34
N ALA A 113 16.59 27.30 -0.19
CA ALA A 113 17.61 26.26 -0.11
C ALA A 113 17.55 25.62 1.27
N VAL A 114 18.22 24.48 1.40
CA VAL A 114 18.26 23.72 2.65
C VAL A 114 19.52 24.10 3.41
N MET A 115 19.35 24.38 4.70
CA MET A 115 20.48 24.74 5.57
C MET A 115 20.54 23.88 6.84
N THR A 116 19.75 22.81 6.91
CA THR A 116 19.73 21.94 8.08
C THR A 116 20.60 20.71 7.88
N THR A 117 21.81 20.92 7.37
CA THR A 117 22.75 19.82 7.14
C THR A 117 23.86 19.82 8.17
N GLY A 118 25.06 20.22 7.75
CA GLY A 118 26.19 20.29 8.65
C GLY A 118 26.09 21.43 9.63
N LYS A 119 26.25 22.66 9.15
CA LYS A 119 26.13 23.85 9.98
C LYS A 119 24.77 24.49 9.74
N ASN A 120 23.95 24.53 10.78
CA ASN A 120 22.61 25.09 10.66
C ASN A 120 22.68 26.61 10.52
N ALA A 121 21.91 27.15 9.58
CA ALA A 121 21.89 28.59 9.34
C ALA A 121 20.48 29.12 9.11
N GLY A 122 19.46 28.42 9.60
CA GLY A 122 18.08 28.86 9.44
C GLY A 122 17.51 28.51 8.08
N GLN A 123 16.32 27.90 8.08
CA GLN A 123 15.66 27.53 6.84
C GLN A 123 14.90 28.71 6.27
N VAL A 124 14.88 28.80 4.94
CA VAL A 124 14.21 29.88 4.22
C VAL A 124 13.01 29.31 3.49
N ARG A 125 11.85 29.96 3.64
CA ARG A 125 10.64 29.50 2.96
C ARG A 125 10.66 29.90 1.49
N GLY A 126 10.76 31.21 1.22
CA GLY A 126 10.81 31.70 -0.13
C GLY A 126 9.56 32.47 -0.52
N PRO A 127 9.73 33.72 -0.96
CA PRO A 127 8.57 34.51 -1.38
C PRO A 127 8.04 34.09 -2.73
N VAL A 128 8.92 33.73 -3.67
CA VAL A 128 8.52 33.33 -5.01
C VAL A 128 8.40 31.81 -5.02
N GLN A 129 7.17 31.32 -5.00
CA GLN A 129 6.90 29.88 -4.98
C GLN A 129 6.26 29.47 -6.30
N LEU A 130 6.85 28.49 -6.95
CA LEU A 130 6.36 27.95 -8.21
C LEU A 130 5.66 26.62 -7.99
N THR A 131 4.83 26.24 -8.95
CA THR A 131 4.06 25.00 -8.90
C THR A 131 4.46 24.10 -10.07
N PHE A 132 3.66 23.07 -10.29
CA PHE A 132 3.90 22.12 -11.37
C PHE A 132 3.11 22.53 -12.61
N SER A 133 3.76 22.43 -13.76
CA SER A 133 3.14 22.81 -15.04
C SER A 133 2.19 21.70 -15.47
N ARG A 134 0.93 22.05 -15.69
CA ARG A 134 -0.09 21.11 -16.13
C ARG A 134 -0.59 21.49 -17.51
N SER A 135 -0.51 20.55 -18.45
CA SER A 135 -0.96 20.78 -19.81
C SER A 135 -2.45 20.46 -19.91
N ILE A 136 -3.02 20.64 -21.10
CA ILE A 136 -4.44 20.37 -21.33
C ILE A 136 -4.59 19.11 -22.15
N ASP A 137 -4.18 19.16 -23.42
CA ASP A 137 -4.26 18.00 -24.28
C ASP A 137 -3.20 16.97 -23.87
N PRO A 138 -3.55 15.68 -23.83
CA PRO A 138 -2.55 14.67 -23.44
C PRO A 138 -1.41 14.61 -24.44
N ILE A 139 -0.18 14.50 -23.90
CA ILE A 139 1.00 14.47 -24.75
C ILE A 139 1.05 13.16 -25.52
N MET A 140 1.29 13.26 -26.82
CA MET A 140 1.40 12.09 -27.69
C MET A 140 2.86 11.65 -27.80
N THR A 141 3.37 11.08 -26.70
CA THR A 141 4.77 10.69 -26.65
C THR A 141 5.04 9.54 -27.61
N LEU A 142 6.30 9.41 -28.02
CA LEU A 142 6.71 8.38 -28.98
C LEU A 142 7.88 7.55 -28.49
N GLU A 143 8.73 8.08 -27.62
CA GLU A 143 9.93 7.40 -27.12
C GLU A 143 10.83 6.97 -28.29
N HIS A 144 11.24 7.96 -29.08
CA HIS A 144 12.08 7.73 -30.25
C HIS A 144 13.48 7.34 -29.78
N SER A 145 13.73 6.03 -29.73
CA SER A 145 15.04 5.54 -29.32
C SER A 145 16.07 5.82 -30.42
N ILE A 146 17.35 5.75 -30.03
CA ILE A 146 18.44 5.96 -30.97
C ILE A 146 19.49 4.87 -30.76
N THR A 147 20.68 5.07 -31.29
CA THR A 147 21.75 4.07 -31.19
C THR A 147 23.09 4.79 -31.05
N ARG A 148 24.11 4.02 -30.69
CA ARG A 148 25.46 4.52 -30.52
C ARG A 148 26.44 3.55 -31.17
N MET A 149 27.37 4.10 -31.96
CA MET A 149 28.37 3.30 -32.64
C MET A 149 29.59 3.01 -31.78
N ALA A 150 29.70 3.63 -30.61
CA ALA A 150 30.81 3.43 -29.70
C ALA A 150 30.35 2.62 -28.50
N VAL A 151 31.18 2.59 -27.44
CA VAL A 151 30.86 1.85 -26.23
C VAL A 151 31.57 2.52 -25.06
N THR A 152 31.03 2.30 -23.86
CA THR A 152 31.62 2.89 -22.66
C THR A 152 32.68 1.96 -22.06
N ASN A 153 32.31 1.23 -21.01
CA ASN A 153 33.24 0.33 -20.36
C ASN A 153 33.44 -0.93 -21.20
N GLU A 154 34.64 -1.50 -21.09
CA GLU A 154 34.99 -2.72 -21.83
C GLU A 154 34.57 -3.94 -21.00
N LYS A 155 33.27 -4.18 -20.99
CA LYS A 155 32.69 -5.29 -20.26
C LYS A 155 32.57 -6.51 -21.18
N ASP A 156 31.86 -7.54 -20.72
CA ASP A 156 31.68 -8.75 -21.51
C ASP A 156 30.66 -8.56 -22.64
N ALA A 157 29.84 -7.52 -22.57
CA ALA A 157 28.85 -7.29 -23.62
C ALA A 157 29.46 -6.72 -24.90
N SER A 158 30.69 -6.19 -24.81
CA SER A 158 31.36 -5.64 -25.98
C SER A 158 31.84 -6.74 -26.91
N GLU A 159 30.99 -7.15 -27.84
CA GLU A 159 31.35 -8.20 -28.79
C GLU A 159 32.30 -7.66 -29.84
N THR A 160 33.06 -8.57 -30.46
CA THR A 160 34.08 -8.18 -31.43
C THR A 160 33.50 -7.75 -32.77
N GLY A 161 32.20 -7.96 -32.99
CA GLY A 161 31.59 -7.58 -34.24
C GLY A 161 31.44 -6.08 -34.40
N ASP A 162 30.56 -5.48 -33.61
CA ASP A 162 30.32 -4.03 -33.69
C ASP A 162 29.83 -3.57 -32.32
N ASN A 163 30.62 -2.69 -31.68
CA ASN A 163 30.24 -2.14 -30.39
C ASN A 163 29.05 -1.21 -30.54
N ARG A 164 27.84 -1.76 -30.52
CA ARG A 164 26.61 -1.00 -30.70
C ARG A 164 25.79 -1.06 -29.42
N THR A 165 25.48 0.10 -28.87
CA THR A 165 24.63 0.21 -27.68
C THR A 165 23.29 0.82 -28.08
N MET A 166 22.23 0.43 -27.36
CA MET A 166 20.89 0.88 -27.68
C MET A 166 20.65 2.30 -27.19
N GLY A 167 20.02 2.45 -26.04
CA GLY A 167 19.70 3.76 -25.51
C GLY A 167 18.34 4.24 -25.98
N ARG A 168 17.98 5.44 -25.52
CA ARG A 168 16.70 6.03 -25.87
C ARG A 168 16.76 7.53 -25.65
N LYS A 169 16.18 8.29 -26.58
CA LYS A 169 16.10 9.75 -26.50
C LYS A 169 14.62 10.13 -26.52
N PHE A 170 14.04 10.24 -25.33
CA PHE A 170 12.62 10.55 -25.22
C PHE A 170 12.34 11.98 -25.68
N THR A 171 11.36 12.15 -26.56
CA THR A 171 11.01 13.44 -27.10
C THR A 171 9.49 13.57 -27.17
N VAL A 172 9.03 14.81 -27.34
CA VAL A 172 7.60 15.12 -27.40
C VAL A 172 7.32 15.89 -28.68
N PRO A 173 6.32 15.50 -29.48
CA PRO A 173 6.04 16.24 -30.72
C PRO A 173 5.61 17.68 -30.48
N TYR A 174 4.97 17.96 -29.35
CA TYR A 174 4.58 19.32 -28.98
C TYR A 174 4.02 19.29 -27.56
N GLY A 175 4.41 20.28 -26.75
CA GLY A 175 3.89 20.35 -25.40
C GLY A 175 3.79 21.77 -24.86
N LEU A 176 2.58 22.25 -24.64
CA LEU A 176 2.35 23.59 -24.11
C LEU A 176 2.01 23.45 -22.62
N TYR A 177 3.01 23.66 -21.78
CA TYR A 177 2.85 23.51 -20.33
C TYR A 177 2.57 24.86 -19.68
N ARG A 178 1.57 24.87 -18.80
CA ARG A 178 1.14 26.07 -18.10
C ARG A 178 1.45 25.91 -16.62
N CYS A 179 2.32 26.77 -16.10
CA CYS A 179 2.70 26.78 -14.69
C CYS A 179 2.16 28.03 -14.01
N HIS A 180 2.11 27.97 -12.68
CA HIS A 180 1.62 29.06 -11.85
C HIS A 180 2.66 29.39 -10.79
N GLY A 181 2.80 30.68 -10.49
CA GLY A 181 3.74 31.11 -9.47
C GLY A 181 3.17 32.26 -8.68
N PHE A 182 3.58 32.34 -7.42
CA PHE A 182 3.05 33.31 -6.48
C PHE A 182 4.20 33.98 -5.72
N ILE A 183 4.19 35.31 -5.71
CA ILE A 183 5.17 36.11 -4.98
C ILE A 183 4.42 36.87 -3.91
N SER A 184 4.63 36.48 -2.65
CA SER A 184 3.95 37.10 -1.52
C SER A 184 4.72 38.32 -1.05
N THR A 185 4.40 38.82 0.14
CA THR A 185 5.03 40.01 0.69
C THR A 185 5.68 39.77 2.05
N HIS A 186 5.23 38.78 2.82
CA HIS A 186 5.81 38.54 4.13
C HIS A 186 7.21 37.95 4.01
N PHE A 187 7.38 36.93 3.17
CA PHE A 187 8.68 36.32 2.96
C PHE A 187 9.62 37.19 2.13
N ALA A 188 9.10 38.22 1.47
CA ALA A 188 9.95 39.10 0.67
C ALA A 188 10.84 39.96 1.57
N LYS A 189 10.30 40.44 2.69
CA LYS A 189 11.11 41.23 3.61
C LYS A 189 12.13 40.37 4.35
N GLN A 190 11.83 39.08 4.52
CA GLN A 190 12.76 38.17 5.19
C GLN A 190 13.94 37.80 4.32
N THR A 191 13.84 37.98 3.01
CA THR A 191 14.92 37.67 2.08
C THR A 191 15.49 38.88 1.37
N GLY A 192 14.71 39.94 1.19
CA GLY A 192 15.21 41.12 0.50
C GLY A 192 14.84 41.21 -0.96
N PHE A 193 13.67 40.69 -1.35
CA PHE A 193 13.23 40.73 -2.74
C PHE A 193 12.81 42.15 -3.09
N SER A 194 13.75 42.92 -3.66
CA SER A 194 13.49 44.30 -4.03
C SER A 194 12.96 44.35 -5.46
N GLU A 195 13.02 45.52 -6.10
CA GLU A 195 12.53 45.64 -7.47
C GLU A 195 13.53 45.10 -8.49
N ASN A 196 14.83 45.16 -8.17
CA ASN A 196 15.84 44.63 -9.09
C ASN A 196 15.70 43.12 -9.25
N ASP A 197 15.51 42.39 -8.14
CA ASP A 197 15.30 40.96 -8.23
C ASP A 197 14.02 40.62 -8.98
N LEU A 198 12.97 41.43 -8.79
CA LEU A 198 11.72 41.22 -9.52
C LEU A 198 11.92 41.41 -11.02
N GLU A 199 12.63 42.47 -11.41
CA GLU A 199 12.90 42.69 -12.84
C GLU A 199 13.76 41.58 -13.42
N LEU A 200 14.75 41.11 -12.66
CA LEU A 200 15.59 40.01 -13.13
C LEU A 200 14.78 38.73 -13.29
N PHE A 201 13.88 38.46 -12.35
CA PHE A 201 13.03 37.26 -12.45
C PHE A 201 12.10 37.36 -13.65
N TRP A 202 11.55 38.54 -13.90
CA TRP A 202 10.67 38.71 -15.06
C TRP A 202 11.46 38.55 -16.37
N GLN A 203 12.66 39.10 -16.43
CA GLN A 203 13.49 38.92 -17.61
C GLN A 203 13.86 37.46 -17.82
N ALA A 204 14.09 36.74 -16.73
CA ALA A 204 14.36 35.30 -16.83
C ALA A 204 13.15 34.57 -17.38
N LEU A 205 11.96 34.83 -16.82
CA LEU A 205 10.75 34.18 -17.32
C LEU A 205 10.48 34.54 -18.77
N VAL A 206 10.89 35.73 -19.20
CA VAL A 206 10.73 36.11 -20.60
C VAL A 206 11.69 35.32 -21.48
N ASN A 207 12.96 35.24 -21.08
CA ASN A 207 13.98 34.55 -21.86
C ASN A 207 14.85 33.73 -20.91
N MET A 208 14.78 32.41 -21.04
CA MET A 208 15.66 31.51 -20.28
C MET A 208 15.83 30.13 -20.91
N PHE A 209 14.88 29.65 -21.70
CA PHE A 209 15.04 28.34 -22.34
C PHE A 209 15.91 28.41 -23.59
N ASP A 210 16.08 29.60 -24.16
CA ASP A 210 16.91 29.74 -25.35
C ASP A 210 18.40 29.65 -25.03
N HIS A 211 18.78 30.02 -23.81
CA HIS A 211 20.18 29.98 -23.40
C HIS A 211 20.61 28.63 -22.84
N ASP A 212 19.66 27.73 -22.61
CA ASP A 212 19.94 26.41 -22.07
C ASP A 212 19.29 25.37 -22.98
N HIS A 213 20.11 24.68 -23.77
CA HIS A 213 19.62 23.67 -24.70
C HIS A 213 20.59 22.49 -24.71
N SER A 214 20.09 21.34 -25.16
CA SER A 214 20.89 20.13 -25.25
C SER A 214 20.24 19.21 -26.27
N ALA A 215 20.80 18.01 -26.40
CA ALA A 215 20.26 17.03 -27.34
C ALA A 215 19.07 16.26 -26.78
N ALA A 216 18.84 16.35 -25.45
CA ALA A 216 17.72 15.65 -24.83
C ALA A 216 16.49 16.54 -24.69
N ARG A 217 16.68 17.81 -24.36
CA ARG A 217 15.57 18.74 -24.20
C ARG A 217 15.11 19.35 -25.51
N GLY A 218 16.03 19.57 -26.45
CA GLY A 218 15.69 20.10 -27.75
C GLY A 218 15.24 21.56 -27.71
N GLN A 219 14.09 21.84 -28.32
CA GLN A 219 13.58 23.20 -28.41
C GLN A 219 12.66 23.51 -27.24
N MET A 220 12.71 24.76 -26.79
CA MET A 220 11.85 25.23 -25.71
C MET A 220 11.80 26.75 -25.77
N ASN A 221 10.59 27.31 -25.79
CA ASN A 221 10.41 28.75 -25.89
C ASN A 221 9.32 29.18 -24.91
N ALA A 222 9.25 30.49 -24.69
CA ALA A 222 8.26 31.09 -23.80
C ALA A 222 7.14 31.68 -24.66
N ARG A 223 5.91 31.21 -24.44
CA ARG A 223 4.78 31.66 -25.23
C ARG A 223 4.06 32.85 -24.58
N GLY A 224 3.62 32.70 -23.34
CA GLY A 224 2.86 33.76 -22.69
C GLY A 224 3.16 33.82 -21.21
N LEU A 225 3.02 35.03 -20.66
CA LEU A 225 3.23 35.27 -19.22
C LEU A 225 2.25 36.34 -18.78
N TYR A 226 1.23 35.94 -18.04
CA TYR A 226 0.19 36.85 -17.57
C TYR A 226 0.29 36.98 -16.06
N VAL A 227 0.55 38.20 -15.58
CA VAL A 227 0.75 38.47 -14.17
C VAL A 227 -0.40 39.33 -13.65
N PHE A 228 -0.95 38.95 -12.50
CA PHE A 228 -1.96 39.73 -11.81
C PHE A 228 -1.34 40.29 -10.53
N GLU A 229 -1.43 41.61 -10.37
CA GLU A 229 -0.87 42.31 -9.22
C GLU A 229 -1.99 42.83 -8.34
N HIS A 230 -1.98 42.44 -7.07
CA HIS A 230 -3.00 42.90 -6.14
C HIS A 230 -2.74 44.34 -5.72
N SER A 231 -3.82 45.00 -5.26
CA SER A 231 -3.71 46.40 -4.84
C SER A 231 -2.95 46.54 -3.53
N ASN A 232 -2.92 45.50 -2.70
CA ASN A 232 -2.22 45.57 -1.43
C ASN A 232 -1.43 44.30 -1.16
N ASN A 233 -0.97 44.12 0.07
CA ASN A 233 -0.21 42.94 0.46
C ASN A 233 -1.09 41.82 1.00
N LEU A 234 -2.39 41.85 0.71
CA LEU A 234 -3.30 40.82 1.20
C LEU A 234 -3.78 39.94 0.06
N GLY A 235 -5.03 39.49 0.13
CA GLY A 235 -5.60 38.65 -0.91
C GLY A 235 -7.02 39.02 -1.26
N ASP A 236 -7.19 39.86 -2.29
CA ASP A 236 -8.52 40.28 -2.70
C ASP A 236 -9.27 39.19 -3.45
N ALA A 237 -8.57 38.23 -4.03
CA ALA A 237 -9.20 37.15 -4.79
C ALA A 237 -8.25 35.97 -4.82
N PRO A 238 -8.77 34.74 -4.83
CA PRO A 238 -7.89 33.56 -4.88
C PRO A 238 -7.20 33.44 -6.22
N ALA A 239 -6.31 32.44 -6.30
CA ALA A 239 -5.54 32.23 -7.53
C ALA A 239 -6.40 31.63 -8.63
N ASP A 240 -7.34 30.75 -8.27
CA ASP A 240 -8.19 30.12 -9.27
C ASP A 240 -9.17 31.12 -9.87
N SER A 241 -9.54 32.16 -9.12
CA SER A 241 -10.44 33.17 -9.65
C SER A 241 -9.78 33.99 -10.76
N LEU A 242 -8.45 34.15 -10.69
CA LEU A 242 -7.72 34.88 -11.72
C LEU A 242 -7.21 33.97 -12.83
N PHE A 243 -6.92 32.71 -12.53
CA PHE A 243 -6.45 31.78 -13.55
C PHE A 243 -7.57 31.21 -14.40
N LYS A 244 -8.83 31.31 -13.94
CA LYS A 244 -9.94 30.81 -14.73
C LYS A 244 -10.24 31.71 -15.92
N ARG A 245 -9.87 32.99 -15.83
CA ARG A 245 -10.11 33.90 -16.94
C ARG A 245 -9.22 33.56 -18.14
N ILE A 246 -8.00 33.10 -17.88
CA ILE A 246 -7.09 32.68 -18.93
C ILE A 246 -7.37 31.23 -19.26
N GLN A 247 -8.25 30.98 -20.23
CA GLN A 247 -8.69 29.63 -20.54
C GLN A 247 -7.90 29.06 -21.71
N VAL A 248 -7.46 27.82 -21.57
CA VAL A 248 -6.65 27.14 -22.57
C VAL A 248 -7.34 25.85 -22.96
N VAL A 249 -7.74 25.74 -24.23
CA VAL A 249 -8.43 24.56 -24.71
C VAL A 249 -7.95 24.22 -26.12
N LYS A 250 -8.64 23.32 -26.79
CA LYS A 250 -8.30 22.90 -28.15
C LYS A 250 -9.27 23.50 -29.15
N LYS A 251 -8.95 23.32 -30.44
CA LYS A 251 -9.77 23.85 -31.51
C LYS A 251 -10.85 22.83 -31.90
N ASP A 252 -11.96 23.33 -32.43
CA ASP A 252 -13.08 22.48 -32.83
C ASP A 252 -12.71 21.57 -33.99
N GLY A 253 -11.89 22.07 -34.91
CA GLY A 253 -11.48 21.28 -36.06
C GLY A 253 -10.11 20.67 -35.93
N VAL A 254 -9.23 21.27 -35.12
CA VAL A 254 -7.88 20.75 -34.92
C VAL A 254 -7.88 19.94 -33.63
N GLU A 255 -7.81 18.62 -33.74
CA GLU A 255 -7.83 17.75 -32.57
C GLU A 255 -6.46 17.72 -31.90
N VAL A 256 -5.46 17.14 -32.58
CA VAL A 256 -4.12 17.05 -32.04
C VAL A 256 -3.42 18.40 -32.17
N VAL A 257 -2.66 18.76 -31.14
CA VAL A 257 -1.95 20.04 -31.11
C VAL A 257 -0.53 19.83 -31.59
N ARG A 258 -0.02 20.81 -32.35
CA ARG A 258 1.35 20.77 -32.85
C ARG A 258 2.10 22.08 -32.69
N SER A 259 1.42 23.21 -32.56
CA SER A 259 2.07 24.51 -32.37
C SER A 259 1.13 25.41 -31.58
N PHE A 260 1.46 26.70 -31.53
CA PHE A 260 0.63 27.65 -30.81
C PHE A 260 -0.68 27.97 -31.55
N ASP A 261 -0.74 27.71 -32.85
CA ASP A 261 -1.96 27.97 -33.62
C ASP A 261 -3.05 26.95 -33.35
N ASP A 262 -2.74 25.84 -32.67
CA ASP A 262 -3.73 24.81 -32.36
C ASP A 262 -4.31 24.95 -30.96
N TYR A 263 -3.59 25.55 -30.02
CA TYR A 263 -4.05 25.73 -28.66
C TYR A 263 -4.81 27.06 -28.57
N LEU A 264 -6.12 26.99 -28.31
CA LEU A 264 -6.94 28.18 -28.18
C LEU A 264 -6.77 28.74 -26.77
N VAL A 265 -6.11 29.88 -26.66
CA VAL A 265 -5.84 30.54 -25.39
C VAL A 265 -6.62 31.84 -25.39
N SER A 266 -7.74 31.87 -24.66
CA SER A 266 -8.58 33.05 -24.55
C SER A 266 -8.25 33.78 -23.25
N VAL A 267 -7.92 35.07 -23.37
CA VAL A 267 -7.55 35.91 -22.25
C VAL A 267 -8.74 36.80 -21.90
N ASP A 268 -9.17 36.74 -20.64
CA ASP A 268 -10.29 37.53 -20.15
C ASP A 268 -9.76 38.53 -19.12
N ASP A 269 -10.12 39.80 -19.29
CA ASP A 269 -9.70 40.87 -18.39
C ASP A 269 -10.85 41.87 -18.22
N LYS A 270 -11.96 41.39 -17.66
CA LYS A 270 -13.15 42.20 -17.46
C LYS A 270 -13.41 42.46 -15.97
N ASN A 271 -13.51 41.41 -15.17
CA ASN A 271 -13.79 41.54 -13.74
C ASN A 271 -12.53 41.31 -12.91
N LEU A 272 -11.49 42.08 -13.24
CA LEU A 272 -10.23 41.97 -12.53
C LEU A 272 -9.39 43.25 -12.56
N GLU A 273 -9.84 44.30 -13.24
CA GLU A 273 -9.09 45.55 -13.31
C GLU A 273 -9.46 46.52 -12.20
N GLU A 274 -10.19 46.07 -11.18
CA GLU A 274 -10.57 46.94 -10.08
C GLU A 274 -9.46 47.04 -9.04
N THR A 275 -9.13 45.93 -8.39
CA THR A 275 -8.08 45.90 -7.38
C THR A 275 -6.85 45.12 -7.84
N LYS A 276 -6.74 44.82 -9.13
CA LYS A 276 -5.60 44.08 -9.66
C LYS A 276 -5.21 44.65 -11.01
N LEU A 277 -3.92 44.59 -11.32
CA LEU A 277 -3.39 45.04 -12.59
C LEU A 277 -2.87 43.85 -13.38
N LEU A 278 -3.10 43.86 -14.69
CA LEU A 278 -2.69 42.79 -15.58
C LEU A 278 -1.44 43.20 -16.34
N ARG A 279 -0.45 42.30 -16.37
CA ARG A 279 0.79 42.54 -17.09
C ARG A 279 1.06 41.38 -18.03
N LYS A 280 1.40 41.69 -19.27
CA LYS A 280 1.70 40.68 -20.29
C LYS A 280 3.14 40.87 -20.76
N LEU A 281 3.99 39.89 -20.47
CA LEU A 281 5.39 39.93 -20.84
C LEU A 281 5.75 38.89 -21.89
N GLY A 282 5.27 37.67 -21.75
CA GLY A 282 5.56 36.61 -22.71
C GLY A 282 4.78 36.75 -23.99
N GLY A 283 3.47 36.97 -23.88
CA GLY A 283 2.62 37.12 -25.04
C GLY A 283 1.24 37.63 -24.71
N THR B 1 -42.47 13.31 36.95
CA THR B 1 -42.02 11.92 37.03
C THR B 1 -42.71 11.08 35.96
N ILE B 2 -41.91 10.44 35.10
CA ILE B 2 -42.47 9.60 34.05
C ILE B 2 -43.02 8.31 34.64
N GLU B 3 -43.94 7.70 33.92
CA GLU B 3 -44.58 6.46 34.36
C GLU B 3 -44.41 5.31 33.39
N LYS B 4 -43.65 5.49 32.30
CA LYS B 4 -43.47 4.48 31.28
C LYS B 4 -41.99 4.15 31.13
N ARG B 5 -41.71 2.95 30.62
CA ARG B 5 -40.36 2.52 30.33
C ARG B 5 -40.00 2.89 28.90
N TYR B 6 -38.73 3.27 28.70
CA TYR B 6 -38.25 3.71 27.40
C TYR B 6 -37.01 2.92 27.01
N ASP B 7 -36.98 2.47 25.76
CA ASP B 7 -35.81 1.79 25.19
C ASP B 7 -35.46 2.50 23.89
N PHE B 8 -34.31 3.17 23.86
CA PHE B 8 -33.92 3.98 22.70
C PHE B 8 -32.66 3.42 22.06
N VAL B 9 -32.74 3.19 20.75
CA VAL B 9 -31.60 2.77 19.94
C VAL B 9 -31.14 3.98 19.14
N PHE B 10 -29.89 4.39 19.37
CA PHE B 10 -29.31 5.57 18.73
C PHE B 10 -28.28 5.10 17.70
N LEU B 11 -28.62 5.27 16.41
CA LEU B 11 -27.72 4.94 15.32
C LEU B 11 -27.09 6.22 14.82
N PHE B 12 -25.80 6.41 15.09
CA PHE B 12 -25.09 7.60 14.67
C PHE B 12 -23.86 7.19 13.86
N ASP B 13 -23.21 8.17 13.26
CA ASP B 13 -22.07 7.92 12.39
C ASP B 13 -21.01 8.99 12.59
N VAL B 14 -19.76 8.56 12.64
CA VAL B 14 -18.60 9.44 12.71
C VAL B 14 -17.89 9.39 11.36
N GLN B 15 -17.73 10.55 10.73
CA GLN B 15 -17.09 10.66 9.43
C GLN B 15 -15.57 10.81 9.53
N ASP B 16 -15.07 11.46 10.57
CA ASP B 16 -13.64 11.63 10.75
C ASP B 16 -13.35 11.85 12.22
N GLY B 17 -12.16 11.44 12.66
CA GLY B 17 -11.72 11.58 14.02
C GLY B 17 -11.86 10.28 14.79
N ASN B 18 -11.77 10.40 16.12
CA ASN B 18 -11.88 9.24 17.01
C ASN B 18 -13.13 9.38 17.87
N PRO B 19 -14.09 8.47 17.77
CA PRO B 19 -15.31 8.59 18.59
C PRO B 19 -15.04 8.41 20.08
N ASN B 20 -14.02 7.61 20.45
CA ASN B 20 -13.70 7.41 21.85
C ASN B 20 -12.25 6.92 21.92
N GLY B 21 -11.33 7.83 22.24
CA GLY B 21 -9.93 7.47 22.32
C GLY B 21 -9.65 6.55 23.48
N ASP B 22 -8.68 5.65 23.29
CA ASP B 22 -8.32 4.68 24.32
C ASP B 22 -7.11 5.18 25.09
N PRO B 23 -7.19 5.34 26.41
CA PRO B 23 -6.01 5.73 27.18
C PRO B 23 -4.87 4.73 27.07
N ASP B 24 -5.16 3.46 26.77
CA ASP B 24 -4.11 2.47 26.62
C ASP B 24 -3.28 2.75 25.37
N ALA B 25 -3.91 2.71 24.20
CA ALA B 25 -3.24 2.94 22.93
C ALA B 25 -3.25 4.41 22.53
N GLY B 26 -2.78 5.29 23.40
CA GLY B 26 -2.74 6.70 23.09
C GLY B 26 -4.10 7.35 23.04
N ASN B 27 -4.77 7.26 21.88
CA ASN B 27 -6.09 7.85 21.71
C ASN B 27 -6.84 7.14 20.59
N LEU B 28 -6.60 5.85 20.42
CA LEU B 28 -7.23 5.09 19.35
C LEU B 28 -8.68 4.80 19.68
N PRO B 29 -9.56 4.73 18.68
CA PRO B 29 -10.94 4.31 18.92
C PRO B 29 -10.99 2.87 19.42
N ARG B 30 -11.63 2.68 20.57
CA ARG B 30 -11.70 1.36 21.19
C ARG B 30 -12.45 0.37 20.32
N ILE B 31 -11.73 -0.33 19.46
CA ILE B 31 -12.31 -1.35 18.59
C ILE B 31 -12.34 -2.67 19.36
N ASP B 32 -13.32 -3.50 19.03
CA ASP B 32 -13.47 -4.80 19.69
C ASP B 32 -12.32 -5.71 19.29
N PRO B 33 -11.53 -6.21 20.24
CA PRO B 33 -10.45 -7.16 19.88
C PRO B 33 -10.96 -8.55 19.56
N GLN B 34 -12.18 -8.63 18.99
CA GLN B 34 -12.77 -9.90 18.60
C GLN B 34 -13.16 -9.97 17.13
N THR B 35 -13.37 -8.83 16.47
CA THR B 35 -13.73 -8.82 15.06
C THR B 35 -13.30 -7.52 14.41
N GLY B 36 -13.04 -6.49 15.22
CA GLY B 36 -12.60 -5.21 14.72
C GLY B 36 -13.64 -4.10 14.75
N GLU B 37 -14.79 -4.33 15.39
CA GLU B 37 -15.84 -3.32 15.46
C GLU B 37 -15.56 -2.35 16.60
N GLY B 38 -15.85 -1.07 16.36
CA GLY B 38 -15.60 -0.06 17.36
C GLY B 38 -16.53 -0.18 18.54
N LEU B 39 -16.10 0.42 19.65
CA LEU B 39 -16.86 0.39 20.91
C LEU B 39 -16.66 1.73 21.60
N VAL B 40 -17.69 2.57 21.60
CA VAL B 40 -17.64 3.87 22.25
C VAL B 40 -18.16 3.72 23.68
N THR B 41 -17.42 4.30 24.63
CA THR B 41 -17.82 4.21 26.03
C THR B 41 -19.05 5.06 26.29
N ASP B 42 -19.80 4.66 27.33
CA ASP B 42 -21.01 5.41 27.69
C ASP B 42 -20.65 6.69 28.43
N VAL B 43 -19.51 6.72 29.12
CA VAL B 43 -19.09 7.93 29.83
C VAL B 43 -18.81 9.05 28.85
N CYS B 44 -18.34 8.71 27.64
CA CYS B 44 -18.14 9.73 26.61
C CYS B 44 -19.47 10.38 26.22
N LEU B 45 -20.50 9.56 26.02
CA LEU B 45 -21.82 10.10 25.69
C LEU B 45 -22.38 10.91 26.85
N LYS B 46 -22.15 10.46 28.09
CA LYS B 46 -22.62 11.21 29.24
C LYS B 46 -21.95 12.58 29.34
N ARG B 47 -20.63 12.62 29.11
CA ARG B 47 -19.93 13.90 29.15
C ARG B 47 -20.33 14.80 27.99
N LYS B 48 -20.63 14.22 26.83
CA LYS B 48 -21.11 15.03 25.70
C LYS B 48 -22.48 15.62 26.01
N VAL B 49 -23.36 14.83 26.64
CA VAL B 49 -24.66 15.36 27.06
C VAL B 49 -24.48 16.47 28.09
N ARG B 50 -23.54 16.28 29.02
CA ARG B 50 -23.25 17.32 30.01
C ARG B 50 -22.79 18.61 29.34
N ASN B 51 -21.89 18.48 28.36
CA ASN B 51 -21.39 19.66 27.65
C ASN B 51 -22.49 20.34 26.87
N PHE B 52 -23.37 19.56 26.24
CA PHE B 52 -24.48 20.15 25.50
C PHE B 52 -25.45 20.89 26.43
N ILE B 53 -25.72 20.31 27.60
CA ILE B 53 -26.60 20.97 28.55
C ILE B 53 -25.95 22.25 29.07
N GLN B 54 -24.65 22.22 29.31
CA GLN B 54 -23.94 23.43 29.73
C GLN B 54 -24.00 24.50 28.64
N MET B 55 -23.91 24.08 27.37
CA MET B 55 -24.01 25.04 26.27
C MET B 55 -25.42 25.61 26.15
N THR B 56 -26.44 24.81 26.49
CA THR B 56 -27.83 25.24 26.36
C THR B 56 -28.41 25.76 27.68
N GLN B 57 -28.43 24.91 28.71
CA GLN B 57 -29.07 25.27 29.97
C GLN B 57 -28.21 26.22 30.80
N ASN B 58 -27.44 25.66 31.73
CA ASN B 58 -26.64 26.42 32.69
C ASN B 58 -27.52 27.41 33.47
N ASP B 59 -28.27 26.84 34.41
CA ASP B 59 -29.17 27.60 35.26
C ASP B 59 -29.38 26.82 36.55
N GLU B 60 -30.39 27.22 37.33
CA GLU B 60 -30.69 26.54 38.58
C GLU B 60 -31.49 25.26 38.31
N HIS B 61 -31.43 24.34 39.29
CA HIS B 61 -32.11 23.05 39.23
C HIS B 61 -31.68 22.23 38.02
N HIS B 62 -30.47 22.48 37.49
CA HIS B 62 -29.96 21.74 36.34
C HIS B 62 -28.43 21.80 36.32
N ASP B 63 -27.79 21.18 37.31
CA ASP B 63 -26.35 21.19 37.40
C ASP B 63 -25.74 20.22 36.39
N ILE B 64 -24.41 20.16 36.37
CA ILE B 64 -23.67 19.36 35.40
C ILE B 64 -22.50 18.69 36.08
N PHE B 65 -22.05 19.28 37.20
CA PHE B 65 -20.86 18.85 37.95
C PHE B 65 -19.60 19.12 37.15
N ILE B 66 -18.68 19.89 37.75
CA ILE B 66 -17.49 20.33 37.02
C ILE B 66 -16.56 19.16 36.74
N ARG B 67 -15.54 19.42 35.92
CA ARG B 67 -14.60 18.39 35.51
C ARG B 67 -13.23 18.62 36.13
N GLU B 68 -12.34 19.32 35.40
CA GLU B 68 -10.99 19.55 35.85
C GLU B 68 -10.90 20.72 36.83
N LYS B 69 -11.36 21.89 36.41
CA LYS B 69 -11.31 23.08 37.25
C LYS B 69 -12.30 22.94 38.40
N GLY B 70 -11.80 23.00 39.63
CA GLY B 70 -12.65 22.87 40.80
C GLY B 70 -12.71 21.45 41.34
N ILE B 71 -12.32 21.27 42.61
CA ILE B 71 -12.34 19.96 43.22
C ILE B 71 -13.78 19.56 43.55
N LEU B 72 -14.08 18.28 43.40
CA LEU B 72 -15.43 17.80 43.71
C LEU B 72 -15.73 17.84 45.20
N ASN B 73 -14.71 17.79 46.05
CA ASN B 73 -14.94 17.86 47.49
C ASN B 73 -15.48 19.21 47.91
N ASN B 74 -15.11 20.28 47.18
CA ASN B 74 -15.64 21.60 47.50
C ASN B 74 -17.15 21.66 47.37
N LEU B 75 -17.72 20.96 46.39
CA LEU B 75 -19.16 20.88 46.25
C LEU B 75 -19.77 19.80 47.13
N ILE B 76 -19.04 18.71 47.39
CA ILE B 76 -19.54 17.66 48.27
C ILE B 76 -19.77 18.22 49.67
N ASP B 77 -18.81 18.99 50.20
CA ASP B 77 -18.97 19.58 51.52
C ASP B 77 -19.99 20.71 51.49
N GLU B 78 -20.11 21.42 50.36
CA GLU B 78 -21.06 22.52 50.27
C GLU B 78 -22.50 22.02 50.26
N ALA B 79 -22.74 20.85 49.66
CA ALA B 79 -24.08 20.29 49.61
C ALA B 79 -24.64 19.96 50.99
N HIS B 80 -23.77 19.78 51.99
CA HIS B 80 -24.24 19.47 53.34
C HIS B 80 -24.79 20.70 54.05
N GLU B 81 -24.32 21.90 53.69
CA GLU B 81 -24.80 23.11 54.32
C GLU B 81 -26.00 23.67 53.57
N GLN B 82 -27.08 22.88 53.50
CA GLN B 82 -28.31 23.31 52.83
C GLN B 82 -29.51 23.11 53.74
N GLU B 83 -30.26 22.03 53.50
CA GLU B 83 -31.44 21.72 54.30
C GLU B 83 -31.19 20.57 55.29
N ASN B 84 -29.92 20.25 55.56
CA ASN B 84 -29.57 19.17 56.47
C ASN B 84 -28.16 19.42 57.03
N VAL B 85 -28.03 20.50 57.81
CA VAL B 85 -26.74 20.84 58.39
C VAL B 85 -26.46 19.97 59.61
N LYS B 86 -27.50 19.60 60.35
CA LYS B 86 -27.35 18.79 61.55
C LYS B 86 -28.69 18.21 62.00
N GLY B 87 -29.79 18.83 61.55
CA GLY B 87 -31.10 18.39 61.96
C GLY B 87 -31.67 17.27 61.11
N LYS B 88 -30.86 16.25 60.86
CA LYS B 88 -31.30 15.11 60.07
C LYS B 88 -30.68 13.78 60.48
N GLU B 89 -29.67 13.77 61.36
CA GLU B 89 -29.00 12.58 61.84
C GLU B 89 -28.21 11.88 60.75
N LYS B 90 -27.03 11.34 61.10
CA LYS B 90 -26.19 10.67 60.11
C LYS B 90 -26.80 9.35 59.63
N GLY B 91 -27.80 8.82 60.33
CA GLY B 91 -28.41 7.58 59.92
C GLY B 91 -29.23 7.69 58.64
N GLU B 92 -29.72 8.90 58.35
CA GLU B 92 -30.52 9.12 57.14
C GLU B 92 -30.16 10.41 56.42
N LYS B 93 -29.03 11.04 56.76
CA LYS B 93 -28.62 12.26 56.05
C LYS B 93 -28.20 11.96 54.62
N THR B 94 -27.75 10.72 54.35
CA THR B 94 -27.35 10.35 53.01
C THR B 94 -28.54 10.42 52.05
N GLU B 95 -29.70 9.91 52.47
CA GLU B 95 -30.88 9.95 51.61
C GLU B 95 -31.35 11.38 51.39
N ALA B 96 -31.28 12.23 52.41
CA ALA B 96 -31.67 13.62 52.26
C ALA B 96 -30.74 14.35 51.29
N ALA B 97 -29.43 14.12 51.41
CA ALA B 97 -28.49 14.74 50.48
C ALA B 97 -28.69 14.21 49.07
N ARG B 98 -29.01 12.93 48.93
CA ARG B 98 -29.27 12.37 47.61
C ARG B 98 -30.51 13.00 46.98
N GLN B 99 -31.57 13.18 47.77
CA GLN B 99 -32.77 13.85 47.27
C GLN B 99 -32.49 15.30 46.90
N TYR B 100 -31.69 16.00 47.71
CA TYR B 100 -31.34 17.37 47.38
C TYR B 100 -30.55 17.46 46.08
N MET B 101 -29.61 16.53 45.88
CA MET B 101 -28.84 16.52 44.64
C MET B 101 -29.72 16.16 43.45
N CYS B 102 -30.68 15.25 43.64
CA CYS B 102 -31.60 14.92 42.55
C CYS B 102 -32.47 16.12 42.19
N SER B 103 -32.88 16.89 43.19
CA SER B 103 -33.67 18.09 42.93
C SER B 103 -32.84 19.23 42.38
N ARG B 104 -31.52 19.23 42.60
CA ARG B 104 -30.63 20.28 42.12
C ARG B 104 -29.85 19.90 40.88
N TYR B 105 -29.21 18.72 40.86
CA TYR B 105 -28.38 18.31 39.74
C TYR B 105 -29.23 17.66 38.65
N TYR B 106 -28.82 17.85 37.40
CA TYR B 106 -29.48 17.21 36.27
C TYR B 106 -28.76 15.94 35.82
N ASP B 107 -27.42 15.95 35.86
CA ASP B 107 -26.67 14.74 35.51
C ASP B 107 -26.91 13.63 36.52
N ILE B 108 -27.13 13.99 37.79
CA ILE B 108 -27.44 12.98 38.80
C ILE B 108 -28.81 12.39 38.55
N ARG B 109 -29.78 13.23 38.18
CA ARG B 109 -31.11 12.72 37.86
C ARG B 109 -31.09 11.85 36.61
N THR B 110 -30.25 12.19 35.64
CA THR B 110 -30.14 11.38 34.42
C THR B 110 -29.23 10.17 34.64
N PHE B 111 -28.07 10.39 35.28
CA PHE B 111 -27.13 9.32 35.56
C PHE B 111 -26.87 9.33 37.06
N GLY B 112 -25.77 9.91 37.52
CA GLY B 112 -25.49 9.94 38.95
C GLY B 112 -24.12 10.50 39.22
N ALA B 113 -23.66 10.28 40.45
CA ALA B 113 -22.34 10.73 40.89
C ALA B 113 -21.94 9.96 42.14
N VAL B 114 -20.67 9.59 42.23
CA VAL B 114 -20.14 8.85 43.36
C VAL B 114 -19.60 9.83 44.39
N MET B 115 -20.04 9.69 45.64
CA MET B 115 -19.56 10.54 46.72
C MET B 115 -19.21 9.72 47.97
N THR B 116 -19.28 8.39 47.89
CA THR B 116 -18.99 7.52 49.03
C THR B 116 -17.50 7.29 49.25
N THR B 117 -16.65 8.12 48.64
CA THR B 117 -15.20 8.00 48.82
C THR B 117 -14.72 8.50 50.18
N GLY B 118 -15.61 9.11 50.97
CA GLY B 118 -15.24 9.61 52.28
C GLY B 118 -16.44 9.92 53.14
N LYS B 119 -17.35 10.75 52.63
CA LYS B 119 -18.58 11.11 53.31
C LYS B 119 -19.76 10.72 52.44
N ASN B 120 -20.54 9.74 52.90
CA ASN B 120 -21.67 9.25 52.12
C ASN B 120 -22.71 10.35 51.93
N ALA B 121 -22.85 10.81 50.70
CA ALA B 121 -23.80 11.87 50.37
C ALA B 121 -24.89 11.43 49.40
N GLY B 122 -24.93 10.16 49.04
CA GLY B 122 -25.94 9.66 48.13
C GLY B 122 -25.41 8.56 47.24
N GLN B 123 -26.34 7.77 46.73
CA GLN B 123 -25.98 6.66 45.84
C GLN B 123 -27.15 6.31 44.93
N VAL B 124 -27.36 7.11 43.88
CA VAL B 124 -28.43 6.86 42.92
C VAL B 124 -28.02 5.73 41.98
N ARG B 125 -28.91 4.76 41.79
CA ARG B 125 -28.63 3.65 40.89
C ARG B 125 -28.50 4.10 39.44
N GLY B 126 -29.42 4.93 38.95
CA GLY B 126 -29.35 5.43 37.61
C GLY B 126 -30.54 5.02 36.76
N PRO B 127 -31.48 5.94 36.55
CA PRO B 127 -32.63 5.63 35.68
C PRO B 127 -32.21 5.46 34.23
N VAL B 128 -31.84 6.56 33.59
CA VAL B 128 -31.35 6.53 32.21
C VAL B 128 -29.96 5.91 32.21
N GLN B 129 -29.81 4.80 31.49
CA GLN B 129 -28.53 4.10 31.43
C GLN B 129 -28.25 3.69 29.98
N LEU B 130 -27.08 4.08 29.48
CA LEU B 130 -26.64 3.75 28.14
C LEU B 130 -25.48 2.77 28.19
N THR B 131 -25.32 2.03 27.10
CA THR B 131 -24.28 1.01 26.98
C THR B 131 -23.26 1.44 25.93
N PHE B 132 -22.40 0.51 25.54
CA PHE B 132 -21.41 0.78 24.50
C PHE B 132 -22.04 0.60 23.13
N SER B 133 -21.58 1.40 22.17
CA SER B 133 -22.12 1.37 20.81
C SER B 133 -21.25 0.50 19.92
N ARG B 134 -21.87 -0.50 19.29
CA ARG B 134 -21.19 -1.39 18.38
C ARG B 134 -21.45 -0.99 16.93
N SER B 135 -20.69 -1.61 16.03
CA SER B 135 -20.82 -1.37 14.60
C SER B 135 -21.19 -2.66 13.88
N ILE B 136 -21.76 -2.52 12.68
CA ILE B 136 -22.16 -3.68 11.90
C ILE B 136 -20.94 -4.30 11.21
N ASP B 137 -20.06 -3.46 10.67
CA ASP B 137 -18.87 -3.94 9.99
C ASP B 137 -17.61 -3.53 10.75
N PRO B 138 -16.54 -4.32 10.65
CA PRO B 138 -15.28 -3.95 11.29
C PRO B 138 -14.69 -2.69 10.66
N ILE B 139 -14.68 -1.58 11.40
CA ILE B 139 -14.13 -0.34 10.87
C ILE B 139 -12.63 -0.49 10.69
N MET B 140 -12.09 0.14 9.65
CA MET B 140 -10.67 0.08 9.33
C MET B 140 -10.02 1.35 9.84
N THR B 141 -9.24 1.24 10.91
CA THR B 141 -8.61 2.41 11.51
C THR B 141 -7.56 3.00 10.59
N LEU B 142 -7.60 4.33 10.43
CA LEU B 142 -6.70 5.01 9.52
C LEU B 142 -5.33 5.25 10.16
N GLU B 143 -5.33 5.81 11.37
CA GLU B 143 -4.11 6.16 12.10
C GLU B 143 -3.22 7.10 11.30
N HIS B 144 -3.47 8.40 11.43
CA HIS B 144 -2.69 9.43 10.75
C HIS B 144 -1.83 10.15 11.80
N SER B 145 -0.55 9.81 11.85
CA SER B 145 0.36 10.45 12.79
C SER B 145 0.65 11.89 12.36
N ILE B 146 1.13 12.69 13.33
CA ILE B 146 1.43 14.09 13.10
C ILE B 146 2.76 14.43 13.77
N THR B 147 3.34 15.55 13.35
CA THR B 147 4.63 16.00 13.87
C THR B 147 4.54 17.49 14.15
N ARG B 148 5.53 17.99 14.89
CA ARG B 148 5.62 19.39 15.26
C ARG B 148 6.95 19.96 14.82
N MET B 149 6.95 21.25 14.46
CA MET B 149 8.13 21.96 14.03
C MET B 149 8.90 22.57 15.20
N ALA B 150 8.52 22.25 16.43
CA ALA B 150 9.17 22.83 17.60
C ALA B 150 9.04 21.86 18.77
N VAL B 151 9.55 22.28 19.93
CA VAL B 151 9.49 21.48 21.15
C VAL B 151 8.86 22.32 22.25
N THR B 152 8.13 21.66 23.14
CA THR B 152 7.47 22.34 24.25
C THR B 152 8.47 22.71 25.34
N ASN B 153 8.96 21.71 26.07
CA ASN B 153 9.91 21.94 27.14
C ASN B 153 11.35 21.85 26.63
N GLU B 154 12.22 21.21 27.40
CA GLU B 154 13.63 21.03 27.04
C GLU B 154 13.94 19.54 27.03
N LYS B 155 13.45 18.85 26.00
CA LYS B 155 13.67 17.41 25.87
C LYS B 155 15.06 17.14 25.31
N ASP B 156 15.41 15.85 25.20
CA ASP B 156 16.71 15.48 24.66
C ASP B 156 16.79 15.66 23.15
N ALA B 157 15.65 15.72 22.47
CA ALA B 157 15.62 15.91 21.02
C ALA B 157 15.66 17.38 20.62
N SER B 158 15.95 18.28 21.55
CA SER B 158 16.02 19.71 21.26
C SER B 158 17.47 20.06 20.95
N GLU B 159 17.84 19.92 19.70
CA GLU B 159 19.20 20.21 19.23
C GLU B 159 19.21 21.53 18.46
N THR B 160 20.27 21.75 17.69
CA THR B 160 20.40 22.97 16.91
C THR B 160 19.75 22.86 15.54
N GLY B 161 19.54 21.64 15.04
CA GLY B 161 18.91 21.46 13.74
C GLY B 161 17.45 21.79 13.73
N ASP B 162 16.60 20.81 14.05
CA ASP B 162 15.16 21.02 14.08
C ASP B 162 14.56 20.06 15.10
N ASN B 163 13.96 20.61 16.15
CA ASN B 163 13.32 19.79 17.19
C ASN B 163 12.01 19.24 16.66
N ARG B 164 12.02 17.98 16.22
CA ARG B 164 10.85 17.33 15.63
C ARG B 164 10.22 16.42 16.69
N THR B 165 9.15 16.90 17.30
CA THR B 165 8.38 16.14 18.27
C THR B 165 7.12 15.64 17.57
N MET B 166 6.95 14.31 17.52
CA MET B 166 5.87 13.71 16.76
C MET B 166 4.63 13.48 17.62
N GLY B 167 3.48 13.33 16.98
CA GLY B 167 2.24 13.06 17.68
C GLY B 167 1.40 12.00 16.98
N ARG B 168 0.48 11.39 17.72
CA ARG B 168 -0.37 10.32 17.19
C ARG B 168 -1.82 10.74 17.35
N LYS B 169 -2.42 11.26 16.27
CA LYS B 169 -3.80 11.72 16.25
C LYS B 169 -4.55 10.90 15.21
N PHE B 170 -5.07 9.75 15.63
CA PHE B 170 -5.74 8.82 14.73
C PHE B 170 -7.09 9.37 14.29
N THR B 171 -7.63 8.79 13.23
CA THR B 171 -8.93 9.17 12.69
C THR B 171 -9.66 7.91 12.23
N VAL B 172 -10.89 8.10 11.74
CA VAL B 172 -11.71 6.99 11.26
C VAL B 172 -12.34 7.42 9.94
N PRO B 173 -12.26 6.59 8.89
CA PRO B 173 -12.86 6.96 7.60
C PRO B 173 -14.38 7.03 7.67
N TYR B 174 -14.99 6.05 8.32
CA TYR B 174 -16.44 6.02 8.51
C TYR B 174 -16.81 4.98 9.56
N GLY B 175 -17.51 5.40 10.61
CA GLY B 175 -17.93 4.48 11.64
C GLY B 175 -19.38 4.64 12.03
N LEU B 176 -20.20 3.62 11.73
CA LEU B 176 -21.62 3.63 12.07
C LEU B 176 -21.80 2.87 13.38
N TYR B 177 -22.07 3.61 14.45
CA TYR B 177 -22.25 3.03 15.78
C TYR B 177 -23.73 2.99 16.14
N ARG B 178 -24.09 1.97 16.93
CA ARG B 178 -25.47 1.72 17.33
C ARG B 178 -25.49 1.52 18.84
N CYS B 179 -25.79 2.58 19.58
CA CYS B 179 -25.88 2.51 21.03
C CYS B 179 -27.30 2.18 21.47
N HIS B 180 -27.42 1.61 22.65
CA HIS B 180 -28.70 1.24 23.23
C HIS B 180 -28.81 1.84 24.62
N GLY B 181 -29.98 2.35 24.97
CA GLY B 181 -30.21 2.94 26.27
C GLY B 181 -31.58 2.60 26.81
N PHE B 182 -31.67 2.54 28.13
CA PHE B 182 -32.88 2.13 28.83
C PHE B 182 -33.19 3.10 29.97
N ILE B 183 -34.47 3.45 30.09
CA ILE B 183 -34.98 4.28 31.17
C ILE B 183 -36.15 3.54 31.81
N SER B 184 -36.02 3.20 33.10
CA SER B 184 -37.07 2.47 33.79
C SER B 184 -38.11 3.43 34.36
N THR B 185 -38.72 3.06 35.48
CA THR B 185 -39.77 3.87 36.10
C THR B 185 -39.56 4.06 37.60
N HIS B 186 -39.17 3.02 38.32
CA HIS B 186 -38.97 3.15 39.77
C HIS B 186 -37.82 4.09 40.08
N PHE B 187 -36.77 4.08 39.25
CA PHE B 187 -35.65 4.99 39.48
C PHE B 187 -36.04 6.44 39.18
N ALA B 188 -36.89 6.64 38.17
CA ALA B 188 -37.41 7.99 37.91
C ALA B 188 -38.34 8.45 39.03
N LYS B 189 -39.04 7.51 39.67
CA LYS B 189 -39.89 7.86 40.81
C LYS B 189 -39.05 8.24 42.02
N GLN B 190 -38.00 7.47 42.31
CA GLN B 190 -37.15 7.73 43.47
C GLN B 190 -36.26 8.94 43.29
N THR B 191 -36.10 9.45 42.08
CA THR B 191 -35.28 10.61 41.80
C THR B 191 -36.07 11.84 41.41
N GLY B 192 -36.93 11.74 40.40
CA GLY B 192 -37.74 12.87 39.97
C GLY B 192 -37.55 13.23 38.52
N PHE B 193 -37.27 12.24 37.69
CA PHE B 193 -37.07 12.45 36.25
C PHE B 193 -38.43 12.76 35.61
N SER B 194 -38.74 14.04 35.47
CA SER B 194 -40.02 14.45 34.91
C SER B 194 -39.96 14.44 33.38
N GLU B 195 -41.01 14.97 32.76
CA GLU B 195 -41.06 15.00 31.29
C GLU B 195 -40.12 16.06 30.73
N ASN B 196 -39.87 17.13 31.49
CA ASN B 196 -38.94 18.16 31.01
C ASN B 196 -37.52 17.61 30.88
N ASP B 197 -37.06 16.87 31.89
CA ASP B 197 -35.74 16.25 31.81
C ASP B 197 -35.69 15.21 30.70
N LEU B 198 -36.80 14.49 30.47
CA LEU B 198 -36.83 13.51 29.40
C LEU B 198 -36.69 14.19 28.04
N GLU B 199 -37.42 15.28 27.83
CA GLU B 199 -37.30 16.02 26.57
C GLU B 199 -35.92 16.63 26.41
N LEU B 200 -35.32 17.10 27.51
CA LEU B 200 -33.96 17.63 27.44
C LEU B 200 -32.97 16.54 27.05
N PHE B 201 -33.12 15.34 27.61
CA PHE B 201 -32.25 14.23 27.24
C PHE B 201 -32.46 13.82 25.80
N TRP B 202 -33.70 13.86 25.32
CA TRP B 202 -33.97 13.54 23.92
C TRP B 202 -33.32 14.55 22.98
N GLN B 203 -33.44 15.85 23.30
CA GLN B 203 -32.79 16.87 22.50
C GLN B 203 -31.27 16.73 22.55
N ALA B 204 -30.72 16.34 23.71
CA ALA B 204 -29.28 16.13 23.81
C ALA B 204 -28.83 14.98 22.92
N LEU B 205 -29.53 13.84 23.00
CA LEU B 205 -29.19 12.72 22.13
C LEU B 205 -29.41 13.03 20.66
N VAL B 206 -30.32 13.96 20.34
CA VAL B 206 -30.50 14.37 18.95
C VAL B 206 -29.31 15.21 18.49
N ASN B 207 -28.89 16.17 19.32
CA ASN B 207 -27.79 17.08 18.98
C ASN B 207 -26.82 17.15 20.17
N MET B 208 -25.64 16.54 20.01
CA MET B 208 -24.59 16.63 21.01
C MET B 208 -23.23 16.45 20.36
N PHE B 209 -23.17 15.69 19.26
CA PHE B 209 -21.92 15.50 18.56
C PHE B 209 -21.55 16.73 17.73
N ASP B 210 -22.52 17.61 17.48
CA ASP B 210 -22.25 18.82 16.71
C ASP B 210 -21.90 20.00 17.61
N HIS B 211 -22.41 20.02 18.85
CA HIS B 211 -22.10 21.10 19.76
C HIS B 211 -20.76 20.89 20.48
N ASP B 212 -20.41 19.64 20.76
CA ASP B 212 -19.16 19.31 21.43
C ASP B 212 -18.21 18.69 20.41
N HIS B 213 -17.20 19.46 20.00
CA HIS B 213 -16.22 19.02 19.03
C HIS B 213 -14.82 19.32 19.53
N SER B 214 -13.84 18.67 18.92
CA SER B 214 -12.43 18.85 19.27
C SER B 214 -11.59 18.43 18.07
N ALA B 215 -10.28 18.28 18.30
CA ALA B 215 -9.37 17.89 17.24
C ALA B 215 -9.22 16.38 17.10
N ALA B 216 -9.35 15.64 18.22
CA ALA B 216 -9.21 14.19 18.16
C ALA B 216 -10.49 13.52 17.69
N ARG B 217 -11.64 14.00 18.14
CA ARG B 217 -12.91 13.40 17.74
C ARG B 217 -13.29 13.72 16.29
N GLY B 218 -12.71 14.77 15.72
CA GLY B 218 -12.94 15.08 14.31
C GLY B 218 -14.38 15.48 14.06
N GLN B 219 -15.06 14.72 13.21
CA GLN B 219 -16.43 14.99 12.80
C GLN B 219 -17.33 13.85 13.26
N MET B 220 -18.17 14.10 14.25
CA MET B 220 -19.14 13.14 14.73
C MET B 220 -20.54 13.65 14.42
N ASN B 221 -21.39 12.77 13.91
CA ASN B 221 -22.73 13.15 13.46
C ASN B 221 -23.76 12.25 14.13
N ALA B 222 -25.03 12.53 13.86
CA ALA B 222 -26.15 11.77 14.40
C ALA B 222 -27.17 11.50 13.29
N ARG B 223 -27.52 10.22 13.14
CA ARG B 223 -28.42 9.79 12.07
C ARG B 223 -29.84 9.59 12.54
N GLY B 224 -30.09 8.61 13.42
CA GLY B 224 -31.44 8.31 13.84
C GLY B 224 -31.50 7.86 15.27
N LEU B 225 -32.69 7.99 15.86
CA LEU B 225 -32.95 7.58 17.25
C LEU B 225 -34.36 6.98 17.29
N TYR B 226 -34.43 5.66 17.42
CA TYR B 226 -35.70 4.95 17.47
C TYR B 226 -36.02 4.61 18.93
N VAL B 227 -37.11 5.16 19.44
CA VAL B 227 -37.49 5.02 20.84
C VAL B 227 -38.77 4.20 20.92
N PHE B 228 -38.77 3.20 21.78
CA PHE B 228 -39.95 2.39 22.09
C PHE B 228 -40.38 2.69 23.51
N GLU B 229 -41.61 3.15 23.68
CA GLU B 229 -42.17 3.50 24.98
C GLU B 229 -43.27 2.49 25.33
N HIS B 230 -43.14 1.87 26.50
CA HIS B 230 -44.11 0.90 26.95
C HIS B 230 -45.38 1.61 27.44
N SER B 231 -46.48 0.85 27.47
CA SER B 231 -47.75 1.39 27.93
C SER B 231 -47.76 1.64 29.43
N ASN B 232 -46.84 1.02 30.18
CA ASN B 232 -46.78 1.25 31.62
C ASN B 232 -45.35 0.92 32.07
N ASN B 233 -45.21 0.48 33.33
CA ASN B 233 -43.92 0.08 33.88
C ASN B 233 -43.70 -1.41 33.80
N LEU B 234 -44.10 -2.04 32.70
CA LEU B 234 -43.99 -3.48 32.49
C LEU B 234 -43.09 -3.77 31.29
N GLY B 235 -42.98 -5.05 30.96
CA GLY B 235 -42.20 -5.47 29.81
C GLY B 235 -42.93 -6.48 28.95
N ASP B 236 -43.59 -6.01 27.90
CA ASP B 236 -44.38 -6.89 27.05
C ASP B 236 -43.52 -7.73 26.11
N ALA B 237 -42.26 -7.35 25.90
CA ALA B 237 -41.38 -8.08 24.99
C ALA B 237 -39.95 -7.83 25.41
N PRO B 238 -39.05 -8.79 25.19
CA PRO B 238 -37.63 -8.57 25.54
C PRO B 238 -37.01 -7.49 24.68
N ALA B 239 -35.91 -6.92 25.18
CA ALA B 239 -35.23 -5.85 24.46
C ALA B 239 -34.61 -6.34 23.16
N ASP B 240 -34.15 -7.59 23.12
CA ASP B 240 -33.52 -8.11 21.90
C ASP B 240 -34.54 -8.32 20.80
N SER B 241 -35.78 -8.67 21.17
CA SER B 241 -36.81 -8.87 20.16
C SER B 241 -37.27 -7.54 19.55
N LEU B 242 -37.20 -6.46 20.31
CA LEU B 242 -37.59 -5.15 19.82
C LEU B 242 -36.45 -4.38 19.17
N PHE B 243 -35.20 -4.72 19.51
CA PHE B 243 -34.05 -4.04 18.93
C PHE B 243 -33.67 -4.60 17.56
N LYS B 244 -33.80 -5.92 17.37
CA LYS B 244 -33.48 -6.55 16.10
C LYS B 244 -34.55 -6.31 15.04
N ARG B 245 -35.71 -5.77 15.42
CA ARG B 245 -36.76 -5.50 14.44
C ARG B 245 -36.41 -4.32 13.56
N ILE B 246 -35.60 -3.39 14.07
CA ILE B 246 -35.12 -2.24 13.30
C ILE B 246 -33.63 -2.41 13.08
N GLN B 247 -33.24 -3.07 11.99
CA GLN B 247 -31.86 -3.49 11.79
C GLN B 247 -31.23 -2.81 10.58
N VAL B 248 -29.93 -2.60 10.68
CA VAL B 248 -29.14 -2.02 9.60
C VAL B 248 -28.16 -3.08 9.09
N VAL B 249 -27.80 -2.99 7.80
CA VAL B 249 -26.94 -3.97 7.16
C VAL B 249 -26.09 -3.27 6.10
N LYS B 250 -25.04 -3.95 5.67
CA LYS B 250 -24.14 -3.41 4.67
C LYS B 250 -24.79 -3.41 3.30
N LYS B 251 -24.19 -2.67 2.37
CA LYS B 251 -24.72 -2.58 1.02
C LYS B 251 -24.44 -3.87 0.25
N ASP B 252 -25.39 -4.24 -0.61
CA ASP B 252 -25.27 -5.46 -1.41
C ASP B 252 -24.51 -5.25 -2.72
N GLY B 253 -23.67 -4.22 -2.80
CA GLY B 253 -22.90 -3.96 -3.99
C GLY B 253 -21.48 -3.54 -3.70
N VAL B 254 -21.15 -3.39 -2.42
CA VAL B 254 -19.81 -3.00 -2.00
C VAL B 254 -19.59 -3.55 -0.60
N GLU B 255 -18.32 -3.61 -0.19
CA GLU B 255 -17.95 -4.11 1.13
C GLU B 255 -17.57 -2.98 2.09
N VAL B 256 -16.64 -2.12 1.68
CA VAL B 256 -16.23 -1.02 2.55
C VAL B 256 -17.35 0.02 2.62
N VAL B 257 -17.32 0.81 3.68
CA VAL B 257 -18.33 1.83 3.95
C VAL B 257 -17.64 3.17 4.13
N ARG B 258 -18.15 4.20 3.45
CA ARG B 258 -17.61 5.54 3.56
C ARG B 258 -18.62 6.61 3.93
N SER B 259 -19.92 6.35 3.78
CA SER B 259 -20.95 7.31 4.12
C SER B 259 -22.23 6.54 4.45
N PHE B 260 -23.32 7.27 4.68
CA PHE B 260 -24.59 6.65 5.00
C PHE B 260 -25.22 5.95 3.80
N ASP B 261 -24.76 6.24 2.58
CA ASP B 261 -25.30 5.61 1.38
C ASP B 261 -24.83 4.18 1.20
N ASP B 262 -23.84 3.74 1.97
CA ASP B 262 -23.32 2.37 1.89
C ASP B 262 -23.99 1.44 2.91
N TYR B 263 -25.08 1.87 3.53
CA TYR B 263 -25.81 1.07 4.49
C TYR B 263 -27.27 1.00 4.08
N LEU B 264 -27.99 0.05 4.69
CA LEU B 264 -29.41 -0.14 4.41
C LEU B 264 -30.14 -0.43 5.70
N VAL B 265 -31.15 0.37 6.00
CA VAL B 265 -31.94 0.23 7.22
C VAL B 265 -33.24 -0.48 6.88
N SER B 266 -33.81 -1.19 7.86
CA SER B 266 -35.06 -1.90 7.69
C SER B 266 -35.84 -1.87 9.01
N VAL B 267 -37.09 -1.44 8.91
CA VAL B 267 -37.98 -1.37 10.07
C VAL B 267 -39.07 -2.41 9.92
N ASP B 268 -39.94 -2.49 10.94
CA ASP B 268 -41.06 -3.43 10.91
C ASP B 268 -42.10 -2.94 11.91
N ASP B 269 -42.95 -2.02 11.46
CA ASP B 269 -44.00 -1.48 12.32
C ASP B 269 -45.29 -2.28 12.16
N LYS B 270 -45.19 -3.61 12.21
CA LYS B 270 -46.33 -4.49 12.08
C LYS B 270 -46.76 -5.07 13.43
N ASN B 271 -45.89 -5.83 14.09
CA ASN B 271 -46.19 -6.41 15.40
C ASN B 271 -45.86 -5.47 16.55
N LEU B 272 -45.42 -4.25 16.27
CA LEU B 272 -45.07 -3.29 17.31
C LEU B 272 -46.28 -2.46 17.76
N GLU B 273 -47.45 -2.66 17.16
CA GLU B 273 -48.65 -1.91 17.51
C GLU B 273 -49.48 -2.59 18.60
N GLU B 274 -48.86 -3.44 19.41
CA GLU B 274 -49.58 -4.13 20.49
C GLU B 274 -49.84 -3.17 21.64
N THR B 275 -48.84 -2.96 22.50
CA THR B 275 -48.94 -2.06 23.64
C THR B 275 -47.66 -1.25 23.77
N LYS B 276 -47.17 -0.75 22.64
CA LYS B 276 -45.94 0.03 22.61
C LYS B 276 -46.10 1.20 21.65
N LEU B 277 -45.30 2.24 21.87
CA LEU B 277 -45.32 3.45 21.06
C LEU B 277 -43.94 3.63 20.44
N LEU B 278 -43.90 3.74 19.11
CA LEU B 278 -42.65 3.92 18.37
C LEU B 278 -42.51 5.38 17.97
N ARG B 279 -41.33 5.95 18.24
CA ARG B 279 -41.05 7.33 17.87
C ARG B 279 -39.66 7.41 17.24
N LYS B 280 -39.50 8.36 16.32
CA LYS B 280 -38.24 8.59 15.63
C LYS B 280 -37.92 10.08 15.68
N LEU B 281 -36.89 10.44 16.43
CA LEU B 281 -36.47 11.82 16.57
C LEU B 281 -35.27 12.18 15.71
N GLY B 282 -34.29 11.28 15.61
CA GLY B 282 -33.11 11.54 14.81
C GLY B 282 -33.38 11.43 13.32
N GLY B 283 -34.05 10.35 12.92
CA GLY B 283 -34.36 10.13 11.52
C GLY B 283 -34.99 8.77 11.25
N THR C 1 -17.74 38.23 22.60
CA THR C 1 -17.93 36.86 22.19
C THR C 1 -19.18 36.71 21.34
N ILE C 2 -19.21 35.67 20.51
CA ILE C 2 -20.35 35.40 19.64
C ILE C 2 -21.42 34.67 20.43
N GLU C 3 -22.66 34.75 19.94
CA GLU C 3 -23.79 34.12 20.59
C GLU C 3 -24.45 33.03 19.75
N LYS C 4 -23.91 32.73 18.57
CA LYS C 4 -24.47 31.71 17.69
C LYS C 4 -23.41 30.68 17.35
N ARG C 5 -23.87 29.45 17.09
CA ARG C 5 -23.00 28.35 16.69
C ARG C 5 -23.03 28.21 15.17
N TYR C 6 -21.86 28.26 14.54
CA TYR C 6 -21.73 28.22 13.10
C TYR C 6 -21.16 26.88 12.66
N ASP C 7 -21.63 26.38 11.52
CA ASP C 7 -21.13 25.14 10.93
C ASP C 7 -20.77 25.41 9.49
N PHE C 8 -19.48 25.42 9.16
CA PHE C 8 -19.03 25.79 7.82
C PHE C 8 -18.39 24.59 7.13
N VAL C 9 -18.83 24.30 5.92
CA VAL C 9 -18.24 23.29 5.06
C VAL C 9 -17.40 24.01 4.01
N PHE C 10 -16.15 23.55 3.84
CA PHE C 10 -15.18 24.19 2.96
C PHE C 10 -14.67 23.17 1.96
N LEU C 11 -14.97 23.39 0.69
CA LEU C 11 -14.50 22.54 -0.40
C LEU C 11 -13.40 23.28 -1.15
N PHE C 12 -12.19 22.73 -1.14
CA PHE C 12 -11.04 23.34 -1.78
C PHE C 12 -10.40 22.35 -2.74
N ASP C 13 -9.96 22.84 -3.88
CA ASP C 13 -9.36 22.02 -4.92
C ASP C 13 -7.86 22.30 -4.98
N VAL C 14 -7.06 21.27 -4.67
CA VAL C 14 -5.62 21.32 -4.85
C VAL C 14 -5.29 20.76 -6.22
N GLN C 15 -4.65 21.59 -7.06
CA GLN C 15 -4.31 21.17 -8.42
C GLN C 15 -3.12 20.24 -8.41
N ASP C 16 -1.92 20.80 -8.59
CA ASP C 16 -0.68 20.02 -8.66
C ASP C 16 0.19 20.41 -7.46
N GLY C 17 0.17 19.59 -6.42
CA GLY C 17 0.98 19.85 -5.25
C GLY C 17 0.56 18.96 -4.11
N ASN C 18 1.45 18.89 -3.11
CA ASN C 18 1.19 18.08 -1.92
C ASN C 18 0.47 18.93 -0.88
N PRO C 19 -0.76 18.58 -0.49
CA PRO C 19 -1.46 19.37 0.53
C PRO C 19 -0.99 19.05 1.93
N ASN C 20 -0.86 17.76 2.25
CA ASN C 20 -0.38 17.33 3.56
C ASN C 20 0.26 15.96 3.38
N GLY C 21 1.59 15.91 3.41
CA GLY C 21 2.30 14.66 3.22
C GLY C 21 2.25 13.79 4.46
N ASP C 22 2.31 12.47 4.23
CA ASP C 22 2.31 11.52 5.33
C ASP C 22 3.68 11.52 6.02
N PRO C 23 3.73 11.58 7.34
CA PRO C 23 5.03 11.63 8.03
C PRO C 23 5.80 10.33 7.98
N ASP C 24 5.16 9.23 8.41
CA ASP C 24 5.84 7.94 8.43
C ASP C 24 6.06 7.40 7.02
N ALA C 25 5.25 7.81 6.04
CA ALA C 25 5.39 7.38 4.65
C ALA C 25 6.22 8.37 3.84
N GLY C 26 7.29 8.89 4.41
CA GLY C 26 8.11 9.86 3.72
C GLY C 26 7.44 11.22 3.57
N ASN C 27 6.77 11.44 2.44
CA ASN C 27 6.09 12.71 2.25
C ASN C 27 4.90 12.61 1.29
N LEU C 28 4.39 11.42 1.00
CA LEU C 28 3.26 11.30 0.10
C LEU C 28 1.99 11.82 0.78
N PRO C 29 1.07 12.39 0.00
CA PRO C 29 -0.19 12.88 0.59
C PRO C 29 -0.99 11.73 1.21
N ARG C 30 -1.59 12.02 2.35
CA ARG C 30 -2.35 11.00 3.07
C ARG C 30 -3.58 10.58 2.27
N ILE C 31 -3.75 9.27 2.09
CA ILE C 31 -4.89 8.73 1.35
C ILE C 31 -5.49 7.59 2.17
N ASP C 32 -6.64 7.10 1.69
CA ASP C 32 -7.35 6.01 2.35
C ASP C 32 -6.97 4.69 1.68
N PRO C 33 -6.21 3.82 2.35
CA PRO C 33 -5.82 2.55 1.72
C PRO C 33 -6.97 1.56 1.55
N GLN C 34 -8.18 1.89 2.00
CA GLN C 34 -9.32 1.00 1.91
C GLN C 34 -10.25 1.32 0.75
N THR C 35 -10.06 2.46 0.09
CA THR C 35 -10.91 2.83 -1.04
C THR C 35 -10.15 3.73 -2.03
N GLY C 36 -9.01 4.27 -1.60
CA GLY C 36 -8.23 5.14 -2.45
C GLY C 36 -8.58 6.60 -2.38
N GLU C 37 -9.41 7.01 -1.43
CA GLU C 37 -9.82 8.40 -1.30
C GLU C 37 -8.73 9.21 -0.61
N GLY C 38 -8.71 10.52 -0.88
CA GLY C 38 -7.71 11.39 -0.30
C GLY C 38 -8.10 11.88 1.08
N LEU C 39 -7.08 12.32 1.83
CA LEU C 39 -7.26 12.81 3.19
C LEU C 39 -6.27 13.93 3.45
N VAL C 40 -6.71 14.88 4.28
CA VAL C 40 -5.89 16.02 4.67
C VAL C 40 -6.17 16.34 6.13
N THR C 41 -5.12 16.45 6.94
CA THR C 41 -5.28 16.73 8.35
C THR C 41 -5.80 18.15 8.57
N ASP C 42 -6.58 18.30 9.64
CA ASP C 42 -7.08 19.64 9.98
C ASP C 42 -5.98 20.52 10.56
N VAL C 43 -4.92 19.90 11.09
CA VAL C 43 -3.81 20.70 11.62
C VAL C 43 -3.07 21.41 10.50
N CYS C 44 -3.09 20.86 9.28
CA CYS C 44 -2.51 21.55 8.15
C CYS C 44 -3.30 22.81 7.80
N LEU C 45 -4.63 22.70 7.83
CA LEU C 45 -5.47 23.87 7.62
C LEU C 45 -5.28 24.90 8.72
N LYS C 46 -5.11 24.43 9.97
CA LYS C 46 -4.84 25.34 11.08
C LYS C 46 -3.53 26.09 10.88
N ARG C 47 -2.49 25.37 10.45
CA ARG C 47 -1.19 26.00 10.21
C ARG C 47 -1.27 26.99 9.04
N LYS C 48 -2.03 26.66 8.01
CA LYS C 48 -2.19 27.59 6.88
C LYS C 48 -2.93 28.84 7.32
N VAL C 49 -3.96 28.69 8.17
CA VAL C 49 -4.67 29.86 8.69
C VAL C 49 -3.73 30.70 9.55
N ARG C 50 -2.91 30.05 10.36
CA ARG C 50 -1.94 30.79 11.19
C ARG C 50 -0.96 31.56 10.32
N ASN C 51 -0.47 30.94 9.25
CA ASN C 51 0.46 31.63 8.36
C ASN C 51 -0.21 32.80 7.66
N PHE C 52 -1.47 32.63 7.25
CA PHE C 52 -2.20 33.73 6.63
C PHE C 52 -2.38 34.89 7.60
N ILE C 53 -2.74 34.59 8.85
CA ILE C 53 -2.91 35.65 9.84
C ILE C 53 -1.58 36.34 10.14
N GLN C 54 -0.50 35.56 10.19
CA GLN C 54 0.82 36.16 10.37
C GLN C 54 1.19 37.08 9.21
N MET C 55 0.83 36.69 7.99
CA MET C 55 1.13 37.53 6.83
C MET C 55 0.26 38.79 6.80
N THR C 56 -0.96 38.71 7.33
CA THR C 56 -1.89 39.84 7.25
C THR C 56 -1.81 40.74 8.49
N GLN C 57 -1.84 40.16 9.68
CA GLN C 57 -1.93 40.96 10.91
C GLN C 57 -0.63 41.70 11.21
N ASN C 58 0.27 41.04 11.94
CA ASN C 58 1.52 41.65 12.41
C ASN C 58 1.23 42.89 13.26
N ASP C 59 0.56 42.65 14.39
CA ASP C 59 0.19 43.72 15.30
C ASP C 59 0.08 43.16 16.71
N GLU C 60 -0.33 44.02 17.64
CA GLU C 60 -0.47 43.63 19.04
C GLU C 60 -1.82 42.96 19.27
N HIS C 61 -1.91 42.25 20.39
CA HIS C 61 -3.10 41.51 20.82
C HIS C 61 -3.49 40.39 19.85
N HIS C 62 -2.57 39.96 18.99
CA HIS C 62 -2.82 38.89 18.02
C HIS C 62 -1.51 38.13 17.79
N ASP C 63 -1.16 37.29 18.75
CA ASP C 63 0.04 36.47 18.63
C ASP C 63 -0.22 35.27 17.73
N ILE C 64 0.81 34.86 17.00
CA ILE C 64 0.70 33.81 15.99
C ILE C 64 1.47 32.56 16.37
N PHE C 65 2.15 32.56 17.52
CA PHE C 65 3.01 31.46 17.95
C PHE C 65 4.18 31.28 16.98
N ILE C 66 5.38 31.67 17.42
CA ILE C 66 6.53 31.77 16.52
C ILE C 66 7.03 30.39 16.08
N ARG C 67 8.06 30.40 15.25
CA ARG C 67 8.60 29.18 14.65
C ARG C 67 9.47 28.43 15.66
N GLU C 68 10.52 27.78 15.15
CA GLU C 68 11.44 27.07 16.03
C GLU C 68 12.33 28.03 16.80
N LYS C 69 12.66 29.18 16.20
CA LYS C 69 13.51 30.17 16.85
C LYS C 69 12.85 30.72 18.10
N GLY C 70 12.95 30.01 19.21
CA GLY C 70 12.34 30.42 20.45
C GLY C 70 11.55 29.30 21.11
N ILE C 71 12.02 28.86 22.28
CA ILE C 71 11.35 27.79 23.01
C ILE C 71 10.00 28.29 23.52
N LEU C 72 8.99 27.42 23.46
CA LEU C 72 7.66 27.80 23.91
C LEU C 72 7.60 28.06 25.42
N ASN C 73 8.53 27.49 26.19
CA ASN C 73 8.58 27.78 27.61
C ASN C 73 8.87 29.24 27.87
N ASN C 74 9.69 29.88 27.03
CA ASN C 74 9.95 31.31 27.16
C ASN C 74 8.67 32.11 26.95
N LEU C 75 7.87 31.75 25.94
CA LEU C 75 6.61 32.45 25.71
C LEU C 75 5.63 32.20 26.85
N ILE C 76 5.63 31.00 27.41
CA ILE C 76 4.75 30.71 28.55
C ILE C 76 5.16 31.55 29.76
N ASP C 77 6.46 31.66 30.01
CA ASP C 77 6.91 32.48 31.13
C ASP C 77 6.63 33.95 30.90
N GLU C 78 6.71 34.40 29.64
CA GLU C 78 6.37 35.79 29.33
C GLU C 78 4.90 36.06 29.53
N ALA C 79 4.04 35.10 29.18
CA ALA C 79 2.62 35.25 29.41
C ALA C 79 2.29 35.22 30.90
N HIS C 80 3.03 34.44 31.67
CA HIS C 80 2.82 34.41 33.11
C HIS C 80 3.31 35.69 33.78
N GLU C 81 4.42 36.25 33.28
CA GLU C 81 5.00 37.46 33.85
C GLU C 81 4.12 38.65 33.48
N GLN C 82 3.05 38.84 34.25
CA GLN C 82 2.12 39.93 34.02
C GLN C 82 1.48 40.37 35.34
N GLU C 83 0.15 40.36 35.38
CA GLU C 83 -0.59 40.75 36.59
C GLU C 83 -1.01 39.56 37.44
N ASN C 84 -0.62 38.34 37.07
CA ASN C 84 -0.95 37.14 37.81
C ASN C 84 0.34 36.34 38.02
N VAL C 85 1.22 36.85 38.88
CA VAL C 85 2.50 36.20 39.13
C VAL C 85 2.42 35.36 40.39
N LYS C 86 2.17 36.02 41.53
CA LYS C 86 2.11 35.32 42.80
C LYS C 86 0.79 35.56 43.52
N GLY C 87 0.51 36.81 43.87
CA GLY C 87 -0.72 37.14 44.56
C GLY C 87 -1.96 36.96 43.71
N LYS C 88 -2.35 35.71 43.48
CA LYS C 88 -3.50 35.42 42.64
C LYS C 88 -4.06 34.03 42.96
N GLU C 89 -3.25 33.19 43.59
CA GLU C 89 -3.58 31.80 43.92
C GLU C 89 -3.79 30.97 42.67
N LYS C 90 -3.02 29.88 42.54
CA LYS C 90 -3.00 29.11 41.29
C LYS C 90 -4.37 28.64 40.87
N GLY C 91 -5.28 28.39 41.82
CA GLY C 91 -6.60 27.88 41.50
C GLY C 91 -7.33 28.72 40.46
N GLU C 92 -7.38 30.03 40.68
CA GLU C 92 -7.92 30.94 39.68
C GLU C 92 -6.84 31.62 38.84
N LYS C 93 -5.57 31.52 39.25
CA LYS C 93 -4.50 32.05 38.42
C LYS C 93 -4.37 31.27 37.10
N THR C 94 -4.67 29.98 37.12
CA THR C 94 -4.68 29.21 35.89
C THR C 94 -5.72 29.76 34.91
N GLU C 95 -6.94 30.01 35.41
CA GLU C 95 -7.98 30.58 34.55
C GLU C 95 -7.64 32.00 34.11
N ALA C 96 -6.98 32.77 34.99
CA ALA C 96 -6.58 34.12 34.60
C ALA C 96 -5.54 34.10 33.49
N ALA C 97 -4.56 33.18 33.58
CA ALA C 97 -3.58 33.04 32.51
C ALA C 97 -4.24 32.55 31.23
N ARG C 98 -5.22 31.65 31.35
CA ARG C 98 -5.96 31.20 30.18
C ARG C 98 -6.68 32.36 29.50
N GLN C 99 -7.34 33.21 30.29
CA GLN C 99 -8.04 34.37 29.74
C GLN C 99 -7.06 35.35 29.10
N TYR C 100 -5.91 35.57 29.73
CA TYR C 100 -4.91 36.47 29.16
C TYR C 100 -4.39 35.92 27.84
N MET C 101 -4.15 34.62 27.76
CA MET C 101 -3.67 34.02 26.52
C MET C 101 -4.75 34.08 25.43
N CYS C 102 -6.02 33.86 25.80
CA CYS C 102 -7.10 33.95 24.82
C CYS C 102 -7.27 35.38 24.32
N SER C 103 -7.04 36.37 25.18
CA SER C 103 -7.16 37.77 24.77
C SER C 103 -5.96 38.23 23.95
N ARG C 104 -4.78 37.66 24.20
CA ARG C 104 -3.57 38.05 23.50
C ARG C 104 -3.23 37.13 22.34
N TYR C 105 -3.04 35.83 22.61
CA TYR C 105 -2.67 34.87 21.57
C TYR C 105 -3.89 34.57 20.71
N TYR C 106 -3.73 34.69 19.39
CA TYR C 106 -4.84 34.38 18.47
C TYR C 106 -5.00 32.88 18.26
N ASP C 107 -3.89 32.13 18.31
CA ASP C 107 -3.98 30.68 18.11
C ASP C 107 -4.76 30.01 19.23
N ILE C 108 -4.63 30.52 20.46
CA ILE C 108 -5.36 29.95 21.59
C ILE C 108 -6.84 30.34 21.53
N ARG C 109 -7.12 31.59 21.13
CA ARG C 109 -8.50 32.04 21.02
C ARG C 109 -9.23 31.30 19.90
N THR C 110 -8.52 30.97 18.83
CA THR C 110 -9.14 30.26 17.71
C THR C 110 -9.15 28.77 17.95
N PHE C 111 -7.97 28.13 17.85
CA PHE C 111 -7.86 26.69 18.04
C PHE C 111 -7.53 26.36 19.49
N GLY C 112 -6.30 26.64 19.91
CA GLY C 112 -5.91 26.38 21.28
C GLY C 112 -4.46 25.96 21.36
N ALA C 113 -3.99 25.87 22.59
CA ALA C 113 -2.62 25.44 22.85
C ALA C 113 -2.55 24.82 24.24
N VAL C 114 -1.51 24.02 24.46
CA VAL C 114 -1.30 23.34 25.73
C VAL C 114 -0.25 24.11 26.52
N MET C 115 -0.59 24.45 27.76
CA MET C 115 0.30 25.21 28.64
C MET C 115 0.36 24.56 30.02
N THR C 116 0.53 23.24 30.05
CA THR C 116 0.63 22.50 31.31
C THR C 116 1.84 21.58 31.36
N THR C 117 2.77 21.71 30.42
CA THR C 117 3.97 20.88 30.40
C THR C 117 4.93 21.31 31.52
N GLY C 118 5.64 22.41 31.31
CA GLY C 118 6.55 22.91 32.32
C GLY C 118 5.84 23.69 33.41
N LYS C 119 5.23 24.81 33.04
CA LYS C 119 4.47 25.64 33.96
C LYS C 119 3.00 25.58 33.60
N ASN C 120 2.18 25.13 34.55
CA ASN C 120 0.75 24.97 34.30
C ASN C 120 0.07 26.34 34.19
N ALA C 121 -1.01 26.40 33.41
CA ALA C 121 -1.76 27.64 33.23
C ALA C 121 -3.20 27.37 32.79
N GLY C 122 -3.78 26.26 33.21
CA GLY C 122 -5.13 25.91 32.84
C GLY C 122 -5.18 25.03 31.60
N GLN C 123 -6.39 24.57 31.30
CA GLN C 123 -6.66 23.70 30.14
C GLN C 123 -7.83 24.30 29.35
N VAL C 124 -7.51 25.13 28.37
CA VAL C 124 -8.52 25.73 27.51
C VAL C 124 -8.92 24.72 26.45
N ARG C 125 -10.04 24.97 25.77
CA ARG C 125 -10.49 24.06 24.72
C ARG C 125 -10.51 24.77 23.36
N GLY C 126 -11.32 25.81 23.24
CA GLY C 126 -11.43 26.55 22.01
C GLY C 126 -12.76 26.32 21.31
N PRO C 127 -13.32 27.37 20.73
CA PRO C 127 -14.60 27.23 20.04
C PRO C 127 -14.45 26.66 18.64
N VAL C 128 -13.46 27.14 17.90
CA VAL C 128 -13.24 26.69 16.54
C VAL C 128 -12.67 25.28 16.56
N GLN C 129 -13.40 24.34 15.97
CA GLN C 129 -12.96 22.95 15.88
C GLN C 129 -13.10 22.49 14.43
N LEU C 130 -11.98 22.10 13.83
CA LEU C 130 -11.95 21.62 12.46
C LEU C 130 -11.85 20.10 12.42
N THR C 131 -12.21 19.54 11.27
CA THR C 131 -12.19 18.10 11.05
C THR C 131 -11.26 17.76 9.89
N PHE C 132 -11.02 16.47 9.71
CA PHE C 132 -10.16 16.00 8.64
C PHE C 132 -10.87 16.16 7.29
N SER C 133 -10.11 16.56 6.28
CA SER C 133 -10.64 16.73 4.94
C SER C 133 -10.79 15.38 4.26
N ARG C 134 -11.84 15.23 3.46
CA ARG C 134 -12.15 13.99 2.77
C ARG C 134 -12.41 14.26 1.29
N SER C 135 -11.97 13.35 0.44
CA SER C 135 -12.20 13.46 -1.00
C SER C 135 -13.42 12.64 -1.38
N ILE C 136 -14.25 13.20 -2.27
CA ILE C 136 -15.44 12.51 -2.71
C ILE C 136 -15.07 11.32 -3.59
N ASP C 137 -14.33 11.56 -4.68
CA ASP C 137 -13.91 10.47 -5.55
C ASP C 137 -12.52 9.99 -5.15
N PRO C 138 -12.25 8.68 -5.30
CA PRO C 138 -10.93 8.15 -4.96
C PRO C 138 -9.83 8.75 -5.82
N ILE C 139 -8.96 9.57 -5.22
CA ILE C 139 -7.89 10.19 -5.98
C ILE C 139 -6.80 9.16 -6.28
N MET C 140 -6.02 9.45 -7.32
CA MET C 140 -4.92 8.59 -7.77
C MET C 140 -3.65 9.43 -7.76
N THR C 141 -2.92 9.39 -6.64
CA THR C 141 -1.70 10.18 -6.52
C THR C 141 -0.64 9.67 -7.50
N LEU C 142 0.28 10.57 -7.85
CA LEU C 142 1.30 10.29 -8.85
C LEU C 142 2.64 9.89 -8.25
N GLU C 143 3.02 10.50 -7.12
CA GLU C 143 4.30 10.24 -6.47
C GLU C 143 5.46 10.48 -7.42
N HIS C 144 5.80 11.75 -7.64
CA HIS C 144 6.88 12.10 -8.55
C HIS C 144 8.23 12.05 -7.83
N SER C 145 9.29 12.32 -8.60
CA SER C 145 10.65 12.32 -8.09
C SER C 145 11.45 13.40 -8.80
N ILE C 146 12.45 13.93 -8.10
CA ILE C 146 13.30 14.98 -8.65
C ILE C 146 14.77 14.60 -8.46
N THR C 147 15.67 15.54 -8.70
CA THR C 147 17.10 15.27 -8.62
C THR C 147 17.85 16.60 -8.49
N ARG C 148 18.75 16.67 -7.51
CA ARG C 148 19.57 17.85 -7.30
C ARG C 148 20.96 17.64 -7.90
N MET C 149 21.45 18.65 -8.60
CA MET C 149 22.78 18.59 -9.21
C MET C 149 23.90 18.72 -8.19
N ALA C 150 23.61 19.19 -6.98
CA ALA C 150 24.59 19.33 -5.92
C ALA C 150 24.31 18.35 -4.80
N VAL C 151 25.26 18.25 -3.87
CA VAL C 151 25.15 17.34 -2.74
C VAL C 151 25.23 18.17 -1.45
N THR C 152 24.65 17.60 -0.39
CA THR C 152 24.66 18.26 0.91
C THR C 152 26.06 18.22 1.52
N ASN C 153 26.40 17.11 2.17
CA ASN C 153 27.71 16.93 2.78
C ASN C 153 28.59 16.06 1.89
N GLU C 154 29.81 15.80 2.35
CA GLU C 154 30.76 14.99 1.60
C GLU C 154 30.48 13.50 1.72
N LYS C 155 29.63 13.08 2.65
CA LYS C 155 29.33 11.66 2.81
C LYS C 155 28.31 11.19 1.77
N ASP C 156 27.35 12.04 1.44
CA ASP C 156 26.33 11.70 0.45
C ASP C 156 26.78 11.95 -0.98
N ALA C 157 28.01 12.39 -1.20
CA ALA C 157 28.51 12.66 -2.53
C ALA C 157 29.05 11.38 -3.16
N SER C 158 29.70 11.52 -4.31
CA SER C 158 30.28 10.38 -5.01
C SER C 158 31.73 10.17 -4.59
N GLU C 159 32.58 9.80 -5.55
CA GLU C 159 33.99 9.56 -5.28
C GLU C 159 34.92 10.50 -6.04
N THR C 160 34.40 11.31 -6.96
CA THR C 160 35.24 12.22 -7.72
C THR C 160 34.59 13.59 -7.83
N GLY C 161 33.65 13.74 -8.76
CA GLY C 161 32.98 15.01 -8.96
C GLY C 161 31.55 14.89 -9.44
N ASP C 162 31.08 13.65 -9.62
CA ASP C 162 29.71 13.40 -10.08
C ASP C 162 28.78 13.50 -8.87
N ASN C 163 28.56 14.75 -8.43
CA ASN C 163 27.73 15.01 -7.27
C ASN C 163 26.26 14.84 -7.63
N ARG C 164 25.57 13.94 -6.95
CA ARG C 164 24.16 13.71 -7.19
C ARG C 164 23.55 13.06 -5.94
N THR C 165 22.41 13.58 -5.51
CA THR C 165 21.72 13.06 -4.33
C THR C 165 20.28 12.66 -4.62
N MET C 166 19.89 12.59 -5.89
CA MET C 166 18.53 12.22 -6.30
C MET C 166 17.54 13.22 -5.70
N GLY C 167 16.33 12.76 -5.38
CA GLY C 167 15.33 13.63 -4.81
C GLY C 167 13.96 12.96 -4.88
N ARG C 168 12.99 13.66 -4.29
CA ARG C 168 11.63 13.15 -4.25
C ARG C 168 10.67 14.31 -4.02
N LYS C 169 9.50 14.23 -4.65
CA LYS C 169 8.48 15.28 -4.51
C LYS C 169 7.13 14.67 -4.90
N PHE C 170 6.40 14.19 -3.89
CA PHE C 170 5.08 13.62 -4.14
C PHE C 170 4.06 14.72 -4.38
N THR C 171 3.39 14.67 -5.53
CA THR C 171 2.41 15.66 -5.92
C THR C 171 1.05 14.99 -6.16
N VAL C 172 0.01 15.81 -6.23
CA VAL C 172 -1.35 15.35 -6.48
C VAL C 172 -1.76 15.80 -7.88
N PRO C 173 -2.40 14.95 -8.68
CA PRO C 173 -2.89 15.40 -9.99
C PRO C 173 -4.02 16.41 -9.86
N TYR C 174 -5.00 16.10 -9.02
CA TYR C 174 -6.12 16.99 -8.72
C TYR C 174 -6.91 16.39 -7.58
N GLY C 175 -7.33 17.25 -6.64
CA GLY C 175 -8.10 16.77 -5.51
C GLY C 175 -9.05 17.79 -4.92
N LEU C 176 -10.35 17.49 -4.92
CA LEU C 176 -11.36 18.37 -4.34
C LEU C 176 -11.69 17.83 -2.96
N TYR C 177 -11.06 18.41 -1.94
CA TYR C 177 -11.24 17.96 -0.56
C TYR C 177 -12.26 18.83 0.15
N ARG C 178 -13.18 18.18 0.86
CA ARG C 178 -14.20 18.86 1.65
C ARG C 178 -13.91 18.66 3.13
N CYS C 179 -13.98 19.74 3.90
CA CYS C 179 -13.74 19.72 5.32
C CYS C 179 -14.89 20.43 6.05
N HIS C 180 -15.01 20.15 7.34
CA HIS C 180 -16.06 20.71 8.16
C HIS C 180 -15.46 21.42 9.37
N GLY C 181 -16.13 22.48 9.81
CA GLY C 181 -15.69 23.22 10.97
C GLY C 181 -16.85 23.75 11.79
N PHE C 182 -16.69 23.76 13.11
CA PHE C 182 -17.75 24.12 14.03
C PHE C 182 -17.26 25.20 14.99
N ILE C 183 -18.08 26.24 15.16
CA ILE C 183 -17.81 27.33 16.10
C ILE C 183 -18.94 27.32 17.12
N SER C 184 -18.61 27.00 18.37
CA SER C 184 -19.60 26.86 19.43
C SER C 184 -19.85 28.23 20.07
N THR C 185 -20.42 28.22 21.27
CA THR C 185 -20.77 29.44 21.99
C THR C 185 -20.26 29.44 23.43
N HIS C 186 -20.41 28.32 24.15
CA HIS C 186 -19.93 28.27 25.53
C HIS C 186 -18.42 28.41 25.61
N PHE C 187 -17.69 27.76 24.71
CA PHE C 187 -16.24 27.92 24.67
C PHE C 187 -15.85 29.29 24.15
N ALA C 188 -16.67 29.90 23.30
CA ALA C 188 -16.39 31.25 22.84
C ALA C 188 -16.54 32.26 23.97
N LYS C 189 -17.53 32.06 24.85
CA LYS C 189 -17.68 32.93 26.01
C LYS C 189 -16.54 32.76 27.02
N GLN C 190 -15.89 31.59 27.04
CA GLN C 190 -14.78 31.38 27.94
C GLN C 190 -13.46 31.88 27.36
N THR C 191 -13.29 31.79 26.04
CA THR C 191 -12.07 32.26 25.38
C THR C 191 -12.20 33.74 25.04
N GLY C 192 -13.02 34.06 24.05
CA GLY C 192 -13.23 35.44 23.64
C GLY C 192 -13.35 35.62 22.15
N PHE C 193 -13.89 34.61 21.47
CA PHE C 193 -14.06 34.66 20.01
C PHE C 193 -15.24 35.57 19.69
N SER C 194 -14.96 36.83 19.36
CA SER C 194 -16.00 37.81 19.07
C SER C 194 -16.26 37.83 17.56
N GLU C 195 -16.84 38.93 17.06
CA GLU C 195 -17.14 39.03 15.64
C GLU C 195 -15.90 39.36 14.81
N ASN C 196 -14.94 40.08 15.40
CA ASN C 196 -13.71 40.40 14.67
C ASN C 196 -12.92 39.12 14.39
N ASP C 197 -12.77 38.26 15.39
CA ASP C 197 -12.08 36.98 15.17
C ASP C 197 -12.85 36.11 14.19
N LEU C 198 -14.19 36.16 14.22
CA LEU C 198 -14.98 35.39 13.28
C LEU C 198 -14.74 35.87 11.85
N GLU C 199 -14.73 37.18 11.64
CA GLU C 199 -14.47 37.71 10.30
C GLU C 199 -13.05 37.39 9.85
N LEU C 200 -12.09 37.45 10.78
CA LEU C 200 -10.71 37.08 10.43
C LEU C 200 -10.62 35.62 10.01
N PHE C 201 -11.31 34.73 10.74
CA PHE C 201 -11.30 33.32 10.38
C PHE C 201 -12.03 33.07 9.06
N TRP C 202 -13.08 33.83 8.78
CA TRP C 202 -13.75 33.69 7.48
C TRP C 202 -12.84 34.14 6.34
N GLN C 203 -12.11 35.24 6.54
CA GLN C 203 -11.14 35.68 5.53
C GLN C 203 -10.05 34.64 5.35
N ALA C 204 -9.61 34.01 6.45
CA ALA C 204 -8.60 32.96 6.35
C ALA C 204 -9.13 31.76 5.57
N LEU C 205 -10.37 31.35 5.85
CA LEU C 205 -10.94 30.20 5.16
C LEU C 205 -11.18 30.49 3.69
N VAL C 206 -11.54 31.72 3.34
CA VAL C 206 -11.73 32.06 1.93
C VAL C 206 -10.42 32.31 1.21
N ASN C 207 -9.34 32.61 1.94
CA ASN C 207 -8.02 32.81 1.36
C ASN C 207 -6.95 32.29 2.34
N MET C 208 -6.52 31.05 2.12
CA MET C 208 -5.53 30.42 2.99
C MET C 208 -4.35 29.86 2.21
N PHE C 209 -4.60 29.36 1.00
CA PHE C 209 -3.51 28.79 0.21
C PHE C 209 -2.78 29.88 -0.60
N ASP C 210 -3.49 30.95 -0.96
CA ASP C 210 -2.87 32.01 -1.75
C ASP C 210 -1.77 32.74 -1.00
N HIS C 211 -1.77 32.69 0.33
CA HIS C 211 -0.75 33.33 1.15
C HIS C 211 0.34 32.36 1.60
N ASP C 212 -0.05 31.21 2.15
CA ASP C 212 0.89 30.21 2.62
C ASP C 212 1.22 29.26 1.48
N HIS C 213 2.12 29.69 0.60
CA HIS C 213 2.57 28.90 -0.53
C HIS C 213 3.96 28.35 -0.27
N SER C 214 4.23 27.14 -0.76
CA SER C 214 5.51 26.49 -0.57
C SER C 214 5.91 25.77 -1.86
N ALA C 215 7.13 25.24 -1.88
CA ALA C 215 7.59 24.52 -3.06
C ALA C 215 6.86 23.20 -3.22
N ALA C 216 6.52 22.53 -2.12
CA ALA C 216 5.79 21.27 -2.16
C ALA C 216 4.29 21.46 -1.96
N ARG C 217 3.83 22.67 -1.63
CA ARG C 217 2.41 22.90 -1.44
C ARG C 217 1.65 22.84 -2.76
N GLY C 218 2.16 23.50 -3.79
CA GLY C 218 1.53 23.49 -5.09
C GLY C 218 0.52 24.60 -5.28
N GLN C 219 -0.25 24.47 -6.36
CA GLN C 219 -1.26 25.47 -6.71
C GLN C 219 -2.60 25.07 -6.08
N MET C 220 -2.69 25.32 -4.77
CA MET C 220 -3.90 25.04 -4.02
C MET C 220 -4.82 26.25 -4.06
N ASN C 221 -6.11 26.00 -4.25
CA ASN C 221 -7.10 27.07 -4.34
C ASN C 221 -8.33 26.68 -3.53
N ALA C 222 -9.22 27.66 -3.36
CA ALA C 222 -10.47 27.47 -2.62
C ALA C 222 -11.63 27.54 -3.60
N ARG C 223 -12.59 26.63 -3.44
CA ARG C 223 -13.75 26.58 -4.32
C ARG C 223 -15.00 27.14 -3.65
N GLY C 224 -15.48 26.46 -2.62
CA GLY C 224 -16.71 26.84 -1.97
C GLY C 224 -16.59 26.84 -0.46
N LEU C 225 -17.40 27.70 0.17
CA LEU C 225 -17.44 27.80 1.63
C LEU C 225 -18.88 28.14 2.01
N TYR C 226 -19.60 27.16 2.53
CA TYR C 226 -21.01 27.31 2.89
C TYR C 226 -21.15 27.23 4.40
N VAL C 227 -21.67 28.29 5.01
CA VAL C 227 -21.80 28.41 6.45
C VAL C 227 -23.28 28.39 6.82
N PHE C 228 -23.63 27.53 7.79
CA PHE C 228 -24.95 27.49 8.39
C PHE C 228 -24.87 28.17 9.75
N GLU C 229 -25.74 29.14 9.98
CA GLU C 229 -25.78 29.91 11.22
C GLU C 229 -27.13 29.71 11.88
N HIS C 230 -27.11 29.32 13.16
CA HIS C 230 -28.33 29.10 13.92
C HIS C 230 -28.72 30.36 14.67
N SER C 231 -30.03 30.58 14.79
CA SER C 231 -30.54 31.76 15.48
C SER C 231 -30.50 31.62 17.00
N ASN C 232 -30.26 30.42 17.52
CA ASN C 232 -30.21 30.18 18.95
C ASN C 232 -29.01 29.29 19.27
N ASN C 233 -28.79 29.07 20.56
CA ASN C 233 -27.69 28.24 21.02
C ASN C 233 -28.06 26.77 21.14
N LEU C 234 -29.31 26.41 20.86
CA LEU C 234 -29.76 25.03 20.95
C LEU C 234 -29.54 24.34 19.60
N GLY C 235 -29.91 23.06 19.50
CA GLY C 235 -29.77 22.33 18.26
C GLY C 235 -30.97 22.45 17.35
N ASP C 236 -30.90 23.35 16.37
CA ASP C 236 -32.03 23.54 15.46
C ASP C 236 -32.12 22.43 14.43
N ALA C 237 -30.99 21.87 14.01
CA ALA C 237 -30.98 20.81 13.02
C ALA C 237 -29.69 20.02 13.17
N PRO C 238 -29.72 18.70 12.97
CA PRO C 238 -28.49 17.91 13.10
C PRO C 238 -27.52 18.20 11.98
N ALA C 239 -26.29 17.69 12.13
CA ALA C 239 -25.26 17.92 11.13
C ALA C 239 -25.51 17.12 9.86
N ASP C 240 -26.15 15.96 9.97
CA ASP C 240 -26.42 15.16 8.78
C ASP C 240 -27.54 15.75 7.93
N SER C 241 -28.46 16.48 8.55
CA SER C 241 -29.53 17.14 7.80
C SER C 241 -29.07 18.40 7.09
N LEU C 242 -27.85 18.87 7.34
CA LEU C 242 -27.31 20.06 6.71
C LEU C 242 -26.10 19.80 5.84
N PHE C 243 -25.30 18.79 6.15
CA PHE C 243 -24.14 18.47 5.32
C PHE C 243 -24.53 17.72 4.06
N LYS C 244 -25.60 16.93 4.12
CA LYS C 244 -26.05 16.19 2.94
C LYS C 244 -26.72 17.09 1.91
N ARG C 245 -27.05 18.33 2.28
CA ARG C 245 -27.63 19.25 1.32
C ARG C 245 -26.60 19.76 0.32
N ILE C 246 -25.32 19.61 0.64
CA ILE C 246 -24.24 20.02 -0.29
C ILE C 246 -23.70 18.72 -0.88
N GLN C 247 -24.43 18.19 -1.86
CA GLN C 247 -24.07 16.90 -2.45
C GLN C 247 -23.07 17.10 -3.57
N VAL C 248 -21.94 16.40 -3.49
CA VAL C 248 -20.88 16.46 -4.49
C VAL C 248 -20.68 15.07 -5.05
N VAL C 249 -20.55 14.97 -6.38
CA VAL C 249 -20.41 13.68 -7.05
C VAL C 249 -19.67 13.87 -8.36
N LYS C 250 -19.35 12.76 -9.02
CA LYS C 250 -18.69 12.83 -10.33
C LYS C 250 -19.72 12.99 -11.44
N LYS C 251 -19.24 13.37 -12.62
CA LYS C 251 -20.12 13.59 -13.77
C LYS C 251 -20.53 12.27 -14.41
N ASP C 252 -20.90 12.32 -15.69
CA ASP C 252 -21.33 11.13 -16.41
C ASP C 252 -20.15 10.24 -16.76
N GLY C 253 -19.71 10.30 -18.03
CA GLY C 253 -18.60 9.49 -18.47
C GLY C 253 -17.24 10.10 -18.16
N VAL C 254 -17.03 10.48 -16.91
CA VAL C 254 -15.78 11.08 -16.46
C VAL C 254 -15.19 10.16 -15.42
N GLU C 255 -14.09 9.48 -15.76
CA GLU C 255 -13.46 8.55 -14.82
C GLU C 255 -12.56 9.26 -13.83
N VAL C 256 -11.80 10.26 -14.28
CA VAL C 256 -10.88 11.00 -13.41
C VAL C 256 -11.20 12.48 -13.54
N VAL C 257 -11.18 13.18 -12.41
CA VAL C 257 -11.48 14.61 -12.41
C VAL C 257 -10.20 15.40 -12.62
N ARG C 258 -10.36 16.62 -13.14
CA ARG C 258 -9.23 17.50 -13.41
C ARG C 258 -9.51 18.91 -12.93
N SER C 259 -10.74 19.38 -13.09
CA SER C 259 -11.12 20.73 -12.70
C SER C 259 -12.44 20.65 -11.93
N PHE C 260 -13.04 21.82 -11.69
CA PHE C 260 -14.29 21.88 -10.94
C PHE C 260 -15.51 21.58 -11.80
N ASP C 261 -15.36 21.62 -13.13
CA ASP C 261 -16.50 21.35 -14.00
C ASP C 261 -16.87 19.87 -13.98
N ASP C 262 -15.90 18.99 -13.77
CA ASP C 262 -16.18 17.55 -13.72
C ASP C 262 -16.80 17.12 -12.39
N TYR C 263 -16.84 17.99 -11.39
CA TYR C 263 -17.41 17.68 -10.09
C TYR C 263 -18.79 18.34 -10.00
N LEU C 264 -19.84 17.53 -10.09
CA LEU C 264 -21.21 18.02 -9.99
C LEU C 264 -21.53 18.26 -8.52
N VAL C 265 -21.72 19.54 -8.16
CA VAL C 265 -22.03 19.93 -6.79
C VAL C 265 -23.40 20.61 -6.81
N SER C 266 -24.23 20.27 -5.82
CA SER C 266 -25.58 20.80 -5.72
C SER C 266 -25.86 21.18 -4.28
N VAL C 267 -26.29 22.42 -4.06
CA VAL C 267 -26.63 22.93 -2.73
C VAL C 267 -28.14 22.85 -2.60
N ASP C 268 -28.62 21.98 -1.70
CA ASP C 268 -30.05 21.80 -1.46
C ASP C 268 -30.49 22.86 -0.45
N ASP C 269 -30.91 24.01 -0.95
CA ASP C 269 -31.36 25.12 -0.11
C ASP C 269 -32.86 25.35 -0.36
N LYS C 270 -33.67 24.44 0.16
CA LYS C 270 -35.11 24.51 0.00
C LYS C 270 -35.87 24.49 1.31
N ASN C 271 -35.45 23.66 2.27
CA ASN C 271 -36.13 23.52 3.56
C ASN C 271 -35.09 23.73 4.66
N LEU C 272 -34.76 25.00 4.93
CA LEU C 272 -33.82 25.33 5.99
C LEU C 272 -34.00 26.78 6.44
N GLU C 273 -34.95 27.48 5.82
CA GLU C 273 -35.23 28.88 6.13
C GLU C 273 -36.18 29.03 7.32
N GLU C 274 -36.32 28.01 8.15
CA GLU C 274 -37.22 28.10 9.30
C GLU C 274 -36.60 28.91 10.42
N THR C 275 -35.34 28.63 10.75
CA THR C 275 -34.64 29.34 11.82
C THR C 275 -33.14 29.31 11.59
N LYS C 276 -32.72 28.83 10.43
CA LYS C 276 -31.30 28.72 10.10
C LYS C 276 -31.00 29.58 8.89
N LEU C 277 -29.82 30.20 8.87
CA LEU C 277 -29.39 31.03 7.77
C LEU C 277 -28.22 30.37 7.05
N LEU C 278 -28.16 30.54 5.73
CA LEU C 278 -27.11 29.98 4.90
C LEU C 278 -26.37 31.11 4.20
N ARG C 279 -25.04 31.06 4.25
CA ARG C 279 -24.21 32.07 3.60
C ARG C 279 -23.11 31.39 2.80
N LYS C 280 -22.98 31.76 1.53
CA LYS C 280 -21.95 31.21 0.65
C LYS C 280 -20.85 32.25 0.50
N LEU C 281 -19.85 32.17 1.38
CA LEU C 281 -18.75 33.12 1.36
C LEU C 281 -17.74 32.79 0.26
N GLY C 282 -17.19 31.57 0.30
CA GLY C 282 -16.22 31.18 -0.71
C GLY C 282 -16.84 30.75 -2.02
N GLY C 283 -18.05 30.19 -1.97
CA GLY C 283 -18.73 29.74 -3.17
C GLY C 283 -19.40 30.87 -3.93
N THR D 1 36.43 34.77 -27.73
CA THR D 1 35.35 33.90 -28.17
C THR D 1 34.20 34.72 -28.77
N ILE D 2 33.06 34.07 -28.97
CA ILE D 2 31.89 34.72 -29.53
C ILE D 2 31.04 35.27 -28.40
N GLU D 3 30.75 36.58 -28.45
CA GLU D 3 29.94 37.25 -27.44
C GLU D 3 28.55 37.59 -27.96
N LYS D 4 28.12 36.96 -29.04
CA LYS D 4 26.83 37.20 -29.65
C LYS D 4 26.05 35.91 -29.75
N ARG D 5 24.73 35.99 -29.54
CA ARG D 5 23.85 34.85 -29.64
C ARG D 5 23.35 34.68 -31.07
N TYR D 6 23.19 33.43 -31.48
CA TYR D 6 22.76 33.11 -32.84
C TYR D 6 21.59 32.16 -32.80
N ASP D 7 20.60 32.40 -33.67
CA ASP D 7 19.45 31.51 -33.83
C ASP D 7 19.29 31.25 -35.32
N PHE D 8 19.48 30.01 -35.74
CA PHE D 8 19.45 29.66 -37.16
C PHE D 8 18.33 28.69 -37.45
N VAL D 9 17.48 29.05 -38.40
CA VAL D 9 16.45 28.16 -38.93
C VAL D 9 17.04 27.45 -40.14
N PHE D 10 17.12 26.12 -40.08
CA PHE D 10 17.72 25.31 -41.12
C PHE D 10 16.65 24.41 -41.73
N LEU D 11 16.36 24.63 -43.01
CA LEU D 11 15.44 23.81 -43.78
C LEU D 11 16.26 23.00 -44.76
N PHE D 12 16.29 21.68 -44.59
CA PHE D 12 17.01 20.79 -45.48
C PHE D 12 16.05 19.77 -46.08
N ASP D 13 16.16 19.56 -47.38
CA ASP D 13 15.24 18.70 -48.11
C ASP D 13 15.88 17.35 -48.41
N VAL D 14 15.08 16.29 -48.24
CA VAL D 14 15.48 14.93 -48.55
C VAL D 14 14.52 14.40 -49.62
N GLN D 15 15.09 13.88 -50.71
CA GLN D 15 14.29 13.38 -51.82
C GLN D 15 13.69 12.02 -51.49
N ASP D 16 14.12 10.99 -52.21
CA ASP D 16 13.60 9.63 -52.04
C ASP D 16 14.62 8.82 -51.26
N GLY D 17 14.36 8.64 -49.97
CA GLY D 17 15.26 7.87 -49.13
C GLY D 17 14.77 7.87 -47.70
N ASN D 18 15.56 7.23 -46.83
CA ASN D 18 15.24 7.14 -45.41
C ASN D 18 16.10 8.14 -44.65
N PRO D 19 15.55 9.29 -44.23
CA PRO D 19 16.39 10.26 -43.51
C PRO D 19 16.74 9.80 -42.11
N ASN D 20 15.83 9.12 -41.42
CA ASN D 20 16.08 8.66 -40.05
C ASN D 20 15.17 7.47 -39.79
N GLY D 21 15.77 6.29 -39.60
CA GLY D 21 15.01 5.09 -39.34
C GLY D 21 14.75 4.90 -37.84
N ASP D 22 13.52 4.52 -37.52
CA ASP D 22 13.14 4.31 -36.14
C ASP D 22 13.55 2.92 -35.68
N PRO D 23 14.36 2.78 -34.63
CA PRO D 23 14.77 1.43 -34.18
C PRO D 23 13.65 0.65 -33.52
N ASP D 24 12.59 1.32 -33.07
CA ASP D 24 11.51 0.62 -32.39
C ASP D 24 10.57 -0.08 -33.38
N ALA D 25 10.45 0.43 -34.59
CA ALA D 25 9.59 -0.18 -35.60
C ALA D 25 10.42 -0.82 -36.70
N GLY D 26 11.42 -1.61 -36.33
CA GLY D 26 12.27 -2.26 -37.30
C GLY D 26 13.17 -1.29 -38.04
N ASN D 27 12.67 -0.73 -39.15
CA ASN D 27 13.44 0.22 -39.93
C ASN D 27 12.56 1.31 -40.55
N LEU D 28 11.33 1.46 -40.07
CA LEU D 28 10.45 2.48 -40.62
C LEU D 28 10.93 3.87 -40.23
N PRO D 29 10.72 4.86 -41.09
CA PRO D 29 11.14 6.23 -40.75
C PRO D 29 10.33 6.78 -39.58
N ARG D 30 10.93 7.74 -38.88
CA ARG D 30 10.28 8.37 -37.74
C ARG D 30 9.13 9.26 -38.21
N ILE D 31 7.93 8.70 -38.31
CA ILE D 31 6.75 9.43 -38.74
C ILE D 31 5.81 9.58 -37.56
N ASP D 32 5.19 10.76 -37.44
CA ASP D 32 4.24 11.01 -36.38
C ASP D 32 2.84 10.68 -36.88
N PRO D 33 2.23 9.58 -36.44
CA PRO D 33 0.92 9.19 -36.99
C PRO D 33 -0.23 10.08 -36.56
N GLN D 34 -0.04 10.93 -35.55
CA GLN D 34 -1.10 11.84 -35.14
C GLN D 34 -1.42 12.88 -36.21
N THR D 35 -0.45 13.19 -37.08
CA THR D 35 -0.68 14.13 -38.16
C THR D 35 -0.04 13.73 -39.48
N GLY D 36 0.75 12.66 -39.52
CA GLY D 36 1.38 12.22 -40.75
C GLY D 36 2.76 12.81 -41.02
N GLU D 37 3.21 13.76 -40.19
CA GLU D 37 4.50 14.40 -40.41
C GLU D 37 5.64 13.48 -39.99
N GLY D 38 6.78 13.64 -40.64
CA GLY D 38 7.97 12.87 -40.32
C GLY D 38 8.77 13.50 -39.19
N LEU D 39 9.93 12.90 -38.92
CA LEU D 39 10.80 13.38 -37.87
C LEU D 39 12.22 12.91 -38.13
N VAL D 40 13.19 13.73 -37.75
CA VAL D 40 14.60 13.42 -37.89
C VAL D 40 15.31 13.85 -36.61
N THR D 41 16.07 12.93 -36.02
CA THR D 41 16.76 13.22 -34.76
C THR D 41 17.89 14.22 -34.98
N ASP D 42 18.22 14.95 -33.91
CA ASP D 42 19.31 15.91 -33.99
C ASP D 42 20.67 15.21 -34.07
N VAL D 43 20.78 14.00 -33.51
CA VAL D 43 22.03 13.27 -33.59
C VAL D 43 22.37 12.89 -35.03
N CYS D 44 21.38 12.83 -35.91
CA CYS D 44 21.67 12.63 -37.33
C CYS D 44 22.45 13.80 -37.90
N LEU D 45 21.99 15.03 -37.61
CA LEU D 45 22.73 16.21 -38.03
C LEU D 45 24.08 16.30 -37.34
N LYS D 46 24.16 15.83 -36.09
CA LYS D 46 25.44 15.80 -35.39
C LYS D 46 26.44 14.89 -36.10
N ARG D 47 25.98 13.70 -36.49
CA ARG D 47 26.85 12.78 -37.22
C ARG D 47 27.19 13.32 -38.61
N LYS D 48 26.27 14.04 -39.24
CA LYS D 48 26.58 14.68 -40.51
C LYS D 48 27.68 15.73 -40.35
N VAL D 49 27.62 16.50 -39.27
CA VAL D 49 28.68 17.48 -38.98
C VAL D 49 30.00 16.77 -38.72
N ARG D 50 29.95 15.65 -37.98
CA ARG D 50 31.16 14.87 -37.74
C ARG D 50 31.76 14.36 -39.04
N ASN D 51 30.92 13.90 -39.96
CA ASN D 51 31.42 13.42 -41.25
C ASN D 51 32.00 14.54 -42.08
N PHE D 52 31.36 15.72 -42.06
CA PHE D 52 31.91 16.87 -42.77
C PHE D 52 33.27 17.27 -42.20
N ILE D 53 33.41 17.21 -40.88
CA ILE D 53 34.70 17.51 -40.26
C ILE D 53 35.74 16.47 -40.65
N GLN D 54 35.35 15.19 -40.68
CA GLN D 54 36.25 14.13 -41.11
C GLN D 54 36.70 14.33 -42.55
N MET D 55 35.82 14.83 -43.41
CA MET D 55 36.15 14.97 -44.82
C MET D 55 36.88 16.26 -45.15
N THR D 56 36.69 17.33 -44.37
CA THR D 56 37.23 18.65 -44.71
C THR D 56 38.15 19.19 -43.62
N GLN D 57 38.80 18.32 -42.86
CA GLN D 57 39.75 18.78 -41.85
C GLN D 57 40.90 17.79 -41.68
N ASN D 58 40.84 16.98 -40.63
CA ASN D 58 41.89 16.01 -40.29
C ASN D 58 43.24 16.72 -40.10
N ASP D 59 43.35 17.40 -38.96
CA ASP D 59 44.55 18.14 -38.61
C ASP D 59 44.62 18.26 -37.09
N GLU D 60 45.52 19.10 -36.61
CA GLU D 60 45.70 19.31 -35.19
C GLU D 60 44.75 20.39 -34.67
N HIS D 61 44.50 20.36 -33.36
CA HIS D 61 43.61 21.29 -32.67
C HIS D 61 42.19 21.23 -33.20
N HIS D 62 41.84 20.15 -33.92
CA HIS D 62 40.50 19.96 -34.48
C HIS D 62 40.29 18.45 -34.62
N ASP D 63 39.78 17.83 -33.56
CA ASP D 63 39.60 16.39 -33.55
C ASP D 63 38.44 16.00 -34.45
N ILE D 64 38.23 14.68 -34.57
CA ILE D 64 37.27 14.16 -35.54
C ILE D 64 36.17 13.37 -34.84
N PHE D 65 36.52 12.65 -33.77
CA PHE D 65 35.62 11.73 -33.10
C PHE D 65 35.12 10.70 -34.10
N ILE D 66 35.91 9.65 -34.33
CA ILE D 66 35.66 8.70 -35.40
C ILE D 66 34.53 7.75 -35.03
N ARG D 67 34.47 6.60 -35.71
CA ARG D 67 33.33 5.68 -35.59
C ARG D 67 33.59 4.59 -34.57
N GLU D 68 33.56 3.33 -35.02
CA GLU D 68 33.72 2.20 -34.11
C GLU D 68 35.13 2.14 -33.53
N LYS D 69 36.13 2.63 -34.28
CA LYS D 69 37.50 2.59 -33.82
C LYS D 69 37.79 3.70 -32.82
N GLY D 70 36.75 4.41 -32.40
CA GLY D 70 36.92 5.49 -31.44
C GLY D 70 36.21 5.23 -30.12
N ILE D 71 36.84 4.47 -29.24
CA ILE D 71 36.27 4.17 -27.94
C ILE D 71 36.31 5.42 -27.07
N LEU D 72 35.18 5.75 -26.45
CA LEU D 72 35.12 6.95 -25.61
C LEU D 72 36.07 6.84 -24.42
N ASN D 73 36.14 5.66 -23.81
CA ASN D 73 37.04 5.48 -22.66
C ASN D 73 38.50 5.62 -23.08
N ASN D 74 38.85 5.10 -24.26
CA ASN D 74 40.22 5.23 -24.74
C ASN D 74 40.58 6.69 -25.00
N LEU D 75 39.66 7.44 -25.62
CA LEU D 75 39.91 8.86 -25.86
C LEU D 75 40.03 9.63 -24.54
N ILE D 76 39.20 9.29 -23.56
CA ILE D 76 39.27 9.95 -22.26
C ILE D 76 40.61 9.67 -21.58
N ASP D 77 41.05 8.40 -21.64
CA ASP D 77 42.33 8.04 -21.03
C ASP D 77 43.50 8.71 -21.75
N GLU D 78 43.38 8.87 -23.08
CA GLU D 78 44.44 9.55 -23.82
C GLU D 78 44.47 11.04 -23.51
N ALA D 79 43.29 11.64 -23.31
CA ALA D 79 43.25 13.06 -22.95
C ALA D 79 43.76 13.30 -21.54
N HIS D 80 43.50 12.36 -20.63
CA HIS D 80 44.00 12.51 -19.27
C HIS D 80 45.51 12.33 -19.20
N GLU D 81 46.08 11.51 -20.08
CA GLU D 81 47.53 11.26 -20.10
C GLU D 81 48.20 12.29 -21.01
N GLN D 82 48.18 13.55 -20.54
CA GLN D 82 48.79 14.64 -21.29
C GLN D 82 49.42 15.65 -20.35
N GLU D 83 48.94 16.90 -20.37
CA GLU D 83 49.46 17.95 -19.52
C GLU D 83 48.80 17.98 -18.15
N ASN D 84 47.92 17.03 -17.85
CA ASN D 84 47.25 16.97 -16.55
C ASN D 84 47.00 15.51 -16.18
N VAL D 85 48.10 14.79 -15.95
CA VAL D 85 48.03 13.37 -15.58
C VAL D 85 47.68 13.25 -14.11
N LYS D 86 48.59 13.67 -13.23
CA LYS D 86 48.37 13.59 -11.80
C LYS D 86 48.81 14.83 -11.04
N GLY D 87 49.35 15.84 -11.72
CA GLY D 87 49.79 17.05 -11.05
C GLY D 87 48.91 18.25 -11.34
N LYS D 88 47.64 18.18 -10.92
CA LYS D 88 46.72 19.27 -11.18
C LYS D 88 45.61 19.38 -10.14
N GLU D 89 45.73 18.72 -8.98
CA GLU D 89 44.74 18.74 -7.90
C GLU D 89 43.44 18.07 -8.32
N LYS D 90 42.98 17.11 -7.51
CA LYS D 90 41.75 16.39 -7.84
C LYS D 90 40.52 17.28 -7.79
N GLY D 91 40.61 18.46 -7.15
CA GLY D 91 39.47 19.36 -7.12
C GLY D 91 39.28 20.10 -8.42
N GLU D 92 40.34 20.25 -9.22
CA GLU D 92 40.26 20.92 -10.51
C GLU D 92 40.83 20.09 -11.65
N LYS D 93 41.12 18.80 -11.41
CA LYS D 93 41.61 17.95 -12.48
C LYS D 93 40.56 17.76 -13.56
N THR D 94 39.30 17.61 -13.16
CA THR D 94 38.22 17.48 -14.14
C THR D 94 38.06 18.76 -14.96
N GLU D 95 38.17 19.92 -14.31
CA GLU D 95 38.08 21.18 -15.04
C GLU D 95 39.25 21.35 -16.01
N ALA D 96 40.45 20.96 -15.59
CA ALA D 96 41.60 21.06 -16.48
C ALA D 96 41.46 20.12 -17.67
N ALA D 97 40.96 18.90 -17.43
CA ALA D 97 40.76 17.96 -18.53
C ALA D 97 39.67 18.46 -19.47
N ARG D 98 38.61 19.07 -18.94
CA ARG D 98 37.57 19.64 -19.78
C ARG D 98 38.10 20.78 -20.62
N GLN D 99 38.93 21.64 -20.04
CA GLN D 99 39.53 22.74 -20.80
C GLN D 99 40.44 22.22 -21.90
N TYR D 100 41.23 21.18 -21.60
CA TYR D 100 42.09 20.58 -22.62
C TYR D 100 41.28 19.96 -23.74
N MET D 101 40.19 19.27 -23.39
CA MET D 101 39.33 18.67 -24.40
C MET D 101 38.67 19.73 -25.27
N CYS D 102 38.27 20.86 -24.67
CA CYS D 102 37.66 21.94 -25.44
C CYS D 102 38.69 22.59 -26.35
N SER D 103 39.93 22.73 -25.88
CA SER D 103 40.97 23.33 -26.70
C SER D 103 41.46 22.40 -27.80
N ARG D 104 41.30 21.09 -27.63
CA ARG D 104 41.74 20.11 -28.61
C ARG D 104 40.61 19.60 -29.49
N TYR D 105 39.53 19.10 -28.89
CA TYR D 105 38.43 18.53 -29.65
C TYR D 105 37.52 19.64 -30.20
N TYR D 106 37.14 19.49 -31.46
CA TYR D 106 36.16 20.41 -32.07
C TYR D 106 34.73 19.94 -31.87
N ASP D 107 34.52 18.63 -31.71
CA ASP D 107 33.18 18.11 -31.46
C ASP D 107 32.60 18.68 -30.17
N ILE D 108 33.35 18.60 -29.08
CA ILE D 108 32.89 19.13 -27.80
C ILE D 108 32.64 20.63 -27.90
N ARG D 109 33.43 21.34 -28.71
CA ARG D 109 33.15 22.75 -28.97
C ARG D 109 31.83 22.92 -29.70
N THR D 110 31.50 21.99 -30.59
CA THR D 110 30.21 22.02 -31.29
C THR D 110 29.13 21.36 -30.44
N PHE D 111 29.18 20.03 -30.33
CA PHE D 111 28.26 19.26 -29.50
C PHE D 111 29.06 18.56 -28.41
N GLY D 112 28.90 19.02 -27.17
CA GLY D 112 29.68 18.47 -26.08
C GLY D 112 29.43 16.99 -25.86
N ALA D 113 30.37 16.37 -25.15
CA ALA D 113 30.31 14.95 -24.84
C ALA D 113 30.42 14.75 -23.33
N VAL D 114 29.87 13.63 -22.86
CA VAL D 114 29.91 13.32 -21.44
C VAL D 114 31.30 12.86 -21.05
N MET D 115 31.64 13.05 -19.77
CA MET D 115 32.91 12.61 -19.23
C MET D 115 32.74 11.59 -18.11
N THR D 116 31.52 11.26 -17.72
CA THR D 116 31.24 10.34 -16.63
C THR D 116 31.20 8.88 -17.08
N THR D 117 31.78 8.56 -18.24
CA THR D 117 31.81 7.19 -18.72
C THR D 117 32.85 6.36 -17.98
N GLY D 118 34.13 6.66 -18.23
CA GLY D 118 35.20 5.96 -17.55
C GLY D 118 35.83 6.78 -16.44
N LYS D 119 36.53 7.84 -16.82
CA LYS D 119 37.18 8.75 -15.87
C LYS D 119 36.49 10.09 -15.94
N ASN D 120 35.94 10.54 -14.81
CA ASN D 120 35.22 11.81 -14.76
C ASN D 120 36.16 12.97 -15.09
N ALA D 121 35.76 13.81 -16.02
CA ALA D 121 36.58 14.93 -16.48
C ALA D 121 35.73 16.16 -16.73
N GLY D 122 34.69 16.35 -15.91
CA GLY D 122 33.85 17.52 -16.02
C GLY D 122 32.48 17.22 -16.60
N GLN D 123 31.85 18.27 -17.11
CA GLN D 123 30.50 18.17 -17.68
C GLN D 123 30.30 19.32 -18.64
N VAL D 124 30.15 19.00 -19.92
CA VAL D 124 29.98 20.00 -20.98
C VAL D 124 28.59 19.83 -21.59
N ARG D 125 27.87 20.95 -21.73
CA ARG D 125 26.55 20.92 -22.35
C ARG D 125 26.59 21.22 -23.84
N GLY D 126 27.36 22.24 -24.23
CA GLY D 126 27.48 22.60 -25.62
C GLY D 126 26.74 23.88 -25.97
N PRO D 127 27.49 24.89 -26.43
CA PRO D 127 26.85 26.16 -26.80
C PRO D 127 26.02 26.04 -28.06
N VAL D 128 26.55 25.32 -29.06
CA VAL D 128 25.84 25.11 -30.31
C VAL D 128 24.97 23.87 -30.17
N GLN D 129 23.65 24.06 -30.14
CA GLN D 129 22.70 22.96 -29.97
C GLN D 129 21.58 23.11 -30.99
N LEU D 130 21.43 22.11 -31.85
CA LEU D 130 20.34 22.09 -32.81
C LEU D 130 19.14 21.37 -32.19
N THR D 131 18.11 21.11 -33.00
CA THR D 131 16.90 20.47 -32.50
C THR D 131 16.47 19.40 -33.48
N PHE D 132 15.44 18.64 -33.07
CA PHE D 132 14.89 17.58 -33.90
C PHE D 132 14.10 18.20 -35.05
N SER D 133 14.61 18.07 -36.27
CA SER D 133 13.95 18.66 -37.42
C SER D 133 12.69 17.87 -37.78
N ARG D 134 11.61 18.60 -38.05
CA ARG D 134 10.32 18.01 -38.38
C ARG D 134 9.86 18.51 -39.74
N SER D 135 9.18 17.63 -40.48
CA SER D 135 8.68 18.00 -41.80
C SER D 135 7.47 18.92 -41.67
N ILE D 136 6.99 19.40 -42.81
CA ILE D 136 5.85 20.32 -42.84
C ILE D 136 4.58 19.55 -43.22
N ASP D 137 4.50 19.13 -44.49
CA ASP D 137 3.33 18.40 -44.94
C ASP D 137 3.42 16.93 -44.54
N PRO D 138 2.29 16.28 -44.30
CA PRO D 138 2.31 14.86 -43.91
C PRO D 138 2.85 14.00 -45.03
N ILE D 139 3.90 13.24 -44.72
CA ILE D 139 4.53 12.36 -45.69
C ILE D 139 3.86 10.98 -45.63
N MET D 140 3.85 10.31 -46.78
CA MET D 140 3.24 8.98 -46.92
C MET D 140 4.31 8.02 -47.42
N THR D 141 4.85 7.20 -46.53
CA THR D 141 5.86 6.22 -46.89
C THR D 141 5.20 5.02 -47.54
N LEU D 142 5.61 4.71 -48.77
CA LEU D 142 5.03 3.59 -49.51
C LEU D 142 5.57 2.24 -49.07
N GLU D 143 6.55 2.21 -48.17
CA GLU D 143 7.16 0.97 -47.68
C GLU D 143 7.71 0.14 -48.83
N HIS D 144 8.71 0.71 -49.50
CA HIS D 144 9.32 0.06 -50.66
C HIS D 144 10.15 -1.15 -50.24
N SER D 145 9.62 -2.35 -50.49
CA SER D 145 10.32 -3.57 -50.14
C SER D 145 11.16 -4.07 -51.31
N ILE D 146 12.17 -4.88 -50.99
CA ILE D 146 13.09 -5.42 -51.99
C ILE D 146 13.38 -6.88 -51.70
N THR D 147 14.17 -7.52 -52.57
CA THR D 147 14.51 -8.92 -52.44
C THR D 147 16.00 -9.09 -52.75
N ARG D 148 16.45 -10.34 -52.80
CA ARG D 148 17.85 -10.63 -53.06
C ARG D 148 17.97 -12.05 -53.60
N MET D 149 18.92 -12.26 -54.51
CA MET D 149 19.18 -13.55 -55.13
C MET D 149 19.98 -14.49 -54.23
N ALA D 150 20.86 -13.95 -53.39
CA ALA D 150 21.72 -14.76 -52.54
C ALA D 150 21.20 -14.70 -51.10
N VAL D 151 21.81 -15.51 -50.25
CA VAL D 151 21.41 -15.58 -48.84
C VAL D 151 22.42 -14.83 -48.00
N THR D 152 22.00 -14.46 -46.78
CA THR D 152 22.88 -13.74 -45.87
C THR D 152 23.76 -14.70 -45.07
N ASN D 153 23.14 -15.63 -44.35
CA ASN D 153 23.88 -16.59 -43.54
C ASN D 153 23.35 -18.00 -43.74
N GLU D 154 23.80 -18.93 -42.90
CA GLU D 154 23.36 -20.33 -42.99
C GLU D 154 22.16 -20.54 -42.07
N LYS D 155 21.05 -19.92 -42.45
CA LYS D 155 19.82 -20.01 -41.70
C LYS D 155 18.97 -21.18 -42.21
N ASP D 156 17.74 -21.28 -41.70
CA ASP D 156 16.85 -22.35 -42.12
C ASP D 156 16.20 -22.08 -43.47
N ALA D 157 16.27 -20.83 -43.96
CA ALA D 157 15.68 -20.46 -45.24
C ALA D 157 16.65 -20.65 -46.39
N SER D 158 17.76 -21.34 -46.17
CA SER D 158 18.75 -21.58 -47.24
C SER D 158 18.50 -22.91 -47.93
N GLU D 159 17.28 -23.10 -48.44
CA GLU D 159 16.92 -24.32 -49.12
C GLU D 159 17.39 -24.28 -50.57
N THR D 160 17.13 -25.37 -51.30
CA THR D 160 17.54 -25.47 -52.70
C THR D 160 16.61 -24.71 -53.65
N GLY D 161 15.53 -24.13 -53.14
CA GLY D 161 14.61 -23.39 -53.99
C GLY D 161 15.18 -22.07 -54.46
N ASP D 162 15.20 -21.08 -53.58
CA ASP D 162 15.74 -19.76 -53.92
C ASP D 162 16.22 -19.10 -52.63
N ASN D 163 17.52 -18.87 -52.53
CA ASN D 163 18.12 -18.25 -51.35
C ASN D 163 17.75 -16.77 -51.34
N ARG D 164 16.55 -16.48 -50.84
CA ARG D 164 16.03 -15.12 -50.80
C ARG D 164 15.75 -14.73 -49.36
N THR D 165 16.44 -13.70 -48.88
CA THR D 165 16.22 -13.15 -47.55
C THR D 165 15.26 -11.97 -47.55
N MET D 166 14.67 -11.65 -48.71
CA MET D 166 13.72 -10.56 -48.84
C MET D 166 14.32 -9.23 -48.40
N GLY D 167 14.04 -8.82 -47.17
CA GLY D 167 14.49 -7.54 -46.68
C GLY D 167 13.59 -6.40 -47.13
N ARG D 168 13.85 -5.22 -46.57
CA ARG D 168 13.06 -4.05 -46.86
C ARG D 168 13.96 -2.82 -46.92
N LYS D 169 13.44 -1.76 -47.54
CA LYS D 169 14.15 -0.49 -47.64
C LYS D 169 13.16 0.66 -47.78
N PHE D 170 12.52 1.03 -46.69
CA PHE D 170 11.50 2.08 -46.72
C PHE D 170 12.14 3.42 -47.03
N THR D 171 11.65 4.08 -48.08
CA THR D 171 12.17 5.36 -48.52
C THR D 171 11.05 6.40 -48.54
N VAL D 172 11.25 7.50 -47.85
CA VAL D 172 10.28 8.60 -47.86
C VAL D 172 10.28 9.24 -49.24
N PRO D 173 9.12 9.45 -49.86
CA PRO D 173 9.11 10.01 -51.22
C PRO D 173 9.74 11.39 -51.31
N TYR D 174 9.38 12.30 -50.41
CA TYR D 174 9.96 13.64 -50.40
C TYR D 174 9.65 14.29 -49.06
N GLY D 175 10.58 15.10 -48.58
CA GLY D 175 10.39 15.80 -47.32
C GLY D 175 11.30 17.00 -47.22
N LEU D 176 10.88 17.96 -46.39
CA LEU D 176 11.67 19.16 -46.12
C LEU D 176 11.65 19.39 -44.61
N TYR D 177 12.71 18.97 -43.93
CA TYR D 177 12.76 19.04 -42.48
C TYR D 177 13.31 20.39 -42.04
N ARG D 178 12.63 20.98 -41.04
CA ARG D 178 12.95 22.30 -40.52
C ARG D 178 13.38 22.19 -39.06
N CYS D 179 14.53 22.78 -38.75
CA CYS D 179 15.07 22.75 -37.39
C CYS D 179 15.44 24.16 -36.96
N HIS D 180 15.45 24.36 -35.64
CA HIS D 180 15.82 25.63 -35.02
C HIS D 180 17.00 25.38 -34.10
N GLY D 181 18.17 25.92 -34.47
CA GLY D 181 19.38 25.75 -33.68
C GLY D 181 19.81 27.02 -32.99
N PHE D 182 20.38 26.85 -31.80
CA PHE D 182 20.81 27.95 -30.95
C PHE D 182 22.31 27.90 -30.75
N ILE D 183 22.91 29.09 -30.61
CA ILE D 183 24.34 29.23 -30.31
C ILE D 183 24.46 30.33 -29.27
N SER D 184 24.79 29.95 -28.04
CA SER D 184 24.91 30.88 -26.93
C SER D 184 26.38 31.21 -26.67
N THR D 185 26.60 32.06 -25.67
CA THR D 185 27.95 32.47 -25.30
C THR D 185 28.37 31.97 -23.93
N HIS D 186 27.43 31.56 -23.08
CA HIS D 186 27.77 31.08 -21.75
C HIS D 186 28.68 29.87 -21.81
N PHE D 187 28.43 28.96 -22.74
CA PHE D 187 29.30 27.80 -22.93
C PHE D 187 30.38 28.05 -23.96
N ALA D 188 30.19 29.01 -24.87
CA ALA D 188 31.21 29.32 -25.86
C ALA D 188 32.42 30.01 -25.23
N LYS D 189 32.19 30.79 -24.16
CA LYS D 189 33.30 31.44 -23.47
C LYS D 189 34.15 30.44 -22.69
N GLN D 190 33.61 29.25 -22.41
CA GLN D 190 34.37 28.22 -21.70
C GLN D 190 34.93 27.16 -22.63
N THR D 191 34.27 26.88 -23.75
CA THR D 191 34.75 25.88 -24.70
C THR D 191 35.69 26.45 -25.75
N GLY D 192 35.82 27.78 -25.83
CA GLY D 192 36.72 28.39 -26.79
C GLY D 192 36.19 28.37 -28.21
N PHE D 193 34.99 28.91 -28.40
CA PHE D 193 34.36 28.96 -29.73
C PHE D 193 34.63 30.34 -30.34
N SER D 194 35.49 30.38 -31.35
CA SER D 194 35.86 31.62 -32.00
C SER D 194 35.09 31.77 -33.32
N GLU D 195 35.48 32.76 -34.11
CA GLU D 195 34.81 33.00 -35.39
C GLU D 195 35.14 31.92 -36.41
N ASN D 196 36.36 31.37 -36.36
CA ASN D 196 36.73 30.30 -37.28
C ASN D 196 35.88 29.06 -37.04
N ASP D 197 35.62 28.73 -35.77
CA ASP D 197 34.76 27.59 -35.46
C ASP D 197 33.34 27.83 -35.96
N LEU D 198 32.85 29.07 -35.84
CA LEU D 198 31.51 29.39 -36.35
C LEU D 198 31.45 29.26 -37.86
N GLU D 199 32.49 29.73 -38.56
CA GLU D 199 32.52 29.60 -40.01
C GLU D 199 32.60 28.14 -40.43
N LEU D 200 33.36 27.33 -39.70
CA LEU D 200 33.42 25.90 -40.00
C LEU D 200 32.07 25.24 -39.76
N PHE D 201 31.37 25.62 -38.70
CA PHE D 201 30.05 25.07 -38.43
C PHE D 201 29.06 25.46 -39.52
N TRP D 202 29.13 26.71 -40.00
CA TRP D 202 28.25 27.12 -41.09
C TRP D 202 28.56 26.37 -42.37
N GLN D 203 29.85 26.20 -42.70
CA GLN D 203 30.23 25.42 -43.87
C GLN D 203 29.73 23.99 -43.76
N ALA D 204 29.81 23.41 -42.57
CA ALA D 204 29.27 22.07 -42.35
C ALA D 204 27.76 22.05 -42.59
N LEU D 205 27.03 22.98 -41.96
CA LEU D 205 25.59 23.01 -42.10
C LEU D 205 25.15 23.21 -43.55
N VAL D 206 25.97 23.88 -44.36
CA VAL D 206 25.58 24.14 -45.74
C VAL D 206 26.12 23.13 -46.75
N ASN D 207 27.11 22.30 -46.37
CA ASN D 207 27.68 21.38 -47.35
C ASN D 207 27.98 20.00 -46.77
N MET D 208 27.26 19.59 -45.71
CA MET D 208 27.44 18.25 -45.18
C MET D 208 26.51 17.24 -45.82
N PHE D 209 25.46 17.67 -46.51
CA PHE D 209 24.54 16.75 -47.16
C PHE D 209 25.01 16.33 -48.54
N ASP D 210 25.96 17.06 -49.14
CA ASP D 210 26.47 16.70 -50.45
C ASP D 210 27.51 15.59 -50.41
N HIS D 211 28.06 15.30 -49.23
CA HIS D 211 29.06 14.25 -49.06
C HIS D 211 28.51 13.02 -48.37
N ASP D 212 27.78 13.20 -47.26
CA ASP D 212 27.21 12.08 -46.51
C ASP D 212 25.96 11.59 -47.25
N HIS D 213 26.19 10.68 -48.19
CA HIS D 213 25.12 10.09 -48.98
C HIS D 213 25.14 8.58 -48.85
N SER D 214 23.99 7.97 -49.09
CA SER D 214 23.85 6.52 -49.01
C SER D 214 22.63 6.10 -49.81
N ALA D 215 22.54 4.79 -50.08
CA ALA D 215 21.40 4.25 -50.80
C ALA D 215 20.14 4.23 -49.95
N ALA D 216 20.27 4.16 -48.63
CA ALA D 216 19.10 4.16 -47.77
C ALA D 216 18.51 5.56 -47.63
N ARG D 217 19.35 6.57 -47.43
CA ARG D 217 18.88 7.95 -47.30
C ARG D 217 18.63 8.61 -48.65
N GLY D 218 19.07 7.99 -49.74
CA GLY D 218 18.84 8.55 -51.06
C GLY D 218 19.62 9.82 -51.33
N GLN D 219 18.91 10.94 -51.48
CA GLN D 219 19.51 12.23 -51.76
C GLN D 219 19.21 13.18 -50.60
N MET D 220 20.25 13.85 -50.12
CA MET D 220 20.13 14.82 -49.05
C MET D 220 20.72 16.14 -49.49
N ASN D 221 19.96 17.22 -49.34
CA ASN D 221 20.39 18.55 -49.74
C ASN D 221 20.05 19.55 -48.65
N ALA D 222 20.73 20.69 -48.68
CA ALA D 222 20.48 21.79 -47.74
C ALA D 222 19.80 22.91 -48.50
N ARG D 223 18.52 23.14 -48.21
CA ARG D 223 17.74 24.14 -48.94
C ARG D 223 18.08 25.55 -48.46
N GLY D 224 17.80 25.86 -47.20
CA GLY D 224 18.02 27.20 -46.69
C GLY D 224 18.52 27.19 -45.25
N LEU D 225 19.26 28.24 -44.91
CA LEU D 225 19.80 28.41 -43.56
C LEU D 225 19.75 29.91 -43.25
N TYR D 226 18.72 30.33 -42.52
CA TYR D 226 18.51 31.72 -42.17
C TYR D 226 18.94 31.94 -40.72
N VAL D 227 20.01 32.70 -40.53
CA VAL D 227 20.58 32.93 -39.21
C VAL D 227 20.26 34.36 -38.77
N PHE D 228 19.91 34.51 -37.50
CA PHE D 228 19.70 35.82 -36.88
C PHE D 228 20.67 35.95 -35.71
N GLU D 229 21.45 37.03 -35.73
CA GLU D 229 22.46 37.29 -34.71
C GLU D 229 21.99 38.41 -33.80
N HIS D 230 22.08 38.18 -32.48
CA HIS D 230 21.67 39.16 -31.50
C HIS D 230 22.72 40.24 -31.33
N SER D 231 23.25 40.39 -30.11
CA SER D 231 24.27 41.39 -29.83
C SER D 231 25.10 41.01 -28.61
N ASN D 232 24.44 40.85 -27.47
CA ASN D 232 25.09 40.49 -26.22
C ASN D 232 24.68 39.08 -25.80
N ASN D 233 25.00 38.72 -24.56
CA ASN D 233 24.64 37.40 -24.05
C ASN D 233 23.15 37.28 -23.79
N LEU D 234 22.51 38.36 -23.33
CA LEU D 234 21.09 38.35 -23.07
C LEU D 234 20.30 38.37 -24.37
N GLY D 235 19.23 37.59 -24.42
CA GLY D 235 18.39 37.53 -25.61
C GLY D 235 17.58 38.80 -25.82
N ASP D 236 17.95 39.57 -26.84
CA ASP D 236 17.24 40.81 -27.13
C ASP D 236 15.85 40.55 -27.70
N ALA D 237 15.59 39.37 -28.25
CA ALA D 237 14.30 39.02 -28.81
C ALA D 237 14.04 37.55 -28.54
N PRO D 238 12.77 37.16 -28.35
CA PRO D 238 12.47 35.74 -28.13
C PRO D 238 12.82 34.90 -29.34
N ALA D 239 13.18 33.64 -29.09
CA ALA D 239 13.57 32.75 -30.18
C ALA D 239 12.37 32.40 -31.05
N ASP D 240 11.22 32.12 -30.43
CA ASP D 240 10.03 31.78 -31.20
C ASP D 240 9.52 32.96 -32.00
N SER D 241 9.78 34.19 -31.53
CA SER D 241 9.36 35.37 -32.27
C SER D 241 10.13 35.51 -33.57
N LEU D 242 11.34 34.97 -33.64
CA LEU D 242 12.13 34.99 -34.86
C LEU D 242 11.98 33.72 -35.69
N PHE D 243 11.63 32.60 -35.05
CA PHE D 243 11.45 31.36 -35.79
C PHE D 243 10.17 31.38 -36.61
N LYS D 244 9.15 32.11 -36.16
CA LYS D 244 7.89 32.19 -36.90
C LYS D 244 7.96 33.11 -38.11
N ARG D 245 9.05 33.87 -38.26
CA ARG D 245 9.18 34.76 -39.41
C ARG D 245 9.41 33.96 -40.69
N ILE D 246 10.28 32.96 -40.65
CA ILE D 246 10.57 32.11 -41.79
C ILE D 246 9.73 30.84 -41.64
N GLN D 247 8.84 30.60 -42.60
CA GLN D 247 7.96 29.44 -42.56
C GLN D 247 7.91 28.77 -43.93
N VAL D 248 7.46 27.52 -43.93
CA VAL D 248 7.29 26.74 -45.15
C VAL D 248 5.82 26.37 -45.26
N VAL D 249 5.22 26.61 -46.43
CA VAL D 249 3.81 26.36 -46.67
C VAL D 249 3.64 25.72 -48.04
N LYS D 250 2.44 25.22 -48.29
CA LYS D 250 2.11 24.66 -49.59
C LYS D 250 1.83 25.77 -50.59
N LYS D 251 2.10 25.47 -51.86
CA LYS D 251 1.94 26.47 -52.92
C LYS D 251 0.47 26.62 -53.31
N ASP D 252 0.18 26.44 -54.60
CA ASP D 252 -1.18 26.63 -55.11
C ASP D 252 -2.04 25.40 -54.85
N GLY D 253 -2.98 25.13 -55.76
CA GLY D 253 -3.88 24.00 -55.60
C GLY D 253 -3.21 22.66 -55.79
N VAL D 254 -2.48 22.21 -54.77
CA VAL D 254 -1.80 20.92 -54.80
C VAL D 254 -2.20 20.12 -53.56
N GLU D 255 -2.24 18.80 -53.72
CA GLU D 255 -2.61 17.91 -52.62
C GLU D 255 -1.42 17.41 -51.83
N VAL D 256 -0.27 17.22 -52.48
CA VAL D 256 0.94 16.75 -51.83
C VAL D 256 2.13 17.55 -52.39
N VAL D 257 3.30 17.32 -51.82
CA VAL D 257 4.53 17.98 -52.24
C VAL D 257 5.57 16.91 -52.53
N ARG D 258 6.13 16.94 -53.75
CA ARG D 258 7.11 15.97 -54.17
C ARG D 258 8.45 16.60 -54.57
N SER D 259 8.53 17.93 -54.63
CA SER D 259 9.75 18.62 -55.01
C SER D 259 9.75 20.01 -54.39
N PHE D 260 10.78 20.79 -54.70
CA PHE D 260 10.88 22.14 -54.19
C PHE D 260 9.91 23.10 -54.89
N ASP D 261 9.35 22.70 -56.03
CA ASP D 261 8.42 23.54 -56.77
C ASP D 261 7.05 23.66 -56.11
N ASP D 262 6.83 22.99 -54.98
CA ASP D 262 5.55 23.06 -54.28
C ASP D 262 5.67 23.58 -52.85
N TYR D 263 6.87 23.94 -52.39
CA TYR D 263 7.07 24.43 -51.04
C TYR D 263 7.45 25.91 -51.09
N LEU D 264 6.53 26.76 -50.67
CA LEU D 264 6.75 28.20 -50.62
C LEU D 264 7.40 28.56 -49.30
N VAL D 265 8.54 29.24 -49.36
CA VAL D 265 9.28 29.67 -48.18
C VAL D 265 8.97 31.14 -47.97
N SER D 266 8.16 31.44 -46.96
CA SER D 266 7.76 32.81 -46.65
C SER D 266 8.69 33.38 -45.59
N VAL D 267 9.27 34.54 -45.88
CA VAL D 267 10.17 35.22 -44.95
C VAL D 267 9.50 36.50 -44.48
N ASP D 268 9.85 36.93 -43.27
CA ASP D 268 9.28 38.13 -42.69
C ASP D 268 10.38 39.11 -42.27
N ASP D 269 11.23 39.50 -43.21
CA ASP D 269 12.31 40.45 -42.94
C ASP D 269 11.73 41.86 -42.96
N LYS D 270 11.04 42.20 -41.87
CA LYS D 270 10.39 43.50 -41.77
C LYS D 270 10.59 44.10 -40.38
N ASN D 271 10.50 43.28 -39.33
CA ASN D 271 10.66 43.75 -37.97
C ASN D 271 11.70 42.94 -37.23
N LEU D 272 12.98 43.14 -37.57
CA LEU D 272 14.07 42.46 -36.89
C LEU D 272 15.38 43.20 -37.09
N GLU D 273 15.34 44.30 -37.84
CA GLU D 273 16.52 45.10 -38.13
C GLU D 273 16.87 46.09 -37.01
N GLU D 274 16.20 45.99 -35.86
CA GLU D 274 16.48 46.91 -34.78
C GLU D 274 17.82 46.63 -34.12
N THR D 275 18.13 45.35 -33.88
CA THR D 275 19.39 44.97 -33.26
C THR D 275 19.94 43.70 -33.90
N LYS D 276 19.07 42.73 -34.17
CA LYS D 276 19.51 41.48 -34.78
C LYS D 276 19.90 41.69 -36.23
N LEU D 277 20.80 40.85 -36.72
CA LEU D 277 21.24 40.87 -38.11
C LEU D 277 20.87 39.55 -38.77
N LEU D 278 20.29 39.63 -39.96
CA LEU D 278 19.82 38.45 -40.69
C LEU D 278 20.82 38.10 -41.78
N ARG D 279 21.08 36.81 -41.95
CA ARG D 279 21.97 36.33 -43.00
C ARG D 279 21.45 35.00 -43.54
N LYS D 280 21.78 34.73 -44.80
CA LYS D 280 21.38 33.51 -45.47
C LYS D 280 22.62 32.84 -46.04
N LEU D 281 22.80 31.55 -45.72
CA LEU D 281 23.94 30.77 -46.17
C LEU D 281 23.56 29.56 -47.01
N GLY D 282 22.41 28.96 -46.74
CA GLY D 282 21.98 27.80 -47.50
C GLY D 282 21.26 28.16 -48.78
N GLY D 283 20.31 29.08 -48.69
CA GLY D 283 19.54 29.51 -49.85
C GLY D 283 19.29 31.00 -49.88
N THR E 1 42.39 6.16 -55.61
CA THR E 1 41.95 7.24 -54.74
C THR E 1 41.77 8.54 -55.52
N ILE E 2 40.53 8.82 -55.91
CA ILE E 2 40.24 10.04 -56.66
C ILE E 2 40.27 11.23 -55.72
N GLU E 3 40.92 12.31 -56.16
CA GLU E 3 41.06 13.52 -55.37
C GLU E 3 40.14 14.64 -55.85
N LYS E 4 39.09 14.31 -56.58
CA LYS E 4 38.14 15.29 -57.10
C LYS E 4 36.73 14.79 -56.86
N ARG E 5 35.82 15.73 -56.57
CA ARG E 5 34.42 15.40 -56.34
C ARG E 5 33.68 15.36 -57.67
N TYR E 6 32.78 14.38 -57.81
CA TYR E 6 32.00 14.19 -59.02
C TYR E 6 30.54 14.01 -58.65
N ASP E 7 29.67 14.84 -59.23
CA ASP E 7 28.24 14.75 -59.04
C ASP E 7 27.58 14.52 -60.40
N PHE E 8 27.00 13.35 -60.59
CA PHE E 8 26.44 12.96 -61.89
C PHE E 8 24.93 12.82 -61.80
N VAL E 9 24.23 13.41 -62.75
CA VAL E 9 22.79 13.24 -62.91
C VAL E 9 22.54 12.41 -64.15
N PHE E 10 21.68 11.40 -64.01
CA PHE E 10 21.43 10.42 -65.06
C PHE E 10 19.95 10.41 -65.40
N LEU E 11 19.62 10.79 -66.63
CA LEU E 11 18.27 10.73 -67.15
C LEU E 11 18.19 9.57 -68.13
N PHE E 12 17.36 8.58 -67.82
CA PHE E 12 17.21 7.40 -68.67
C PHE E 12 15.74 7.12 -68.93
N ASP E 13 15.41 6.81 -70.17
CA ASP E 13 14.04 6.60 -70.60
C ASP E 13 13.78 5.11 -70.82
N VAL E 14 12.62 4.65 -70.37
CA VAL E 14 12.16 3.29 -70.56
C VAL E 14 10.86 3.32 -71.34
N GLN E 15 10.71 2.40 -72.29
CA GLN E 15 9.53 2.36 -73.14
C GLN E 15 8.45 1.49 -72.51
N ASP E 16 8.16 0.34 -73.11
CA ASP E 16 7.12 -0.57 -72.63
C ASP E 16 7.77 -1.70 -71.84
N GLY E 17 7.41 -1.82 -70.58
CA GLY E 17 7.95 -2.86 -69.74
C GLY E 17 7.71 -2.54 -68.27
N ASN E 18 8.40 -3.29 -67.42
CA ASN E 18 8.30 -3.14 -65.97
C ASN E 18 9.63 -2.67 -65.41
N PRO E 19 9.82 -1.38 -65.13
CA PRO E 19 11.11 -0.93 -64.59
C PRO E 19 11.36 -1.39 -63.16
N ASN E 20 10.37 -1.24 -62.28
CA ASN E 20 10.51 -1.66 -60.89
C ASN E 20 9.13 -1.78 -60.28
N GLY E 21 8.81 -2.96 -59.73
CA GLY E 21 7.50 -3.19 -59.15
C GLY E 21 7.45 -2.94 -57.65
N ASP E 22 6.23 -2.76 -57.15
CA ASP E 22 6.00 -2.50 -55.74
C ASP E 22 5.43 -3.75 -55.08
N PRO E 23 6.14 -4.33 -54.10
CA PRO E 23 5.69 -5.63 -53.56
C PRO E 23 4.41 -5.56 -52.76
N ASP E 24 4.08 -4.41 -52.16
CA ASP E 24 2.90 -4.33 -51.32
C ASP E 24 1.61 -4.54 -52.09
N ALA E 25 1.59 -4.20 -53.38
CA ALA E 25 0.41 -4.36 -54.22
C ALA E 25 0.46 -5.65 -55.03
N GLY E 26 1.50 -6.45 -54.83
CA GLY E 26 1.65 -7.70 -55.55
C GLY E 26 2.68 -7.62 -56.66
N ASN E 27 2.36 -6.90 -57.74
CA ASN E 27 3.30 -6.75 -58.84
C ASN E 27 3.17 -5.40 -59.55
N LEU E 28 2.39 -4.46 -59.03
CA LEU E 28 2.25 -3.17 -59.68
C LEU E 28 3.56 -2.38 -59.57
N PRO E 29 3.85 -1.53 -60.55
CA PRO E 29 5.08 -0.74 -60.48
C PRO E 29 5.06 0.23 -59.30
N ARG E 30 6.24 0.74 -58.96
CA ARG E 30 6.38 1.66 -57.84
C ARG E 30 5.82 3.03 -58.20
N ILE E 31 4.50 3.15 -58.25
CA ILE E 31 3.82 4.41 -58.56
C ILE E 31 3.32 5.01 -57.25
N ASP E 32 3.68 6.27 -57.01
CA ASP E 32 3.25 6.95 -55.79
C ASP E 32 1.76 7.24 -55.85
N PRO E 33 0.96 6.75 -54.90
CA PRO E 33 -0.49 7.03 -54.94
C PRO E 33 -0.84 8.48 -54.68
N GLN E 34 0.11 9.31 -54.26
CA GLN E 34 -0.13 10.72 -53.98
C GLN E 34 0.03 11.61 -55.19
N THR E 35 0.97 11.28 -56.09
CA THR E 35 1.23 12.08 -57.28
C THR E 35 1.14 11.31 -58.58
N GLY E 36 1.13 9.98 -58.54
CA GLY E 36 1.04 9.17 -59.75
C GLY E 36 2.34 8.96 -60.48
N GLU E 37 3.45 9.46 -59.95
CA GLU E 37 4.74 9.29 -60.61
C GLU E 37 5.38 7.96 -60.22
N GLY E 38 6.20 7.42 -61.14
CA GLY E 38 6.88 6.17 -60.90
C GLY E 38 8.06 6.32 -59.96
N LEU E 39 8.74 5.19 -59.74
CA LEU E 39 9.90 5.16 -58.86
C LEU E 39 10.76 3.96 -59.23
N VAL E 40 12.08 4.17 -59.20
CA VAL E 40 13.05 3.12 -59.52
C VAL E 40 14.08 3.08 -58.40
N THR E 41 14.25 1.91 -57.79
CA THR E 41 15.21 1.76 -56.71
C THR E 41 16.64 1.79 -57.24
N ASP E 42 17.59 2.01 -56.32
CA ASP E 42 18.99 2.08 -56.70
C ASP E 42 19.62 0.69 -56.83
N VAL E 43 19.03 -0.31 -56.16
CA VAL E 43 19.60 -1.66 -56.21
C VAL E 43 19.52 -2.23 -57.62
N CYS E 44 18.52 -1.82 -58.40
CA CYS E 44 18.42 -2.29 -59.78
C CYS E 44 19.60 -1.79 -60.61
N LEU E 45 19.90 -0.49 -60.52
CA LEU E 45 21.04 0.06 -61.24
C LEU E 45 22.35 -0.52 -60.71
N LYS E 46 22.43 -0.76 -59.41
CA LYS E 46 23.62 -1.38 -58.83
C LYS E 46 23.87 -2.76 -59.43
N ARG E 47 22.83 -3.60 -59.45
CA ARG E 47 22.97 -4.94 -60.01
C ARG E 47 23.22 -4.90 -61.51
N LYS E 48 22.66 -3.91 -62.22
CA LYS E 48 22.93 -3.78 -63.64
C LYS E 48 24.40 -3.43 -63.90
N VAL E 49 24.95 -2.50 -63.12
CA VAL E 49 26.36 -2.16 -63.25
C VAL E 49 27.22 -3.37 -62.90
N ARG E 50 26.83 -4.13 -61.88
CA ARG E 50 27.58 -5.32 -61.50
C ARG E 50 27.58 -6.35 -62.64
N ASN E 51 26.42 -6.57 -63.25
CA ASN E 51 26.33 -7.52 -64.36
C ASN E 51 27.14 -7.05 -65.56
N PHE E 52 27.16 -5.73 -65.81
CA PHE E 52 27.98 -5.22 -66.90
C PHE E 52 29.46 -5.43 -66.62
N ILE E 53 29.90 -5.18 -65.38
CA ILE E 53 31.30 -5.39 -65.04
C ILE E 53 31.65 -6.87 -65.15
N GLN E 54 30.72 -7.75 -64.80
CA GLN E 54 30.96 -9.19 -64.96
C GLN E 54 31.07 -9.56 -66.43
N MET E 55 30.24 -8.96 -67.29
CA MET E 55 30.32 -9.23 -68.71
C MET E 55 31.62 -8.69 -69.31
N THR E 56 32.16 -7.61 -68.74
CA THR E 56 33.41 -7.03 -69.24
C THR E 56 34.61 -7.67 -68.54
N GLN E 57 34.87 -7.26 -67.30
CA GLN E 57 36.04 -7.71 -66.57
C GLN E 57 35.84 -9.13 -66.01
N ASN E 58 35.46 -9.21 -64.73
CA ASN E 58 35.30 -10.48 -64.03
C ASN E 58 36.59 -11.29 -64.06
N ASP E 59 37.55 -10.82 -63.28
CA ASP E 59 38.85 -11.47 -63.17
C ASP E 59 39.51 -11.15 -61.83
N GLU E 60 40.80 -10.82 -61.86
CA GLU E 60 41.51 -10.48 -60.64
C GLU E 60 41.14 -9.07 -60.20
N HIS E 61 40.89 -8.91 -58.90
CA HIS E 61 40.51 -7.63 -58.29
C HIS E 61 39.26 -7.04 -58.94
N HIS E 62 38.29 -7.89 -59.24
CA HIS E 62 37.03 -7.46 -59.85
C HIS E 62 35.92 -8.44 -59.48
N ASP E 63 35.57 -8.49 -58.20
CA ASP E 63 34.50 -9.34 -57.74
C ASP E 63 33.14 -8.74 -58.11
N ILE E 64 32.14 -9.61 -58.27
CA ILE E 64 30.85 -9.21 -58.81
C ILE E 64 29.72 -9.58 -57.87
N PHE E 65 29.95 -10.62 -57.04
CA PHE E 65 28.89 -11.27 -56.28
C PHE E 65 27.87 -11.88 -57.23
N ILE E 66 28.04 -13.17 -57.54
CA ILE E 66 27.17 -13.84 -58.51
C ILE E 66 25.82 -14.15 -57.89
N ARG E 67 24.98 -14.89 -58.60
CA ARG E 67 23.61 -15.14 -58.20
C ARG E 67 23.53 -16.12 -57.03
N GLU E 68 22.87 -17.25 -57.24
CA GLU E 68 22.70 -18.25 -56.19
C GLU E 68 24.00 -18.95 -55.81
N LYS E 69 24.99 -18.96 -56.71
CA LYS E 69 26.27 -19.60 -56.44
C LYS E 69 27.23 -18.71 -55.67
N GLY E 70 26.76 -17.61 -55.11
CA GLY E 70 27.63 -16.71 -54.37
C GLY E 70 27.05 -16.28 -53.03
N ILE E 71 27.32 -17.08 -51.99
CA ILE E 71 26.84 -16.75 -50.66
C ILE E 71 27.69 -15.63 -50.07
N LEU E 72 27.03 -14.66 -49.44
CA LEU E 72 27.76 -13.54 -48.85
C LEU E 72 28.68 -14.00 -47.73
N ASN E 73 28.18 -14.87 -46.84
CA ASN E 73 29.01 -15.37 -45.75
C ASN E 73 30.16 -16.22 -46.29
N ASN E 74 29.90 -17.03 -47.31
CA ASN E 74 30.96 -17.85 -47.90
C ASN E 74 32.05 -16.99 -48.51
N LEU E 75 31.66 -15.95 -49.25
CA LEU E 75 32.65 -15.06 -49.84
C LEU E 75 33.41 -14.27 -48.78
N ILE E 76 32.73 -13.89 -47.69
CA ILE E 76 33.42 -13.19 -46.60
C ILE E 76 34.45 -14.10 -45.95
N ASP E 77 34.07 -15.35 -45.68
CA ASP E 77 35.00 -16.29 -45.08
C ASP E 77 36.16 -16.62 -46.02
N GLU E 78 35.91 -16.64 -47.33
CA GLU E 78 36.99 -16.88 -48.28
C GLU E 78 37.93 -15.69 -48.39
N ALA E 79 37.39 -14.48 -48.29
CA ALA E 79 38.24 -13.29 -48.34
C ALA E 79 39.00 -13.09 -47.03
N HIS E 80 38.51 -13.67 -45.93
CA HIS E 80 39.22 -13.56 -44.66
C HIS E 80 40.54 -14.31 -44.70
N GLU E 81 40.53 -15.55 -45.19
CA GLU E 81 41.74 -16.38 -45.25
C GLU E 81 42.63 -15.89 -46.39
N GLN E 82 43.30 -14.77 -46.13
CA GLN E 82 44.21 -14.18 -47.11
C GLN E 82 45.46 -13.62 -46.42
N GLU E 83 45.50 -12.32 -46.19
CA GLU E 83 46.61 -11.66 -45.54
C GLU E 83 46.37 -11.43 -44.05
N ASN E 84 45.25 -11.94 -43.51
CA ASN E 84 44.92 -11.78 -42.09
C ASN E 84 43.97 -12.91 -41.71
N VAL E 85 44.56 -14.04 -41.31
CA VAL E 85 43.79 -15.23 -40.95
C VAL E 85 43.24 -15.08 -39.54
N LYS E 86 44.12 -15.13 -38.54
CA LYS E 86 43.69 -15.03 -37.15
C LYS E 86 44.66 -14.18 -36.34
N GLY E 87 45.85 -14.71 -36.08
CA GLY E 87 46.84 -13.99 -35.29
C GLY E 87 47.39 -12.75 -35.99
N LYS E 88 46.63 -11.66 -35.93
CA LYS E 88 47.04 -10.41 -36.57
C LYS E 88 46.29 -9.23 -35.97
N GLU E 89 45.91 -9.33 -34.70
CA GLU E 89 45.16 -8.29 -33.99
C GLU E 89 43.82 -8.02 -34.65
N LYS E 90 42.75 -8.52 -34.05
CA LYS E 90 41.42 -8.39 -34.65
C LYS E 90 41.04 -6.93 -34.87
N GLY E 91 41.40 -6.05 -33.93
CA GLY E 91 41.11 -4.64 -34.08
C GLY E 91 41.69 -4.03 -35.34
N GLU E 92 42.85 -4.52 -35.77
CA GLU E 92 43.41 -4.13 -37.06
C GLU E 92 43.15 -5.17 -38.14
N LYS E 93 42.81 -6.41 -37.77
CA LYS E 93 42.48 -7.41 -38.77
C LYS E 93 41.19 -7.04 -39.51
N THR E 94 40.24 -6.44 -38.81
CA THR E 94 39.01 -6.01 -39.49
C THR E 94 39.31 -4.93 -40.51
N GLU E 95 40.19 -3.97 -40.18
CA GLU E 95 40.54 -2.93 -41.14
C GLU E 95 41.35 -3.51 -42.30
N ALA E 96 42.22 -4.47 -42.02
CA ALA E 96 42.97 -5.11 -43.10
C ALA E 96 42.05 -5.86 -44.05
N ALA E 97 41.05 -6.57 -43.51
CA ALA E 97 40.09 -7.27 -44.35
C ALA E 97 39.24 -6.27 -45.15
N ARG E 98 38.86 -5.16 -44.52
CA ARG E 98 38.12 -4.12 -45.24
C ARG E 98 38.92 -3.57 -46.40
N GLN E 99 40.21 -3.30 -46.17
CA GLN E 99 41.05 -2.76 -47.24
C GLN E 99 41.26 -3.79 -48.34
N TYR E 100 41.44 -5.06 -47.98
CA TYR E 100 41.60 -6.11 -48.98
C TYR E 100 40.34 -6.25 -49.84
N MET E 101 39.18 -6.23 -49.19
CA MET E 101 37.93 -6.34 -49.93
C MET E 101 37.68 -5.10 -50.79
N CYS E 102 38.13 -3.93 -50.33
CA CYS E 102 37.99 -2.73 -51.14
C CYS E 102 38.88 -2.79 -52.37
N SER E 103 40.11 -3.30 -52.20
CA SER E 103 41.03 -3.43 -53.33
C SER E 103 40.65 -4.59 -54.25
N ARG E 104 39.84 -5.54 -53.79
CA ARG E 104 39.45 -6.69 -54.58
C ARG E 104 38.03 -6.60 -55.12
N TYR E 105 37.06 -6.30 -54.27
CA TYR E 105 35.66 -6.31 -54.68
C TYR E 105 35.31 -4.99 -55.35
N TYR E 106 34.80 -5.07 -56.59
CA TYR E 106 34.38 -3.86 -57.29
C TYR E 106 33.09 -3.30 -56.74
N ASP E 107 32.26 -4.15 -56.13
CA ASP E 107 31.03 -3.68 -55.49
C ASP E 107 31.35 -2.68 -54.38
N ILE E 108 32.38 -2.97 -53.59
CA ILE E 108 32.81 -2.01 -52.56
C ILE E 108 33.60 -0.85 -53.15
N ARG E 109 34.22 -1.05 -54.31
CA ARG E 109 34.85 0.07 -55.01
C ARG E 109 33.82 1.11 -55.42
N THR E 110 32.67 0.65 -55.90
CA THR E 110 31.60 1.56 -56.30
C THR E 110 30.66 1.85 -55.13
N PHE E 111 29.90 0.84 -54.70
CA PHE E 111 28.94 1.01 -53.63
C PHE E 111 29.47 0.43 -52.32
N GLY E 112 29.18 -0.84 -52.06
CA GLY E 112 29.67 -1.48 -50.84
C GLY E 112 28.96 -2.78 -50.60
N ALA E 113 29.36 -3.43 -49.50
CA ALA E 113 28.77 -4.71 -49.09
C ALA E 113 28.96 -4.86 -47.59
N VAL E 114 27.91 -5.33 -46.91
CA VAL E 114 28.00 -5.52 -45.46
C VAL E 114 28.97 -6.65 -45.15
N MET E 115 29.97 -6.35 -44.33
CA MET E 115 30.96 -7.33 -43.90
C MET E 115 30.84 -7.60 -42.40
N THR E 116 29.66 -7.36 -41.83
CA THR E 116 29.41 -7.58 -40.41
C THR E 116 28.32 -8.62 -40.17
N THR E 117 28.09 -9.51 -41.13
CA THR E 117 27.07 -10.55 -41.00
C THR E 117 27.54 -11.63 -40.04
N GLY E 118 28.07 -12.73 -40.59
CA GLY E 118 28.56 -13.81 -39.77
C GLY E 118 29.86 -13.49 -39.07
N LYS E 119 30.83 -12.96 -39.83
CA LYS E 119 32.13 -12.57 -39.31
C LYS E 119 32.39 -11.11 -39.62
N ASN E 120 32.94 -10.39 -38.65
CA ASN E 120 33.22 -8.96 -38.84
C ASN E 120 34.43 -8.78 -39.75
N ALA E 121 34.37 -7.74 -40.60
CA ALA E 121 35.48 -7.46 -41.51
C ALA E 121 35.54 -5.99 -41.92
N GLY E 122 34.85 -5.10 -41.21
CA GLY E 122 34.88 -3.68 -41.51
C GLY E 122 33.52 -3.18 -41.96
N GLN E 123 33.48 -1.90 -42.31
CA GLN E 123 32.26 -1.25 -42.76
C GLN E 123 32.63 -0.10 -43.69
N VAL E 124 32.04 -0.09 -44.88
CA VAL E 124 32.29 0.95 -45.88
C VAL E 124 30.97 1.63 -46.18
N ARG E 125 30.91 2.96 -45.97
CA ARG E 125 29.68 3.70 -46.25
C ARG E 125 29.38 3.72 -47.74
N GLY E 126 30.38 4.01 -48.57
CA GLY E 126 30.20 4.05 -50.00
C GLY E 126 30.40 5.44 -50.56
N PRO E 127 31.51 5.65 -51.27
CA PRO E 127 31.77 6.97 -51.87
C PRO E 127 30.78 7.30 -52.97
N VAL E 128 30.60 6.37 -53.91
CA VAL E 128 29.68 6.55 -55.03
C VAL E 128 28.29 6.12 -54.58
N GLN E 129 27.34 7.05 -54.62
CA GLN E 129 25.96 6.78 -54.24
C GLN E 129 25.03 7.28 -55.33
N LEU E 130 23.76 6.87 -55.24
CA LEU E 130 22.75 7.20 -56.23
C LEU E 130 21.48 7.64 -55.52
N THR E 131 20.51 8.09 -56.32
CA THR E 131 19.21 8.53 -55.83
C THR E 131 18.12 7.73 -56.54
N PHE E 132 17.08 7.37 -55.79
CA PHE E 132 15.96 6.61 -56.33
C PHE E 132 15.33 7.36 -57.50
N SER E 133 15.43 6.79 -58.69
CA SER E 133 14.99 7.46 -59.90
C SER E 133 13.47 7.61 -59.92
N ARG E 134 13.00 8.77 -60.39
CA ARG E 134 11.59 9.05 -60.52
C ARG E 134 11.33 9.73 -61.85
N SER E 135 10.16 9.48 -62.42
CA SER E 135 9.76 10.06 -63.69
C SER E 135 9.18 11.46 -63.48
N ILE E 136 9.45 12.34 -64.44
CA ILE E 136 8.93 13.70 -64.36
C ILE E 136 7.43 13.71 -64.57
N ASP E 137 6.94 12.89 -65.49
CA ASP E 137 5.52 12.79 -65.79
C ASP E 137 4.91 11.60 -65.07
N PRO E 138 3.70 11.76 -64.50
CA PRO E 138 3.05 10.65 -63.81
C PRO E 138 2.73 9.51 -64.78
N ILE E 139 3.36 8.36 -64.53
CA ILE E 139 3.15 7.19 -65.39
C ILE E 139 1.82 6.54 -65.05
N MET E 140 1.37 5.67 -65.96
CA MET E 140 0.12 4.95 -65.79
C MET E 140 0.36 3.45 -65.80
N THR E 141 -0.68 2.69 -65.46
CA THR E 141 -0.61 1.23 -65.42
C THR E 141 -1.52 0.67 -66.51
N LEU E 142 -0.98 -0.26 -67.29
CA LEU E 142 -1.75 -0.86 -68.38
C LEU E 142 -2.53 -2.08 -67.90
N GLU E 143 -1.98 -2.83 -66.94
CA GLU E 143 -2.59 -4.04 -66.42
C GLU E 143 -2.86 -5.04 -67.55
N HIS E 144 -1.80 -5.35 -68.29
CA HIS E 144 -1.89 -6.26 -69.43
C HIS E 144 -2.14 -7.67 -68.92
N SER E 145 -3.35 -8.18 -69.15
CA SER E 145 -3.73 -9.54 -68.75
C SER E 145 -3.19 -10.51 -69.78
N ILE E 146 -1.99 -11.05 -69.50
CA ILE E 146 -1.35 -11.98 -70.42
C ILE E 146 -1.96 -13.37 -70.25
N THR E 147 -1.51 -14.32 -71.05
CA THR E 147 -2.01 -15.68 -70.99
C THR E 147 -0.92 -16.65 -71.42
N ARG E 148 -0.94 -17.84 -70.83
CA ARG E 148 0.03 -18.88 -71.13
C ARG E 148 -0.70 -20.18 -71.47
N MET E 149 -0.04 -21.01 -72.28
CA MET E 149 -0.61 -22.28 -72.72
C MET E 149 -0.32 -23.41 -71.73
N ALA E 150 0.33 -23.12 -70.60
CA ALA E 150 0.65 -24.14 -69.61
C ALA E 150 0.51 -23.55 -68.23
N VAL E 151 -0.09 -24.31 -67.32
CA VAL E 151 -0.28 -23.87 -65.94
C VAL E 151 1.00 -24.09 -65.16
N THR E 152 1.06 -23.53 -63.95
CA THR E 152 2.24 -23.67 -63.10
C THR E 152 2.37 -25.09 -62.59
N ASN E 153 1.65 -25.41 -61.52
CA ASN E 153 1.66 -26.74 -60.92
C ASN E 153 0.25 -27.33 -60.92
N GLU E 154 0.15 -28.57 -60.46
CA GLU E 154 -1.13 -29.25 -60.39
C GLU E 154 -1.99 -28.71 -59.27
N LYS E 155 -2.74 -27.63 -59.54
CA LYS E 155 -3.59 -27.02 -58.54
C LYS E 155 -5.06 -27.29 -58.83
N ASP E 156 -5.92 -26.31 -58.56
CA ASP E 156 -7.35 -26.45 -58.80
C ASP E 156 -7.76 -26.00 -60.20
N ALA E 157 -7.00 -25.11 -60.82
CA ALA E 157 -7.30 -24.62 -62.17
C ALA E 157 -6.46 -25.35 -63.21
N SER E 158 -6.52 -26.68 -63.14
CA SER E 158 -5.79 -27.55 -64.05
C SER E 158 -6.72 -28.67 -64.53
N GLU E 159 -7.84 -28.29 -65.13
CA GLU E 159 -8.81 -29.25 -65.63
C GLU E 159 -8.51 -29.59 -67.09
N THR E 160 -9.27 -30.54 -67.63
CA THR E 160 -9.10 -30.96 -69.02
C THR E 160 -9.75 -30.01 -70.02
N GLY E 161 -10.49 -29.02 -69.55
CA GLY E 161 -11.15 -28.07 -70.44
C GLY E 161 -10.18 -27.13 -71.14
N ASP E 162 -9.71 -26.12 -70.40
CA ASP E 162 -8.77 -25.13 -70.95
C ASP E 162 -8.03 -24.49 -69.77
N ASN E 163 -7.10 -25.24 -69.19
CA ASN E 163 -6.31 -24.74 -68.08
C ASN E 163 -5.32 -23.69 -68.57
N ARG E 164 -5.45 -22.48 -68.04
CA ARG E 164 -4.60 -21.37 -68.47
C ARG E 164 -4.30 -20.49 -67.26
N THR E 165 -3.04 -20.09 -67.11
CA THR E 165 -2.62 -19.19 -66.05
C THR E 165 -2.62 -17.78 -66.62
N MET E 166 -3.63 -16.99 -66.26
CA MET E 166 -3.77 -15.64 -66.77
C MET E 166 -2.69 -14.71 -66.21
N GLY E 167 -2.89 -14.22 -64.99
CA GLY E 167 -1.94 -13.29 -64.40
C GLY E 167 -2.10 -11.89 -64.96
N ARG E 168 -1.24 -11.00 -64.46
CA ARG E 168 -1.25 -9.60 -64.88
C ARG E 168 0.18 -9.11 -65.00
N LYS E 169 0.50 -8.49 -66.13
CA LYS E 169 1.83 -7.93 -66.39
C LYS E 169 1.67 -6.43 -66.55
N PHE E 170 1.73 -5.70 -65.44
CA PHE E 170 1.59 -4.26 -65.46
C PHE E 170 2.82 -3.63 -66.11
N THR E 171 2.59 -2.83 -67.15
CA THR E 171 3.69 -2.18 -67.86
C THR E 171 3.60 -0.67 -67.74
N VAL E 172 4.37 0.03 -68.56
CA VAL E 172 4.39 1.50 -68.56
C VAL E 172 4.49 1.97 -70.01
N PRO E 173 3.76 3.02 -70.40
CA PRO E 173 3.88 3.52 -71.78
C PRO E 173 5.26 4.11 -72.06
N TYR E 174 5.66 5.11 -71.28
CA TYR E 174 6.94 5.77 -71.46
C TYR E 174 7.30 6.49 -70.18
N GLY E 175 8.52 6.29 -69.69
CA GLY E 175 8.95 6.92 -68.46
C GLY E 175 10.39 7.38 -68.48
N LEU E 176 10.61 8.69 -68.30
CA LEU E 176 11.95 9.27 -68.27
C LEU E 176 12.35 9.48 -66.81
N TYR E 177 13.04 8.49 -66.25
CA TYR E 177 13.45 8.56 -64.86
C TYR E 177 14.74 9.37 -64.72
N ARG E 178 14.88 10.03 -63.57
CA ARG E 178 15.99 10.92 -63.29
C ARG E 178 16.60 10.54 -61.95
N CYS E 179 17.91 10.27 -61.94
CA CYS E 179 18.62 9.89 -60.73
C CYS E 179 19.77 10.86 -60.49
N HIS E 180 20.09 11.07 -59.21
CA HIS E 180 21.16 11.95 -58.80
C HIS E 180 22.28 11.14 -58.16
N GLY E 181 23.50 11.37 -58.58
CA GLY E 181 24.65 10.65 -58.06
C GLY E 181 25.61 11.56 -57.31
N PHE E 182 26.27 10.99 -56.31
CA PHE E 182 27.20 11.73 -55.47
C PHE E 182 28.43 10.86 -55.20
N ILE E 183 29.61 11.41 -55.47
CA ILE E 183 30.88 10.72 -55.25
C ILE E 183 31.71 11.57 -54.30
N SER E 184 31.97 11.04 -53.10
CA SER E 184 32.75 11.76 -52.11
C SER E 184 34.24 11.61 -52.41
N THR E 185 35.06 12.29 -51.60
CA THR E 185 36.51 12.27 -51.76
C THR E 185 37.24 11.57 -50.62
N HIS E 186 36.83 11.81 -49.37
CA HIS E 186 37.51 11.19 -48.25
C HIS E 186 37.20 9.70 -48.17
N PHE E 187 35.95 9.32 -48.44
CA PHE E 187 35.57 7.91 -48.42
C PHE E 187 36.20 7.13 -49.57
N ALA E 188 36.60 7.81 -50.64
CA ALA E 188 37.23 7.13 -51.77
C ALA E 188 38.66 6.72 -51.45
N LYS E 189 39.30 7.37 -50.47
CA LYS E 189 40.66 7.00 -50.12
C LYS E 189 40.70 5.67 -49.37
N GLN E 190 39.61 5.29 -48.71
CA GLN E 190 39.53 4.04 -47.99
C GLN E 190 39.18 2.86 -48.88
N THR E 191 38.94 3.09 -50.16
CA THR E 191 38.59 2.02 -51.09
C THR E 191 39.46 1.98 -52.34
N GLY E 192 40.34 2.94 -52.55
CA GLY E 192 41.20 2.94 -53.73
C GLY E 192 40.47 3.23 -55.02
N PHE E 193 39.51 4.15 -55.00
CA PHE E 193 38.73 4.51 -56.18
C PHE E 193 39.59 5.41 -57.07
N SER E 194 40.37 4.78 -57.94
CA SER E 194 41.26 5.51 -58.83
C SER E 194 40.49 6.01 -60.05
N GLU E 195 41.21 6.55 -61.04
CA GLU E 195 40.56 7.06 -62.24
C GLU E 195 40.13 5.95 -63.17
N ASN E 196 40.82 4.80 -63.16
CA ASN E 196 40.43 3.69 -64.01
C ASN E 196 39.07 3.13 -63.59
N ASP E 197 38.86 2.94 -62.29
CA ASP E 197 37.57 2.49 -61.80
C ASP E 197 36.48 3.52 -62.09
N LEU E 198 36.82 4.80 -62.02
CA LEU E 198 35.85 5.85 -62.32
C LEU E 198 35.44 5.80 -63.80
N GLU E 199 36.41 5.65 -64.70
CA GLU E 199 36.08 5.53 -66.12
C GLU E 199 35.28 4.26 -66.41
N LEU E 200 35.61 3.16 -65.72
CA LEU E 200 34.84 1.94 -65.90
C LEU E 200 33.40 2.12 -65.43
N PHE E 201 33.20 2.82 -64.32
CA PHE E 201 31.85 3.08 -63.83
C PHE E 201 31.10 4.01 -64.77
N TRP E 202 31.79 4.98 -65.36
CA TRP E 202 31.15 5.85 -66.35
C TRP E 202 30.71 5.05 -67.57
N GLN E 203 31.59 4.17 -68.07
CA GLN E 203 31.23 3.34 -69.21
C GLN E 203 30.06 2.40 -68.86
N ALA E 204 30.03 1.90 -67.62
CA ALA E 204 28.92 1.05 -67.21
C ALA E 204 27.62 1.83 -67.18
N LEU E 205 27.63 3.03 -66.58
CA LEU E 205 26.42 3.84 -66.53
C LEU E 205 25.96 4.26 -67.92
N VAL E 206 26.90 4.45 -68.84
CA VAL E 206 26.52 4.84 -70.20
C VAL E 206 25.92 3.65 -70.95
N ASN E 207 26.53 2.47 -70.80
CA ASN E 207 26.04 1.28 -71.49
C ASN E 207 25.68 0.16 -70.52
N MET E 208 24.49 0.21 -69.94
CA MET E 208 24.00 -0.87 -69.11
C MET E 208 22.56 -1.28 -69.44
N PHE E 209 21.78 -0.38 -70.03
CA PHE E 209 20.43 -0.70 -70.48
C PHE E 209 20.40 -1.32 -71.87
N ASP E 210 21.56 -1.60 -72.45
CA ASP E 210 21.65 -2.21 -73.77
C ASP E 210 22.03 -3.69 -73.72
N HIS E 211 22.33 -4.21 -72.53
CA HIS E 211 22.72 -5.61 -72.39
C HIS E 211 21.76 -6.35 -71.48
N ASP E 212 21.55 -5.82 -70.27
CA ASP E 212 20.65 -6.43 -69.30
C ASP E 212 19.22 -6.10 -69.69
N HIS E 213 18.61 -6.99 -70.46
CA HIS E 213 17.26 -6.82 -70.96
C HIS E 213 16.40 -8.02 -70.56
N SER E 214 15.09 -7.87 -70.76
CA SER E 214 14.13 -8.92 -70.45
C SER E 214 12.84 -8.64 -71.21
N ALA E 215 11.92 -9.60 -71.16
CA ALA E 215 10.63 -9.47 -71.81
C ALA E 215 9.63 -8.72 -70.93
N ALA E 216 9.58 -9.07 -69.64
CA ALA E 216 8.68 -8.37 -68.73
C ALA E 216 9.23 -7.00 -68.33
N ARG E 217 10.56 -6.90 -68.20
CA ARG E 217 11.17 -5.62 -67.86
C ARG E 217 11.11 -4.65 -69.04
N GLY E 218 11.14 -5.17 -70.27
CA GLY E 218 11.06 -4.32 -71.44
C GLY E 218 12.42 -3.75 -71.82
N GLN E 219 12.39 -2.86 -72.81
CA GLN E 219 13.59 -2.21 -73.30
C GLN E 219 13.83 -0.91 -72.56
N MET E 220 15.10 -0.60 -72.32
CA MET E 220 15.50 0.62 -71.64
C MET E 220 16.63 1.28 -72.41
N ASN E 221 16.70 2.60 -72.32
CA ASN E 221 17.70 3.37 -73.04
C ASN E 221 18.33 4.40 -72.11
N ALA E 222 19.63 4.62 -72.28
CA ALA E 222 20.36 5.62 -71.52
C ALA E 222 20.35 6.93 -72.31
N ARG E 223 19.60 7.91 -71.84
CA ARG E 223 19.46 9.17 -72.57
C ARG E 223 20.65 10.10 -72.30
N GLY E 224 20.68 10.72 -71.14
CA GLY E 224 21.71 11.70 -70.84
C GLY E 224 22.37 11.43 -69.50
N LEU E 225 23.64 11.84 -69.41
CA LEU E 225 24.41 11.71 -68.17
C LEU E 225 25.32 12.93 -68.06
N TYR E 226 24.99 13.83 -67.14
CA TYR E 226 25.73 15.08 -66.96
C TYR E 226 26.50 15.02 -65.65
N VAL E 227 27.83 15.15 -65.74
CA VAL E 227 28.71 15.04 -64.58
C VAL E 227 29.36 16.39 -64.34
N PHE E 228 29.30 16.86 -63.10
CA PHE E 228 30.01 18.06 -62.66
C PHE E 228 31.18 17.64 -61.78
N GLU E 229 32.38 18.10 -62.15
CA GLU E 229 33.60 17.75 -61.44
C GLU E 229 34.09 18.95 -60.64
N HIS E 230 34.35 18.74 -59.35
CA HIS E 230 34.86 19.78 -58.48
C HIS E 230 36.36 19.64 -58.36
N SER E 231 37.08 20.76 -58.53
CA SER E 231 38.53 20.75 -58.45
C SER E 231 39.04 20.52 -57.03
N ASN E 232 38.23 20.83 -56.03
CA ASN E 232 38.61 20.66 -54.63
C ASN E 232 37.73 19.59 -53.98
N ASN E 233 38.25 19.01 -52.89
CA ASN E 233 37.51 17.99 -52.18
C ASN E 233 36.29 18.57 -51.46
N LEU E 234 36.33 19.84 -51.10
CA LEU E 234 35.22 20.49 -50.43
C LEU E 234 34.14 20.86 -51.44
N GLY E 235 32.89 20.87 -50.97
CA GLY E 235 31.77 21.23 -51.82
C GLY E 235 31.77 22.69 -52.22
N ASP E 236 32.21 22.98 -53.43
CA ASP E 236 32.26 24.36 -53.91
C ASP E 236 30.88 24.91 -54.25
N ALA E 237 29.89 24.05 -54.45
CA ALA E 237 28.54 24.47 -54.78
C ALA E 237 27.57 23.40 -54.30
N PRO E 238 26.37 23.79 -53.89
CA PRO E 238 25.38 22.79 -53.45
C PRO E 238 24.98 21.87 -54.59
N ALA E 239 24.63 20.63 -54.23
CA ALA E 239 24.24 19.64 -55.23
C ALA E 239 22.91 20.00 -55.87
N ASP E 240 21.95 20.48 -55.06
CA ASP E 240 20.64 20.84 -55.59
C ASP E 240 20.73 22.04 -56.53
N SER E 241 21.59 23.01 -56.20
CA SER E 241 21.74 24.18 -57.05
C SER E 241 22.34 23.83 -58.40
N LEU E 242 23.19 22.81 -58.46
CA LEU E 242 23.76 22.37 -59.73
C LEU E 242 22.84 21.41 -60.47
N PHE E 243 21.97 20.70 -59.75
CA PHE E 243 21.06 19.77 -60.39
C PHE E 243 19.82 20.48 -60.93
N LYS E 244 19.46 21.63 -60.34
CA LYS E 244 18.30 22.37 -60.84
C LYS E 244 18.55 23.00 -62.20
N ARG E 245 19.81 23.09 -62.64
CA ARG E 245 20.11 23.66 -63.94
C ARG E 245 19.63 22.76 -65.07
N ILE E 246 19.80 21.45 -64.90
CA ILE E 246 19.34 20.48 -65.90
C ILE E 246 17.82 20.37 -65.80
N GLN E 247 17.12 21.16 -66.60
CA GLN E 247 15.66 21.21 -66.57
C GLN E 247 15.09 20.35 -67.67
N VAL E 248 14.38 19.29 -67.30
CA VAL E 248 13.72 18.39 -68.24
C VAL E 248 12.25 18.78 -68.28
N VAL E 249 11.83 19.42 -69.37
CA VAL E 249 10.49 19.94 -69.52
C VAL E 249 9.78 19.21 -70.65
N LYS E 250 8.54 18.79 -70.39
CA LYS E 250 7.75 18.13 -71.41
C LYS E 250 7.35 19.11 -72.51
N LYS E 251 7.03 18.56 -73.68
CA LYS E 251 6.65 19.40 -74.81
C LYS E 251 5.26 19.98 -74.61
N ASP E 252 5.04 21.15 -75.22
CA ASP E 252 3.77 21.86 -75.10
C ASP E 252 2.72 21.38 -76.08
N GLY E 253 3.10 20.49 -77.00
CA GLY E 253 2.15 19.98 -77.98
C GLY E 253 1.60 18.62 -77.63
N VAL E 254 1.94 18.12 -76.45
CA VAL E 254 1.47 16.81 -75.98
C VAL E 254 0.93 16.97 -74.57
N GLU E 255 0.20 15.93 -74.13
CA GLU E 255 -0.38 15.90 -72.80
C GLU E 255 0.25 14.88 -71.88
N VAL E 256 0.82 13.81 -72.41
CA VAL E 256 1.47 12.79 -71.59
C VAL E 256 2.90 12.60 -72.08
N VAL E 257 3.37 11.36 -72.06
CA VAL E 257 4.73 11.02 -72.50
C VAL E 257 4.67 9.74 -73.33
N ARG E 258 5.28 9.77 -74.50
CA ARG E 258 5.27 8.63 -75.40
C ARG E 258 6.66 8.29 -75.95
N SER E 259 7.48 9.28 -76.24
CA SER E 259 8.81 9.04 -76.79
C SER E 259 9.73 10.20 -76.38
N PHE E 260 10.97 10.13 -76.86
CA PHE E 260 11.94 11.18 -76.55
C PHE E 260 11.65 12.48 -77.28
N ASP E 261 10.89 12.42 -78.38
CA ASP E 261 10.56 13.61 -79.17
C ASP E 261 9.63 14.58 -78.44
N ASP E 262 9.20 14.28 -77.22
CA ASP E 262 8.33 15.15 -76.44
C ASP E 262 9.01 15.56 -75.13
N TYR E 263 10.26 16.01 -75.23
CA TYR E 263 11.02 16.41 -74.06
C TYR E 263 12.12 17.38 -74.48
N LEU E 264 12.46 18.29 -73.56
CA LEU E 264 13.53 19.26 -73.79
C LEU E 264 14.41 19.30 -72.54
N VAL E 265 15.70 19.07 -72.72
CA VAL E 265 16.65 19.06 -71.62
C VAL E 265 17.51 20.32 -71.68
N SER E 266 17.05 21.38 -71.02
CA SER E 266 17.79 22.64 -71.00
C SER E 266 18.92 22.56 -69.98
N VAL E 267 20.13 22.87 -70.42
CA VAL E 267 21.32 22.86 -69.58
C VAL E 267 21.76 24.30 -69.39
N ASP E 268 21.72 24.78 -68.15
CA ASP E 268 22.11 26.16 -67.83
C ASP E 268 23.62 26.21 -67.57
N ASP E 269 24.37 26.24 -68.66
CA ASP E 269 25.83 26.30 -68.60
C ASP E 269 26.34 27.73 -68.74
N LYS E 270 25.74 28.64 -67.97
CA LYS E 270 26.11 30.04 -68.01
C LYS E 270 26.64 30.57 -66.68
N ASN E 271 26.51 29.81 -65.58
CA ASN E 271 26.99 30.26 -64.28
C ASN E 271 27.68 29.13 -63.52
N LEU E 272 28.66 28.47 -64.14
CA LEU E 272 29.38 27.39 -63.48
C LEU E 272 30.76 27.15 -64.08
N GLU E 273 31.20 27.96 -65.04
CA GLU E 273 32.50 27.77 -65.67
C GLU E 273 33.59 28.46 -64.85
N GLU E 274 33.76 27.98 -63.62
CA GLU E 274 34.78 28.50 -62.73
C GLU E 274 35.38 27.39 -61.87
N THR E 275 34.52 26.48 -61.38
CA THR E 275 34.98 25.36 -60.57
C THR E 275 34.37 24.03 -60.98
N LYS E 276 33.40 23.99 -61.88
CA LYS E 276 32.75 22.77 -62.30
C LYS E 276 33.08 22.46 -63.75
N LEU E 277 33.42 21.20 -64.03
CA LEU E 277 33.74 20.74 -65.38
C LEU E 277 32.58 19.86 -65.86
N LEU E 278 31.72 20.42 -66.71
CA LEU E 278 30.57 19.69 -67.21
C LEU E 278 30.99 18.68 -68.26
N ARG E 279 30.63 17.42 -68.04
CA ARG E 279 30.92 16.33 -68.96
C ARG E 279 29.63 15.63 -69.33
N LYS E 280 29.42 15.42 -70.64
CA LYS E 280 28.22 14.76 -71.16
C LYS E 280 28.66 13.49 -71.87
N LEU E 281 28.52 12.35 -71.17
CA LEU E 281 28.90 11.05 -71.72
C LEU E 281 27.73 10.34 -72.40
N GLY E 282 26.55 10.37 -71.79
CA GLY E 282 25.39 9.73 -72.36
C GLY E 282 24.68 10.58 -73.39
N GLY E 283 24.51 11.87 -73.08
CA GLY E 283 23.84 12.79 -73.98
C GLY E 283 24.44 14.18 -73.99
N THR F 1 29.72 -21.13 -77.41
CA THR F 1 28.74 -20.06 -77.47
C THR F 1 29.11 -19.03 -78.54
N ILE F 2 28.29 -17.99 -78.67
CA ILE F 2 28.52 -16.94 -79.65
C ILE F 2 29.42 -15.88 -79.04
N GLU F 3 29.91 -14.96 -79.87
CA GLU F 3 30.77 -13.88 -79.42
C GLU F 3 30.27 -12.51 -79.84
N LYS F 4 29.76 -12.38 -81.07
CA LYS F 4 29.25 -11.10 -81.54
C LYS F 4 27.93 -10.76 -80.86
N ARG F 5 27.74 -9.49 -80.54
CA ARG F 5 26.52 -9.04 -79.87
C ARG F 5 25.49 -8.66 -80.94
N TYR F 6 24.35 -9.34 -80.93
CA TYR F 6 23.32 -9.15 -81.94
C TYR F 6 22.19 -8.31 -81.36
N ASP F 7 21.76 -7.30 -82.10
CA ASP F 7 20.59 -6.51 -81.74
C ASP F 7 19.77 -6.25 -82.99
N PHE F 8 18.51 -6.70 -83.00
CA PHE F 8 17.69 -6.63 -84.19
C PHE F 8 16.42 -5.82 -83.93
N VAL F 9 15.92 -5.20 -85.00
CA VAL F 9 14.66 -4.48 -85.00
C VAL F 9 13.75 -5.14 -86.02
N PHE F 10 12.55 -5.51 -85.58
CA PHE F 10 11.58 -6.21 -86.40
C PHE F 10 10.34 -5.35 -86.55
N LEU F 11 10.02 -4.97 -87.79
CA LEU F 11 8.81 -4.24 -88.12
C LEU F 11 7.89 -5.19 -88.87
N PHE F 12 6.77 -5.54 -88.23
CA PHE F 12 5.81 -6.47 -88.82
C PHE F 12 4.41 -5.89 -88.69
N ASP F 13 3.69 -5.85 -89.80
CA ASP F 13 2.36 -5.26 -89.85
C ASP F 13 1.30 -6.31 -89.49
N VAL F 14 0.04 -6.03 -89.81
CA VAL F 14 -1.06 -6.94 -89.54
C VAL F 14 -2.08 -6.80 -90.66
N GLN F 15 -2.81 -7.88 -90.94
CA GLN F 15 -3.80 -7.87 -92.01
C GLN F 15 -5.21 -8.03 -91.44
N ASP F 16 -6.03 -8.84 -92.11
CA ASP F 16 -7.41 -9.08 -91.68
C ASP F 16 -7.39 -10.05 -90.51
N GLY F 17 -7.07 -9.51 -89.34
CA GLY F 17 -7.01 -10.33 -88.14
C GLY F 17 -6.53 -9.49 -86.97
N ASN F 18 -6.47 -10.15 -85.81
CA ASN F 18 -6.03 -9.52 -84.58
C ASN F 18 -4.63 -9.98 -84.22
N PRO F 19 -3.72 -9.07 -83.90
CA PRO F 19 -2.35 -9.49 -83.52
C PRO F 19 -2.33 -10.22 -82.18
N ASN F 20 -2.90 -9.60 -81.15
CA ASN F 20 -2.95 -10.21 -79.83
C ASN F 20 -4.04 -9.57 -78.98
N GLY F 21 -5.27 -9.56 -79.48
CA GLY F 21 -6.37 -8.95 -78.76
C GLY F 21 -7.29 -9.96 -78.11
N ASP F 22 -6.75 -10.74 -77.17
CA ASP F 22 -7.52 -11.75 -76.44
C ASP F 22 -7.17 -11.66 -74.96
N PRO F 23 -7.71 -10.66 -74.26
CA PRO F 23 -7.40 -10.53 -72.83
C PRO F 23 -8.40 -11.28 -71.96
N ASP F 24 -8.48 -10.91 -70.68
CA ASP F 24 -9.41 -11.52 -69.75
C ASP F 24 -10.38 -10.53 -69.12
N ALA F 25 -9.96 -9.30 -68.89
CA ALA F 25 -10.82 -8.27 -68.33
C ALA F 25 -11.71 -7.59 -69.37
N GLY F 26 -11.52 -7.92 -70.66
CA GLY F 26 -12.33 -7.34 -71.71
C GLY F 26 -12.27 -8.14 -73.00
N ASN F 27 -12.11 -7.44 -74.12
CA ASN F 27 -12.03 -8.11 -75.42
C ASN F 27 -11.29 -7.24 -76.42
N LEU F 28 -11.14 -5.95 -76.12
CA LEU F 28 -10.45 -5.04 -77.02
C LEU F 28 -8.94 -5.30 -76.99
N PRO F 29 -8.24 -5.02 -78.08
CA PRO F 29 -6.78 -5.22 -78.10
C PRO F 29 -6.09 -4.27 -77.14
N ARG F 30 -4.93 -4.70 -76.64
CA ARG F 30 -4.15 -3.92 -75.69
C ARG F 30 -3.53 -2.73 -76.42
N ILE F 31 -4.21 -1.59 -76.37
CA ILE F 31 -3.73 -0.37 -77.02
C ILE F 31 -3.46 0.69 -75.96
N ASP F 32 -3.01 1.86 -76.39
CA ASP F 32 -2.74 2.95 -75.46
C ASP F 32 -4.05 3.61 -75.05
N PRO F 33 -4.33 3.75 -73.74
CA PRO F 33 -5.59 4.38 -73.34
C PRO F 33 -5.67 5.85 -73.68
N GLN F 34 -4.54 6.56 -73.70
CA GLN F 34 -4.52 8.00 -73.98
C GLN F 34 -4.25 8.27 -75.45
N THR F 35 -3.13 7.77 -75.98
CA THR F 35 -2.78 7.99 -77.38
C THR F 35 -3.62 7.13 -78.29
N GLY F 36 -3.27 5.86 -78.42
CA GLY F 36 -4.02 4.94 -79.27
C GLY F 36 -3.13 3.92 -79.97
N GLU F 37 -1.85 3.89 -79.59
CA GLU F 37 -0.92 2.95 -80.20
C GLU F 37 -1.12 1.56 -79.62
N GLY F 38 -1.20 0.56 -80.50
CA GLY F 38 -1.40 -0.81 -80.05
C GLY F 38 -0.11 -1.41 -79.49
N LEU F 39 -0.24 -2.14 -78.40
CA LEU F 39 0.87 -2.80 -77.74
C LEU F 39 0.71 -4.31 -77.85
N VAL F 40 1.62 -4.95 -78.58
CA VAL F 40 1.57 -6.39 -78.81
C VAL F 40 2.48 -7.07 -77.80
N THR F 41 1.92 -7.99 -77.03
CA THR F 41 2.70 -8.75 -76.06
C THR F 41 3.46 -9.87 -76.74
N ASP F 42 4.60 -10.23 -76.16
CA ASP F 42 5.45 -11.27 -76.74
C ASP F 42 4.89 -12.67 -76.58
N VAL F 43 3.75 -12.83 -75.91
CA VAL F 43 3.17 -14.16 -75.75
C VAL F 43 2.76 -14.73 -77.10
N CYS F 44 2.12 -13.91 -77.94
CA CYS F 44 1.69 -14.39 -79.25
C CYS F 44 2.89 -14.69 -80.15
N LEU F 45 3.93 -13.86 -80.09
CA LEU F 45 5.12 -14.11 -80.88
C LEU F 45 5.81 -15.40 -80.44
N LYS F 46 5.89 -15.63 -79.13
CA LYS F 46 6.49 -16.86 -78.63
C LYS F 46 5.67 -18.08 -79.04
N ARG F 47 4.34 -17.97 -78.97
CA ARG F 47 3.49 -19.08 -79.38
C ARG F 47 3.64 -19.37 -80.86
N LYS F 48 3.74 -18.32 -81.69
CA LYS F 48 3.93 -18.53 -83.12
C LYS F 48 5.27 -19.16 -83.42
N VAL F 49 6.33 -18.73 -82.73
CA VAL F 49 7.65 -19.33 -82.93
C VAL F 49 7.63 -20.80 -82.50
N ARG F 50 6.94 -21.10 -81.40
CA ARG F 50 6.83 -22.49 -80.95
C ARG F 50 6.07 -23.33 -81.97
N ASN F 51 4.98 -22.80 -82.51
CA ASN F 51 4.22 -23.54 -83.53
C ASN F 51 5.08 -23.77 -84.78
N PHE F 52 5.87 -22.77 -85.17
CA PHE F 52 6.70 -22.92 -86.35
C PHE F 52 7.79 -23.98 -86.14
N ILE F 53 8.48 -23.92 -85.00
CA ILE F 53 9.54 -24.89 -84.73
C ILE F 53 8.96 -26.27 -84.42
N GLN F 54 7.67 -26.36 -84.11
CA GLN F 54 7.03 -27.67 -83.96
C GLN F 54 6.67 -28.25 -85.33
N MET F 55 6.17 -27.40 -86.23
CA MET F 55 5.82 -27.86 -87.57
C MET F 55 7.03 -28.05 -88.47
N THR F 56 8.20 -27.52 -88.08
CA THR F 56 9.41 -27.63 -88.90
C THR F 56 10.48 -28.47 -88.21
N GLN F 57 11.02 -28.01 -87.08
CA GLN F 57 12.11 -28.71 -86.42
C GLN F 57 11.63 -30.00 -85.76
N ASN F 58 11.12 -29.89 -84.53
CA ASN F 58 10.66 -31.02 -83.72
C ASN F 58 11.59 -32.22 -83.83
N ASP F 59 12.88 -31.96 -83.67
CA ASP F 59 13.92 -32.98 -83.77
C ASP F 59 14.54 -33.22 -82.38
N GLU F 60 15.63 -33.97 -82.36
CA GLU F 60 16.33 -34.27 -81.12
C GLU F 60 17.10 -33.05 -80.64
N HIS F 61 17.20 -32.93 -79.31
CA HIS F 61 17.88 -31.81 -78.66
C HIS F 61 17.29 -30.47 -79.07
N HIS F 62 15.99 -30.45 -79.37
CA HIS F 62 15.30 -29.25 -79.80
C HIS F 62 13.82 -29.39 -79.46
N ASP F 63 13.50 -29.43 -78.17
CA ASP F 63 12.13 -29.59 -77.73
C ASP F 63 11.34 -28.31 -77.97
N ILE F 64 10.01 -28.44 -77.91
CA ILE F 64 9.10 -27.37 -78.28
C ILE F 64 8.26 -26.86 -77.12
N PHE F 65 8.37 -27.45 -75.93
CA PHE F 65 7.52 -27.11 -74.80
C PHE F 65 6.04 -27.32 -75.18
N ILE F 66 5.57 -28.56 -75.05
CA ILE F 66 4.24 -28.90 -75.54
C ILE F 66 3.18 -28.16 -74.75
N ARG F 67 2.23 -27.56 -75.46
CA ARG F 67 1.12 -26.86 -74.83
C ARG F 67 0.12 -27.84 -74.23
N GLU F 68 -0.43 -27.47 -73.07
CA GLU F 68 -1.41 -28.29 -72.36
C GLU F 68 -0.82 -29.64 -71.97
N LYS F 69 -0.63 -30.52 -72.95
CA LYS F 69 -0.06 -31.83 -72.69
C LYS F 69 1.42 -31.71 -72.34
N GLY F 70 1.72 -31.19 -71.16
CA GLY F 70 3.08 -30.99 -70.72
C GLY F 70 3.22 -29.90 -69.68
N ILE F 71 2.84 -30.21 -68.44
CA ILE F 71 2.91 -29.22 -67.37
C ILE F 71 4.37 -29.02 -66.95
N LEU F 72 4.59 -27.91 -66.22
CA LEU F 72 5.95 -27.57 -65.81
C LEU F 72 6.51 -28.60 -64.82
N ASN F 73 5.71 -29.02 -63.85
CA ASN F 73 6.19 -29.99 -62.87
C ASN F 73 6.52 -31.32 -63.52
N ASN F 74 5.80 -31.70 -64.57
CA ASN F 74 6.08 -32.95 -65.27
C ASN F 74 7.50 -32.94 -65.86
N LEU F 75 7.82 -31.90 -66.64
CA LEU F 75 9.15 -31.83 -67.23
C LEU F 75 10.22 -31.58 -66.16
N ILE F 76 9.86 -30.92 -65.06
CA ILE F 76 10.81 -30.73 -63.97
C ILE F 76 11.19 -32.06 -63.35
N ASP F 77 10.19 -32.91 -63.07
CA ASP F 77 10.47 -34.23 -62.53
C ASP F 77 11.16 -35.12 -63.56
N GLU F 78 10.88 -34.93 -64.85
CA GLU F 78 11.53 -35.72 -65.88
C GLU F 78 13.00 -35.35 -66.04
N ALA F 79 13.33 -34.06 -65.85
CA ALA F 79 14.72 -33.65 -65.96
C ALA F 79 15.58 -34.21 -64.83
N HIS F 80 14.98 -34.43 -63.66
CA HIS F 80 15.68 -34.98 -62.50
C HIS F 80 15.64 -36.50 -62.46
N GLU F 81 15.60 -37.17 -63.61
CA GLU F 81 15.55 -38.62 -63.68
C GLU F 81 16.46 -39.12 -64.80
N GLN F 82 17.60 -38.45 -64.99
CA GLN F 82 18.54 -38.84 -66.04
C GLN F 82 19.96 -38.84 -65.49
N GLU F 83 20.77 -37.87 -65.93
CA GLU F 83 22.15 -37.77 -65.48
C GLU F 83 22.28 -37.09 -64.13
N ASN F 84 21.16 -36.69 -63.50
CA ASN F 84 21.17 -36.05 -62.18
C ASN F 84 19.86 -36.41 -61.48
N VAL F 85 19.83 -37.58 -60.86
CA VAL F 85 18.63 -38.08 -60.19
C VAL F 85 18.65 -37.78 -58.70
N LYS F 86 19.84 -37.81 -58.08
CA LYS F 86 19.95 -37.58 -56.65
C LYS F 86 21.37 -37.18 -56.25
N GLY F 87 22.29 -38.15 -56.24
CA GLY F 87 23.64 -37.91 -55.79
C GLY F 87 24.42 -36.95 -56.68
N LYS F 88 24.15 -35.65 -56.51
CA LYS F 88 24.86 -34.65 -57.30
C LYS F 88 25.00 -33.30 -56.60
N GLU F 89 24.66 -33.22 -55.31
CA GLU F 89 24.67 -31.98 -54.53
C GLU F 89 23.67 -30.96 -55.08
N LYS F 90 22.72 -30.54 -54.23
CA LYS F 90 21.64 -29.67 -54.69
C LYS F 90 22.18 -28.40 -55.34
N GLY F 91 23.21 -27.79 -54.73
CA GLY F 91 23.82 -26.61 -55.32
C GLY F 91 24.36 -26.86 -56.71
N GLU F 92 24.85 -28.07 -56.97
CA GLU F 92 25.26 -28.46 -58.32
C GLU F 92 24.16 -29.19 -59.08
N LYS F 93 23.22 -29.81 -58.39
CA LYS F 93 22.11 -30.47 -59.05
C LYS F 93 21.24 -29.47 -59.80
N THR F 94 21.02 -28.29 -59.20
CA THR F 94 20.23 -27.26 -59.87
C THR F 94 20.92 -26.81 -61.17
N GLU F 95 22.23 -26.58 -61.10
CA GLU F 95 22.96 -26.16 -62.29
C GLU F 95 22.98 -27.25 -63.35
N ALA F 96 23.12 -28.51 -62.93
CA ALA F 96 23.11 -29.61 -63.90
C ALA F 96 21.75 -29.73 -64.57
N ALA F 97 20.66 -29.59 -63.80
CA ALA F 97 19.34 -29.65 -64.38
C ALA F 97 19.09 -28.48 -65.32
N ARG F 98 19.58 -27.29 -64.97
CA ARG F 98 19.44 -26.14 -65.86
C ARG F 98 20.20 -26.36 -67.16
N GLN F 99 21.42 -26.89 -67.07
CA GLN F 99 22.20 -27.17 -68.27
C GLN F 99 21.53 -28.23 -69.14
N TYR F 100 20.96 -29.26 -68.51
CA TYR F 100 20.27 -30.30 -69.27
C TYR F 100 19.03 -29.75 -69.96
N MET F 101 18.27 -28.88 -69.26
CA MET F 101 17.08 -28.29 -69.86
C MET F 101 17.45 -27.33 -70.99
N CYS F 102 18.61 -26.65 -70.88
CA CYS F 102 19.04 -25.77 -71.94
C CYS F 102 19.52 -26.55 -73.16
N SER F 103 20.22 -27.66 -72.94
CA SER F 103 20.73 -28.47 -74.04
C SER F 103 19.65 -29.33 -74.68
N ARG F 104 18.57 -29.64 -73.97
CA ARG F 104 17.50 -30.47 -74.49
C ARG F 104 16.34 -29.65 -75.05
N TYR F 105 15.81 -28.71 -74.26
CA TYR F 105 14.70 -27.87 -74.69
C TYR F 105 15.25 -26.66 -75.44
N TYR F 106 14.79 -26.47 -76.68
CA TYR F 106 15.24 -25.31 -77.45
C TYR F 106 14.59 -24.02 -76.97
N ASP F 107 13.34 -24.10 -76.49
CA ASP F 107 12.66 -22.91 -76.00
C ASP F 107 13.32 -22.34 -74.75
N ILE F 108 13.89 -23.21 -73.92
CA ILE F 108 14.57 -22.74 -72.71
C ILE F 108 15.92 -22.11 -73.07
N ARG F 109 16.64 -22.69 -74.02
CA ARG F 109 17.93 -22.13 -74.43
C ARG F 109 17.75 -20.81 -75.16
N THR F 110 16.72 -20.70 -76.00
CA THR F 110 16.47 -19.46 -76.73
C THR F 110 15.73 -18.44 -75.87
N PHE F 111 14.45 -18.71 -75.60
CA PHE F 111 13.63 -17.79 -74.81
C PHE F 111 13.83 -18.05 -73.31
N GLY F 112 13.29 -19.14 -72.81
CA GLY F 112 13.42 -19.49 -71.41
C GLY F 112 12.15 -19.20 -70.63
N ALA F 113 11.99 -19.93 -69.53
CA ALA F 113 10.82 -19.78 -68.68
C ALA F 113 11.23 -19.99 -67.23
N VAL F 114 10.39 -19.50 -66.31
CA VAL F 114 10.63 -19.63 -64.89
C VAL F 114 10.22 -21.04 -64.45
N MET F 115 11.17 -21.80 -63.93
CA MET F 115 10.93 -23.17 -63.48
C MET F 115 11.10 -23.23 -61.96
N THR F 116 10.10 -22.71 -61.26
CA THR F 116 10.07 -22.68 -59.80
C THR F 116 8.83 -23.39 -59.26
N THR F 117 8.51 -24.55 -59.82
CA THR F 117 7.35 -25.31 -59.37
C THR F 117 7.69 -26.18 -58.19
N GLY F 118 7.67 -27.50 -58.37
CA GLY F 118 8.00 -28.41 -57.29
C GLY F 118 9.46 -28.37 -56.91
N LYS F 119 10.32 -28.93 -57.77
CA LYS F 119 11.76 -28.91 -57.55
C LYS F 119 12.35 -27.75 -58.36
N ASN F 120 12.72 -26.68 -57.66
CA ASN F 120 13.28 -25.49 -58.31
C ASN F 120 14.65 -25.85 -58.90
N ALA F 121 14.67 -26.11 -60.20
CA ALA F 121 15.90 -26.48 -60.90
C ALA F 121 16.64 -25.26 -61.46
N GLY F 122 16.72 -24.18 -60.68
CA GLY F 122 17.38 -22.98 -61.13
C GLY F 122 16.52 -22.13 -62.04
N GLN F 123 16.99 -20.91 -62.29
CA GLN F 123 16.30 -19.96 -63.14
C GLN F 123 17.24 -19.53 -64.26
N VAL F 124 16.80 -19.72 -65.51
CA VAL F 124 17.63 -19.37 -66.65
C VAL F 124 17.67 -17.86 -66.82
N ARG F 125 18.84 -17.34 -67.18
CA ARG F 125 18.99 -15.90 -67.39
C ARG F 125 18.35 -15.46 -68.70
N GLY F 126 18.36 -16.31 -69.72
CA GLY F 126 17.75 -16.00 -70.99
C GLY F 126 18.61 -15.08 -71.83
N PRO F 127 19.16 -15.63 -72.92
CA PRO F 127 19.99 -14.81 -73.82
C PRO F 127 19.14 -13.96 -74.76
N VAL F 128 18.28 -14.60 -75.54
CA VAL F 128 17.41 -13.89 -76.45
C VAL F 128 16.33 -13.18 -75.64
N GLN F 129 16.39 -11.84 -75.62
CA GLN F 129 15.45 -11.04 -74.85
C GLN F 129 14.73 -10.08 -75.80
N LEU F 130 13.39 -10.15 -75.80
CA LEU F 130 12.55 -9.32 -76.64
C LEU F 130 11.91 -8.22 -75.81
N THR F 131 11.01 -7.48 -76.44
CA THR F 131 10.28 -6.39 -75.79
C THR F 131 8.86 -6.30 -76.34
N PHE F 132 8.05 -5.48 -75.68
CA PHE F 132 6.66 -5.30 -76.09
C PHE F 132 6.60 -4.49 -77.38
N SER F 133 6.10 -5.10 -78.45
CA SER F 133 6.00 -4.44 -79.73
C SER F 133 4.94 -3.35 -79.70
N ARG F 134 5.23 -2.22 -80.34
CA ARG F 134 4.32 -1.09 -80.40
C ARG F 134 4.36 -0.47 -81.79
N SER F 135 3.26 0.18 -82.16
CA SER F 135 3.15 0.82 -83.46
C SER F 135 3.43 2.31 -83.35
N ILE F 136 3.76 2.92 -84.50
CA ILE F 136 4.05 4.35 -84.53
C ILE F 136 2.75 5.16 -84.53
N ASP F 137 1.96 5.02 -85.59
CA ASP F 137 0.69 5.74 -85.68
C ASP F 137 -0.36 5.06 -84.81
N PRO F 138 -1.17 5.83 -84.07
CA PRO F 138 -2.21 5.23 -83.24
C PRO F 138 -3.26 4.54 -84.10
N ILE F 139 -3.43 3.24 -83.87
CA ILE F 139 -4.40 2.46 -84.64
C ILE F 139 -5.81 2.73 -84.12
N MET F 140 -6.79 2.41 -84.96
CA MET F 140 -8.20 2.59 -84.65
C MET F 140 -8.91 1.24 -84.68
N THR F 141 -9.88 1.07 -83.80
CA THR F 141 -10.64 -0.17 -83.72
C THR F 141 -11.91 -0.07 -84.56
N LEU F 142 -12.35 -1.23 -85.06
CA LEU F 142 -13.55 -1.31 -85.88
C LEU F 142 -14.67 -2.10 -85.24
N GLU F 143 -14.37 -2.97 -84.28
CA GLU F 143 -15.36 -3.80 -83.59
C GLU F 143 -16.15 -4.65 -84.58
N HIS F 144 -15.47 -5.67 -85.09
CA HIS F 144 -16.07 -6.59 -86.06
C HIS F 144 -16.88 -7.65 -85.32
N SER F 145 -18.13 -7.84 -85.76
CA SER F 145 -19.02 -8.81 -85.17
C SER F 145 -19.45 -9.82 -86.23
N ILE F 146 -19.36 -11.10 -85.90
CA ILE F 146 -19.72 -12.17 -86.81
C ILE F 146 -21.08 -12.73 -86.39
N THR F 147 -21.75 -13.38 -87.33
CA THR F 147 -23.05 -13.99 -87.11
C THR F 147 -22.88 -15.51 -87.14
N ARG F 148 -22.90 -16.13 -85.96
CA ARG F 148 -22.75 -17.57 -85.83
C ARG F 148 -24.12 -18.22 -85.67
N MET F 149 -24.32 -19.33 -86.38
CA MET F 149 -25.60 -20.02 -86.31
C MET F 149 -25.74 -20.81 -85.01
N ALA F 150 -24.69 -21.50 -84.58
CA ALA F 150 -24.74 -22.27 -83.35
C ALA F 150 -24.66 -21.36 -82.14
N VAL F 151 -25.33 -21.76 -81.07
CA VAL F 151 -25.35 -20.98 -79.84
C VAL F 151 -24.43 -21.62 -78.80
N ARG F 164 -28.88 -17.25 -82.40
CA ARG F 164 -27.65 -16.71 -82.97
C ARG F 164 -26.89 -15.87 -81.95
N THR F 165 -25.57 -16.09 -81.87
CA THR F 165 -24.74 -15.36 -80.94
C THR F 165 -24.44 -13.96 -81.48
N MET F 166 -23.87 -13.12 -80.61
CA MET F 166 -23.55 -11.75 -80.99
C MET F 166 -22.27 -11.69 -81.80
N GLY F 167 -21.29 -12.53 -81.48
CA GLY F 167 -20.03 -12.54 -82.20
C GLY F 167 -19.11 -11.41 -81.80
N ARG F 168 -18.01 -11.74 -81.12
CA ARG F 168 -17.03 -10.76 -80.65
C ARG F 168 -15.64 -11.12 -81.20
N LYS F 169 -15.51 -11.05 -82.53
CA LYS F 169 -14.25 -11.34 -83.20
C LYS F 169 -13.67 -10.03 -83.71
N PHE F 170 -12.98 -9.32 -82.82
CA PHE F 170 -12.38 -8.04 -83.17
C PHE F 170 -11.16 -8.25 -84.07
N THR F 171 -10.79 -7.18 -84.77
CA THR F 171 -9.65 -7.22 -85.69
C THR F 171 -9.10 -5.81 -85.85
N VAL F 172 -7.84 -5.75 -86.24
CA VAL F 172 -7.13 -4.48 -86.47
C VAL F 172 -6.91 -4.34 -87.97
N PRO F 173 -7.27 -3.21 -88.58
CA PRO F 173 -7.07 -3.04 -90.03
C PRO F 173 -5.61 -3.09 -90.44
N TYR F 174 -4.79 -2.21 -89.89
CA TYR F 174 -3.38 -2.15 -90.23
C TYR F 174 -2.61 -1.50 -89.09
N GLY F 175 -1.35 -1.90 -88.94
CA GLY F 175 -0.49 -1.35 -87.91
C GLY F 175 0.89 -1.98 -87.91
N LEU F 176 1.89 -1.21 -88.32
CA LEU F 176 3.27 -1.70 -88.39
C LEU F 176 3.85 -1.72 -86.98
N TYR F 177 3.79 -2.88 -86.34
CA TYR F 177 4.32 -3.04 -84.99
C TYR F 177 5.83 -3.18 -85.04
N ARG F 178 6.52 -2.36 -84.26
CA ARG F 178 7.98 -2.36 -84.20
C ARG F 178 8.42 -2.94 -82.86
N CYS F 179 9.38 -3.87 -82.91
CA CYS F 179 9.90 -4.51 -81.71
C CYS F 179 11.42 -4.60 -81.80
N HIS F 180 12.05 -4.70 -80.64
CA HIS F 180 13.50 -4.80 -80.53
C HIS F 180 13.88 -6.08 -79.81
N GLY F 181 15.01 -6.66 -80.20
CA GLY F 181 15.49 -7.87 -79.57
C GLY F 181 17.00 -7.90 -79.43
N PHE F 182 17.47 -8.50 -78.34
CA PHE F 182 18.90 -8.55 -78.02
C PHE F 182 19.32 -9.99 -77.79
N ILE F 183 20.53 -10.32 -78.25
CA ILE F 183 21.11 -11.64 -78.02
C ILE F 183 22.44 -11.47 -77.31
N SER F 184 22.38 -11.30 -75.99
CA SER F 184 23.59 -11.04 -75.21
C SER F 184 24.46 -12.29 -75.14
N THR F 185 25.70 -12.09 -74.66
CA THR F 185 26.68 -13.15 -74.54
C THR F 185 26.81 -13.68 -73.11
N HIS F 186 26.71 -12.80 -72.11
CA HIS F 186 26.80 -13.24 -70.72
C HIS F 186 25.64 -14.17 -70.36
N PHE F 187 24.43 -13.84 -70.82
CA PHE F 187 23.29 -14.71 -70.58
C PHE F 187 23.29 -15.94 -71.47
N ALA F 188 24.01 -15.91 -72.60
CA ALA F 188 24.11 -17.06 -73.47
C ALA F 188 25.14 -18.07 -72.97
N LYS F 189 26.18 -17.60 -72.28
CA LYS F 189 27.17 -18.52 -71.74
C LYS F 189 26.59 -19.42 -70.65
N GLN F 190 25.56 -18.94 -69.95
CA GLN F 190 24.91 -19.74 -68.92
C GLN F 190 23.92 -20.75 -69.49
N THR F 191 23.60 -20.66 -70.79
CA THR F 191 22.68 -21.59 -71.44
C THR F 191 23.32 -22.43 -72.52
N GLY F 192 24.10 -21.84 -73.42
CA GLY F 192 24.74 -22.60 -74.48
C GLY F 192 24.22 -22.24 -75.86
N PHE F 193 23.93 -20.96 -76.08
CA PHE F 193 23.41 -20.51 -77.36
C PHE F 193 24.54 -20.48 -78.40
N SER F 194 24.42 -21.32 -79.42
CA SER F 194 25.42 -21.41 -80.47
C SER F 194 24.95 -20.67 -81.72
N GLU F 195 25.71 -20.83 -82.81
CA GLU F 195 25.35 -20.17 -84.06
C GLU F 195 24.21 -20.87 -84.78
N ASN F 196 24.11 -22.20 -84.64
CA ASN F 196 23.00 -22.92 -85.26
C ASN F 196 21.67 -22.51 -84.64
N ASP F 197 21.64 -22.35 -83.32
CA ASP F 197 20.42 -21.90 -82.65
C ASP F 197 20.06 -20.49 -83.09
N LEU F 198 21.07 -19.62 -83.28
CA LEU F 198 20.80 -18.27 -83.76
C LEU F 198 20.24 -18.28 -85.18
N GLU F 199 20.79 -19.12 -86.05
CA GLU F 199 20.26 -19.22 -87.41
C GLU F 199 18.84 -19.76 -87.41
N LEU F 200 18.56 -20.75 -86.55
CA LEU F 200 17.20 -21.27 -86.45
C LEU F 200 16.24 -20.21 -85.93
N PHE F 201 16.68 -19.38 -84.99
CA PHE F 201 15.85 -18.29 -84.49
C PHE F 201 15.60 -17.25 -85.58
N TRP F 202 16.61 -16.95 -86.39
CA TRP F 202 16.42 -16.04 -87.51
C TRP F 202 15.41 -16.60 -88.50
N GLN F 203 15.52 -17.89 -88.82
CA GLN F 203 14.59 -18.51 -89.75
C GLN F 203 13.16 -18.50 -89.18
N ALA F 204 13.03 -18.74 -87.88
CA ALA F 204 11.71 -18.71 -87.26
C ALA F 204 11.13 -17.30 -87.27
N LEU F 205 11.98 -16.29 -87.07
CA LEU F 205 11.49 -14.91 -87.08
C LEU F 205 11.06 -14.50 -88.49
N VAL F 206 11.79 -14.96 -89.51
CA VAL F 206 11.48 -14.57 -90.89
C VAL F 206 10.50 -15.51 -91.56
N ASN F 207 10.04 -16.57 -90.88
CA ASN F 207 9.12 -17.50 -91.51
C ASN F 207 7.99 -17.96 -90.58
N MET F 208 7.66 -17.19 -89.55
CA MET F 208 6.57 -17.57 -88.65
C MET F 208 5.21 -17.08 -89.13
N PHE F 209 5.17 -16.02 -89.94
CA PHE F 209 3.90 -15.47 -90.40
C PHE F 209 3.34 -16.21 -91.61
N ASP F 210 4.08 -17.16 -92.17
CA ASP F 210 3.62 -17.94 -93.32
C ASP F 210 3.25 -19.37 -92.94
N HIS F 211 3.11 -19.66 -91.66
CA HIS F 211 2.76 -21.00 -91.20
C HIS F 211 1.63 -21.04 -90.19
N ASP F 212 1.56 -20.06 -89.28
CA ASP F 212 0.52 -20.00 -88.27
C ASP F 212 -0.58 -19.07 -88.76
N HIS F 213 -1.74 -19.64 -89.08
CA HIS F 213 -2.89 -18.87 -89.57
C HIS F 213 -4.16 -19.50 -88.98
N SER F 214 -4.63 -18.92 -87.88
CA SER F 214 -5.83 -19.38 -87.19
C SER F 214 -6.99 -18.44 -87.48
N ALA F 215 -8.15 -18.78 -86.92
CA ALA F 215 -9.35 -17.96 -87.12
C ALA F 215 -9.34 -16.69 -86.29
N ALA F 216 -8.57 -16.65 -85.20
CA ALA F 216 -8.49 -15.47 -84.35
C ALA F 216 -7.28 -14.59 -84.65
N ARG F 217 -6.27 -15.13 -85.31
CA ARG F 217 -5.07 -14.35 -85.63
C ARG F 217 -5.15 -13.70 -87.00
N GLY F 218 -5.71 -14.39 -87.99
CA GLY F 218 -5.83 -13.84 -89.31
C GLY F 218 -4.56 -13.96 -90.13
N GLN F 219 -4.54 -13.25 -91.25
CA GLN F 219 -3.39 -13.25 -92.14
C GLN F 219 -2.25 -12.43 -91.54
N MET F 220 -1.04 -12.97 -91.62
CA MET F 220 0.15 -12.32 -91.09
C MET F 220 1.25 -12.32 -92.15
N ASN F 221 2.11 -11.32 -92.08
CA ASN F 221 3.22 -11.18 -93.02
C ASN F 221 4.28 -10.29 -92.39
N ALA F 222 5.54 -10.59 -92.69
CA ALA F 222 6.65 -9.79 -92.18
C ALA F 222 7.00 -8.70 -93.17
N ARG F 223 7.52 -7.58 -92.64
CA ARG F 223 7.88 -6.43 -93.45
C ARG F 223 9.38 -6.16 -93.44
N GLY F 224 9.98 -5.99 -92.26
CA GLY F 224 11.40 -5.70 -92.21
C GLY F 224 12.09 -6.24 -90.97
N LEU F 225 13.34 -6.66 -91.12
CA LEU F 225 14.13 -7.18 -90.00
C LEU F 225 15.57 -6.71 -90.22
N TYR F 226 16.00 -5.72 -89.43
CA TYR F 226 17.33 -5.13 -89.56
C TYR F 226 18.11 -5.42 -88.30
N VAL F 227 19.22 -6.17 -88.42
CA VAL F 227 19.98 -6.63 -87.28
C VAL F 227 21.40 -6.11 -87.39
N PHE F 228 21.89 -5.50 -86.30
CA PHE F 228 23.27 -5.10 -86.16
C PHE F 228 24.03 -6.14 -85.34
N GLU F 229 25.32 -6.26 -85.63
CA GLU F 229 26.20 -7.21 -84.96
C GLU F 229 27.49 -6.50 -84.57
N HIS F 230 27.79 -6.48 -83.28
CA HIS F 230 29.04 -5.94 -82.76
C HIS F 230 30.07 -7.07 -82.68
N SER F 231 31.25 -6.82 -83.25
CA SER F 231 32.27 -7.86 -83.31
C SER F 231 32.79 -8.20 -81.92
N ASN F 232 32.91 -7.22 -81.05
CA ASN F 232 33.41 -7.47 -79.70
C ASN F 232 32.36 -8.20 -78.87
N ASN F 233 32.79 -8.71 -77.72
CA ASN F 233 31.90 -9.41 -76.81
C ASN F 233 30.93 -8.47 -76.10
N LEU F 234 31.14 -7.15 -76.17
CA LEU F 234 30.26 -6.20 -75.51
C LEU F 234 29.58 -5.30 -76.54
N GLY F 235 29.44 -4.02 -76.22
CA GLY F 235 28.78 -3.10 -77.12
C GLY F 235 29.66 -1.92 -77.50
N ASP F 236 30.10 -1.89 -78.76
CA ASP F 236 30.93 -0.78 -79.23
C ASP F 236 30.13 0.49 -79.44
N ALA F 237 28.82 0.39 -79.64
CA ALA F 237 27.96 1.55 -79.85
C ALA F 237 26.69 1.35 -79.05
N PRO F 238 26.08 2.44 -78.56
CA PRO F 238 24.84 2.31 -77.80
C PRO F 238 23.71 1.76 -78.66
N ALA F 239 22.77 1.09 -78.01
CA ALA F 239 21.67 0.46 -78.74
C ALA F 239 20.57 1.46 -79.10
N ASP F 240 20.35 2.48 -78.26
CA ASP F 240 19.30 3.44 -78.55
C ASP F 240 19.61 4.25 -79.80
N SER F 241 20.88 4.62 -79.99
CA SER F 241 21.26 5.36 -81.18
C SER F 241 21.08 4.51 -82.43
N LEU F 242 21.53 3.25 -82.39
CA LEU F 242 21.36 2.37 -83.54
C LEU F 242 19.90 2.09 -83.83
N PHE F 243 19.06 2.09 -82.80
CA PHE F 243 17.62 1.89 -83.01
C PHE F 243 16.98 3.13 -83.61
N LYS F 244 17.40 4.31 -83.17
CA LYS F 244 16.87 5.56 -83.72
C LYS F 244 17.43 5.88 -85.10
N ARG F 245 18.51 5.21 -85.53
CA ARG F 245 19.03 5.42 -86.87
C ARG F 245 17.99 5.05 -87.93
N ILE F 246 17.27 3.96 -87.71
CA ILE F 246 16.21 3.54 -88.63
C ILE F 246 14.97 4.38 -88.35
N GLN F 247 14.46 5.04 -89.39
CA GLN F 247 13.31 5.93 -89.27
C GLN F 247 12.15 5.35 -90.07
N VAL F 248 11.17 4.78 -89.37
CA VAL F 248 9.94 4.28 -89.98
C VAL F 248 8.85 5.32 -89.78
N VAL F 249 8.30 5.84 -90.88
CA VAL F 249 7.33 6.92 -90.82
C VAL F 249 6.42 6.84 -92.04
N LYS F 250 5.27 7.49 -91.94
CA LYS F 250 4.31 7.49 -93.04
C LYS F 250 4.83 8.32 -94.22
N LYS F 251 4.08 8.28 -95.31
CA LYS F 251 4.43 9.02 -96.52
C LYS F 251 4.04 10.50 -96.35
N ASP F 252 4.03 11.23 -97.46
CA ASP F 252 3.69 12.65 -97.43
C ASP F 252 2.19 12.84 -97.28
N GLY F 253 1.46 12.75 -98.39
CA GLY F 253 0.02 12.91 -98.37
C GLY F 253 -0.72 11.64 -98.01
N VAL F 254 -0.43 11.08 -96.84
CA VAL F 254 -1.06 9.85 -96.36
C VAL F 254 -1.48 10.06 -94.92
N GLU F 255 -2.78 9.93 -94.64
CA GLU F 255 -3.29 10.10 -93.29
C GLU F 255 -3.50 8.77 -92.57
N VAL F 256 -4.04 7.76 -93.23
CA VAL F 256 -4.26 6.45 -92.65
C VAL F 256 -3.46 5.43 -93.46
N VAL F 257 -3.11 4.32 -92.83
CA VAL F 257 -2.31 3.29 -93.47
C VAL F 257 -3.17 2.05 -93.67
N ARG F 258 -3.01 1.40 -94.82
CA ARG F 258 -3.77 0.19 -95.13
C ARG F 258 -2.87 -0.89 -95.72
N SER F 259 -1.76 -0.48 -96.33
CA SER F 259 -0.84 -1.41 -96.97
C SER F 259 0.59 -1.01 -96.57
N PHE F 260 1.57 -1.60 -97.27
CA PHE F 260 2.97 -1.39 -96.92
C PHE F 260 3.55 -0.14 -97.58
N ASP F 261 3.00 0.29 -98.71
CA ASP F 261 3.54 1.45 -99.40
C ASP F 261 3.31 2.76 -98.66
N ASP F 262 2.53 2.76 -97.59
CA ASP F 262 2.27 3.95 -96.80
C ASP F 262 3.16 4.03 -95.56
N TYR F 263 4.23 3.25 -95.52
CA TYR F 263 5.16 3.24 -94.37
C TYR F 263 6.58 3.09 -94.93
N LEU F 264 7.30 4.20 -95.01
CA LEU F 264 8.67 4.19 -95.51
C LEU F 264 9.62 3.98 -94.35
N VAL F 265 10.61 3.11 -94.56
CA VAL F 265 11.62 2.78 -93.56
C VAL F 265 12.98 3.26 -94.03
N SER F 266 13.26 4.55 -93.82
CA SER F 266 14.54 5.12 -94.22
C SER F 266 15.64 4.64 -93.29
N VAL F 267 16.66 3.99 -93.86
CA VAL F 267 17.80 3.50 -93.09
C VAL F 267 19.06 4.22 -93.56
N ASP F 268 20.22 3.79 -93.07
CA ASP F 268 21.47 4.39 -93.46
C ASP F 268 22.61 3.42 -93.16
N ASP F 269 23.74 3.63 -93.84
CA ASP F 269 24.94 2.82 -93.66
C ASP F 269 26.18 3.72 -93.76
N LYS F 270 26.31 4.65 -92.81
CA LYS F 270 27.41 5.59 -92.81
C LYS F 270 28.30 5.26 -91.63
N ASN F 271 28.04 5.80 -90.45
CA ASN F 271 28.92 5.61 -89.30
C ASN F 271 28.45 4.43 -88.44
N LEU F 272 28.51 3.23 -89.02
CA LEU F 272 28.12 2.03 -88.27
C LEU F 272 28.74 0.75 -88.83
N GLU F 273 29.76 0.83 -89.67
CA GLU F 273 30.41 -0.36 -90.22
C GLU F 273 31.91 -0.39 -89.92
N GLU F 274 32.39 0.42 -88.99
CA GLU F 274 33.80 0.39 -88.64
C GLU F 274 34.13 -0.76 -87.71
N THR F 275 33.15 -1.35 -87.05
CA THR F 275 33.37 -2.47 -86.14
C THR F 275 32.11 -3.32 -86.02
N LYS F 276 31.02 -2.87 -86.62
CA LYS F 276 29.74 -3.55 -86.58
C LYS F 276 29.29 -3.89 -87.99
N LEU F 277 28.28 -4.75 -88.09
CA LEU F 277 27.75 -5.19 -89.38
C LEU F 277 26.23 -5.16 -89.33
N LEU F 278 25.62 -4.43 -90.25
CA LEU F 278 24.18 -4.34 -90.37
C LEU F 278 23.71 -5.22 -91.54
N ARG F 279 22.66 -6.01 -91.30
CA ARG F 279 22.09 -6.82 -92.36
C ARG F 279 20.57 -6.85 -92.23
N LYS F 280 19.90 -6.86 -93.38
CA LYS F 280 18.45 -6.90 -93.44
C LYS F 280 17.98 -8.26 -93.92
N LEU F 281 17.01 -8.84 -93.19
CA LEU F 281 16.49 -10.16 -93.51
C LEU F 281 15.05 -10.07 -94.03
N GLY F 282 14.11 -9.59 -93.22
CA GLY F 282 12.73 -9.48 -93.66
C GLY F 282 12.47 -8.39 -94.66
N GLY F 283 13.30 -7.35 -94.68
CA GLY F 283 13.14 -6.26 -95.62
C GLY F 283 14.45 -5.75 -96.18
N MET G 1 -6.54 -29.43 56.53
CA MET G 1 -5.25 -29.16 55.90
C MET G 1 -4.92 -27.67 55.91
N ILE G 2 -5.96 -26.84 55.96
CA ILE G 2 -5.75 -25.39 56.00
C ILE G 2 -5.22 -24.97 57.36
N LEU G 3 -5.89 -25.37 58.43
CA LEU G 3 -5.47 -25.06 59.78
C LEU G 3 -4.77 -26.21 60.49
N HIS G 4 -4.95 -27.45 60.01
CA HIS G 4 -4.27 -28.58 60.63
C HIS G 4 -2.78 -28.56 60.32
N ALA G 5 -2.42 -28.30 59.07
CA ALA G 5 -1.00 -28.21 58.71
C ALA G 5 -0.32 -27.04 59.40
N LEU G 6 -1.06 -25.97 59.68
CA LEU G 6 -0.50 -24.84 60.41
C LEU G 6 -0.05 -25.27 61.81
N THR G 7 -0.94 -25.92 62.56
CA THR G 7 -0.57 -26.42 63.87
C THR G 7 0.52 -27.48 63.78
N GLN G 8 0.49 -28.31 62.73
CA GLN G 8 1.50 -29.35 62.56
C GLN G 8 2.89 -28.74 62.42
N TYR G 9 3.04 -27.80 61.48
CA TYR G 9 4.35 -27.19 61.27
C TYR G 9 4.73 -26.25 62.42
N TYR G 10 3.76 -25.71 63.16
CA TYR G 10 4.09 -24.93 64.34
C TYR G 10 4.67 -25.82 65.44
N GLN G 11 4.07 -26.98 65.66
CA GLN G 11 4.62 -27.93 66.63
C GLN G 11 5.95 -28.50 66.16
N ARG G 12 6.12 -28.62 64.84
CA ARG G 12 7.41 -29.09 64.31
C ARG G 12 8.51 -28.06 64.53
N LYS G 13 8.21 -26.78 64.28
CA LYS G 13 9.19 -25.73 64.50
C LYS G 13 9.42 -25.45 65.98
N ALA G 14 8.48 -25.83 66.85
CA ALA G 14 8.65 -25.59 68.28
C ALA G 14 9.69 -26.52 68.89
N GLU G 15 9.78 -27.75 68.40
CA GLU G 15 10.75 -28.72 68.89
C GLU G 15 12.11 -28.59 68.21
N SER G 16 12.27 -27.66 67.28
CA SER G 16 13.53 -27.46 66.58
C SER G 16 14.31 -26.25 67.09
N ASP G 17 13.74 -25.50 68.03
CA ASP G 17 14.38 -24.31 68.61
C ASP G 17 14.77 -23.31 67.53
N GLY G 18 13.80 -22.55 67.04
CA GLY G 18 14.05 -21.55 66.02
C GLY G 18 13.41 -20.21 66.31
N GLY G 19 13.29 -19.88 67.59
CA GLY G 19 12.69 -18.62 67.99
C GLY G 19 11.20 -18.56 67.74
N ILE G 20 10.44 -19.35 68.49
CA ILE G 20 8.99 -19.42 68.34
C ILE G 20 8.34 -19.35 69.72
N ALA G 21 7.06 -19.02 69.73
CA ALA G 21 6.32 -18.90 70.97
C ALA G 21 6.09 -20.26 71.62
N GLN G 22 5.79 -20.24 72.92
CA GLN G 22 5.57 -21.48 73.66
C GLN G 22 4.48 -21.20 74.72
N GLU G 23 3.23 -21.40 74.31
CA GLU G 23 2.08 -21.28 75.19
C GLU G 23 1.97 -19.89 75.81
N GLY G 24 1.29 -18.98 75.11
CA GLY G 24 1.05 -17.65 75.65
C GLY G 24 2.06 -16.59 75.26
N PHE G 25 2.62 -16.66 74.05
CA PHE G 25 3.58 -15.68 73.58
C PHE G 25 3.32 -15.41 72.10
N GLU G 26 3.93 -14.34 71.61
CA GLU G 26 3.79 -13.93 70.22
C GLU G 26 4.90 -12.94 69.90
N ASN G 27 5.43 -13.04 68.68
CA ASN G 27 6.49 -12.14 68.22
C ASN G 27 5.83 -10.89 67.66
N LYS G 28 5.84 -9.81 68.45
CA LYS G 28 5.23 -8.54 68.07
C LYS G 28 6.31 -7.47 67.93
N GLU G 29 6.06 -6.53 67.02
CA GLU G 29 7.02 -5.46 66.75
C GLU G 29 6.89 -4.37 67.80
N ILE G 30 7.99 -4.08 68.50
CA ILE G 30 8.01 -3.05 69.53
C ILE G 30 8.93 -1.92 69.08
N PRO G 31 8.39 -0.73 68.78
CA PRO G 31 9.24 0.38 68.36
C PRO G 31 10.11 0.93 69.49
N PHE G 32 9.58 1.90 70.23
CA PHE G 32 10.31 2.53 71.33
C PHE G 32 10.09 1.74 72.61
N ILE G 33 11.18 1.45 73.32
CA ILE G 33 11.16 0.70 74.57
C ILE G 33 11.65 1.60 75.69
N ILE G 34 10.88 1.67 76.77
CA ILE G 34 11.20 2.51 77.91
C ILE G 34 12.01 1.66 78.90
N VAL G 35 13.32 1.88 78.95
CA VAL G 35 14.20 1.15 79.86
C VAL G 35 14.23 1.90 81.19
N ILE G 36 13.87 1.21 82.27
CA ILE G 36 13.83 1.82 83.60
C ILE G 36 14.78 1.08 84.52
N ASP G 37 14.67 1.34 85.82
CA ASP G 37 15.53 0.73 86.82
C ASP G 37 14.79 -0.46 87.46
N LYS G 38 15.24 -0.89 88.64
CA LYS G 38 14.63 -2.03 89.31
C LYS G 38 13.38 -1.64 90.09
N GLN G 39 13.32 -0.40 90.59
CA GLN G 39 12.17 0.06 91.35
C GLN G 39 11.59 1.31 90.72
N GLY G 40 11.18 1.22 89.45
CA GLY G 40 10.64 2.37 88.74
C GLY G 40 11.73 3.27 88.19
N ASN G 41 11.48 4.58 88.21
CA ASN G 41 12.43 5.59 87.76
C ASN G 41 12.75 5.43 86.27
N PHE G 42 12.15 6.28 85.44
CA PHE G 42 12.43 6.26 84.01
C PHE G 42 13.89 6.58 83.74
N ILE G 43 14.59 5.67 83.07
CA ILE G 43 16.02 5.84 82.81
C ILE G 43 16.24 6.35 81.40
N GLN G 44 15.84 5.57 80.39
CA GLN G 44 16.09 5.96 79.01
C GLN G 44 14.94 5.48 78.12
N LEU G 45 14.88 6.05 76.93
CA LEU G 45 13.88 5.73 75.91
C LEU G 45 14.59 5.13 74.71
N GLU G 46 14.93 3.85 74.81
CA GLU G 46 15.66 3.17 73.75
C GLU G 46 14.74 2.91 72.55
N ASP G 47 15.37 2.75 71.38
CA ASP G 47 14.66 2.49 70.14
C ASP G 47 15.48 1.55 69.29
N THR G 48 14.85 0.46 68.85
CA THR G 48 15.54 -0.53 68.02
C THR G 48 14.91 -0.60 66.63
N ARG G 49 14.90 0.53 65.91
CA ARG G 49 14.32 0.57 64.57
C ARG G 49 15.41 0.39 63.52
N GLU G 50 15.27 1.10 62.39
CA GLU G 50 16.23 1.06 61.29
C GLU G 50 16.43 -0.36 60.76
N LEU G 51 15.54 -0.80 59.87
CA LEU G 51 15.63 -2.13 59.30
C LEU G 51 15.93 -2.08 57.80
N LYS G 52 14.88 -2.13 56.97
CA LYS G 52 15.05 -2.10 55.54
C LYS G 52 14.85 -0.69 54.98
N VAL G 53 14.28 -0.58 53.78
CA VAL G 53 14.05 0.73 53.19
C VAL G 53 12.91 1.45 53.89
N LYS G 54 12.02 0.71 54.55
CA LYS G 54 10.90 1.28 55.28
C LYS G 54 11.15 1.12 56.77
N LYS G 55 11.12 2.24 57.50
CA LYS G 55 11.33 2.24 58.94
C LYS G 55 10.13 1.58 59.62
N LYS G 56 10.31 0.34 60.06
CA LYS G 56 9.24 -0.39 60.72
C LYS G 56 9.10 0.08 62.17
N VAL G 57 8.17 -0.54 62.89
CA VAL G 57 7.94 -0.24 64.30
C VAL G 57 8.87 -1.07 65.16
N GLY G 58 10.19 -0.95 64.93
CA GLY G 58 11.17 -1.62 65.75
C GLY G 58 11.41 -3.06 65.34
N ARG G 59 12.05 -3.80 66.25
CA ARG G 59 12.36 -5.19 66.05
C ARG G 59 11.37 -6.06 66.80
N THR G 60 11.16 -7.28 66.31
CA THR G 60 10.18 -8.18 66.90
C THR G 60 10.70 -8.78 68.20
N PHE G 61 9.87 -8.72 69.25
CA PHE G 61 10.17 -9.31 70.53
C PHE G 61 9.02 -10.22 70.94
N LEU G 62 9.35 -11.21 71.77
CA LEU G 62 8.37 -12.19 72.24
C LEU G 62 7.65 -11.62 73.45
N VAL G 63 6.38 -11.24 73.27
CA VAL G 63 5.58 -10.68 74.35
C VAL G 63 4.30 -11.52 74.47
N PRO G 64 3.68 -11.53 75.65
CA PRO G 64 2.43 -12.29 75.81
C PRO G 64 1.35 -11.78 74.87
N LYS G 65 0.56 -12.71 74.35
CA LYS G 65 -0.48 -12.36 73.40
C LYS G 65 -1.63 -11.64 74.10
N GLY G 66 -2.48 -10.99 73.29
CA GLY G 66 -3.61 -10.26 73.81
C GLY G 66 -4.94 -10.84 73.37
N LEU G 67 -6.03 -10.17 73.73
CA LEU G 67 -7.37 -10.62 73.38
C LEU G 67 -8.04 -9.72 72.34
N GLY G 68 -7.28 -8.84 71.70
CA GLY G 68 -7.84 -7.97 70.69
C GLY G 68 -8.48 -6.72 71.26
N ARG G 69 -8.29 -5.58 70.60
CA ARG G 69 -8.83 -4.31 71.04
C ARG G 69 -9.73 -3.66 70.00
N SER G 70 -10.02 -4.35 68.89
CA SER G 70 -10.87 -3.80 67.84
C SER G 70 -12.32 -3.78 68.32
N GLY G 71 -12.85 -2.59 68.56
CA GLY G 71 -14.22 -2.45 69.01
C GLY G 71 -14.42 -1.11 69.70
N SER G 72 -15.65 -0.93 70.19
CA SER G 72 -16.00 0.30 70.88
C SER G 72 -15.38 0.36 72.27
N LYS G 73 -15.51 -0.72 73.04
CA LYS G 73 -14.95 -0.78 74.39
C LYS G 73 -13.55 -1.40 74.34
N SER G 74 -12.60 -0.58 73.90
CA SER G 74 -11.21 -0.99 73.78
C SER G 74 -10.43 -0.83 75.08
N TYR G 75 -11.08 -0.43 76.17
CA TYR G 75 -10.41 -0.23 77.45
C TYR G 75 -10.71 -1.34 78.46
N GLU G 76 -11.73 -2.16 78.21
CA GLU G 76 -12.11 -3.24 79.11
C GLU G 76 -11.35 -4.53 78.84
N VAL G 77 -10.47 -4.55 77.84
CA VAL G 77 -9.70 -5.76 77.54
C VAL G 77 -8.62 -5.98 78.60
N SER G 78 -7.91 -4.92 78.98
CA SER G 78 -6.87 -4.96 79.99
C SER G 78 -5.78 -5.98 79.65
N ASN G 79 -4.79 -5.57 78.87
CA ASN G 79 -3.71 -6.47 78.51
C ASN G 79 -2.77 -6.67 79.70
N LEU G 80 -1.78 -7.54 79.50
CA LEU G 80 -0.85 -7.90 80.56
C LEU G 80 0.19 -6.80 80.77
N LEU G 81 1.39 -7.00 80.22
CA LEU G 81 2.50 -6.07 80.43
C LEU G 81 2.84 -5.27 79.19
N TRP G 82 1.99 -5.27 78.17
CA TRP G 82 2.24 -4.52 76.96
C TRP G 82 0.91 -4.28 76.24
N ASP G 83 0.81 -3.11 75.59
CA ASP G 83 -0.39 -2.76 74.86
C ASP G 83 -0.10 -1.64 73.85
N HIS G 84 -0.94 -0.61 73.85
CA HIS G 84 -0.76 0.52 72.95
C HIS G 84 0.11 1.59 73.60
N TYR G 85 0.36 2.68 72.88
CA TYR G 85 1.18 3.76 73.41
C TYR G 85 0.40 4.57 74.45
N GLY G 86 -0.92 4.58 74.37
CA GLY G 86 -1.75 5.30 75.31
C GLY G 86 -2.18 4.51 76.54
N TYR G 87 -1.74 3.26 76.66
CA TYR G 87 -2.11 2.43 77.80
C TYR G 87 -1.20 2.67 79.00
N VAL G 88 -0.09 3.38 78.84
CA VAL G 88 0.85 3.65 79.93
C VAL G 88 0.87 5.13 80.29
N LEU G 89 1.18 6.00 79.33
CA LEU G 89 1.25 7.43 79.58
C LEU G 89 -0.11 8.10 79.59
N ALA G 90 -1.18 7.39 79.18
CA ALA G 90 -2.53 7.92 79.14
C ALA G 90 -2.61 9.18 78.28
N TYR G 91 -1.89 9.16 77.15
CA TYR G 91 -1.86 10.28 76.23
C TYR G 91 -2.07 9.77 74.81
N ALA G 92 -2.94 10.44 74.06
CA ALA G 92 -3.24 10.06 72.69
C ALA G 92 -3.04 11.26 71.77
N GLY G 93 -2.75 10.97 70.50
CA GLY G 93 -2.52 12.02 69.52
C GLY G 93 -3.79 12.49 68.85
N GLU G 94 -4.60 11.55 68.36
CA GLU G 94 -5.85 11.87 67.69
C GLU G 94 -7.08 11.40 68.43
N LYS G 95 -6.92 10.65 69.52
CA LYS G 95 -8.06 10.16 70.30
C LYS G 95 -8.37 11.01 71.52
N GLY G 96 -7.40 11.79 72.02
CA GLY G 96 -7.63 12.63 73.16
C GLY G 96 -7.58 11.85 74.47
N GLN G 97 -8.10 12.49 75.52
CA GLN G 97 -8.13 11.90 76.84
C GLN G 97 -9.36 11.02 77.01
N GLU G 98 -9.99 11.10 78.19
CA GLU G 98 -11.19 10.33 78.51
C GLU G 98 -10.95 8.83 78.34
N GLN G 99 -10.95 8.36 77.09
CA GLN G 99 -10.72 6.94 76.83
C GLN G 99 -9.30 6.51 77.15
N ALA G 100 -8.34 7.44 77.13
CA ALA G 100 -6.96 7.11 77.44
C ALA G 100 -6.73 6.91 78.93
N ASP G 101 -7.51 7.59 79.77
CA ASP G 101 -7.34 7.44 81.21
C ASP G 101 -7.87 6.09 81.69
N LYS G 102 -8.99 5.63 81.13
CA LYS G 102 -9.52 4.33 81.51
C LYS G 102 -8.58 3.20 81.11
N GLN G 103 -7.91 3.35 79.96
CA GLN G 103 -6.94 2.33 79.55
C GLN G 103 -5.78 2.24 80.53
N HIS G 104 -5.25 3.39 80.95
CA HIS G 104 -4.16 3.38 81.93
C HIS G 104 -4.62 2.85 83.27
N ALA G 105 -5.86 3.15 83.67
CA ALA G 105 -6.39 2.62 84.91
C ALA G 105 -6.52 1.10 84.85
N SER G 106 -7.03 0.57 83.75
CA SER G 106 -7.12 -0.88 83.60
C SER G 106 -5.74 -1.52 83.58
N PHE G 107 -4.77 -0.87 82.93
CA PHE G 107 -3.42 -1.42 82.87
C PHE G 107 -2.78 -1.47 84.26
N THR G 108 -2.92 -0.38 85.03
CA THR G 108 -2.33 -0.36 86.37
C THR G 108 -3.06 -1.32 87.31
N ALA G 109 -4.37 -1.48 87.14
CA ALA G 109 -5.08 -2.48 87.96
C ALA G 109 -4.62 -3.89 87.62
N LYS G 110 -4.41 -4.17 86.33
CA LYS G 110 -3.94 -5.49 85.92
C LYS G 110 -2.53 -5.77 86.46
N VAL G 111 -1.63 -4.79 86.36
CA VAL G 111 -0.27 -5.03 86.86
C VAL G 111 -0.28 -5.13 88.39
N ASN G 112 -1.18 -4.41 89.06
CA ASN G 112 -1.28 -4.53 90.51
C ASN G 112 -1.78 -5.90 90.92
N GLU G 113 -2.82 -6.41 90.24
CA GLU G 113 -3.31 -7.75 90.56
C GLU G 113 -2.29 -8.82 90.19
N LEU G 114 -1.46 -8.56 89.17
CA LEU G 114 -0.43 -9.52 88.81
C LEU G 114 0.69 -9.54 89.84
N LYS G 115 1.06 -8.37 90.37
CA LYS G 115 2.05 -8.32 91.44
C LYS G 115 1.50 -8.94 92.71
N GLN G 116 0.20 -8.77 92.98
CA GLN G 116 -0.40 -9.39 94.16
C GLN G 116 -0.45 -10.91 94.02
N ALA G 117 -0.79 -11.41 92.83
CA ALA G 117 -0.84 -12.85 92.60
C ALA G 117 0.55 -13.47 92.52
N LEU G 118 1.57 -12.68 92.21
CA LEU G 118 2.95 -13.17 92.11
C LEU G 118 3.88 -12.16 92.73
N PRO G 119 4.13 -12.26 94.03
CA PRO G 119 5.02 -11.32 94.71
C PRO G 119 6.48 -11.76 94.68
N ASP G 120 7.36 -10.80 94.96
CA ASP G 120 8.81 -11.02 94.99
C ASP G 120 9.31 -11.58 93.66
N ASP G 121 9.21 -10.72 92.64
CA ASP G 121 9.67 -11.09 91.31
C ASP G 121 10.44 -9.97 90.62
N ALA G 122 10.81 -8.91 91.34
CA ALA G 122 11.62 -7.81 90.82
C ALA G 122 10.97 -7.11 89.64
N GLY G 123 10.79 -7.84 88.53
CA GLY G 123 10.24 -7.22 87.33
C GLY G 123 8.84 -6.69 87.49
N VAL G 124 8.03 -7.34 88.32
CA VAL G 124 6.65 -6.89 88.51
C VAL G 124 6.61 -5.68 89.45
N THR G 125 7.55 -5.56 90.38
CA THR G 125 7.56 -4.43 91.29
C THR G 125 7.82 -3.12 90.56
N ALA G 126 8.71 -3.15 89.56
CA ALA G 126 9.00 -1.93 88.80
C ALA G 126 7.77 -1.48 88.00
N VAL G 127 7.12 -2.41 87.30
CA VAL G 127 5.95 -2.05 86.50
C VAL G 127 4.75 -1.75 87.38
N ALA G 128 4.77 -2.16 88.65
CA ALA G 128 3.69 -1.83 89.58
C ALA G 128 3.89 -0.48 90.26
N ALA G 129 5.14 -0.10 90.53
CA ALA G 129 5.42 1.17 91.16
C ALA G 129 5.60 2.31 90.16
N PHE G 130 5.86 2.00 88.89
CA PHE G 130 6.02 3.06 87.90
C PHE G 130 4.68 3.65 87.49
N LEU G 131 3.65 2.81 87.34
CA LEU G 131 2.33 3.28 86.95
C LEU G 131 1.53 3.87 88.10
N SER G 132 2.02 3.75 89.34
CA SER G 132 1.33 4.29 90.50
C SER G 132 2.06 5.46 91.14
N SER G 133 3.28 5.76 90.71
CA SER G 133 4.02 6.88 91.29
C SER G 133 3.48 8.22 90.82
N ALA G 134 2.96 8.29 89.60
CA ALA G 134 2.39 9.52 89.04
C ALA G 134 3.39 10.66 89.05
N GLU G 135 4.64 10.36 88.69
CA GLU G 135 5.69 11.37 88.63
C GLU G 135 6.71 11.15 87.52
N GLU G 136 6.93 9.91 87.06
CA GLU G 136 7.87 9.66 85.97
C GLU G 136 7.22 9.66 84.61
N LYS G 137 5.90 9.52 84.54
CA LYS G 137 5.21 9.54 83.25
C LYS G 137 5.35 10.89 82.56
N SER G 138 5.41 11.97 83.33
CA SER G 138 5.63 13.28 82.74
C SER G 138 7.07 13.44 82.25
N LYS G 139 8.03 12.83 82.97
CA LYS G 139 9.42 12.91 82.53
C LYS G 139 9.67 12.03 81.30
N VAL G 140 8.85 10.99 81.12
CA VAL G 140 8.98 10.15 79.93
C VAL G 140 8.69 10.95 78.68
N MET G 141 7.66 11.82 78.72
CA MET G 141 7.33 12.64 77.56
C MET G 141 8.41 13.65 77.25
N GLN G 142 9.12 14.14 78.28
CA GLN G 142 10.20 15.11 78.09
C GLN G 142 11.55 14.42 77.97
N ALA G 143 11.64 13.45 77.05
CA ALA G 143 12.89 12.72 76.84
C ALA G 143 13.66 13.28 75.66
N ALA G 144 14.40 12.43 74.95
CA ALA G 144 15.19 12.83 73.80
C ALA G 144 14.53 12.45 72.48
N ASN G 145 14.13 11.19 72.32
CA ASN G 145 13.49 10.70 71.11
C ASN G 145 12.00 10.49 71.29
N TRP G 146 11.35 11.30 72.12
CA TRP G 146 9.91 11.16 72.34
C TRP G 146 9.08 11.78 71.22
N ALA G 147 9.64 12.74 70.47
CA ALA G 147 8.90 13.38 69.40
C ALA G 147 8.69 12.47 68.20
N GLU G 148 9.40 11.35 68.10
CA GLU G 148 9.27 10.41 67.01
C GLU G 148 8.32 9.26 67.32
N CYS G 149 7.64 9.30 68.46
CA CYS G 149 6.72 8.25 68.85
C CYS G 149 5.26 8.59 68.57
N ALA G 150 4.88 9.86 68.70
CA ALA G 150 3.50 10.29 68.47
C ALA G 150 3.23 10.64 67.01
N LYS G 151 4.20 10.41 66.12
CA LYS G 151 4.03 10.72 64.70
C LYS G 151 3.52 9.53 63.89
N VAL G 152 3.50 8.33 64.47
CA VAL G 152 3.05 7.14 63.77
C VAL G 152 2.02 6.43 64.64
N LYS G 153 1.14 5.68 63.99
CA LYS G 153 0.09 4.94 64.68
C LYS G 153 0.56 3.53 65.01
N GLY G 154 -0.08 2.93 66.01
CA GLY G 154 0.28 1.59 66.42
C GLY G 154 1.59 1.49 67.19
N CYS G 155 1.93 2.51 67.97
CA CYS G 155 3.17 2.51 68.73
C CYS G 155 3.02 1.65 69.98
N ASN G 156 4.02 0.82 70.24
CA ASN G 156 4.04 -0.07 71.39
C ASN G 156 5.14 0.36 72.34
N LEU G 157 4.78 0.57 73.60
CA LEU G 157 5.71 0.99 74.64
C LEU G 157 5.90 -0.17 75.62
N SER G 158 7.09 -0.74 75.64
CA SER G 158 7.42 -1.85 76.53
C SER G 158 8.35 -1.40 77.64
N PHE G 159 8.50 -2.25 78.64
CA PHE G 159 9.33 -1.97 79.81
C PHE G 159 10.49 -2.96 79.86
N ARG G 160 11.58 -2.53 80.49
CA ARG G 160 12.76 -3.37 80.65
C ARG G 160 13.60 -2.82 81.79
N LEU G 161 13.91 -3.67 82.77
CA LEU G 161 14.71 -3.26 83.91
C LEU G 161 16.20 -3.33 83.58
N VAL G 162 17.01 -2.84 84.52
CA VAL G 162 18.46 -2.82 84.33
C VAL G 162 19.04 -4.17 84.73
N ASP G 163 20.37 -4.24 84.81
CA ASP G 163 21.12 -5.44 85.17
C ASP G 163 20.86 -6.61 84.23
N GLU G 164 20.32 -6.35 83.04
CA GLU G 164 20.05 -7.42 82.08
C GLU G 164 20.47 -7.01 80.68
N ALA G 165 19.74 -6.06 80.07
CA ALA G 165 20.01 -5.57 78.73
C ALA G 165 20.03 -6.69 77.69
N VAL G 166 19.24 -7.75 77.94
CA VAL G 166 19.17 -8.88 77.03
C VAL G 166 17.88 -9.65 77.31
N ASP G 167 17.27 -9.38 78.47
CA ASP G 167 16.04 -10.05 78.89
C ASP G 167 14.97 -8.99 79.14
N LEU G 168 13.81 -9.18 78.51
CA LEU G 168 12.72 -8.23 78.66
C LEU G 168 12.01 -8.44 80.01
N VAL G 169 11.05 -7.56 80.29
CA VAL G 169 10.28 -7.64 81.53
C VAL G 169 9.32 -8.82 81.54
N CYS G 170 8.95 -9.33 80.37
CA CYS G 170 8.04 -10.46 80.25
C CYS G 170 8.76 -11.76 79.87
N GLN G 171 10.09 -11.78 79.98
CA GLN G 171 10.87 -12.96 79.63
C GLN G 171 11.70 -13.48 80.81
N SER G 172 11.60 -12.85 81.98
CA SER G 172 12.35 -13.30 83.14
C SER G 172 11.77 -14.61 83.68
N LYS G 173 12.59 -15.32 84.46
CA LYS G 173 12.19 -16.61 85.02
C LYS G 173 11.28 -16.40 86.23
N ALA G 174 10.09 -15.86 85.95
CA ALA G 174 9.09 -15.60 87.00
C ALA G 174 7.70 -15.48 86.40
N VAL G 175 7.59 -14.78 85.27
CA VAL G 175 6.30 -14.59 84.62
C VAL G 175 5.98 -15.68 83.61
N ARG G 176 6.98 -16.43 83.14
CA ARG G 176 6.73 -17.48 82.17
C ARG G 176 5.86 -18.59 82.78
N GLU G 177 6.08 -18.92 84.05
CA GLU G 177 5.26 -19.93 84.71
C GLU G 177 3.81 -19.47 84.81
N TYR G 178 3.59 -18.20 85.17
CA TYR G 178 2.23 -17.68 85.25
C TYR G 178 1.57 -17.64 83.88
N VAL G 179 2.33 -17.32 82.84
CA VAL G 179 1.79 -17.31 81.48
C VAL G 179 1.40 -18.71 81.05
N SER G 180 2.24 -19.71 81.34
CA SER G 180 1.92 -21.08 80.99
C SER G 180 0.74 -21.61 81.80
N GLN G 181 0.59 -21.15 83.04
CA GLN G 181 -0.54 -21.59 83.86
C GLN G 181 -1.84 -20.93 83.44
N ALA G 182 -1.78 -19.69 82.95
CA ALA G 182 -3.00 -19.00 82.52
C ALA G 182 -3.59 -19.64 81.28
N ASN G 183 -2.76 -20.20 80.40
CA ASN G 183 -3.26 -20.85 79.20
C ASN G 183 -3.80 -22.25 79.50
N GLN G 184 -3.45 -22.83 80.64
CA GLN G 184 -3.91 -24.16 81.02
C GLN G 184 -5.00 -24.12 82.10
N THR G 185 -5.53 -22.94 82.40
CA THR G 185 -6.57 -22.82 83.43
C THR G 185 -7.70 -21.93 82.94
N GLN G 186 -7.36 -20.73 82.44
CA GLN G 186 -8.38 -19.81 81.96
C GLN G 186 -8.97 -20.27 80.63
N SER G 187 -8.13 -20.83 79.76
CA SER G 187 -8.56 -21.31 78.45
C SER G 187 -8.85 -22.81 78.45
N ASP G 188 -9.23 -23.36 79.61
CA ASP G 188 -9.54 -24.78 79.69
C ASP G 188 -10.76 -25.06 80.58
N ASN G 189 -11.59 -24.04 80.84
CA ASN G 189 -12.78 -24.21 81.66
C ASN G 189 -14.03 -23.71 80.96
N ALA G 190 -14.01 -23.63 79.63
CA ALA G 190 -15.16 -23.16 78.88
C ALA G 190 -16.08 -24.32 78.51
N GLN G 191 -15.84 -24.95 77.37
CA GLN G 191 -16.63 -26.07 76.90
C GLN G 191 -15.82 -27.36 76.99
N LYS G 192 -16.31 -28.41 76.34
CA LYS G 192 -15.64 -29.70 76.32
C LYS G 192 -15.25 -30.18 74.94
N GLY G 193 -15.85 -29.64 73.88
CA GLY G 193 -15.54 -30.04 72.53
C GLY G 193 -16.67 -29.67 71.60
N ILE G 194 -16.61 -30.19 70.38
CA ILE G 194 -15.51 -31.06 69.96
C ILE G 194 -14.51 -30.25 69.13
N CYS G 195 -13.22 -30.57 69.28
CA CYS G 195 -12.19 -29.86 68.54
C CYS G 195 -12.25 -30.21 67.06
N LEU G 196 -11.36 -29.59 66.29
CA LEU G 196 -11.34 -29.74 64.84
C LEU G 196 -10.02 -30.33 64.35
N VAL G 197 -8.93 -29.56 64.40
CA VAL G 197 -7.65 -30.02 63.88
C VAL G 197 -6.94 -31.01 64.78
N THR G 198 -7.47 -31.26 65.98
CA THR G 198 -6.91 -32.22 66.91
C THR G 198 -7.82 -33.39 67.21
N GLY G 199 -9.13 -33.14 67.34
CA GLY G 199 -10.09 -34.20 67.60
C GLY G 199 -10.22 -34.61 69.05
N LYS G 200 -9.40 -34.07 69.94
CA LYS G 200 -9.46 -34.42 71.35
C LYS G 200 -10.44 -33.51 72.08
N ALA G 201 -10.03 -33.00 73.25
CA ALA G 201 -10.87 -32.10 74.03
C ALA G 201 -10.91 -30.71 73.39
N ALA G 202 -10.14 -29.78 73.96
CA ALA G 202 -10.00 -28.40 73.48
C ALA G 202 -11.33 -27.67 73.50
N PRO G 203 -11.57 -26.81 74.50
CA PRO G 203 -12.84 -26.08 74.56
C PRO G 203 -12.99 -25.12 73.39
N ILE G 204 -14.22 -24.63 73.21
CA ILE G 204 -14.51 -23.73 72.11
C ILE G 204 -13.82 -22.40 72.33
N ALA G 205 -13.09 -21.94 71.32
CA ALA G 205 -12.37 -20.67 71.40
C ALA G 205 -13.25 -19.53 70.94
N ARG G 206 -13.22 -18.43 71.68
CA ARG G 206 -14.00 -17.23 71.36
C ARG G 206 -13.04 -16.07 71.11
N LEU G 207 -13.40 -15.24 70.12
CA LEU G 207 -12.59 -14.08 69.74
C LEU G 207 -11.18 -14.49 69.34
N HIS G 208 -10.99 -14.82 68.07
CA HIS G 208 -9.68 -15.25 67.59
C HIS G 208 -8.67 -14.10 67.68
N ASN G 209 -7.39 -14.47 67.73
CA ASN G 209 -6.33 -13.49 67.82
C ASN G 209 -6.19 -12.71 66.52
N ALA G 210 -5.86 -11.43 66.65
CA ALA G 210 -5.70 -10.55 65.49
C ALA G 210 -4.39 -10.86 64.78
N VAL G 211 -4.47 -11.13 63.49
CA VAL G 211 -3.29 -11.43 62.68
C VAL G 211 -2.81 -10.15 62.01
N LYS G 212 -1.57 -9.77 62.30
CA LYS G 212 -0.96 -8.56 61.75
C LYS G 212 0.12 -8.95 60.75
N GLY G 213 0.07 -8.36 59.57
CA GLY G 213 1.04 -8.65 58.54
C GLY G 213 0.54 -8.32 57.14
N VAL G 214 -0.78 -8.20 56.99
CA VAL G 214 -1.36 -7.89 55.69
C VAL G 214 -2.17 -6.61 55.68
N ASN G 215 -2.74 -6.18 56.81
CA ASN G 215 -3.51 -4.96 56.89
C ASN G 215 -2.76 -3.90 57.67
N ALA G 216 -3.25 -2.67 57.60
CA ALA G 216 -2.65 -1.58 58.38
C ALA G 216 -2.95 -1.73 59.86
N LYS G 217 -3.98 -2.49 60.21
CA LYS G 217 -4.36 -2.75 61.59
C LYS G 217 -4.47 -4.26 61.83
N PRO G 218 -4.15 -4.72 63.04
CA PRO G 218 -4.26 -6.16 63.33
C PRO G 218 -5.70 -6.62 63.30
N ALA G 219 -5.99 -7.57 62.41
CA ALA G 219 -7.33 -8.10 62.25
C ALA G 219 -7.33 -9.63 62.39
N PRO G 220 -8.37 -10.22 62.96
CA PRO G 220 -8.41 -11.67 63.11
C PRO G 220 -8.53 -12.37 61.77
N PHE G 221 -8.29 -13.68 61.80
CA PHE G 221 -8.34 -14.50 60.58
C PHE G 221 -9.72 -15.13 60.44
N ALA G 222 -10.03 -16.10 61.29
CA ALA G 222 -11.31 -16.81 61.26
C ALA G 222 -12.11 -16.38 62.49
N SER G 223 -12.88 -15.32 62.33
CA SER G 223 -13.70 -14.79 63.43
C SER G 223 -14.90 -14.08 62.84
N VAL G 224 -16.10 -14.57 63.15
CA VAL G 224 -17.34 -13.97 62.67
C VAL G 224 -17.54 -12.66 63.45
N ASN G 225 -17.27 -11.54 62.80
CA ASN G 225 -17.40 -10.23 63.43
C ASN G 225 -18.81 -9.68 63.37
N LEU G 226 -19.78 -10.47 62.90
CA LEU G 226 -21.17 -10.01 62.81
C LEU G 226 -22.13 -11.10 63.29
N SER G 227 -23.13 -11.43 62.47
CA SER G 227 -24.12 -12.42 62.85
C SER G 227 -24.67 -13.24 61.69
N ALA G 228 -24.49 -12.83 60.44
CA ALA G 228 -25.03 -13.56 59.29
C ALA G 228 -24.07 -14.62 58.78
N PHE G 229 -23.03 -14.96 59.54
CA PHE G 229 -22.06 -15.96 59.13
C PHE G 229 -21.97 -17.14 60.10
N GLU G 230 -22.78 -17.14 61.16
CA GLU G 230 -22.76 -18.21 62.14
C GLU G 230 -23.48 -19.44 61.60
N SER G 231 -23.33 -20.56 62.29
CA SER G 231 -23.99 -21.80 61.89
C SER G 231 -25.44 -21.79 62.32
N TYR G 232 -25.74 -22.39 63.47
CA TYR G 232 -27.10 -22.44 64.01
C TYR G 232 -27.27 -21.45 65.16
N GLY G 233 -26.85 -20.21 64.94
CA GLY G 233 -26.94 -19.20 65.98
C GLY G 233 -25.92 -19.40 67.08
N LYS G 234 -24.64 -19.26 66.73
CA LYS G 234 -23.56 -19.47 67.70
C LYS G 234 -23.08 -18.19 68.37
N GLU G 235 -23.34 -17.03 67.74
CA GLU G 235 -22.98 -15.72 68.29
C GLU G 235 -21.47 -15.63 68.55
N GLN G 236 -20.71 -15.82 67.47
CA GLN G 236 -19.25 -15.70 67.48
C GLN G 236 -18.62 -16.65 68.51
N GLY G 237 -18.37 -17.88 68.10
CA GLY G 237 -17.75 -18.86 69.00
C GLY G 237 -17.86 -20.29 68.51
N PHE G 238 -19.07 -20.86 68.63
CA PHE G 238 -19.29 -22.25 68.26
C PHE G 238 -19.43 -22.44 66.74
N ALA G 239 -19.33 -21.37 65.95
CA ALA G 239 -19.43 -21.52 64.51
C ALA G 239 -18.24 -22.30 63.95
N PHE G 240 -17.04 -22.04 64.47
CA PHE G 240 -15.82 -22.74 64.09
C PHE G 240 -15.32 -23.51 65.31
N PRO G 241 -15.69 -24.79 65.45
CA PRO G 241 -15.27 -25.55 66.64
C PRO G 241 -13.77 -25.80 66.68
N ILE G 242 -12.99 -24.76 66.93
CA ILE G 242 -11.54 -24.84 67.02
C ILE G 242 -11.14 -24.56 68.46
N GLY G 243 -10.20 -25.33 68.98
CA GLY G 243 -9.76 -25.15 70.35
C GLY G 243 -8.94 -23.89 70.53
N GLU G 244 -8.78 -23.50 71.79
CA GLU G 244 -8.00 -22.31 72.11
C GLU G 244 -6.52 -22.54 71.83
N GLN G 245 -6.01 -23.74 72.15
CA GLN G 245 -4.60 -24.02 71.93
C GLN G 245 -4.26 -24.00 70.46
N ALA G 246 -5.05 -24.68 69.62
CA ALA G 246 -4.79 -24.69 68.19
C ALA G 246 -4.96 -23.31 67.58
N MET G 247 -5.93 -22.54 68.07
CA MET G 247 -6.12 -21.17 67.58
C MET G 247 -4.89 -20.32 67.87
N PHE G 248 -4.43 -20.35 69.13
CA PHE G 248 -3.21 -19.62 69.48
C PHE G 248 -2.03 -20.08 68.64
N GLU G 249 -1.90 -21.39 68.43
CA GLU G 249 -0.78 -21.93 67.67
C GLU G 249 -0.78 -21.41 66.24
N TYR G 250 -1.91 -21.52 65.54
CA TYR G 250 -1.93 -21.14 64.14
C TYR G 250 -1.84 -19.62 63.99
N THR G 251 -2.43 -18.87 64.92
CA THR G 251 -2.31 -17.41 64.86
C THR G 251 -0.86 -16.97 65.07
N THR G 252 -0.17 -17.58 66.03
CA THR G 252 1.24 -17.24 66.25
C THR G 252 2.10 -17.67 65.08
N ALA G 253 1.78 -18.81 64.45
CA ALA G 253 2.52 -19.24 63.28
C ALA G 253 2.35 -18.25 62.13
N LEU G 254 1.11 -17.81 61.89
CA LEU G 254 0.87 -16.84 60.83
C LEU G 254 1.51 -15.49 61.15
N ASN G 255 1.57 -15.11 62.42
CA ASN G 255 2.21 -13.85 62.78
C ASN G 255 3.73 -13.92 62.66
N THR G 256 4.32 -15.08 62.96
CA THR G 256 5.77 -15.22 62.86
C THR G 256 6.22 -15.36 61.42
N LEU G 257 5.51 -16.13 60.60
CA LEU G 257 5.87 -16.31 59.20
C LEU G 257 5.29 -15.22 58.30
N LEU G 258 5.34 -13.97 58.75
CA LEU G 258 4.87 -12.84 57.94
C LEU G 258 5.70 -11.58 58.21
N ALA G 259 6.93 -11.76 58.71
CA ALA G 259 7.79 -10.62 59.00
C ALA G 259 9.26 -11.01 58.86
N GLY G 260 9.55 -12.31 58.92
CA GLY G 260 10.91 -12.80 58.81
C GLY G 260 11.36 -12.93 57.36
N GLU G 261 12.24 -13.91 57.13
CA GLU G 261 12.75 -14.14 55.78
C GLU G 261 11.73 -14.82 54.88
N ASN G 262 10.67 -15.39 55.46
CA ASN G 262 9.61 -16.03 54.68
C ASN G 262 8.54 -15.06 54.24
N ARG G 263 8.72 -13.77 54.48
CA ARG G 263 7.74 -12.75 54.11
C ARG G 263 8.18 -12.08 52.81
N PHE G 264 7.29 -12.07 51.81
CA PHE G 264 7.57 -11.44 50.54
C PHE G 264 6.27 -10.89 49.96
N ARG G 265 6.35 -9.74 49.31
CA ARG G 265 5.19 -9.09 48.72
C ARG G 265 5.05 -9.53 47.27
N ILE G 266 4.03 -10.34 46.99
CA ILE G 266 3.78 -10.81 45.63
C ILE G 266 3.20 -9.68 44.78
N GLY G 267 2.22 -8.97 45.30
CA GLY G 267 1.56 -7.89 44.59
C GLY G 267 0.24 -7.52 45.21
N ASP G 268 0.23 -6.45 46.00
CA ASP G 268 -0.93 -6.05 46.80
C ASP G 268 -1.37 -7.18 47.72
N VAL G 269 -0.41 -8.00 48.16
CA VAL G 269 -0.69 -9.17 48.98
C VAL G 269 0.60 -9.62 49.65
N THR G 270 0.49 -10.13 50.88
CA THR G 270 1.64 -10.62 51.64
C THR G 270 1.43 -12.09 51.95
N THR G 271 2.08 -12.96 51.18
CA THR G 271 1.97 -14.40 51.34
C THR G 271 3.24 -14.95 51.99
N VAL G 272 3.30 -16.27 52.15
CA VAL G 272 4.43 -16.93 52.77
C VAL G 272 4.54 -18.36 52.24
N CYS G 273 5.75 -18.76 51.87
CA CYS G 273 6.01 -20.09 51.34
C CYS G 273 6.96 -20.83 52.28
N TRP G 274 6.62 -22.06 52.62
CA TRP G 274 7.47 -22.88 53.48
C TRP G 274 7.11 -24.34 53.25
N GLY G 275 8.12 -25.21 53.38
CA GLY G 275 7.97 -26.63 53.19
C GLY G 275 7.85 -27.39 54.51
N ALA G 276 7.88 -28.71 54.38
CA ALA G 276 7.77 -29.60 55.53
C ALA G 276 9.13 -29.95 56.14
N LYS G 277 10.21 -29.32 55.65
CA LYS G 277 11.56 -29.55 56.15
C LYS G 277 11.93 -31.03 56.08
N ARG G 278 11.56 -31.79 57.10
CA ARG G 278 11.87 -33.22 57.13
C ARG G 278 10.98 -34.00 56.17
N ALA G 299 11.13 -23.66 54.99
CA ALA G 299 12.09 -24.76 55.02
C ALA G 299 13.39 -24.37 54.32
N HIS G 300 13.95 -25.30 53.56
CA HIS G 300 15.20 -25.06 52.84
C HIS G 300 15.02 -25.27 51.34
N ILE G 301 14.01 -24.61 50.77
CA ILE G 301 13.75 -24.75 49.34
C ILE G 301 14.78 -23.97 48.54
N ASP G 302 15.11 -22.75 48.99
CA ASP G 302 16.08 -21.88 48.32
C ASP G 302 15.69 -21.61 46.87
N ALA G 303 14.42 -21.24 46.66
CA ALA G 303 13.93 -20.93 45.33
C ALA G 303 12.77 -19.94 45.40
N VAL G 304 11.82 -20.21 46.31
CA VAL G 304 10.68 -19.32 46.48
C VAL G 304 10.87 -18.36 47.66
N LYS G 305 11.53 -18.80 48.73
CA LYS G 305 11.75 -17.93 49.88
C LYS G 305 12.66 -16.75 49.52
N ALA G 306 13.61 -16.97 48.61
CA ALA G 306 14.51 -15.91 48.17
C ALA G 306 13.92 -15.19 46.94
N LEU G 307 12.74 -14.61 47.17
CA LEU G 307 12.04 -13.91 46.08
C LEU G 307 12.75 -12.62 45.71
N TYR G 308 13.15 -11.83 46.70
CA TYR G 308 13.83 -10.56 46.49
C TYR G 308 15.10 -10.51 47.33
N LYS G 309 15.98 -11.49 47.14
CA LYS G 309 17.23 -11.53 47.89
C LYS G 309 18.29 -10.64 47.23
N SER G 310 18.54 -10.85 45.95
CA SER G 310 19.53 -10.05 45.22
C SER G 310 19.13 -9.88 43.76
N LEU G 311 19.60 -10.78 42.90
CA LEU G 311 19.30 -10.73 41.48
C LEU G 311 19.00 -12.14 40.96
N TYR G 312 18.37 -12.96 41.79
CA TYR G 312 18.03 -14.34 41.45
C TYR G 312 19.26 -15.13 41.03
N ASN G 313 20.06 -15.57 41.99
CA ASN G 313 21.24 -16.37 41.72
C ASN G 313 20.85 -17.81 41.39
N GLY G 314 21.75 -18.48 40.68
CA GLY G 314 21.52 -19.86 40.30
C GLY G 314 21.47 -20.81 41.48
N GLN G 315 20.26 -21.21 41.87
CA GLN G 315 20.06 -22.11 43.00
C GLN G 315 19.18 -23.30 42.71
N TYR G 316 18.34 -23.24 41.68
CA TYR G 316 17.45 -24.36 41.38
C TYR G 316 18.24 -25.50 40.75
N CYS G 317 18.14 -26.69 41.35
CA CYS G 317 18.85 -27.86 40.85
C CYS G 317 18.02 -29.12 41.09
N LYS G 318 18.69 -30.24 41.35
CA LYS G 318 18.04 -31.52 41.64
C LYS G 318 18.78 -32.18 42.78
N PRO G 319 18.51 -31.76 44.03
CA PRO G 319 19.22 -32.35 45.18
C PRO G 319 18.48 -33.54 45.75
N ASP G 320 17.73 -34.26 44.92
CA ASP G 320 16.92 -35.42 45.27
C ASP G 320 16.24 -35.28 46.64
N GLY G 321 15.71 -34.10 46.92
CA GLY G 321 15.04 -33.86 48.18
C GLY G 321 13.87 -32.91 48.06
N GLU G 322 12.97 -33.19 47.12
CA GLU G 322 11.80 -32.35 46.89
C GLU G 322 10.74 -32.67 47.94
N ASP G 323 10.49 -31.73 48.85
CA ASP G 323 9.50 -31.92 49.89
C ASP G 323 8.09 -31.73 49.33
N LYS G 324 7.09 -32.08 50.14
CA LYS G 324 5.69 -31.99 49.72
C LYS G 324 5.07 -30.69 50.21
N PHE G 325 4.05 -30.81 51.06
CA PHE G 325 3.33 -29.66 51.63
C PHE G 325 2.67 -28.84 50.53
N TYR G 326 2.11 -27.69 50.89
CA TYR G 326 1.46 -26.80 49.95
C TYR G 326 1.96 -25.37 50.15
N LEU G 327 1.25 -24.39 49.59
CA LEU G 327 1.64 -22.99 49.69
C LEU G 327 0.41 -22.19 50.13
N LEU G 328 0.37 -21.83 51.40
CA LEU G 328 -0.74 -21.04 51.92
C LEU G 328 -0.57 -19.58 51.56
N GLY G 329 -1.64 -18.96 51.07
CA GLY G 329 -1.60 -17.56 50.69
C GLY G 329 -2.75 -16.75 51.26
N LEU G 330 -2.44 -15.84 52.19
CA LEU G 330 -3.43 -14.98 52.80
C LEU G 330 -3.37 -13.58 52.19
N SER G 331 -4.52 -12.92 52.16
CA SER G 331 -4.63 -11.59 51.58
C SER G 331 -5.58 -10.75 52.42
N PRO G 332 -5.32 -9.44 52.51
CA PRO G 332 -6.24 -8.57 53.24
C PRO G 332 -7.52 -8.32 52.46
N ASN G 333 -8.49 -7.73 53.15
CA ASN G 333 -9.77 -7.41 52.53
C ASN G 333 -10.36 -6.14 53.14
N SER G 334 -11.52 -6.25 53.78
CA SER G 334 -12.18 -5.12 54.41
C SER G 334 -12.19 -5.24 55.94
N ALA G 335 -12.16 -6.46 56.47
CA ALA G 335 -12.18 -6.66 57.91
C ALA G 335 -11.52 -7.97 58.29
N ARG G 336 -11.56 -8.96 57.40
CA ARG G 336 -11.01 -10.27 57.65
C ARG G 336 -9.92 -10.59 56.62
N ILE G 337 -9.52 -11.85 56.57
CA ILE G 337 -8.47 -12.33 55.67
C ILE G 337 -9.09 -13.31 54.69
N VAL G 338 -8.59 -13.31 53.46
CA VAL G 338 -9.07 -14.19 52.40
C VAL G 338 -7.93 -15.10 51.96
N VAL G 339 -8.22 -16.39 51.86
CA VAL G 339 -7.25 -17.39 51.43
C VAL G 339 -7.46 -17.65 49.95
N ARG G 340 -6.43 -17.39 49.15
CA ARG G 340 -6.49 -17.58 47.71
C ARG G 340 -5.60 -18.72 47.23
N PHE G 341 -4.35 -18.77 47.67
CA PHE G 341 -3.44 -19.83 47.25
C PHE G 341 -3.83 -21.15 47.91
N TRP G 342 -4.08 -22.17 47.07
CA TRP G 342 -4.44 -23.49 47.59
C TRP G 342 -4.09 -24.52 46.51
N HIS G 343 -2.91 -25.14 46.66
CA HIS G 343 -2.47 -26.15 45.70
C HIS G 343 -1.45 -27.05 46.40
N GLU G 344 -1.80 -28.32 46.57
CA GLU G 344 -0.89 -29.24 47.24
C GLU G 344 0.24 -29.69 46.32
N THR G 345 -0.07 -29.95 45.05
CA THR G 345 0.94 -30.39 44.10
C THR G 345 1.75 -29.20 43.59
N LEU H 350 8.21 -30.73 44.46
CA LEU H 350 7.71 -29.44 44.01
C LEU H 350 8.80 -28.65 43.27
N SER H 351 10.06 -28.99 43.54
CA SER H 351 11.18 -28.29 42.91
C SER H 351 11.23 -28.52 41.41
N GLU H 352 10.68 -29.63 40.92
CA GLU H 352 10.65 -29.86 39.48
C GLU H 352 9.79 -28.82 38.77
N SER H 353 8.69 -28.40 39.41
CA SER H 353 7.87 -27.34 38.83
C SER H 353 8.61 -26.00 38.81
N ILE H 354 9.36 -25.71 39.88
CA ILE H 354 10.16 -24.50 39.91
C ILE H 354 11.20 -24.52 38.79
N ALA H 355 11.82 -25.69 38.57
CA ALA H 355 12.82 -25.80 37.50
C ALA H 355 12.17 -25.62 36.13
N ALA H 356 11.03 -26.28 35.89
CA ALA H 356 10.35 -26.16 34.61
C ALA H 356 9.76 -24.78 34.38
N TRP H 357 9.56 -24.00 35.45
CA TRP H 357 9.10 -22.63 35.30
C TRP H 357 10.25 -21.64 35.12
N TYR H 358 11.43 -21.93 35.69
CA TYR H 358 12.56 -21.02 35.61
C TYR H 358 13.43 -21.25 34.38
N ASP H 359 13.46 -22.48 33.84
CA ASP H 359 14.30 -22.74 32.68
C ASP H 359 13.75 -22.04 31.44
N ASP H 360 12.43 -22.01 31.29
CA ASP H 360 11.81 -21.31 30.16
C ASP H 360 11.75 -19.80 30.36
N LEU H 361 12.05 -19.31 31.57
CA LEU H 361 12.03 -17.87 31.82
C LEU H 361 13.18 -17.15 31.14
N GLN H 362 14.23 -17.88 30.74
CA GLN H 362 15.38 -17.26 30.10
C GLN H 362 15.03 -16.86 28.67
N MET H 363 14.90 -15.56 28.43
CA MET H 363 14.61 -15.03 27.12
C MET H 363 15.93 -14.84 26.35
N VAL H 364 15.85 -14.16 25.20
CA VAL H 364 17.05 -13.92 24.41
C VAL H 364 17.90 -12.83 25.04
N ARG H 365 17.28 -11.72 25.44
CA ARG H 365 17.95 -10.61 26.12
C ARG H 365 19.12 -10.05 25.30
N GLY H 366 18.84 -9.02 24.51
CA GLY H 366 19.88 -8.40 23.71
C GLY H 366 20.90 -7.64 24.56
N GLU H 367 21.91 -7.14 23.87
CA GLU H 367 22.98 -6.41 24.56
C GLU H 367 22.50 -5.05 25.04
N ASN H 368 23.25 -4.49 25.99
CA ASN H 368 22.94 -3.18 26.59
C ASN H 368 21.55 -3.18 27.21
N SER H 369 21.26 -4.24 27.98
CA SER H 369 19.97 -4.37 28.64
C SER H 369 20.13 -4.11 30.12
N PRO H 370 19.38 -3.16 30.71
CA PRO H 370 19.52 -2.91 32.15
C PRO H 370 18.90 -3.97 33.02
N TYR H 371 18.13 -4.91 32.46
CA TYR H 371 17.49 -5.96 33.22
C TYR H 371 18.29 -7.27 33.12
N PRO H 372 18.42 -8.00 34.22
CA PRO H 372 19.18 -9.26 34.19
C PRO H 372 18.42 -10.34 33.44
N GLU H 373 19.05 -11.53 33.37
CA GLU H 373 18.44 -12.66 32.69
C GLU H 373 17.36 -13.31 33.53
N TYR H 374 17.36 -13.06 34.84
CA TYR H 374 16.36 -13.61 35.76
C TYR H 374 15.73 -12.45 36.52
N MET H 375 14.65 -11.90 35.96
CA MET H 375 13.95 -10.80 36.58
C MET H 375 13.24 -11.27 37.85
N PRO H 376 13.31 -10.50 38.94
CA PRO H 376 12.61 -10.90 40.17
C PRO H 376 11.10 -10.93 39.96
N LEU H 377 10.44 -11.80 40.70
CA LEU H 377 8.99 -11.92 40.60
C LEU H 377 8.23 -10.67 41.06
N PRO H 378 8.63 -9.98 42.14
CA PRO H 378 7.88 -8.76 42.52
C PRO H 378 7.78 -7.73 41.40
N ARG H 379 8.90 -7.37 40.79
CA ARG H 379 8.86 -6.38 39.70
C ARG H 379 8.14 -6.93 38.47
N LEU H 380 8.32 -8.22 38.18
CA LEU H 380 7.66 -8.83 37.03
C LEU H 380 6.14 -8.76 37.18
N LEU H 381 5.63 -8.98 38.39
CA LEU H 381 4.19 -8.90 38.63
C LEU H 381 3.71 -7.48 38.82
N GLY H 382 4.58 -6.56 39.24
CA GLY H 382 4.21 -5.17 39.34
C GLY H 382 4.26 -4.41 38.04
N ASN H 383 4.89 -4.98 37.00
CA ASN H 383 4.88 -4.36 35.68
C ASN H 383 3.52 -4.47 35.00
N LEU H 384 2.55 -5.17 35.59
CA LEU H 384 1.23 -5.31 35.03
C LEU H 384 0.21 -4.37 35.66
N VAL H 385 0.64 -3.43 36.50
CA VAL H 385 -0.28 -2.50 37.14
C VAL H 385 -0.56 -1.34 36.19
N LEU H 386 -1.50 -0.47 36.58
CA LEU H 386 -1.82 0.69 35.75
C LEU H 386 -0.70 1.72 35.79
N ASP H 387 -0.35 2.19 37.00
CA ASP H 387 0.73 3.16 37.16
C ASP H 387 1.59 2.93 38.41
N GLY H 388 1.03 2.41 39.50
CA GLY H 388 1.81 2.17 40.69
C GLY H 388 1.43 0.87 41.34
N LYS H 389 2.31 0.38 42.21
CA LYS H 389 2.12 -0.87 42.93
C LYS H 389 1.05 -0.67 44.01
N MET H 390 -0.21 -0.62 43.56
CA MET H 390 -1.33 -0.42 44.48
C MET H 390 -2.63 -0.88 43.85
N GLU H 391 -2.86 -0.50 42.59
CA GLU H 391 -4.09 -0.85 41.87
C GLU H 391 -3.75 -1.88 40.81
N ASN H 392 -4.22 -3.12 41.04
CA ASN H 392 -3.99 -4.20 40.09
C ASN H 392 -5.05 -5.29 40.25
N LEU H 393 -4.69 -6.53 39.94
CA LEU H 393 -5.57 -7.69 40.06
C LEU H 393 -4.87 -8.73 40.92
N PRO H 394 -4.99 -8.64 42.25
CA PRO H 394 -4.27 -9.57 43.14
C PRO H 394 -5.08 -10.83 43.46
N SER H 395 -5.40 -11.60 42.42
CA SER H 395 -6.13 -12.85 42.58
C SER H 395 -5.98 -13.73 41.35
N ASP H 396 -6.79 -13.45 40.32
CA ASP H 396 -6.74 -14.22 39.09
C ASP H 396 -5.54 -13.89 38.22
N LEU H 397 -4.67 -12.97 38.66
CA LEU H 397 -3.50 -12.58 37.89
C LEU H 397 -2.20 -12.80 38.64
N ILE H 398 -1.74 -11.76 39.35
CA ILE H 398 -0.44 -11.83 40.02
C ILE H 398 -0.47 -12.77 41.22
N ALA H 399 -1.65 -13.02 41.79
CA ALA H 399 -1.78 -13.95 42.92
C ALA H 399 -2.15 -15.36 42.46
N GLN H 400 -1.77 -15.73 41.24
CA GLN H 400 -2.02 -17.08 40.75
C GLN H 400 -0.84 -17.64 39.96
N ILE H 401 0.23 -16.87 39.75
CA ILE H 401 1.39 -17.37 39.02
C ILE H 401 2.00 -18.56 39.75
N THR H 402 2.04 -18.49 41.08
CA THR H 402 2.58 -19.60 41.86
C THR H 402 1.74 -20.85 41.68
N ASP H 403 0.42 -20.75 41.87
CA ASP H 403 -0.45 -21.90 41.71
C ASP H 403 -0.48 -22.43 40.29
N ALA H 404 -0.14 -21.59 39.30
CA ALA H 404 -0.16 -22.02 37.91
C ALA H 404 1.15 -22.64 37.44
N ALA H 405 2.29 -22.17 37.96
CA ALA H 405 3.59 -22.66 37.51
C ALA H 405 4.28 -23.55 38.53
N LEU H 406 4.40 -23.10 39.79
CA LEU H 406 5.12 -23.85 40.80
C LEU H 406 4.36 -25.09 41.28
N ASN H 407 3.17 -25.34 40.75
CA ASN H 407 2.40 -26.53 41.12
C ASN H 407 2.02 -27.38 39.92
N ASN H 408 2.66 -27.16 38.77
CA ASN H 408 2.41 -27.94 37.55
C ASN H 408 0.95 -27.86 37.13
N ARG H 409 0.52 -26.64 36.81
CA ARG H 409 -0.84 -26.40 36.36
C ARG H 409 -0.85 -25.59 35.07
N VAL H 410 -2.03 -25.12 34.65
CA VAL H 410 -2.18 -24.38 33.41
C VAL H 410 -2.54 -22.93 33.75
N LEU H 411 -2.12 -22.02 32.88
CA LEU H 411 -2.39 -20.61 33.08
C LEU H 411 -3.81 -20.26 32.66
N PRO H 412 -4.47 -19.36 33.39
CA PRO H 412 -5.84 -18.95 33.04
C PRO H 412 -5.83 -18.02 31.84
N VAL H 413 -7.04 -17.75 31.32
CA VAL H 413 -7.19 -16.83 30.20
C VAL H 413 -7.11 -15.38 30.66
N SER H 414 -7.45 -15.10 31.92
CA SER H 414 -7.30 -13.74 32.44
C SER H 414 -5.85 -13.30 32.40
N LEU H 415 -4.91 -14.23 32.52
CA LEU H 415 -3.49 -13.91 32.34
C LEU H 415 -3.25 -13.31 30.96
N LEU H 416 -3.71 -13.99 29.91
CA LEU H 416 -3.52 -13.48 28.55
C LEU H 416 -4.27 -12.17 28.35
N GLN H 417 -5.46 -12.05 28.94
CA GLN H 417 -6.24 -10.83 28.80
C GLN H 417 -5.50 -9.63 29.38
N ALA H 418 -5.05 -9.74 30.63
CA ALA H 418 -4.30 -8.65 31.25
C ALA H 418 -2.97 -8.43 30.55
N ALA H 419 -2.36 -9.49 30.01
CA ALA H 419 -1.10 -9.33 29.29
C ALA H 419 -1.29 -8.48 28.04
N LEU H 420 -2.30 -8.80 27.22
CA LEU H 420 -2.55 -7.99 26.03
C LEU H 420 -3.03 -6.59 26.38
N ARG H 421 -3.75 -6.45 27.50
CA ARG H 421 -4.18 -5.12 27.94
C ARG H 421 -2.97 -4.26 28.29
N ARG H 422 -2.02 -4.82 29.04
CA ARG H 422 -0.82 -4.06 29.40
C ARG H 422 0.09 -3.87 28.20
N ASN H 423 0.04 -4.76 27.22
CA ASN H 423 0.82 -4.59 26.00
C ASN H 423 0.29 -3.43 25.17
N LYS H 424 -1.03 -3.35 25.00
CA LYS H 424 -1.62 -2.22 24.32
C LYS H 424 -1.65 -0.96 25.17
N ALA H 425 -1.37 -1.07 26.47
CA ALA H 425 -1.29 0.11 27.33
C ALA H 425 0.06 0.80 27.21
N GLU H 426 1.15 0.05 27.43
CA GLU H 426 2.48 0.61 27.32
C GLU H 426 2.96 0.71 25.88
N GLN H 427 2.26 0.09 24.93
CA GLN H 427 2.59 0.12 23.50
C GLN H 427 3.98 -0.45 23.22
N LYS H 428 4.52 -1.25 24.14
CA LYS H 428 5.85 -1.84 23.98
C LYS H 428 5.96 -3.00 24.96
N ILE H 429 6.98 -3.83 24.73
CA ILE H 429 7.26 -4.98 25.58
C ILE H 429 8.74 -4.99 25.93
N THR H 430 9.04 -4.86 27.21
CA THR H 430 10.40 -4.96 27.73
C THR H 430 10.49 -6.17 28.65
N TYR H 431 11.62 -6.27 29.37
CA TYR H 431 11.81 -7.36 30.32
C TYR H 431 10.92 -7.09 31.54
N GLY H 432 9.65 -7.50 31.42
CA GLY H 432 8.69 -7.28 32.47
C GLY H 432 7.30 -7.82 32.12
N ARG H 433 7.17 -8.39 30.93
CA ARG H 433 5.89 -8.94 30.49
C ARG H 433 6.10 -10.15 29.59
N ALA H 434 7.16 -10.12 28.77
CA ALA H 434 7.43 -11.21 27.85
C ALA H 434 7.75 -12.52 28.56
N SER H 435 8.25 -12.45 29.80
CA SER H 435 8.55 -13.65 30.57
C SER H 435 7.32 -14.32 31.16
N LEU H 436 6.13 -13.74 30.95
CA LEU H 436 4.89 -14.32 31.46
C LEU H 436 4.01 -14.90 30.38
N LEU H 437 4.20 -14.51 29.12
CA LEU H 437 3.38 -15.04 28.03
C LEU H 437 3.80 -16.45 27.62
N LYS H 438 5.05 -16.82 27.90
CA LYS H 438 5.53 -18.14 27.53
C LYS H 438 4.98 -19.24 28.43
N ALA H 439 4.36 -18.88 29.56
CA ALA H 439 3.83 -19.87 30.49
C ALA H 439 2.44 -20.36 30.09
N TYR H 440 1.97 -20.04 28.89
CA TYR H 440 0.66 -20.48 28.43
C TYR H 440 0.71 -21.47 27.27
N ILE H 441 1.76 -21.41 26.44
CA ILE H 441 1.85 -22.29 25.28
C ILE H 441 2.50 -23.62 25.65
N ASN H 442 3.74 -23.57 26.14
CA ASN H 442 4.46 -24.79 26.47
C ASN H 442 3.86 -25.47 27.70
N ARG H 443 3.23 -24.70 28.59
CA ARG H 443 2.63 -25.30 29.78
C ARG H 443 1.32 -26.01 29.44
N ALA H 444 0.67 -25.63 28.33
CA ALA H 444 -0.56 -26.28 27.92
C ALA H 444 -0.30 -27.41 26.93
N ILE H 445 0.72 -27.29 26.08
CA ILE H 445 1.03 -28.35 25.15
C ILE H 445 1.61 -29.55 25.88
N ARG H 446 2.41 -29.31 26.91
CA ARG H 446 2.99 -30.41 27.68
C ARG H 446 1.92 -31.20 28.44
N ALA H 447 0.80 -30.55 28.76
CA ALA H 447 -0.29 -31.22 29.46
C ALA H 447 -1.37 -31.67 28.49
N GLY H 448 -1.99 -30.71 27.79
CA GLY H 448 -3.03 -31.02 26.85
C GLY H 448 -4.31 -30.25 27.09
N ARG H 449 -4.38 -29.03 26.56
CA ARG H 449 -5.57 -28.19 26.74
C ARG H 449 -5.63 -27.13 25.65
N LEU H 450 -4.53 -26.91 24.94
CA LEU H 450 -4.48 -25.88 23.91
C LEU H 450 -5.11 -26.38 22.61
N LYS H 451 -4.31 -26.52 21.56
CA LYS H 451 -4.82 -26.96 20.27
C LYS H 451 -3.90 -27.98 19.63
N ASN H 452 -3.11 -27.57 18.65
CA ASN H 452 -2.23 -28.47 17.92
C ASN H 452 -0.85 -27.91 17.63
N MET H 453 -0.61 -26.62 17.83
CA MET H 453 0.70 -26.05 17.55
C MET H 453 1.71 -26.50 18.60
N LYS H 454 2.99 -26.44 18.23
CA LYS H 454 4.06 -26.91 19.10
C LYS H 454 4.42 -25.83 20.12
N GLU H 455 5.50 -26.05 20.86
CA GLU H 455 5.94 -25.13 21.90
C GLU H 455 6.88 -24.10 21.30
N LEU H 456 7.70 -23.45 22.14
CA LEU H 456 8.64 -22.44 21.67
C LEU H 456 10.07 -22.85 21.99
N THR H 457 10.95 -21.85 22.14
CA THR H 457 12.35 -22.11 22.46
C THR H 457 12.92 -20.88 23.15
N MET H 458 14.14 -21.03 23.66
CA MET H 458 14.80 -19.93 24.35
C MET H 458 15.31 -18.88 23.36
N GLY H 459 15.66 -19.30 22.15
CA GLY H 459 16.15 -18.40 21.13
C GLY H 459 15.05 -17.92 20.22
N LEU H 460 15.45 -17.30 19.11
CA LEU H 460 14.52 -16.78 18.11
C LEU H 460 14.24 -17.88 17.10
N ASP H 461 13.04 -18.45 17.16
CA ASP H 461 12.65 -19.53 16.27
C ASP H 461 12.45 -18.98 14.86
N ARG H 462 13.28 -19.44 13.93
CA ARG H 462 13.21 -19.03 12.53
C ARG H 462 12.35 -19.97 11.68
N ASN H 463 11.33 -20.58 12.26
CA ASN H 463 10.45 -21.49 11.54
C ASN H 463 9.04 -21.46 12.11
N ARG H 464 8.69 -22.47 12.90
CA ARG H 464 7.42 -22.57 13.60
C ARG H 464 6.23 -22.64 12.65
N GLN H 465 6.17 -21.73 11.67
CA GLN H 465 5.07 -21.65 10.70
C GLN H 465 3.74 -21.42 11.41
N ASP H 466 3.70 -20.42 12.29
CA ASP H 466 2.53 -20.06 13.04
C ASP H 466 1.95 -18.75 12.50
N ILE H 467 1.16 -18.05 13.33
CA ILE H 467 0.52 -16.81 12.96
C ILE H 467 1.01 -15.64 13.81
N GLY H 468 0.86 -15.75 15.13
CA GLY H 468 1.23 -14.67 16.02
C GLY H 468 2.72 -14.42 16.12
N TYR H 469 3.51 -15.49 16.06
CA TYR H 469 4.96 -15.36 16.20
C TYR H 469 5.55 -14.55 15.05
N VAL H 470 5.24 -14.95 13.80
CA VAL H 470 5.76 -14.23 12.65
C VAL H 470 5.19 -12.82 12.59
N LEU H 471 3.93 -12.63 12.99
CA LEU H 471 3.34 -11.30 13.00
C LEU H 471 4.02 -10.41 14.03
N GLY H 472 4.31 -10.95 15.21
CA GLY H 472 5.02 -10.18 16.22
C GLY H 472 6.43 -9.83 15.78
N ARG H 473 7.12 -10.78 15.13
CA ARG H 473 8.45 -10.50 14.61
C ARG H 473 8.41 -9.43 13.52
N LEU H 474 7.36 -9.45 12.68
CA LEU H 474 7.20 -8.43 11.66
C LEU H 474 6.98 -7.06 12.29
N PHE H 475 6.12 -6.99 13.29
CA PHE H 475 5.89 -5.72 13.98
C PHE H 475 7.18 -5.21 14.65
N ALA H 476 7.95 -6.12 15.24
CA ALA H 476 9.17 -5.72 15.93
C ALA H 476 10.23 -5.23 14.95
N VAL H 477 10.37 -5.91 13.80
CA VAL H 477 11.35 -5.46 12.82
C VAL H 477 10.89 -4.14 12.19
N LEU H 478 9.58 -3.93 12.06
CA LEU H 478 9.08 -2.64 11.61
C LEU H 478 9.47 -1.54 12.58
N GLU H 479 9.25 -1.79 13.88
CA GLU H 479 9.60 -0.79 14.89
C GLU H 479 11.10 -0.53 14.90
N LYS H 480 11.92 -1.58 14.75
CA LYS H 480 13.37 -1.40 14.75
C LYS H 480 13.83 -0.62 13.53
N ILE H 481 13.24 -0.89 12.36
CA ILE H 481 13.59 -0.15 11.16
C ILE H 481 13.20 1.32 11.30
N GLN H 482 12.04 1.59 11.88
CA GLN H 482 11.64 2.98 12.10
C GLN H 482 12.57 3.67 13.09
N ALA H 483 13.00 2.95 14.13
CA ALA H 483 13.91 3.54 15.11
C ALA H 483 15.28 3.83 14.48
N GLU H 484 15.73 2.94 13.59
CA GLU H 484 16.99 3.19 12.89
C GLU H 484 16.87 4.32 11.88
N ALA H 485 15.66 4.54 11.35
CA ALA H 485 15.46 5.61 10.38
C ALA H 485 15.49 6.98 11.04
N ASN H 486 14.56 7.23 11.96
CA ASN H 486 14.49 8.51 12.64
C ASN H 486 15.19 8.40 13.99
N PRO H 487 16.15 9.29 14.31
CA PRO H 487 16.84 9.21 15.59
C PRO H 487 15.91 9.48 16.76
N GLY H 488 15.68 10.77 17.05
CA GLY H 488 14.79 11.15 18.12
C GLY H 488 13.34 10.81 17.84
N LEU H 489 12.84 9.76 18.49
CA LEU H 489 11.47 9.29 18.29
C LEU H 489 10.66 9.54 19.56
N ASN H 490 9.76 10.52 19.50
CA ASN H 490 8.86 10.76 20.62
C ASN H 490 7.71 9.76 20.63
N ALA H 491 7.40 9.17 19.48
CA ALA H 491 6.35 8.17 19.38
C ALA H 491 6.64 7.29 18.17
N THR H 492 6.74 5.98 18.39
CA THR H 492 7.05 5.03 17.34
C THR H 492 5.77 4.53 16.69
N ILE H 493 5.93 3.70 15.65
CA ILE H 493 4.76 3.10 15.00
C ILE H 493 4.05 2.13 15.91
N ALA H 494 4.74 1.60 16.92
CA ALA H 494 4.08 0.75 17.91
C ALA H 494 3.03 1.53 18.68
N ASP H 495 3.39 2.72 19.17
CA ASP H 495 2.46 3.57 19.91
C ASP H 495 1.26 3.99 19.08
N ARG H 496 1.25 3.72 17.78
CA ARG H 496 0.13 4.04 16.91
C ARG H 496 -0.65 2.81 16.46
N TYR H 497 0.01 1.67 16.27
CA TYR H 497 -0.62 0.49 15.71
C TYR H 497 -0.80 -0.65 16.70
N PHE H 498 -0.41 -0.48 17.96
CA PHE H 498 -0.59 -1.56 18.93
C PHE H 498 -2.01 -1.67 19.44
N GLY H 499 -2.88 -0.70 19.13
CA GLY H 499 -4.29 -0.83 19.47
C GLY H 499 -4.99 -1.94 18.70
N SER H 500 -4.39 -2.42 17.62
CA SER H 500 -4.95 -3.52 16.86
C SER H 500 -3.89 -4.48 16.32
N ALA H 501 -2.61 -4.29 16.66
CA ALA H 501 -1.58 -5.22 16.20
C ALA H 501 -1.80 -6.62 16.78
N SER H 502 -2.28 -6.70 18.02
CA SER H 502 -2.56 -7.98 18.65
C SER H 502 -3.98 -8.46 18.43
N SER H 503 -4.88 -7.58 17.99
CA SER H 503 -6.26 -7.95 17.76
C SER H 503 -6.51 -8.29 16.29
N THR H 504 -6.72 -7.27 15.46
CA THR H 504 -6.94 -7.45 14.04
C THR H 504 -5.69 -7.05 13.28
N PRO H 505 -4.86 -7.99 12.83
CA PRO H 505 -3.63 -7.61 12.13
C PRO H 505 -3.87 -6.96 10.78
N ILE H 506 -5.02 -7.19 10.15
CA ILE H 506 -5.28 -6.58 8.86
C ILE H 506 -5.55 -5.09 9.00
N ALA H 507 -6.10 -4.66 10.14
CA ALA H 507 -6.42 -3.26 10.35
C ALA H 507 -5.20 -2.41 10.68
N VAL H 508 -4.02 -3.03 10.83
CA VAL H 508 -2.79 -2.31 11.12
C VAL H 508 -1.73 -2.55 10.06
N PHE H 509 -1.60 -3.80 9.59
CA PHE H 509 -0.58 -4.11 8.59
C PHE H 509 -0.98 -3.64 7.20
N GLY H 510 -2.28 -3.42 6.95
CA GLY H 510 -2.70 -2.85 5.68
C GLY H 510 -2.30 -1.42 5.48
N THR H 511 -2.07 -0.68 6.57
CA THR H 511 -1.64 0.71 6.50
C THR H 511 -0.18 0.90 6.87
N LEU H 512 0.45 -0.12 7.48
CA LEU H 512 1.85 -0.04 7.88
C LEU H 512 2.82 -0.35 6.75
N MET H 513 2.36 -1.03 5.70
CA MET H 513 3.24 -1.36 4.59
C MET H 513 3.58 -0.15 3.71
N ARG H 514 2.88 0.96 3.87
CA ARG H 514 3.21 2.16 3.09
C ARG H 514 4.31 2.98 3.74
N LEU H 515 4.56 2.77 5.03
CA LEU H 515 5.54 3.56 5.76
C LEU H 515 6.91 2.88 5.81
N LEU H 516 6.96 1.57 5.69
CA LEU H 516 8.19 0.79 5.83
C LEU H 516 9.18 1.06 4.70
N PRO H 517 8.78 1.08 3.43
CA PRO H 517 9.76 1.40 2.37
C PRO H 517 10.32 2.81 2.50
N HIS H 518 9.50 3.78 2.88
CA HIS H 518 10.01 5.13 3.07
C HIS H 518 10.94 5.21 4.28
N HIS H 519 10.62 4.48 5.35
CA HIS H 519 11.51 4.45 6.50
C HIS H 519 12.84 3.78 6.16
N LEU H 520 12.82 2.76 5.30
CA LEU H 520 14.05 2.12 4.87
C LEU H 520 14.86 3.04 3.96
N ASN H 521 14.19 3.79 3.09
CA ASN H 521 14.88 4.74 2.23
C ASN H 521 15.45 5.90 3.03
N LYS H 522 14.82 6.23 4.16
CA LYS H 522 15.34 7.29 5.02
C LYS H 522 16.65 6.93 5.69
N LEU H 523 17.06 5.67 5.64
CA LEU H 523 18.33 5.26 6.22
C LEU H 523 19.49 5.83 5.42
N GLU H 524 20.66 5.92 6.07
CA GLU H 524 21.87 6.43 5.46
C GLU H 524 22.82 5.33 5.02
N PHE H 525 22.35 4.09 4.97
CA PHE H 525 23.19 2.96 4.58
C PHE H 525 22.32 1.96 3.81
N GLU H 526 22.81 1.53 2.65
CA GLU H 526 22.08 0.56 1.84
C GLU H 526 22.33 -0.87 2.31
N GLY H 527 23.50 -1.14 2.89
CA GLY H 527 23.78 -2.48 3.37
C GLY H 527 22.85 -2.88 4.51
N ARG H 528 22.71 -2.01 5.50
CA ARG H 528 21.78 -2.28 6.59
C ARG H 528 20.34 -2.37 6.09
N ALA H 529 20.00 -1.57 5.08
CA ALA H 529 18.65 -1.62 4.52
C ALA H 529 18.37 -2.98 3.88
N VAL H 530 19.31 -3.47 3.07
CA VAL H 530 19.10 -4.76 2.43
C VAL H 530 19.17 -5.89 3.45
N GLN H 531 19.94 -5.71 4.53
CA GLN H 531 19.98 -6.72 5.59
C GLN H 531 18.63 -6.81 6.31
N LEU H 532 18.06 -5.66 6.66
CA LEU H 532 16.74 -5.65 7.27
C LEU H 532 15.67 -6.19 6.31
N GLN H 533 15.82 -5.91 5.01
CA GLN H 533 14.88 -6.44 4.03
C GLN H 533 14.94 -7.97 3.98
N TRP H 534 16.16 -8.52 3.93
CA TRP H 534 16.31 -9.97 3.93
C TRP H 534 15.76 -10.57 5.23
N GLU H 535 15.99 -9.90 6.36
CA GLU H 535 15.51 -10.41 7.63
C GLU H 535 13.98 -10.44 7.67
N ILE H 536 13.34 -9.35 7.26
CA ILE H 536 11.88 -9.32 7.29
C ILE H 536 11.29 -10.27 6.24
N ARG H 537 12.00 -10.48 5.13
CA ARG H 537 11.54 -11.46 4.15
C ARG H 537 11.58 -12.87 4.71
N GLN H 538 12.69 -13.23 5.37
CA GLN H 538 12.78 -14.55 6.00
C GLN H 538 11.78 -14.68 7.15
N ILE H 539 11.43 -13.58 7.80
CA ILE H 539 10.45 -13.64 8.88
C ILE H 539 9.06 -13.91 8.32
N LEU H 540 8.63 -13.10 7.34
CA LEU H 540 7.28 -13.23 6.81
C LEU H 540 7.13 -14.39 5.83
N GLU H 541 8.22 -15.05 5.46
CA GLU H 541 8.12 -16.22 4.60
C GLU H 541 7.43 -17.38 5.33
N HIS H 542 7.63 -17.51 6.63
CA HIS H 542 7.04 -18.60 7.39
C HIS H 542 5.53 -18.41 7.57
N CYS H 543 5.01 -17.21 7.33
CA CYS H 543 3.59 -16.95 7.48
C CYS H 543 2.82 -17.49 6.27
N GLN H 544 1.49 -17.40 6.35
CA GLN H 544 0.64 -17.86 5.26
C GLN H 544 -0.28 -16.74 4.79
N ARG H 545 -1.08 -16.20 5.70
CA ARG H 545 -2.01 -15.13 5.37
C ARG H 545 -2.43 -14.42 6.65
N PHE H 546 -2.76 -13.15 6.52
CA PHE H 546 -3.21 -12.35 7.66
C PHE H 546 -4.66 -12.67 7.98
N PRO H 547 -4.95 -13.22 9.15
CA PRO H 547 -6.33 -13.58 9.48
C PRO H 547 -7.17 -12.35 9.81
N ASN H 548 -8.49 -12.56 9.88
CA ASN H 548 -9.40 -11.48 10.21
C ASN H 548 -9.29 -11.04 11.65
N HIS H 549 -9.00 -11.96 12.57
CA HIS H 549 -8.88 -11.63 13.98
C HIS H 549 -8.02 -12.68 14.68
N LEU H 550 -7.10 -12.21 15.51
CA LEU H 550 -6.22 -13.11 16.25
C LEU H 550 -6.98 -13.68 17.45
N ASN H 551 -6.99 -15.01 17.55
CA ASN H 551 -7.69 -15.67 18.65
C ASN H 551 -6.90 -15.50 19.95
N LEU H 552 -7.39 -16.16 21.01
CA LEU H 552 -6.74 -16.07 22.31
C LEU H 552 -5.37 -16.74 22.33
N GLU H 553 -5.10 -17.67 21.41
CA GLU H 553 -3.81 -18.36 21.35
C GLU H 553 -2.85 -17.68 20.39
N GLN H 554 -2.97 -16.36 20.19
CA GLN H 554 -2.11 -15.63 19.27
C GLN H 554 -1.57 -14.33 19.84
N GLN H 555 -2.19 -13.73 20.85
CA GLN H 555 -1.65 -12.52 21.44
C GLN H 555 -0.36 -12.80 22.19
N GLY H 556 -0.32 -13.91 22.94
CA GLY H 556 0.93 -14.28 23.61
C GLY H 556 2.05 -14.58 22.64
N LEU H 557 1.73 -15.32 21.55
CA LEU H 557 2.71 -15.55 20.52
C LEU H 557 3.18 -14.23 19.89
N PHE H 558 2.24 -13.30 19.68
CA PHE H 558 2.61 -12.00 19.12
C PHE H 558 3.59 -11.27 20.02
N ALA H 559 3.30 -11.21 21.32
CA ALA H 559 4.19 -10.52 22.25
C ALA H 559 5.54 -11.22 22.34
N ILE H 560 5.55 -12.55 22.36
CA ILE H 560 6.80 -13.29 22.46
C ILE H 560 7.67 -13.03 21.24
N GLY H 561 7.08 -13.13 20.04
CA GLY H 561 7.84 -12.87 18.83
C GLY H 561 8.32 -11.44 18.75
N TYR H 562 7.48 -10.49 19.18
CA TYR H 562 7.88 -9.08 19.17
C TYR H 562 9.09 -8.86 20.06
N TYR H 563 9.04 -9.36 21.30
CA TYR H 563 10.16 -9.18 22.21
C TYR H 563 11.41 -9.90 21.71
N HIS H 564 11.24 -11.11 21.16
CA HIS H 564 12.38 -11.86 20.66
C HIS H 564 13.08 -11.11 19.53
N GLU H 565 12.31 -10.63 18.56
CA GLU H 565 12.89 -9.92 17.43
C GLU H 565 13.49 -8.58 17.87
N THR H 566 12.85 -7.90 18.82
CA THR H 566 13.38 -6.63 19.31
C THR H 566 14.72 -6.83 20.01
N GLN H 567 14.84 -7.84 20.86
CA GLN H 567 16.10 -8.10 21.54
C GLN H 567 17.14 -8.71 20.60
N PHE H 568 16.72 -9.36 19.51
CA PHE H 568 17.67 -9.91 18.56
C PHE H 568 18.27 -8.82 17.68
N LEU H 569 17.45 -7.85 17.24
CA LEU H 569 17.96 -6.78 16.41
C LEU H 569 18.66 -5.69 17.22
N PHE H 570 18.52 -5.70 18.53
CA PHE H 570 19.21 -4.75 19.41
C PHE H 570 20.47 -5.32 20.03
N THR H 571 20.96 -6.44 19.51
CA THR H 571 22.16 -7.08 20.05
C THR H 571 23.41 -6.30 19.67
N LYS H 572 24.01 -6.64 18.53
CA LYS H 572 25.22 -5.96 18.08
C LYS H 572 25.33 -5.99 16.56
N ASP H 573 25.71 -7.15 16.01
CA ASP H 573 25.85 -7.30 14.57
C ASP H 573 25.45 -8.69 14.10
N ALA H 574 24.44 -9.29 14.75
CA ALA H 574 23.99 -10.61 14.34
C ALA H 574 23.19 -10.55 13.04
N LEU H 575 22.60 -9.41 12.72
CA LEU H 575 21.83 -9.27 11.49
C LEU H 575 22.72 -9.40 10.26
N LYS H 576 23.88 -8.72 10.28
CA LYS H 576 24.81 -8.83 9.17
C LYS H 576 25.39 -10.23 9.06
N ASN H 577 25.65 -10.87 10.20
CA ASN H 577 26.16 -12.25 10.19
C ASN H 577 25.14 -13.21 9.60
N LEU H 578 23.86 -13.00 9.90
CA LEU H 578 22.82 -13.84 9.31
C LEU H 578 22.62 -13.55 7.83
N PHE H 579 22.76 -12.28 7.43
CA PHE H 579 22.62 -11.93 6.02
C PHE H 579 23.80 -12.41 5.18
N ASN H 580 24.98 -12.59 5.79
CA ASN H 580 26.14 -13.05 5.04
C ASN H 580 25.94 -14.45 4.48
N GLU H 581 25.13 -15.27 5.14
CA GLU H 581 24.85 -16.61 4.65
C GLU H 581 23.49 -16.67 3.96
N ALA H 582 23.30 -15.86 2.94
CA ALA H 582 22.04 -15.83 2.19
C ALA H 582 22.22 -16.41 0.80
N GLY I 1 -5.45 -18.89 -18.30
CA GLY I 1 -6.56 -17.95 -18.25
C GLY I 1 -6.43 -16.82 -19.26
N LEU I 2 -7.46 -16.64 -20.09
CA LEU I 2 -7.45 -15.59 -21.09
C LEU I 2 -8.89 -15.27 -21.46
N ASP I 3 -9.27 -13.99 -21.36
CA ASP I 3 -10.60 -13.54 -21.70
C ASP I 3 -10.60 -13.04 -23.13
N ARG I 4 -11.21 -13.82 -24.03
CA ARG I 4 -11.26 -13.44 -25.44
C ARG I 4 -12.45 -12.52 -25.73
N ASN I 5 -13.53 -12.67 -24.99
CA ASN I 5 -14.74 -11.86 -25.17
C ASN I 5 -14.84 -10.77 -24.12
N ARG I 6 -13.79 -9.93 -24.04
CA ARG I 6 -13.79 -8.85 -23.07
C ARG I 6 -14.60 -7.64 -23.55
N GLN I 7 -14.65 -7.42 -24.87
CA GLN I 7 -15.39 -6.31 -25.47
C GLN I 7 -14.92 -4.96 -24.93
N ASP I 8 -13.61 -4.86 -24.68
CA ASP I 8 -12.99 -3.63 -24.20
C ASP I 8 -11.89 -3.22 -25.15
N ILE I 9 -11.71 -1.90 -25.30
CA ILE I 9 -10.67 -1.39 -26.20
C ILE I 9 -9.29 -1.68 -25.65
N GLY I 10 -9.13 -1.58 -24.33
CA GLY I 10 -7.84 -1.85 -23.74
C GLY I 10 -7.39 -3.29 -23.94
N TYR I 11 -8.31 -4.24 -23.77
CA TYR I 11 -7.95 -5.65 -23.90
C TYR I 11 -7.57 -6.00 -25.33
N VAL I 12 -8.33 -5.51 -26.31
CA VAL I 12 -8.00 -5.81 -27.70
C VAL I 12 -6.71 -5.12 -28.11
N LEU I 13 -6.47 -3.90 -27.61
CA LEU I 13 -5.20 -3.23 -27.89
C LEU I 13 -4.03 -4.00 -27.30
N GLY I 14 -4.19 -4.51 -26.08
CA GLY I 14 -3.13 -5.31 -25.48
C GLY I 14 -2.88 -6.61 -26.22
N ARG I 15 -3.95 -7.27 -26.66
CA ARG I 15 -3.79 -8.50 -27.43
C ARG I 15 -3.09 -8.23 -28.76
N LEU I 16 -3.43 -7.12 -29.41
CA LEU I 16 -2.77 -6.77 -30.67
C LEU I 16 -1.30 -6.46 -30.45
N PHE I 17 -0.98 -5.69 -29.41
CA PHE I 17 0.42 -5.40 -29.12
C PHE I 17 1.18 -6.67 -28.78
N ALA I 18 0.55 -7.60 -28.06
CA ALA I 18 1.22 -8.84 -27.68
C ALA I 18 1.48 -9.72 -28.89
N VAL I 19 0.50 -9.85 -29.78
CA VAL I 19 0.73 -10.68 -30.96
C VAL I 19 1.75 -10.02 -31.89
N LEU I 20 1.78 -8.69 -31.93
CA LEU I 20 2.80 -8.01 -32.74
C LEU I 20 4.19 -8.23 -32.15
N GLU I 21 4.32 -8.19 -30.82
CA GLU I 21 5.61 -8.47 -30.20
C GLU I 21 6.03 -9.91 -30.44
N LYS I 22 5.08 -10.85 -30.38
CA LYS I 22 5.40 -12.25 -30.66
C LYS I 22 5.85 -12.44 -32.10
N ILE I 23 5.21 -11.75 -33.04
CA ILE I 23 5.63 -11.83 -34.44
C ILE I 23 7.02 -11.25 -34.61
N GLN I 24 7.29 -10.11 -33.97
CA GLN I 24 8.62 -9.50 -34.07
C GLN I 24 9.69 -10.40 -33.45
N ALA I 25 9.35 -11.14 -32.40
CA ALA I 25 10.32 -12.03 -31.77
C ALA I 25 10.55 -13.27 -32.62
N GLU I 26 9.50 -13.81 -33.23
CA GLU I 26 9.62 -15.01 -34.05
C GLU I 26 10.15 -14.72 -35.44
N ALA I 27 10.20 -13.45 -35.87
CA ALA I 27 10.70 -13.13 -37.20
C ALA I 27 12.20 -13.38 -37.30
N ASN I 28 12.93 -13.17 -36.19
CA ASN I 28 14.37 -13.37 -36.16
C ASN I 28 14.77 -13.91 -34.79
N PRO I 29 15.48 -15.04 -34.73
CA PRO I 29 15.88 -15.58 -33.43
C PRO I 29 16.89 -14.68 -32.72
N GLY I 30 18.05 -14.50 -33.32
CA GLY I 30 19.08 -13.66 -32.74
C GLY I 30 18.75 -12.18 -32.80
N LEU I 31 18.07 -11.69 -31.77
CA LEU I 31 17.66 -10.29 -31.67
C LEU I 31 18.40 -9.63 -30.52
N ASN I 32 17.92 -8.44 -30.15
CA ASN I 32 18.48 -7.67 -29.05
C ASN I 32 17.43 -7.01 -28.18
N ALA I 33 16.38 -6.45 -28.79
CA ALA I 33 15.31 -5.81 -28.02
C ALA I 33 14.04 -5.83 -28.86
N THR I 34 12.98 -6.44 -28.32
CA THR I 34 11.72 -6.53 -29.02
C THR I 34 10.96 -5.20 -28.91
N ILE I 35 9.79 -5.14 -29.54
CA ILE I 35 8.97 -3.94 -29.48
C ILE I 35 8.31 -3.77 -28.12
N ALA I 36 8.25 -4.83 -27.31
CA ALA I 36 7.71 -4.71 -25.97
C ALA I 36 8.66 -3.93 -25.06
N ASP I 37 9.93 -3.83 -25.44
CA ASP I 37 10.91 -3.03 -24.72
C ASP I 37 11.20 -1.70 -25.38
N ARG I 38 10.41 -1.32 -26.39
CA ARG I 38 10.62 -0.07 -27.12
C ARG I 38 9.37 0.77 -27.34
N TYR I 39 8.25 0.17 -27.75
CA TYR I 39 7.01 0.91 -27.97
C TYR I 39 5.90 0.52 -27.00
N PHE I 40 6.23 -0.04 -25.85
CA PHE I 40 5.19 -0.42 -24.90
C PHE I 40 4.58 0.79 -24.21
N GLY I 41 5.37 1.85 -24.01
CA GLY I 41 4.88 3.03 -23.34
C GLY I 41 4.11 3.96 -24.25
N SER I 42 4.62 4.19 -25.45
CA SER I 42 3.95 5.10 -26.39
C SER I 42 2.63 4.51 -26.87
N ALA I 43 2.58 3.20 -27.10
CA ALA I 43 1.35 2.57 -27.53
C ALA I 43 0.31 2.54 -26.42
N SER I 44 0.76 2.51 -25.16
CA SER I 44 -0.18 2.50 -24.04
C SER I 44 -0.83 3.87 -23.87
N SER I 45 -0.02 4.93 -23.90
CA SER I 45 -0.56 6.28 -23.73
C SER I 45 -1.36 6.71 -24.96
N THR I 46 -0.78 6.53 -26.15
CA THR I 46 -1.42 6.91 -27.42
C THR I 46 -1.32 5.74 -28.39
N PRO I 47 -2.36 4.91 -28.49
CA PRO I 47 -2.29 3.76 -29.40
C PRO I 47 -2.21 4.17 -30.87
N ILE I 48 -2.76 5.31 -31.24
CA ILE I 48 -2.72 5.74 -32.63
C ILE I 48 -1.32 6.14 -33.07
N ALA I 49 -0.41 6.36 -32.13
CA ALA I 49 0.95 6.78 -32.45
C ALA I 49 1.91 5.63 -32.68
N VAL I 50 1.48 4.38 -32.45
CA VAL I 50 2.38 3.24 -32.59
C VAL I 50 1.69 2.13 -33.36
N PHE I 51 0.41 1.87 -33.04
CA PHE I 51 -0.30 0.76 -33.66
C PHE I 51 -0.46 0.95 -35.17
N GLY I 52 -0.50 2.20 -35.62
CA GLY I 52 -0.55 2.44 -37.06
C GLY I 52 0.67 1.91 -37.77
N THR I 53 1.86 2.32 -37.32
CA THR I 53 3.10 1.80 -37.89
C THR I 53 3.23 0.30 -37.67
N LEU I 54 2.71 -0.21 -36.55
CA LEU I 54 2.77 -1.64 -36.29
C LEU I 54 1.97 -2.43 -37.32
N MET I 55 0.73 -2.01 -37.57
CA MET I 55 -0.09 -2.68 -38.57
C MET I 55 0.39 -2.41 -39.99
N ARG I 56 1.14 -1.33 -40.20
CA ARG I 56 1.72 -1.09 -41.52
C ARG I 56 2.93 -1.99 -41.76
N LEU I 57 3.69 -2.28 -40.72
CA LEU I 57 4.85 -3.17 -40.83
C LEU I 57 4.47 -4.63 -40.72
N LEU I 58 3.27 -4.94 -40.22
CA LEU I 58 2.83 -6.32 -40.09
C LEU I 58 2.99 -7.16 -41.35
N PRO I 59 2.68 -6.68 -42.56
CA PRO I 59 2.95 -7.52 -43.75
C PRO I 59 4.43 -7.85 -43.92
N HIS I 60 5.32 -6.90 -43.64
CA HIS I 60 6.75 -7.17 -43.74
C HIS I 60 7.20 -8.21 -42.74
N HIS I 61 6.73 -8.11 -41.49
CA HIS I 61 7.09 -9.10 -40.49
C HIS I 61 6.49 -10.46 -40.79
N LEU I 62 5.33 -10.50 -41.44
CA LEU I 62 4.75 -11.77 -41.84
C LEU I 62 5.54 -12.40 -42.98
N ASN I 63 6.00 -11.57 -43.93
CA ASN I 63 6.80 -12.09 -45.04
C ASN I 63 8.18 -12.53 -44.57
N LYS I 64 8.71 -11.90 -43.52
CA LYS I 64 10.02 -12.28 -42.98
C LYS I 64 9.96 -13.49 -42.08
N LEU I 65 8.78 -14.04 -41.81
CA LEU I 65 8.66 -15.20 -40.94
C LEU I 65 9.20 -16.45 -41.61
N GLU I 66 9.40 -17.49 -40.81
CA GLU I 66 9.94 -18.76 -41.31
C GLU I 66 8.81 -19.69 -41.77
N PHE I 67 8.11 -20.29 -40.81
CA PHE I 67 7.03 -21.21 -41.15
C PHE I 67 5.83 -20.46 -41.71
N GLU I 68 5.10 -21.10 -42.63
CA GLU I 68 3.94 -20.47 -43.23
C GLU I 68 2.65 -20.81 -42.49
N GLY I 69 2.55 -22.03 -41.95
CA GLY I 69 1.37 -22.40 -41.20
C GLY I 69 1.21 -21.57 -39.93
N ARG I 70 2.31 -21.38 -39.20
CA ARG I 70 2.26 -20.53 -38.01
C ARG I 70 1.93 -19.09 -38.38
N ALA I 71 2.44 -18.61 -39.51
CA ALA I 71 2.12 -17.26 -39.97
C ALA I 71 0.63 -17.12 -40.27
N VAL I 72 0.05 -18.13 -40.94
CA VAL I 72 -1.38 -18.08 -41.24
C VAL I 72 -2.20 -18.15 -39.95
N GLN I 73 -1.78 -18.99 -39.00
CA GLN I 73 -2.49 -19.08 -37.73
C GLN I 73 -2.47 -17.75 -36.99
N LEU I 74 -1.30 -17.10 -36.95
CA LEU I 74 -1.19 -15.83 -36.25
C LEU I 74 -1.94 -14.71 -36.98
N GLN I 75 -1.99 -14.76 -38.31
CA GLN I 75 -2.78 -13.78 -39.04
C GLN I 75 -4.27 -13.97 -38.77
N TRP I 76 -4.72 -15.23 -38.71
CA TRP I 76 -6.11 -15.49 -38.37
C TRP I 76 -6.45 -15.02 -36.96
N GLU I 77 -5.53 -15.24 -36.01
CA GLU I 77 -5.76 -14.77 -34.65
C GLU I 77 -5.75 -13.24 -34.59
N ILE I 78 -4.92 -12.59 -35.41
CA ILE I 78 -4.92 -11.13 -35.46
C ILE I 78 -6.24 -10.61 -36.01
N ARG I 79 -6.76 -11.26 -37.05
CA ARG I 79 -8.06 -10.86 -37.60
C ARG I 79 -9.17 -11.06 -36.58
N GLN I 80 -9.16 -12.21 -35.88
CA GLN I 80 -10.18 -12.46 -34.88
C GLN I 80 -10.09 -11.49 -33.71
N ILE I 81 -8.88 -11.04 -33.37
CA ILE I 81 -8.71 -10.06 -32.31
C ILE I 81 -9.24 -8.70 -32.75
N LEU I 82 -8.84 -8.27 -33.96
CA LEU I 82 -9.26 -6.97 -34.46
C LEU I 82 -10.74 -6.92 -34.79
N GLU I 83 -11.40 -8.07 -34.96
CA GLU I 83 -12.84 -8.07 -35.21
C GLU I 83 -13.61 -7.46 -34.05
N HIS I 84 -13.07 -7.51 -32.84
CA HIS I 84 -13.73 -6.94 -31.67
C HIS I 84 -13.50 -5.44 -31.53
N CYS I 85 -12.47 -4.90 -32.17
CA CYS I 85 -12.16 -3.48 -32.08
C CYS I 85 -12.81 -2.72 -33.22
N GLN I 86 -13.26 -1.50 -32.94
CA GLN I 86 -13.90 -0.66 -33.95
C GLN I 86 -12.96 0.44 -34.45
N ARG I 87 -12.32 1.16 -33.52
CA ARG I 87 -11.39 2.23 -33.87
C ARG I 87 -10.33 2.33 -32.79
N PHE I 88 -9.24 3.02 -33.13
CA PHE I 88 -8.14 3.22 -32.19
C PHE I 88 -8.27 4.57 -31.53
N PRO I 89 -8.39 4.65 -30.22
CA PRO I 89 -8.52 5.95 -29.54
C PRO I 89 -7.17 6.63 -29.38
N ASN I 90 -7.23 7.89 -28.97
CA ASN I 90 -6.04 8.70 -28.72
C ASN I 90 -5.65 8.73 -27.24
N HIS I 91 -6.59 8.46 -26.34
CA HIS I 91 -6.33 8.49 -24.91
C HIS I 91 -6.80 7.19 -24.29
N LEU I 92 -6.02 6.66 -23.36
CA LEU I 92 -6.35 5.44 -22.64
C LEU I 92 -6.49 5.75 -21.16
N ASN I 93 -7.61 5.35 -20.57
CA ASN I 93 -7.89 5.67 -19.18
C ASN I 93 -7.02 4.84 -18.25
N LEU I 94 -7.04 5.19 -16.96
CA LEU I 94 -6.24 4.49 -15.97
C LEU I 94 -6.67 3.04 -15.85
N GLU I 95 -7.95 2.80 -15.56
CA GLU I 95 -8.47 1.44 -15.58
C GLU I 95 -8.31 0.81 -16.96
N GLN I 96 -8.46 1.63 -18.01
CA GLN I 96 -8.21 1.13 -19.36
C GLN I 96 -6.74 0.77 -19.55
N GLN I 97 -5.84 1.54 -18.95
CA GLN I 97 -4.41 1.18 -19.00
C GLN I 97 -4.17 -0.16 -18.31
N GLY I 98 -4.77 -0.36 -17.14
CA GLY I 98 -4.61 -1.63 -16.45
C GLY I 98 -5.16 -2.79 -17.23
N LEU I 99 -6.34 -2.61 -17.83
CA LEU I 99 -6.93 -3.67 -18.65
C LEU I 99 -6.07 -3.95 -19.88
N PHE I 100 -5.50 -2.91 -20.48
CA PHE I 100 -4.62 -3.08 -21.62
C PHE I 100 -3.40 -3.91 -21.24
N ALA I 101 -2.77 -3.58 -20.11
CA ALA I 101 -1.60 -4.33 -19.67
C ALA I 101 -1.95 -5.77 -19.34
N ILE I 102 -3.09 -5.98 -18.67
CA ILE I 102 -3.51 -7.34 -18.33
C ILE I 102 -3.76 -8.16 -19.59
N GLY I 103 -4.43 -7.57 -20.57
CA GLY I 103 -4.68 -8.29 -21.81
C GLY I 103 -3.40 -8.59 -22.57
N TYR I 104 -2.46 -7.64 -22.59
CA TYR I 104 -1.18 -7.88 -23.26
C TYR I 104 -0.44 -9.03 -22.59
N TYR I 105 -0.39 -9.04 -21.27
CA TYR I 105 0.32 -10.10 -20.57
C TYR I 105 -0.37 -11.46 -20.77
N HIS I 106 -1.70 -11.47 -20.71
CA HIS I 106 -2.43 -12.72 -20.93
C HIS I 106 -2.21 -13.25 -22.34
N GLU I 107 -2.20 -12.36 -23.33
CA GLU I 107 -2.00 -12.81 -24.71
C GLU I 107 -0.58 -13.30 -24.92
N THR I 108 0.41 -12.65 -24.32
CA THR I 108 1.78 -13.16 -24.41
C THR I 108 1.90 -14.54 -23.78
N GLN I 109 1.29 -14.72 -22.60
CA GLN I 109 1.35 -16.03 -21.95
C GLN I 109 0.64 -17.10 -22.77
N PHE I 110 -0.49 -16.74 -23.39
CA PHE I 110 -1.22 -17.71 -24.20
C PHE I 110 -0.45 -18.06 -25.47
N LEU I 111 0.26 -17.08 -26.05
CA LEU I 111 1.03 -17.35 -27.25
C LEU I 111 2.29 -18.15 -26.95
N PHE I 112 2.86 -17.99 -25.76
CA PHE I 112 4.04 -18.76 -25.38
C PHE I 112 3.71 -20.21 -25.04
N THR I 113 2.43 -20.59 -25.06
CA THR I 113 2.05 -21.97 -24.78
C THR I 113 2.29 -22.84 -26.01
N LYS I 114 2.51 -24.13 -25.76
CA LYS I 114 2.79 -25.07 -26.84
C LYS I 114 1.52 -25.39 -27.63
N ASP I 115 0.64 -26.21 -27.06
CA ASP I 115 -0.58 -26.63 -27.72
C ASP I 115 -1.73 -25.81 -27.16
N ALA I 116 -2.11 -24.75 -27.87
CA ALA I 116 -3.21 -23.89 -27.46
C ALA I 116 -3.76 -23.10 -28.64
N LEU I 117 -2.88 -22.34 -29.32
CA LEU I 117 -3.32 -21.56 -30.47
C LEU I 117 -3.73 -22.47 -31.62
N LYS I 118 -3.03 -23.59 -31.81
CA LYS I 118 -3.43 -24.54 -32.84
C LYS I 118 -4.79 -25.14 -32.55
N ASN I 119 -5.06 -25.48 -31.28
CA ASN I 119 -6.37 -25.99 -30.92
C ASN I 119 -7.46 -24.94 -31.08
N LEU I 120 -7.14 -23.68 -30.82
CA LEU I 120 -8.11 -22.61 -31.02
C LEU I 120 -8.40 -22.40 -32.50
N PHE I 121 -7.37 -22.50 -33.34
CA PHE I 121 -7.57 -22.35 -34.79
C PHE I 121 -8.27 -23.57 -35.40
N ASN I 122 -8.17 -24.74 -34.76
CA ASN I 122 -8.83 -25.92 -35.29
C ASN I 122 -10.33 -25.77 -35.33
N GLU I 123 -10.90 -24.98 -34.41
CA GLU I 123 -12.34 -24.75 -34.39
C GLU I 123 -12.67 -23.36 -34.93
N ALA I 124 -12.23 -23.08 -36.15
CA ALA I 124 -12.48 -21.79 -36.78
C ALA I 124 -13.66 -21.87 -37.75
N GLY J 1 8.09 -20.74 1.01
CA GLY J 1 6.73 -20.38 1.35
C GLY J 1 6.11 -19.40 0.38
N LEU J 2 5.66 -19.91 -0.77
CA LEU J 2 5.04 -19.08 -1.79
C LEU J 2 3.92 -19.88 -2.46
N ASP J 3 2.72 -19.28 -2.49
CA ASP J 3 1.55 -19.91 -3.09
C ASP J 3 1.41 -19.41 -4.52
N ARG J 4 1.72 -20.26 -5.49
CA ARG J 4 1.62 -19.88 -6.89
C ARG J 4 0.21 -20.03 -7.43
N ASN J 5 -0.60 -20.90 -6.82
CA ASN J 5 -1.98 -21.11 -7.27
C ASN J 5 -2.97 -20.60 -6.23
N ARG J 6 -2.87 -19.31 -5.88
CA ARG J 6 -3.78 -18.75 -4.89
C ARG J 6 -5.10 -18.31 -5.50
N GLN J 7 -5.09 -17.91 -6.77
CA GLN J 7 -6.29 -17.46 -7.47
C GLN J 7 -6.96 -16.28 -6.77
N ASP J 8 -6.15 -15.41 -6.16
CA ASP J 8 -6.65 -14.23 -5.46
C ASP J 8 -5.99 -12.99 -6.05
N ILE J 9 -6.72 -11.88 -6.06
CA ILE J 9 -6.19 -10.63 -6.62
C ILE J 9 -5.06 -10.10 -5.75
N GLY J 10 -5.18 -10.25 -4.42
CA GLY J 10 -4.15 -9.73 -3.54
C GLY J 10 -2.82 -10.40 -3.75
N TYR J 11 -2.81 -11.74 -3.85
CA TYR J 11 -1.55 -12.46 -3.99
C TYR J 11 -0.87 -12.13 -5.30
N VAL J 12 -1.63 -12.08 -6.40
CA VAL J 12 -1.02 -11.78 -7.69
C VAL J 12 -0.54 -10.34 -7.74
N LEU J 13 -1.28 -9.42 -7.13
CA LEU J 13 -0.84 -8.03 -7.06
C LEU J 13 0.45 -7.90 -6.26
N GLY J 14 0.54 -8.62 -5.15
CA GLY J 14 1.77 -8.59 -4.35
C GLY J 14 2.95 -9.15 -5.10
N ARG J 15 2.77 -10.31 -5.74
CA ARG J 15 3.85 -10.89 -6.52
C ARG J 15 4.27 -10.00 -7.68
N LEU J 16 3.30 -9.31 -8.31
CA LEU J 16 3.63 -8.39 -9.39
C LEU J 16 4.44 -7.20 -8.89
N PHE J 17 4.02 -6.60 -7.78
CA PHE J 17 4.80 -5.51 -7.21
C PHE J 17 6.19 -5.97 -6.80
N ALA J 18 6.28 -7.20 -6.28
CA ALA J 18 7.58 -7.72 -5.85
C ALA J 18 8.52 -7.91 -7.03
N VAL J 19 8.02 -8.50 -8.11
CA VAL J 19 8.89 -8.70 -9.27
C VAL J 19 9.23 -7.37 -9.93
N LEU J 20 8.31 -6.40 -9.88
CA LEU J 20 8.62 -5.06 -10.39
C LEU J 20 9.75 -4.42 -9.59
N GLU J 21 9.68 -4.50 -8.26
CA GLU J 21 10.75 -3.96 -7.42
C GLU J 21 12.05 -4.70 -7.65
N LYS J 22 11.98 -6.02 -7.89
CA LYS J 22 13.19 -6.79 -8.15
C LYS J 22 13.84 -6.37 -9.46
N ILE J 23 13.04 -6.16 -10.51
CA ILE J 23 13.59 -5.70 -11.78
C ILE J 23 14.18 -4.30 -11.62
N GLN J 24 13.51 -3.44 -10.86
CA GLN J 24 14.03 -2.10 -10.64
C GLN J 24 15.37 -2.15 -9.90
N ALA J 25 15.51 -3.05 -8.93
CA ALA J 25 16.76 -3.17 -8.19
C ALA J 25 17.87 -3.77 -9.04
N GLU J 26 17.51 -4.73 -9.91
CA GLU J 26 18.50 -5.37 -10.76
C GLU J 26 18.86 -4.53 -11.99
N ALA J 27 18.09 -3.48 -12.30
CA ALA J 27 18.39 -2.67 -13.46
C ALA J 27 19.71 -1.93 -13.29
N ASN J 28 19.81 -1.09 -12.25
CA ASN J 28 21.01 -0.32 -11.99
C ASN J 28 21.69 -0.80 -10.72
N PRO J 29 23.03 -0.90 -10.72
CA PRO J 29 23.72 -1.37 -9.50
C PRO J 29 23.62 -0.37 -8.35
N GLY J 30 24.44 0.67 -8.40
CA GLY J 30 24.43 1.69 -7.37
C GLY J 30 23.22 2.60 -7.42
N LEU J 31 22.28 2.38 -6.50
CA LEU J 31 21.05 3.18 -6.43
C LEU J 31 20.83 3.64 -4.99
N ASN J 32 19.87 4.54 -4.83
CA ASN J 32 19.52 5.06 -3.51
C ASN J 32 18.09 4.75 -3.09
N ALA J 33 17.16 4.60 -4.04
CA ALA J 33 15.78 4.29 -3.71
C ALA J 33 15.15 3.55 -4.88
N THR J 34 14.27 2.61 -4.57
CA THR J 34 13.59 1.82 -5.58
C THR J 34 12.18 2.35 -5.79
N ILE J 35 11.42 1.67 -6.66
CA ILE J 35 10.04 2.06 -6.92
C ILE J 35 9.14 1.77 -5.73
N ALA J 36 9.51 0.80 -4.88
CA ALA J 36 8.69 0.49 -3.73
C ALA J 36 8.78 1.57 -2.67
N ASP J 37 9.89 2.31 -2.61
CA ASP J 37 10.07 3.36 -1.63
C ASP J 37 9.36 4.65 -1.98
N ARG J 38 8.60 4.68 -3.09
CA ARG J 38 7.91 5.89 -3.50
C ARG J 38 6.45 5.62 -3.82
N TYR J 39 6.16 4.45 -4.40
CA TYR J 39 4.82 4.14 -4.88
C TYR J 39 4.05 3.22 -3.95
N PHE J 40 4.61 2.83 -2.80
CA PHE J 40 3.91 1.91 -1.91
C PHE J 40 2.74 2.58 -1.22
N GLY J 41 2.72 3.91 -1.15
CA GLY J 41 1.61 4.61 -0.51
C GLY J 41 0.30 4.40 -1.23
N SER J 42 0.34 4.15 -2.54
CA SER J 42 -0.85 3.85 -3.32
C SER J 42 -0.71 2.59 -4.17
N ALA J 43 0.27 1.73 -3.86
CA ALA J 43 0.45 0.52 -4.64
C ALA J 43 -0.73 -0.43 -4.49
N SER J 44 -1.20 -0.63 -3.25
CA SER J 44 -2.32 -1.51 -3.01
C SER J 44 -3.65 -0.77 -2.91
N SER J 45 -3.63 0.50 -2.49
CA SER J 45 -4.86 1.28 -2.41
C SER J 45 -5.45 1.50 -3.79
N THR J 46 -4.67 2.06 -4.71
CA THR J 46 -5.09 2.26 -6.10
C THR J 46 -4.08 1.54 -6.98
N PRO J 47 -4.25 0.23 -7.19
CA PRO J 47 -3.26 -0.53 -7.98
C PRO J 47 -3.22 -0.10 -9.44
N ILE J 48 -4.32 0.40 -9.98
CA ILE J 48 -4.35 0.81 -11.39
C ILE J 48 -3.46 2.04 -11.60
N ALA J 49 -3.28 2.84 -10.55
CA ALA J 49 -2.49 4.06 -10.66
C ALA J 49 -1.01 3.85 -10.36
N VAL J 50 -0.60 2.63 -10.01
CA VAL J 50 0.80 2.37 -9.67
C VAL J 50 1.35 1.28 -10.57
N PHE J 51 0.67 0.13 -10.62
CA PHE J 51 1.16 -1.00 -11.40
C PHE J 51 1.22 -0.66 -12.88
N GLY J 52 0.27 0.14 -13.37
CA GLY J 52 0.28 0.56 -14.75
C GLY J 52 1.55 1.27 -15.14
N THR J 53 1.88 2.35 -14.41
CA THR J 53 3.12 3.07 -14.68
C THR J 53 4.34 2.21 -14.42
N LEU J 54 4.28 1.32 -13.42
CA LEU J 54 5.44 0.47 -13.11
C LEU J 54 5.77 -0.44 -14.29
N MET J 55 4.79 -1.18 -14.79
CA MET J 55 5.04 -2.06 -15.92
C MET J 55 5.10 -1.32 -17.25
N ARG J 56 4.72 -0.05 -17.29
CA ARG J 56 4.97 0.76 -18.48
C ARG J 56 6.41 1.24 -18.53
N LEU J 57 7.01 1.51 -17.37
CA LEU J 57 8.42 1.87 -17.30
C LEU J 57 9.34 0.64 -17.32
N LEU J 58 8.81 -0.52 -16.94
CA LEU J 58 9.59 -1.75 -16.94
C LEU J 58 10.32 -2.06 -18.25
N PRO J 59 9.77 -1.74 -19.44
CA PRO J 59 10.59 -1.90 -20.65
C PRO J 59 11.91 -1.16 -20.60
N HIS J 60 11.94 0.06 -20.05
CA HIS J 60 13.19 0.79 -19.93
C HIS J 60 14.16 0.10 -18.97
N HIS J 61 13.62 -0.46 -17.87
CA HIS J 61 14.47 -1.18 -16.93
C HIS J 61 15.04 -2.45 -17.57
N LEU J 62 14.25 -3.13 -18.39
CA LEU J 62 14.73 -4.32 -19.09
C LEU J 62 15.79 -3.95 -20.12
N ASN J 63 15.60 -2.81 -20.79
CA ASN J 63 16.62 -2.33 -21.74
C ASN J 63 17.90 -1.93 -21.02
N LYS J 64 17.79 -1.43 -19.80
CA LYS J 64 18.96 -1.04 -19.01
C LYS J 64 19.59 -2.22 -18.28
N LEU J 65 19.12 -3.44 -18.50
CA LEU J 65 19.67 -4.60 -17.84
C LEU J 65 20.99 -5.02 -18.49
N GLU J 66 21.52 -6.14 -18.04
CA GLU J 66 22.78 -6.68 -18.54
C GLU J 66 22.63 -8.02 -19.24
N PHE J 67 21.87 -8.95 -18.68
CA PHE J 67 21.67 -10.27 -19.25
C PHE J 67 20.30 -10.33 -19.90
N GLU J 68 20.20 -11.11 -20.99
CA GLU J 68 18.93 -11.25 -21.71
C GLU J 68 18.14 -12.46 -21.23
N GLY J 69 18.83 -13.56 -20.91
CA GLY J 69 18.14 -14.73 -20.39
C GLY J 69 17.46 -14.45 -19.07
N ARG J 70 18.08 -13.64 -18.22
CA ARG J 70 17.46 -13.25 -16.96
C ARG J 70 16.19 -12.45 -17.21
N ALA J 71 16.21 -11.54 -18.19
CA ALA J 71 15.02 -10.77 -18.51
C ALA J 71 13.92 -11.67 -19.07
N VAL J 72 14.30 -12.67 -19.88
CA VAL J 72 13.31 -13.60 -20.42
C VAL J 72 12.67 -14.40 -19.29
N GLN J 73 13.49 -14.90 -18.36
CA GLN J 73 12.96 -15.63 -17.22
C GLN J 73 12.05 -14.76 -16.38
N LEU J 74 12.43 -13.49 -16.20
CA LEU J 74 11.62 -12.57 -15.40
C LEU J 74 10.28 -12.29 -16.06
N GLN J 75 10.27 -12.08 -17.38
CA GLN J 75 9.01 -11.89 -18.09
C GLN J 75 8.14 -13.14 -18.04
N TRP J 76 8.75 -14.32 -18.16
CA TRP J 76 8.01 -15.56 -18.08
C TRP J 76 7.36 -15.72 -16.70
N GLU J 77 8.11 -15.42 -15.63
CA GLU J 77 7.55 -15.52 -14.29
C GLU J 77 6.48 -14.46 -14.06
N ILE J 78 6.63 -13.27 -14.66
CA ILE J 78 5.60 -12.24 -14.52
C ILE J 78 4.31 -12.70 -15.17
N ARG J 79 4.41 -13.31 -16.36
CA ARG J 79 3.22 -13.81 -17.04
C ARG J 79 2.60 -14.98 -16.29
N GLN J 80 3.43 -15.88 -15.76
CA GLN J 80 2.90 -16.99 -14.98
C GLN J 80 2.21 -16.51 -13.71
N ILE J 81 2.69 -15.42 -13.12
CA ILE J 81 2.04 -14.85 -11.95
C ILE J 81 0.72 -14.20 -12.34
N LEU J 82 0.74 -13.36 -13.37
CA LEU J 82 -0.47 -12.66 -13.81
C LEU J 82 -1.50 -13.58 -14.43
N GLU J 83 -1.15 -14.84 -14.71
CA GLU J 83 -2.14 -15.81 -15.18
C GLU J 83 -3.33 -15.90 -14.25
N HIS J 84 -3.11 -15.75 -12.95
CA HIS J 84 -4.19 -15.81 -11.96
C HIS J 84 -4.84 -14.46 -11.70
N CYS J 85 -4.80 -13.55 -12.67
CA CYS J 85 -5.39 -12.23 -12.55
C CYS J 85 -6.14 -11.89 -13.83
N GLN J 86 -7.41 -11.50 -13.70
CA GLN J 86 -8.24 -11.18 -14.85
C GLN J 86 -8.41 -9.67 -15.05
N ARG J 87 -8.41 -8.89 -13.97
CA ARG J 87 -8.59 -7.45 -14.07
C ARG J 87 -7.93 -6.79 -12.87
N PHE J 88 -7.76 -5.47 -12.97
CA PHE J 88 -7.18 -4.67 -11.89
C PHE J 88 -8.27 -3.81 -11.26
N PRO J 89 -8.79 -4.18 -10.10
CA PRO J 89 -9.84 -3.38 -9.47
C PRO J 89 -9.27 -2.11 -8.85
N ASN J 90 -10.05 -1.02 -8.94
CA ASN J 90 -9.62 0.25 -8.36
C ASN J 90 -9.71 0.22 -6.84
N HIS J 91 -10.69 -0.49 -6.29
CA HIS J 91 -10.87 -0.61 -4.85
C HIS J 91 -10.41 -1.98 -4.38
N LEU J 92 -9.72 -2.02 -3.25
CA LEU J 92 -9.19 -3.25 -2.68
C LEU J 92 -9.62 -3.36 -1.22
N ASN J 93 -9.85 -4.58 -0.77
CA ASN J 93 -10.31 -4.82 0.59
C ASN J 93 -9.13 -4.89 1.55
N LEU J 94 -9.45 -4.80 2.84
CA LEU J 94 -8.41 -4.87 3.87
C LEU J 94 -7.75 -6.25 3.90
N GLU J 95 -8.56 -7.31 3.83
CA GLU J 95 -8.00 -8.65 3.67
C GLU J 95 -7.20 -8.75 2.37
N GLN J 96 -7.65 -8.06 1.32
CA GLN J 96 -6.88 -8.02 0.09
C GLN J 96 -5.57 -7.25 0.28
N GLN J 97 -5.58 -6.21 1.12
CA GLN J 97 -4.33 -5.53 1.46
C GLN J 97 -3.36 -6.46 2.15
N GLY J 98 -3.83 -7.23 3.14
CA GLY J 98 -2.97 -8.17 3.81
C GLY J 98 -2.44 -9.25 2.88
N LEU J 99 -3.30 -9.77 2.00
CA LEU J 99 -2.86 -10.76 1.03
C LEU J 99 -1.84 -10.16 0.07
N PHE J 100 -2.02 -8.90 -0.31
CA PHE J 100 -1.05 -8.22 -1.17
C PHE J 100 0.31 -8.14 -0.50
N ALA J 101 0.34 -7.70 0.76
CA ALA J 101 1.60 -7.60 1.47
C ALA J 101 2.27 -8.97 1.63
N ILE J 102 1.47 -9.99 1.98
CA ILE J 102 2.02 -11.33 2.18
C ILE J 102 2.60 -11.86 0.88
N GLY J 103 1.85 -11.74 -0.22
CA GLY J 103 2.34 -12.23 -1.49
C GLY J 103 3.58 -11.47 -1.96
N TYR J 104 3.61 -10.15 -1.75
CA TYR J 104 4.77 -9.36 -2.13
C TYR J 104 6.02 -9.82 -1.38
N TYR J 105 5.90 -9.99 -0.06
CA TYR J 105 7.08 -10.38 0.71
C TYR J 105 7.50 -11.81 0.40
N HIS J 106 6.54 -12.71 0.18
CA HIS J 106 6.88 -14.08 -0.20
C HIS J 106 7.58 -14.12 -1.55
N GLU J 107 7.10 -13.32 -2.51
CA GLU J 107 7.72 -13.31 -3.82
C GLU J 107 9.11 -12.69 -3.78
N THR J 108 9.30 -11.66 -2.94
CA THR J 108 10.65 -11.11 -2.79
C THR J 108 11.60 -12.14 -2.18
N GLN J 109 11.15 -12.84 -1.14
CA GLN J 109 12.00 -13.86 -0.53
C GLN J 109 12.31 -15.00 -1.50
N PHE J 110 11.34 -15.36 -2.34
CA PHE J 110 11.57 -16.43 -3.31
C PHE J 110 12.50 -15.98 -4.43
N LEU J 111 12.40 -14.72 -4.85
CA LEU J 111 13.25 -14.22 -5.93
C LEU J 111 14.68 -14.00 -5.46
N PHE J 112 14.86 -13.55 -4.21
CA PHE J 112 16.20 -13.36 -3.69
C PHE J 112 16.96 -14.66 -3.49
N THR J 113 16.28 -15.81 -3.59
CA THR J 113 16.94 -17.09 -3.48
C THR J 113 17.83 -17.32 -4.71
N LYS J 114 19.00 -17.91 -4.46
CA LYS J 114 19.98 -18.17 -5.51
C LYS J 114 19.42 -19.09 -6.59
N ASP J 115 19.30 -20.38 -6.28
CA ASP J 115 18.81 -21.38 -7.23
C ASP J 115 17.35 -21.66 -6.92
N ALA J 116 16.46 -21.07 -7.71
CA ALA J 116 15.01 -21.26 -7.53
C ALA J 116 14.26 -20.90 -8.80
N LEU J 117 14.44 -19.68 -9.28
CA LEU J 117 13.74 -19.24 -10.48
C LEU J 117 14.21 -20.02 -11.71
N LYS J 118 15.51 -20.32 -11.78
CA LYS J 118 16.01 -21.11 -12.90
C LYS J 118 15.43 -22.52 -12.87
N ASN J 119 15.35 -23.13 -11.69
CA ASN J 119 14.76 -24.46 -11.58
C ASN J 119 13.27 -24.44 -11.91
N LEU J 120 12.58 -23.35 -11.57
CA LEU J 120 11.17 -23.24 -11.91
C LEU J 120 10.97 -23.07 -13.42
N PHE J 121 11.85 -22.30 -14.06
CA PHE J 121 11.76 -22.10 -15.50
C PHE J 121 12.21 -23.34 -16.28
N ASN J 122 13.01 -24.20 -15.66
CA ASN J 122 13.48 -25.40 -16.36
C ASN J 122 12.33 -26.33 -16.73
N GLU J 123 11.24 -26.29 -15.95
CA GLU J 123 10.06 -27.12 -16.22
C GLU J 123 8.94 -26.28 -16.83
N ALA J 124 9.24 -25.56 -17.91
CA ALA J 124 8.25 -24.73 -18.57
C ALA J 124 7.66 -25.44 -19.78
N THR L 1 -51.27 -22.42 44.86
CA THR L 1 -50.18 -23.38 45.03
C THR L 1 -50.04 -24.28 43.81
N ILE L 2 -48.85 -24.29 43.22
CA ILE L 2 -48.61 -25.12 42.05
C ILE L 2 -48.55 -26.59 42.45
N GLU L 3 -48.70 -27.46 41.45
CA GLU L 3 -48.69 -28.90 41.67
C GLU L 3 -47.77 -29.65 40.72
N LYS L 4 -47.07 -28.96 39.82
CA LYS L 4 -46.19 -29.59 38.85
C LYS L 4 -44.79 -29.01 38.97
N ARG L 5 -43.80 -29.81 38.62
CA ARG L 5 -42.40 -29.39 38.66
C ARG L 5 -42.02 -28.70 37.35
N TYR L 6 -41.20 -27.67 37.45
CA TYR L 6 -40.78 -26.87 36.30
C TYR L 6 -39.26 -26.82 36.27
N ASP L 7 -38.66 -27.37 35.22
CA ASP L 7 -37.21 -27.33 35.02
C ASP L 7 -36.93 -26.41 33.84
N PHE L 8 -36.31 -25.27 34.08
CA PHE L 8 -36.11 -24.28 33.04
C PHE L 8 -34.63 -23.98 32.84
N VAL L 9 -34.29 -23.65 31.58
CA VAL L 9 -32.98 -23.19 31.20
C VAL L 9 -33.13 -21.84 30.51
N PHE L 10 -32.43 -20.84 31.02
CA PHE L 10 -32.54 -19.46 30.55
C PHE L 10 -31.22 -19.06 29.89
N LEU L 11 -31.28 -18.72 28.61
CA LEU L 11 -30.10 -18.28 27.86
C LEU L 11 -30.10 -16.75 27.79
N PHE L 12 -29.08 -16.14 28.36
CA PHE L 12 -28.96 -14.68 28.37
C PHE L 12 -27.59 -14.27 27.86
N ASP L 13 -27.56 -13.19 27.07
CA ASP L 13 -26.33 -12.70 26.45
C ASP L 13 -26.09 -11.27 26.85
N VAL L 14 -24.90 -11.00 27.38
CA VAL L 14 -24.44 -9.63 27.63
C VAL L 14 -23.71 -9.15 26.39
N GLN L 15 -24.08 -7.96 25.91
CA GLN L 15 -23.55 -7.41 24.68
C GLN L 15 -22.43 -6.41 24.90
N ASP L 16 -22.63 -5.45 25.81
CA ASP L 16 -21.66 -4.38 26.02
C ASP L 16 -21.63 -4.00 27.50
N GLY L 17 -21.07 -4.89 28.32
CA GLY L 17 -20.97 -4.60 29.74
C GLY L 17 -20.40 -5.78 30.49
N ASN L 18 -20.49 -5.68 31.83
CA ASN L 18 -20.00 -6.71 32.72
C ASN L 18 -21.16 -7.55 33.23
N PRO L 19 -21.27 -8.82 32.84
CA PRO L 19 -22.37 -9.64 33.35
C PRO L 19 -22.21 -9.98 34.82
N ASN L 20 -20.98 -10.28 35.24
CA ASN L 20 -20.70 -10.63 36.63
C ASN L 20 -19.20 -10.46 36.85
N GLY L 21 -18.84 -9.47 37.66
CA GLY L 21 -17.44 -9.20 37.90
C GLY L 21 -16.84 -10.12 38.95
N ASP L 22 -15.50 -10.14 38.99
CA ASP L 22 -14.77 -10.92 39.96
C ASP L 22 -14.39 -10.04 41.14
N PRO L 23 -15.03 -10.20 42.30
CA PRO L 23 -14.62 -9.40 43.47
C PRO L 23 -13.23 -9.74 44.00
N ASP L 24 -12.65 -10.86 43.57
CA ASP L 24 -11.32 -11.23 44.04
C ASP L 24 -10.26 -10.32 43.44
N ALA L 25 -10.24 -10.17 42.12
CA ALA L 25 -9.24 -9.39 41.41
C ALA L 25 -9.92 -8.17 40.79
N GLY L 26 -10.02 -7.09 41.56
CA GLY L 26 -10.57 -5.84 41.05
C GLY L 26 -12.02 -5.93 40.63
N ASN L 27 -12.28 -5.97 39.33
CA ASN L 27 -13.65 -6.00 38.82
C ASN L 27 -13.71 -6.60 37.42
N LEU L 28 -12.87 -7.58 37.14
CA LEU L 28 -12.91 -8.22 35.84
C LEU L 28 -14.07 -9.22 35.79
N PRO L 29 -14.68 -9.42 34.62
CA PRO L 29 -15.81 -10.34 34.51
C PRO L 29 -15.42 -11.76 34.92
N ARG L 30 -16.40 -12.48 35.48
CA ARG L 30 -16.16 -13.84 35.93
C ARG L 30 -15.90 -14.75 34.74
N ILE L 31 -14.73 -15.40 34.73
CA ILE L 31 -14.36 -16.34 33.69
C ILE L 31 -13.71 -17.56 34.34
N ASP L 32 -13.79 -18.69 33.64
CA ASP L 32 -13.21 -19.94 34.14
C ASP L 32 -11.71 -19.93 33.92
N PRO L 33 -10.89 -20.13 34.96
CA PRO L 33 -9.43 -20.11 34.77
C PRO L 33 -8.91 -21.34 34.05
N GLN L 34 -9.80 -22.17 33.52
CA GLN L 34 -9.39 -23.38 32.79
C GLN L 34 -9.97 -23.37 31.38
N THR L 35 -11.28 -23.61 31.22
CA THR L 35 -11.88 -23.65 29.90
C THR L 35 -12.10 -22.27 29.29
N GLY L 36 -12.01 -21.21 30.09
CA GLY L 36 -12.18 -19.86 29.60
C GLY L 36 -13.61 -19.36 29.52
N GLU L 37 -14.59 -20.22 29.77
CA GLU L 37 -15.98 -19.80 29.71
C GLU L 37 -16.34 -18.92 30.91
N GLY L 38 -17.32 -18.05 30.70
CA GLY L 38 -17.75 -17.16 31.78
C GLY L 38 -18.56 -17.92 32.81
N LEU L 39 -18.31 -17.63 34.08
CA LEU L 39 -18.99 -18.29 35.20
C LEU L 39 -19.82 -17.26 35.94
N VAL L 40 -20.93 -16.86 35.32
CA VAL L 40 -21.81 -15.86 35.93
C VAL L 40 -22.56 -16.50 37.10
N THR L 41 -22.48 -15.87 38.26
CA THR L 41 -23.16 -16.39 39.44
C THR L 41 -24.65 -16.12 39.37
N ASP L 42 -25.41 -16.85 40.18
CA ASP L 42 -26.86 -16.69 40.22
C ASP L 42 -27.32 -15.59 41.15
N VAL L 43 -26.42 -15.00 41.94
CA VAL L 43 -26.81 -13.91 42.83
C VAL L 43 -27.22 -12.68 42.02
N CYS L 44 -26.57 -12.46 40.87
CA CYS L 44 -26.99 -11.37 39.99
C CYS L 44 -28.39 -11.61 39.45
N LEU L 45 -28.69 -12.86 39.08
CA LEU L 45 -30.04 -13.20 38.63
C LEU L 45 -31.06 -12.98 39.74
N LYS L 46 -30.71 -13.35 40.97
CA LYS L 46 -31.61 -13.13 42.10
C LYS L 46 -31.85 -11.64 42.33
N ARG L 47 -30.79 -10.83 42.22
CA ARG L 47 -30.94 -9.39 42.38
C ARG L 47 -31.82 -8.80 41.28
N LYS L 48 -31.65 -9.27 40.04
CA LYS L 48 -32.50 -8.80 38.95
C LYS L 48 -33.96 -9.17 39.19
N VAL L 49 -34.20 -10.40 39.67
CA VAL L 49 -35.56 -10.83 39.95
C VAL L 49 -36.18 -9.97 41.05
N ARG L 50 -35.40 -9.70 42.11
CA ARG L 50 -35.91 -8.86 43.20
C ARG L 50 -36.22 -7.45 42.71
N ASN L 51 -35.34 -6.89 41.87
CA ASN L 51 -35.59 -5.55 41.35
C ASN L 51 -36.82 -5.50 40.47
N PHE L 52 -37.00 -6.52 39.61
CA PHE L 52 -38.19 -6.54 38.75
C PHE L 52 -39.46 -6.70 39.58
N ILE L 53 -39.41 -7.53 40.63
CA ILE L 53 -40.59 -7.69 41.48
C ILE L 53 -40.91 -6.39 42.21
N GLN L 54 -39.87 -5.65 42.62
CA GLN L 54 -40.09 -4.36 43.26
C GLN L 54 -40.66 -3.36 42.28
N MET L 55 -40.25 -3.42 41.01
CA MET L 55 -40.73 -2.46 40.02
C MET L 55 -42.16 -2.74 39.61
N THR L 56 -42.47 -3.97 39.21
CA THR L 56 -43.79 -4.30 38.67
C THR L 56 -44.88 -4.35 39.72
N GLN L 57 -44.58 -4.11 40.99
CA GLN L 57 -45.57 -4.21 42.05
C GLN L 57 -45.66 -2.90 42.84
N ASN L 58 -44.63 -2.53 43.59
CA ASN L 58 -44.62 -1.31 44.40
C ASN L 58 -45.78 -1.27 45.40
N ASP L 59 -46.15 -2.44 45.93
CA ASP L 59 -47.25 -2.51 46.88
C ASP L 59 -47.08 -3.70 47.83
N GLU L 60 -48.17 -4.13 48.45
CA GLU L 60 -48.15 -5.22 49.41
C GLU L 60 -48.23 -6.56 48.70
N HIS L 61 -48.12 -7.64 49.48
CA HIS L 61 -48.22 -9.01 49.00
C HIS L 61 -47.13 -9.37 47.99
N HIS L 62 -46.15 -8.47 47.81
CA HIS L 62 -45.06 -8.70 46.88
C HIS L 62 -43.84 -7.87 47.29
N ASP L 63 -43.53 -7.86 48.58
CA ASP L 63 -42.40 -7.09 49.06
C ASP L 63 -41.09 -7.82 48.77
N ILE L 64 -39.98 -7.16 49.10
CA ILE L 64 -38.66 -7.67 48.79
C ILE L 64 -37.84 -7.99 50.04
N PHE L 65 -38.22 -7.48 51.21
CA PHE L 65 -37.46 -7.65 52.44
C PHE L 65 -36.05 -7.11 52.28
N ILE L 66 -35.17 -7.90 51.66
CA ILE L 66 -33.79 -7.48 51.41
C ILE L 66 -33.83 -6.62 50.15
N ARG L 67 -34.06 -5.32 50.35
CA ARG L 67 -34.14 -4.38 49.25
C ARG L 67 -32.80 -3.65 49.12
N GLU L 68 -32.74 -2.66 48.24
CA GLU L 68 -31.54 -1.88 47.99
C GLU L 68 -31.70 -0.49 48.61
N LYS L 69 -30.59 0.06 49.11
CA LYS L 69 -30.63 1.37 49.72
C LYS L 69 -30.74 2.47 48.67
N GLY L 70 -30.31 2.21 47.44
CA GLY L 70 -30.38 3.16 46.35
C GLY L 70 -31.55 2.98 45.41
N ILE L 71 -32.57 2.22 45.80
CA ILE L 71 -33.75 1.97 44.98
C ILE L 71 -35.02 2.44 45.68
N LEU L 72 -35.21 2.02 46.93
CA LEU L 72 -36.39 2.41 47.70
C LEU L 72 -36.03 2.40 49.17
N ASN L 73 -36.11 3.55 49.82
CA ASN L 73 -35.80 3.66 51.24
C ASN L 73 -36.54 4.84 51.87
N LYS L 93 -47.60 -18.47 66.74
CA LYS L 93 -46.31 -18.03 67.24
C LYS L 93 -45.23 -18.19 66.18
N THR L 94 -44.77 -19.43 65.98
CA THR L 94 -43.74 -19.70 64.97
C THR L 94 -44.36 -19.91 63.60
N GLU L 95 -45.31 -20.84 63.50
CA GLU L 95 -45.96 -21.09 62.22
C GLU L 95 -46.82 -19.91 61.78
N ALA L 96 -47.36 -19.15 62.72
CA ALA L 96 -48.12 -17.96 62.37
C ALA L 96 -47.22 -16.88 61.78
N ALA L 97 -46.07 -16.64 62.41
CA ALA L 97 -45.12 -15.66 61.88
C ALA L 97 -44.56 -16.11 60.53
N ARG L 98 -44.30 -17.41 60.38
CA ARG L 98 -43.83 -17.92 59.10
C ARG L 98 -44.88 -17.76 58.02
N GLN L 99 -46.14 -18.06 58.34
CA GLN L 99 -47.21 -17.89 57.37
C GLN L 99 -47.39 -16.42 57.00
N TYR L 100 -47.25 -15.52 57.97
CA TYR L 100 -47.35 -14.09 57.67
C TYR L 100 -46.21 -13.63 56.78
N MET L 101 -44.98 -14.09 57.06
CA MET L 101 -43.85 -13.74 56.21
C MET L 101 -44.00 -14.31 54.80
N CYS L 102 -44.62 -15.48 54.68
CA CYS L 102 -44.85 -16.05 53.36
C CYS L 102 -45.92 -15.28 52.59
N SER L 103 -47.02 -14.93 53.27
CA SER L 103 -48.10 -14.24 52.58
C SER L 103 -47.75 -12.79 52.27
N ARG L 104 -46.82 -12.19 53.02
CA ARG L 104 -46.44 -10.79 52.79
C ARG L 104 -45.31 -10.70 51.75
N TYR L 105 -44.09 -11.01 52.17
CA TYR L 105 -42.94 -10.86 51.29
C TYR L 105 -42.93 -11.93 50.21
N TYR L 106 -42.60 -11.52 48.98
CA TYR L 106 -42.51 -12.45 47.87
C TYR L 106 -41.18 -13.19 47.86
N ASP L 107 -40.11 -12.55 48.37
CA ASP L 107 -38.82 -13.21 48.45
C ASP L 107 -38.85 -14.41 49.40
N ILE L 108 -39.80 -14.44 50.33
CA ILE L 108 -39.94 -15.59 51.22
C ILE L 108 -40.46 -16.79 50.45
N ARG L 109 -41.48 -16.59 49.61
CA ARG L 109 -41.97 -17.67 48.76
C ARG L 109 -40.96 -18.02 47.67
N THR L 110 -40.11 -17.07 47.28
CA THR L 110 -39.15 -17.33 46.21
C THR L 110 -37.97 -18.15 46.71
N PHE L 111 -37.14 -17.57 47.57
CA PHE L 111 -35.92 -18.20 48.05
C PHE L 111 -36.04 -18.67 49.50
N GLY L 112 -37.19 -19.22 49.86
CA GLY L 112 -37.39 -19.80 51.18
C GLY L 112 -37.50 -18.74 52.26
N ALA L 113 -37.75 -19.22 53.48
CA ALA L 113 -37.88 -18.39 54.66
C ALA L 113 -36.70 -18.59 55.59
N VAL L 114 -36.12 -17.47 56.04
CA VAL L 114 -34.96 -17.51 56.94
C VAL L 114 -35.09 -16.42 57.99
N MET L 115 -35.59 -16.79 59.17
CA MET L 115 -35.76 -15.86 60.27
C MET L 115 -34.92 -16.30 61.47
N THR L 116 -35.08 -15.59 62.58
CA THR L 116 -34.34 -15.94 63.79
C THR L 116 -34.90 -17.21 64.42
N THR L 117 -36.21 -17.39 64.37
CA THR L 117 -36.87 -18.57 64.92
C THR L 117 -37.44 -19.42 63.78
N GLY L 118 -37.90 -20.62 64.14
CA GLY L 118 -38.46 -21.53 63.17
C GLY L 118 -38.22 -22.96 63.58
N LYS L 119 -38.53 -23.88 62.66
CA LYS L 119 -38.35 -25.29 62.90
C LYS L 119 -36.89 -25.70 62.76
N ASN L 120 -36.47 -25.98 61.52
CA ASN L 120 -35.09 -26.40 61.26
C ASN L 120 -34.14 -25.22 61.41
N ALA L 121 -33.89 -24.80 62.65
CA ALA L 121 -33.02 -23.67 62.97
C ALA L 121 -33.46 -22.39 62.25
N GLY L 122 -34.74 -22.26 61.97
CA GLY L 122 -35.26 -21.10 61.29
C GLY L 122 -34.78 -20.96 59.85
N GLN L 123 -34.70 -22.06 59.12
CA GLN L 123 -34.24 -22.04 57.74
C GLN L 123 -35.21 -22.80 56.86
N VAL L 124 -35.34 -22.34 55.61
CA VAL L 124 -36.17 -22.99 54.61
C VAL L 124 -35.46 -22.82 53.26
N ARG L 125 -35.29 -23.93 52.54
CA ARG L 125 -34.59 -23.90 51.26
C ARG L 125 -35.32 -23.03 50.24
N GLY L 126 -36.54 -23.43 49.88
CA GLY L 126 -37.33 -22.68 48.93
C GLY L 126 -37.43 -23.39 47.59
N PRO L 127 -38.52 -23.15 46.86
CA PRO L 127 -38.71 -23.81 45.57
C PRO L 127 -37.74 -23.29 44.52
N VAL L 128 -37.65 -21.98 44.36
CA VAL L 128 -36.80 -21.38 43.34
C VAL L 128 -35.34 -21.57 43.72
N GLN L 129 -34.58 -22.21 42.84
CA GLN L 129 -33.16 -22.44 43.05
C GLN L 129 -32.46 -22.33 41.70
N LEU L 130 -31.67 -21.28 41.52
CA LEU L 130 -31.01 -21.02 40.25
C LEU L 130 -29.69 -21.79 40.19
N THR L 131 -28.86 -21.46 39.20
CA THR L 131 -27.61 -22.18 38.98
C THR L 131 -26.58 -21.20 38.41
N PHE L 132 -25.32 -21.39 38.81
CA PHE L 132 -24.23 -20.58 38.28
C PHE L 132 -24.16 -20.69 36.76
N SER L 133 -24.41 -19.59 36.07
CA SER L 133 -24.44 -19.59 34.62
C SER L 133 -23.04 -19.81 34.06
N ARG L 134 -22.88 -20.85 33.24
CA ARG L 134 -21.60 -21.18 32.62
C ARG L 134 -21.73 -21.04 31.11
N SER L 135 -20.77 -20.34 30.50
CA SER L 135 -20.79 -20.12 29.06
C SER L 135 -20.36 -21.39 28.32
N ILE L 136 -20.37 -21.29 26.99
CA ILE L 136 -19.98 -22.41 26.13
C ILE L 136 -18.67 -22.13 25.42
N ASP L 137 -18.44 -20.88 24.98
CA ASP L 137 -17.22 -20.52 24.29
C ASP L 137 -16.39 -19.57 25.15
N PRO L 138 -15.07 -19.68 25.12
CA PRO L 138 -14.22 -18.78 25.92
C PRO L 138 -14.26 -17.35 25.43
N ILE L 139 -14.74 -16.44 26.28
CA ILE L 139 -14.84 -15.03 25.94
C ILE L 139 -13.57 -14.32 26.38
N MET L 140 -13.39 -13.08 25.95
CA MET L 140 -12.23 -12.27 26.29
C MET L 140 -12.71 -10.98 26.96
N THR L 141 -12.43 -10.84 28.25
CA THR L 141 -12.82 -9.65 28.98
C THR L 141 -11.96 -8.46 28.57
N LEU L 142 -12.60 -7.38 28.12
CA LEU L 142 -11.90 -6.19 27.66
C LEU L 142 -11.74 -5.24 28.83
N GLU L 143 -10.50 -5.01 29.25
CA GLU L 143 -10.18 -4.13 30.38
C GLU L 143 -9.52 -2.87 29.83
N HIS L 144 -10.34 -1.86 29.55
CA HIS L 144 -9.87 -0.58 29.03
C HIS L 144 -9.72 0.39 30.20
N SER L 145 -8.46 0.66 30.58
CA SER L 145 -8.19 1.55 31.71
C SER L 145 -8.48 3.00 31.35
N ILE L 146 -9.71 3.44 31.58
CA ILE L 146 -10.10 4.81 31.27
C ILE L 146 -9.57 5.74 32.35
N THR L 147 -9.56 7.04 32.05
CA THR L 147 -9.04 8.06 32.93
C THR L 147 -10.15 9.04 33.31
N ARG L 148 -10.13 9.48 34.57
CA ARG L 148 -11.10 10.43 35.09
C ARG L 148 -10.44 11.81 35.20
N MET L 149 -11.12 12.82 34.66
CA MET L 149 -10.62 14.19 34.69
C MET L 149 -10.96 14.92 35.99
N ALA L 150 -11.03 14.20 37.10
CA ALA L 150 -11.34 14.81 38.39
C ALA L 150 -10.70 13.95 39.49
N VAL L 151 -10.96 14.33 40.74
CA VAL L 151 -10.43 13.64 41.90
C VAL L 151 -11.56 13.40 42.89
N THR L 152 -11.53 12.24 43.55
CA THR L 152 -12.55 11.89 44.54
C THR L 152 -12.25 12.56 45.87
N ASN L 153 -11.10 12.24 46.46
CA ASN L 153 -10.69 12.80 47.73
C ASN L 153 -9.40 13.59 47.55
N GLU L 154 -8.70 13.85 48.66
CA GLU L 154 -7.44 14.61 48.63
C GLU L 154 -6.27 13.63 48.58
N LYS L 155 -6.13 12.99 47.42
CA LYS L 155 -5.06 12.03 47.21
C LYS L 155 -3.78 12.74 46.79
N ASP L 156 -2.77 11.96 46.40
CA ASP L 156 -1.50 12.53 45.97
C ASP L 156 -1.58 13.14 44.58
N ALA L 157 -2.53 12.71 43.75
CA ALA L 157 -2.69 13.22 42.40
C ALA L 157 -3.67 14.40 42.34
N SER L 158 -4.11 14.91 43.48
CA SER L 158 -5.05 16.03 43.53
C SER L 158 -4.31 17.35 43.74
N GLU L 159 -3.29 17.60 42.93
CA GLU L 159 -2.50 18.82 43.01
C GLU L 159 -2.87 19.76 41.86
N THR L 160 -2.13 20.86 41.78
CA THR L 160 -2.42 21.89 40.78
C THR L 160 -2.09 21.46 39.35
N GLY L 161 -1.35 20.36 39.18
CA GLY L 161 -1.00 19.89 37.86
C GLY L 161 -2.19 19.39 37.07
N ASP L 162 -2.75 18.25 37.50
CA ASP L 162 -3.90 17.67 36.83
C ASP L 162 -4.64 16.78 37.82
N ASN L 163 -5.77 17.25 38.32
CA ASN L 163 -6.61 16.48 39.24
C ASN L 163 -7.14 15.26 38.49
N ARG L 164 -6.51 14.10 38.70
CA ARG L 164 -6.83 12.89 37.96
C ARG L 164 -7.03 11.72 38.91
N THR L 165 -7.81 10.74 38.45
CA THR L 165 -8.04 9.49 39.18
C THR L 165 -8.31 8.41 38.12
N MET L 166 -7.23 7.93 37.51
CA MET L 166 -7.33 6.96 36.43
C MET L 166 -7.84 5.63 36.96
N GLY L 167 -8.88 5.10 36.34
CA GLY L 167 -9.44 3.82 36.75
C GLY L 167 -9.35 2.77 35.67
N ARG L 168 -10.36 1.90 35.58
CA ARG L 168 -10.39 0.88 34.56
C ARG L 168 -11.82 0.41 34.36
N LYS L 169 -12.18 0.10 33.12
CA LYS L 169 -13.54 -0.31 32.76
C LYS L 169 -13.47 -1.71 32.15
N PHE L 170 -14.26 -2.62 32.69
CA PHE L 170 -14.28 -4.02 32.26
C PHE L 170 -15.59 -4.29 31.53
N THR L 171 -15.48 -4.74 30.28
CA THR L 171 -16.64 -5.04 29.46
C THR L 171 -16.46 -6.41 28.80
N VAL L 172 -17.52 -6.88 28.15
CA VAL L 172 -17.51 -8.15 27.45
C VAL L 172 -18.07 -7.93 26.04
N PRO L 173 -17.37 -8.37 24.99
CA PRO L 173 -17.89 -8.16 23.64
C PRO L 173 -19.17 -8.95 23.36
N TYR L 174 -19.24 -10.20 23.81
CA TYR L 174 -20.44 -11.01 23.67
C TYR L 174 -20.37 -12.22 24.58
N GLY L 175 -21.07 -12.17 25.71
CA GLY L 175 -21.06 -13.28 26.63
C GLY L 175 -22.41 -13.98 26.75
N LEU L 176 -22.51 -15.19 26.21
CA LEU L 176 -23.75 -15.96 26.24
C LEU L 176 -23.65 -17.02 27.33
N TYR L 177 -24.60 -17.01 28.26
CA TYR L 177 -24.61 -17.93 29.39
C TYR L 177 -25.97 -18.59 29.51
N ARG L 178 -25.97 -19.75 30.16
CA ARG L 178 -27.18 -20.56 30.35
C ARG L 178 -27.33 -20.87 31.82
N CYS L 179 -28.42 -20.41 32.42
CA CYS L 179 -28.70 -20.61 33.83
C CYS L 179 -29.80 -21.67 33.98
N HIS L 180 -29.58 -22.62 34.88
CA HIS L 180 -30.54 -23.69 35.15
C HIS L 180 -31.38 -23.34 36.37
N GLY L 181 -32.60 -23.86 36.40
CA GLY L 181 -33.48 -23.63 37.53
C GLY L 181 -34.49 -24.75 37.67
N PHE L 182 -34.80 -25.09 38.91
CA PHE L 182 -35.75 -26.16 39.22
C PHE L 182 -36.73 -25.64 40.26
N ILE L 183 -38.03 -25.71 39.96
CA ILE L 183 -39.08 -25.31 40.88
C ILE L 183 -39.97 -26.52 41.15
N SER L 184 -40.02 -26.94 42.41
CA SER L 184 -40.80 -28.09 42.83
C SER L 184 -42.00 -27.63 43.65
N THR L 185 -43.11 -28.36 43.52
CA THR L 185 -44.31 -28.04 44.26
C THR L 185 -44.25 -28.45 45.72
N HIS L 186 -43.33 -29.35 46.08
CA HIS L 186 -43.20 -29.77 47.47
C HIS L 186 -42.82 -28.62 48.37
N PHE L 187 -41.92 -27.76 47.91
CA PHE L 187 -41.55 -26.56 48.66
C PHE L 187 -42.52 -25.42 48.46
N ALA L 188 -43.21 -25.38 47.31
CA ALA L 188 -44.23 -24.36 47.08
C ALA L 188 -45.44 -24.55 47.97
N LYS L 189 -45.74 -25.79 48.37
CA LYS L 189 -46.85 -26.05 49.28
C LYS L 189 -46.62 -25.43 50.65
N GLN L 190 -45.36 -25.24 51.06
CA GLN L 190 -45.03 -24.65 52.34
C GLN L 190 -44.68 -23.17 52.24
N THR L 191 -44.07 -22.74 51.13
CA THR L 191 -43.71 -21.34 50.97
C THR L 191 -44.87 -20.52 50.42
N GLY L 192 -45.74 -21.14 49.63
CA GLY L 192 -46.88 -20.43 49.06
C GLY L 192 -46.68 -19.93 47.65
N PHE L 193 -45.87 -20.61 46.84
CA PHE L 193 -45.62 -20.20 45.46
C PHE L 193 -46.78 -20.69 44.60
N SER L 194 -47.74 -19.82 44.34
CA SER L 194 -48.91 -20.19 43.56
C SER L 194 -48.64 -20.00 42.06
N GLU L 195 -49.69 -20.13 41.26
CA GLU L 195 -49.55 -19.96 39.81
C GLU L 195 -49.30 -18.50 39.45
N ASN L 196 -49.91 -17.56 40.19
CA ASN L 196 -49.65 -16.15 39.94
C ASN L 196 -48.20 -15.79 40.25
N ASP L 197 -47.65 -16.37 41.32
CA ASP L 197 -46.25 -16.14 41.64
C ASP L 197 -45.34 -16.70 40.55
N LEU L 198 -45.68 -17.87 40.00
CA LEU L 198 -44.89 -18.43 38.92
C LEU L 198 -44.98 -17.58 37.66
N GLU L 199 -46.17 -17.06 37.34
CA GLU L 199 -46.31 -16.19 36.19
C GLU L 199 -45.52 -14.91 36.37
N LEU L 200 -45.53 -14.34 37.58
CA LEU L 200 -44.74 -13.15 37.85
C LEU L 200 -43.25 -13.44 37.74
N PHE L 201 -42.82 -14.61 38.22
CA PHE L 201 -41.41 -14.99 38.10
C PHE L 201 -41.00 -15.15 36.64
N TRP L 202 -41.88 -15.71 35.81
CA TRP L 202 -41.57 -15.84 34.39
C TRP L 202 -41.50 -14.46 33.72
N GLN L 203 -42.47 -13.59 34.02
CA GLN L 203 -42.46 -12.25 33.46
C GLN L 203 -41.22 -11.48 33.89
N ALA L 204 -40.72 -11.73 35.10
CA ALA L 204 -39.48 -11.12 35.54
C ALA L 204 -38.30 -11.68 34.77
N LEU L 205 -38.20 -13.01 34.69
CA LEU L 205 -37.10 -13.64 33.96
C LEU L 205 -37.06 -13.20 32.50
N VAL L 206 -38.20 -12.81 31.95
CA VAL L 206 -38.22 -12.36 30.55
C VAL L 206 -37.54 -11.00 30.42
N ASN L 207 -37.76 -10.10 31.39
CA ASN L 207 -37.31 -8.72 31.27
C ASN L 207 -36.62 -8.23 32.53
N MET L 208 -35.90 -9.09 33.24
CA MET L 208 -35.18 -8.63 34.42
C MET L 208 -33.91 -7.88 34.04
N PHE L 209 -33.27 -8.28 32.94
CA PHE L 209 -32.08 -7.59 32.47
C PHE L 209 -32.41 -6.34 31.66
N ASP L 210 -33.66 -6.19 31.21
CA ASP L 210 -34.05 -5.01 30.46
C ASP L 210 -34.46 -3.86 31.37
N HIS L 211 -35.03 -4.18 32.55
CA HIS L 211 -35.44 -3.15 33.49
C HIS L 211 -34.29 -2.69 34.38
N ASP L 212 -33.19 -3.42 34.41
CA ASP L 212 -32.04 -3.09 35.24
C ASP L 212 -30.82 -2.93 34.34
N HIS L 213 -30.22 -1.73 34.37
CA HIS L 213 -29.04 -1.45 33.56
C HIS L 213 -28.17 -0.44 34.30
N SER L 214 -26.90 -0.39 33.91
CA SER L 214 -25.94 0.52 34.52
C SER L 214 -24.79 0.73 33.54
N ALA L 215 -23.78 1.49 33.99
CA ALA L 215 -22.61 1.73 33.16
C ALA L 215 -21.65 0.55 33.17
N ALA L 216 -21.79 -0.37 34.13
CA ALA L 216 -20.92 -1.54 34.20
C ALA L 216 -21.59 -2.77 33.59
N ARG L 217 -22.88 -2.98 33.90
CA ARG L 217 -23.59 -4.13 33.34
C ARG L 217 -23.90 -3.95 31.87
N GLY L 218 -24.17 -2.71 31.43
CA GLY L 218 -24.37 -2.47 30.02
C GLY L 218 -25.67 -3.07 29.52
N GLN L 219 -25.62 -3.66 28.33
CA GLN L 219 -26.78 -4.25 27.68
C GLN L 219 -26.76 -5.76 27.86
N MET L 220 -27.78 -6.30 28.53
CA MET L 220 -27.95 -7.74 28.69
C MET L 220 -29.36 -8.09 28.24
N ASN L 221 -29.46 -9.06 27.33
CA ASN L 221 -30.74 -9.45 26.76
C ASN L 221 -30.95 -10.95 26.94
N ALA L 222 -32.18 -11.38 26.66
CA ALA L 222 -32.57 -12.78 26.77
C ALA L 222 -32.55 -13.45 25.40
N ARG L 223 -32.47 -14.78 25.41
CA ARG L 223 -32.42 -15.54 24.17
C ARG L 223 -33.42 -16.68 24.19
N GLY L 224 -33.29 -17.60 25.15
CA GLY L 224 -34.16 -18.74 25.23
C GLY L 224 -34.56 -19.13 26.64
N LEU L 225 -35.86 -19.10 26.90
CA LEU L 225 -36.42 -19.50 28.19
C LEU L 225 -37.12 -20.86 28.03
N TYR L 226 -36.32 -21.91 27.89
CA TYR L 226 -36.86 -23.23 27.61
C TYR L 226 -37.27 -23.90 28.92
N VAL L 227 -38.59 -24.04 29.14
CA VAL L 227 -39.11 -24.61 30.36
C VAL L 227 -39.74 -25.96 30.05
N PHE L 228 -39.59 -26.90 30.98
CA PHE L 228 -40.18 -28.22 30.88
C PHE L 228 -41.02 -28.48 32.13
N GLU L 229 -42.32 -28.64 31.93
CA GLU L 229 -43.25 -28.93 33.01
C GLU L 229 -43.50 -30.43 33.07
N HIS L 230 -43.30 -31.02 34.24
CA HIS L 230 -43.46 -32.44 34.45
C HIS L 230 -44.83 -32.74 35.04
N SER L 231 -45.38 -33.90 34.67
CA SER L 231 -46.71 -34.27 35.16
C SER L 231 -46.65 -34.68 36.64
N ASN L 232 -45.62 -35.41 37.03
CA ASN L 232 -45.50 -35.84 38.42
C ASN L 232 -45.05 -34.69 39.30
N ASN L 233 -45.30 -34.83 40.60
CA ASN L 233 -44.93 -33.81 41.58
C ASN L 233 -43.44 -33.79 41.89
N LEU L 234 -42.71 -34.86 41.57
CA LEU L 234 -41.28 -34.93 41.83
C LEU L 234 -40.41 -34.88 40.59
N GLY L 235 -40.96 -35.19 39.41
CA GLY L 235 -40.19 -35.14 38.19
C GLY L 235 -39.85 -36.50 37.61
N ASP L 236 -40.41 -36.81 36.45
CA ASP L 236 -40.18 -38.09 35.79
C ASP L 236 -39.06 -38.03 34.75
N ALA L 237 -38.13 -37.09 34.89
CA ALA L 237 -37.03 -36.96 33.95
C ALA L 237 -35.79 -36.40 34.64
N PRO L 238 -34.63 -37.01 34.44
CA PRO L 238 -33.40 -36.49 35.07
C PRO L 238 -33.00 -35.15 34.47
N ALA L 239 -32.06 -34.49 35.16
CA ALA L 239 -31.58 -33.19 34.70
C ALA L 239 -30.49 -33.33 33.65
N ASP L 240 -29.75 -34.43 33.65
CA ASP L 240 -28.68 -34.61 32.68
C ASP L 240 -29.23 -34.72 31.26
N SER L 241 -30.30 -35.51 31.07
CA SER L 241 -30.91 -35.62 29.75
C SER L 241 -31.54 -34.30 29.32
N LEU L 242 -32.13 -33.57 30.26
CA LEU L 242 -32.72 -32.27 29.93
C LEU L 242 -31.65 -31.26 29.53
N PHE L 243 -30.46 -31.34 30.13
CA PHE L 243 -29.37 -30.45 29.74
C PHE L 243 -28.77 -30.87 28.40
N LYS L 244 -28.67 -32.17 28.16
CA LYS L 244 -28.12 -32.66 26.90
C LYS L 244 -29.08 -32.49 25.73
N ARG L 245 -30.37 -32.32 25.99
CA ARG L 245 -31.33 -32.11 24.91
C ARG L 245 -31.09 -30.78 24.22
N ILE L 246 -31.16 -29.68 24.96
CA ILE L 246 -30.90 -28.36 24.41
C ILE L 246 -29.39 -28.18 24.27
N GLN L 247 -28.92 -28.04 23.04
CA GLN L 247 -27.49 -27.91 22.76
C GLN L 247 -27.24 -26.55 22.10
N VAL L 248 -26.42 -25.73 22.75
CA VAL L 248 -26.03 -24.42 22.24
C VAL L 248 -24.56 -24.47 21.88
N VAL L 249 -24.25 -24.49 20.58
CA VAL L 249 -22.87 -24.60 20.12
C VAL L 249 -22.57 -23.48 19.13
N LYS L 250 -21.41 -23.55 18.49
CA LYS L 250 -21.00 -22.57 17.50
C LYS L 250 -21.36 -23.03 16.10
N LYS L 251 -21.20 -22.13 15.14
CA LYS L 251 -21.52 -22.42 13.75
C LYS L 251 -20.32 -23.11 13.09
N ASP L 252 -20.34 -23.22 11.77
CA ASP L 252 -19.27 -23.88 11.04
C ASP L 252 -18.09 -22.93 10.82
N GLY L 253 -18.26 -21.97 9.91
CA GLY L 253 -17.21 -21.02 9.60
C GLY L 253 -16.99 -19.94 10.63
N VAL L 254 -17.79 -19.92 11.69
CA VAL L 254 -17.65 -18.91 12.73
C VAL L 254 -16.49 -19.29 13.65
N GLU L 255 -15.55 -18.37 13.82
CA GLU L 255 -14.39 -18.60 14.67
C GLU L 255 -14.66 -18.18 16.11
N VAL L 256 -14.98 -16.91 16.33
CA VAL L 256 -15.25 -16.38 17.65
C VAL L 256 -16.69 -15.88 17.69
N VAL L 257 -17.16 -15.61 18.91
CA VAL L 257 -18.53 -15.16 19.12
C VAL L 257 -18.61 -13.66 18.89
N ARG L 258 -19.82 -13.17 18.64
CA ARG L 258 -20.05 -11.75 18.41
C ARG L 258 -21.51 -11.39 18.64
N SER L 259 -22.42 -12.20 18.09
CA SER L 259 -23.85 -11.97 18.24
C SER L 259 -24.55 -13.32 18.20
N PHE L 260 -25.88 -13.29 18.12
CA PHE L 260 -26.67 -14.52 18.09
C PHE L 260 -26.64 -15.21 16.73
N ASP L 261 -26.28 -14.48 15.67
CA ASP L 261 -26.20 -15.09 14.35
C ASP L 261 -25.03 -16.05 14.22
N ASP L 262 -24.09 -16.03 15.17
CA ASP L 262 -22.95 -16.93 15.13
C ASP L 262 -23.16 -18.20 15.95
N TYR L 263 -24.14 -18.22 16.85
CA TYR L 263 -24.43 -19.39 17.65
C TYR L 263 -25.42 -20.30 16.94
N LEU L 264 -25.67 -21.47 17.55
CA LEU L 264 -26.62 -22.42 17.01
C LEU L 264 -27.25 -23.18 18.16
N VAL L 265 -28.56 -23.05 18.32
CA VAL L 265 -29.31 -23.71 19.38
C VAL L 265 -30.17 -24.79 18.76
N SER L 266 -30.08 -26.01 19.30
CA SER L 266 -30.85 -27.15 18.83
C SER L 266 -31.60 -27.76 20.00
N VAL L 267 -32.92 -27.84 19.86
CA VAL L 267 -33.77 -28.41 20.89
C VAL L 267 -34.08 -29.86 20.54
N ASP L 268 -34.77 -30.55 21.45
CA ASP L 268 -35.14 -31.95 21.27
C ASP L 268 -36.54 -32.17 21.86
N ASP L 269 -37.56 -31.74 21.12
CA ASP L 269 -38.95 -31.87 21.54
C ASP L 269 -39.60 -33.17 21.08
N LYS L 270 -38.83 -34.08 20.47
CA LYS L 270 -39.35 -35.35 20.01
C LYS L 270 -39.34 -36.43 21.08
N ASN L 271 -38.62 -36.22 22.18
CA ASN L 271 -38.55 -37.18 23.26
C ASN L 271 -39.35 -36.78 24.50
N LEU L 272 -39.58 -35.49 24.70
CA LEU L 272 -40.34 -35.02 25.85
C LEU L 272 -41.83 -34.85 25.55
N GLU L 273 -42.31 -35.43 24.46
CA GLU L 273 -43.72 -35.33 24.10
C GLU L 273 -44.59 -36.40 24.76
N GLU L 274 -44.02 -37.21 25.66
CA GLU L 274 -44.78 -38.26 26.30
C GLU L 274 -45.65 -37.71 27.43
N THR L 275 -45.02 -37.14 28.46
CA THR L 275 -45.75 -36.60 29.60
C THR L 275 -45.35 -35.15 29.87
N LYS L 276 -44.12 -34.80 29.54
CA LYS L 276 -43.63 -33.45 29.79
C LYS L 276 -44.23 -32.47 28.78
N LEU L 277 -44.24 -31.19 29.18
CA LEU L 277 -44.75 -30.11 28.35
C LEU L 277 -43.66 -29.07 28.16
N LEU L 278 -43.46 -28.62 26.92
CA LEU L 278 -42.43 -27.66 26.59
C LEU L 278 -43.00 -26.25 26.51
N ARG L 279 -42.23 -25.28 26.97
CA ARG L 279 -42.62 -23.88 26.95
C ARG L 279 -41.44 -23.05 26.46
N LYS L 280 -41.70 -22.17 25.50
CA LYS L 280 -40.68 -21.28 24.94
C LYS L 280 -41.12 -19.83 25.17
N LEU L 281 -40.78 -19.30 26.33
CA LEU L 281 -41.13 -17.93 26.71
C LEU L 281 -40.02 -16.94 26.38
N GLY L 282 -39.21 -17.22 25.37
CA GLY L 282 -38.14 -16.31 24.99
C GLY L 282 -37.62 -16.55 23.59
N GLY L 283 -37.67 -17.80 23.14
CA GLY L 283 -37.21 -18.14 21.81
C GLY L 283 -36.85 -19.61 21.67
N ARG M 1 -26.06 -51.12 49.99
CA ARG M 1 -25.05 -50.36 49.28
C ARG M 1 -25.60 -49.78 47.99
N PHE M 2 -25.28 -48.51 47.73
CA PHE M 2 -25.76 -47.82 46.54
C PHE M 2 -24.66 -46.92 46.00
N ILE M 3 -24.42 -46.98 44.69
CA ILE M 3 -23.41 -46.18 44.02
C ILE M 3 -24.11 -44.98 43.40
N LEU M 4 -23.69 -43.78 43.78
CA LEU M 4 -24.27 -42.54 43.28
C LEU M 4 -23.19 -41.75 42.55
N GLU M 5 -23.47 -41.42 41.29
CA GLU M 5 -22.54 -40.66 40.45
C GLU M 5 -22.91 -39.18 40.52
N ILE M 6 -22.55 -38.55 41.63
CA ILE M 6 -22.84 -37.15 41.85
C ILE M 6 -21.87 -36.31 41.02
N SER M 7 -22.41 -35.50 40.11
CA SER M 7 -21.59 -34.66 39.24
C SER M 7 -22.44 -33.49 38.77
N GLY M 8 -21.83 -32.31 38.73
CA GLY M 8 -22.51 -31.10 38.29
C GLY M 8 -21.53 -30.12 37.70
N ASP M 9 -21.84 -28.83 37.84
CA ASP M 9 -20.97 -27.79 37.29
C ASP M 9 -19.77 -27.55 38.20
N LEU M 10 -20.01 -26.89 39.34
CA LEU M 10 -18.95 -26.56 40.29
C LEU M 10 -19.28 -27.17 41.65
N ALA M 11 -18.45 -26.84 42.64
CA ALA M 11 -18.64 -27.33 44.00
C ALA M 11 -17.98 -26.36 44.96
N CYS M 12 -18.55 -26.27 46.17
CA CYS M 12 -18.04 -25.36 47.21
C CYS M 12 -18.43 -25.92 48.57
N PHE M 13 -17.77 -27.00 48.97
CA PHE M 13 -18.00 -27.63 50.27
C PHE M 13 -17.37 -26.76 51.35
N THR M 14 -18.18 -25.91 51.97
CA THR M 14 -17.68 -24.99 52.99
C THR M 14 -17.20 -25.77 54.21
N ARG M 15 -15.95 -25.54 54.61
CA ARG M 15 -15.39 -26.22 55.76
C ARG M 15 -15.94 -25.63 57.06
N SER M 16 -15.63 -26.31 58.17
CA SER M 16 -16.05 -25.83 59.48
C SER M 16 -14.99 -24.97 60.16
N GLU M 17 -13.72 -25.15 59.81
CA GLU M 17 -12.66 -24.33 60.41
C GLU M 17 -12.69 -22.90 59.87
N LEU M 18 -12.95 -22.74 58.58
CA LEU M 18 -13.01 -21.44 57.91
C LEU M 18 -14.43 -21.23 57.43
N LYS M 19 -15.29 -20.73 58.33
CA LYS M 19 -16.69 -20.49 57.97
C LYS M 19 -16.87 -19.14 57.28
N VAL M 20 -16.03 -18.16 57.60
CA VAL M 20 -16.15 -16.85 56.98
C VAL M 20 -15.71 -16.90 55.52
N GLU M 21 -14.72 -17.73 55.21
CA GLU M 21 -14.24 -17.91 53.84
C GLU M 21 -14.64 -19.31 53.38
N ARG M 22 -15.66 -19.38 52.52
CA ARG M 22 -16.20 -20.66 52.09
C ARG M 22 -15.22 -21.42 51.21
N VAL M 23 -14.15 -21.94 51.82
CA VAL M 23 -13.18 -22.72 51.08
C VAL M 23 -13.72 -24.13 50.84
N SER M 24 -13.60 -24.60 49.60
CA SER M 24 -14.15 -25.89 49.20
C SER M 24 -13.25 -27.02 49.65
N TYR M 25 -13.86 -28.20 49.85
CA TYR M 25 -13.13 -29.39 50.24
C TYR M 25 -12.49 -30.04 49.00
N PRO M 26 -11.38 -30.78 49.20
CA PRO M 26 -10.78 -31.49 48.07
C PRO M 26 -11.70 -32.55 47.46
N VAL M 27 -12.58 -33.14 48.27
CA VAL M 27 -13.53 -34.13 47.79
C VAL M 27 -14.92 -33.74 48.25
N ILE M 28 -15.84 -34.70 48.29
CA ILE M 28 -17.21 -34.47 48.73
C ILE M 28 -17.28 -34.75 50.23
N THR M 29 -17.84 -33.81 50.99
CA THR M 29 -17.96 -33.97 52.42
C THR M 29 -19.00 -35.05 52.74
N PRO M 30 -18.72 -35.91 53.72
CA PRO M 30 -19.74 -36.91 54.11
C PRO M 30 -21.06 -36.27 54.56
N SER M 31 -21.00 -35.14 55.25
CA SER M 31 -22.23 -34.44 55.60
C SER M 31 -22.95 -33.94 54.35
N ALA M 32 -22.21 -33.47 53.35
CA ALA M 32 -22.81 -33.05 52.10
C ALA M 32 -23.47 -34.22 51.39
N ALA M 33 -22.82 -35.39 51.40
CA ALA M 33 -23.43 -36.57 50.79
C ALA M 33 -24.69 -37.00 51.53
N ARG M 34 -24.67 -36.91 52.86
CA ARG M 34 -25.87 -37.25 53.64
C ARG M 34 -27.01 -36.28 53.34
N ASN M 35 -26.70 -34.99 53.23
CA ASN M 35 -27.72 -34.01 52.88
C ASN M 35 -28.26 -34.25 51.48
N ILE M 36 -27.39 -34.65 50.55
CA ILE M 36 -27.84 -34.95 49.18
C ILE M 36 -28.78 -36.14 49.20
N LEU M 37 -28.41 -37.19 49.94
CA LEU M 37 -29.26 -38.38 50.02
C LEU M 37 -30.59 -38.07 50.70
N MET M 38 -30.59 -37.15 51.67
CA MET M 38 -31.84 -36.77 52.33
C MET M 38 -32.71 -35.94 51.39
N ALA M 39 -32.09 -35.07 50.59
CA ALA M 39 -32.87 -34.25 49.65
C ALA M 39 -33.42 -35.10 48.51
N ILE M 40 -32.73 -36.18 48.14
CA ILE M 40 -33.23 -37.07 47.09
C ILE M 40 -34.46 -37.83 47.60
N LEU M 41 -34.32 -38.51 48.74
CA LEU M 41 -35.42 -39.27 49.32
C LEU M 41 -35.14 -39.48 50.79
N TRP M 42 -36.06 -39.02 51.64
CA TRP M 42 -35.92 -39.16 53.08
C TRP M 42 -37.29 -39.23 53.72
N LYS M 43 -37.40 -40.07 54.76
CA LYS M 43 -38.62 -40.26 55.51
C LYS M 43 -38.27 -40.36 56.98
N PRO M 44 -39.17 -39.94 57.88
CA PRO M 44 -38.88 -40.04 59.31
C PRO M 44 -38.79 -41.47 59.81
N ALA M 45 -37.87 -42.24 59.24
CA ALA M 45 -37.67 -43.64 59.61
C ALA M 45 -36.36 -44.14 59.03
N ILE M 46 -35.88 -43.50 57.98
CA ILE M 46 -34.65 -43.88 57.31
C ILE M 46 -33.51 -43.01 57.84
N ARG M 47 -32.28 -43.50 57.67
CA ARG M 47 -31.09 -42.77 58.09
C ARG M 47 -29.99 -43.03 57.06
N TRP M 48 -29.73 -42.04 56.21
CA TRP M 48 -28.71 -42.18 55.19
C TRP M 48 -27.32 -42.07 55.82
N LYS M 49 -26.46 -43.04 55.50
CA LYS M 49 -25.11 -43.09 56.05
C LYS M 49 -24.12 -43.33 54.92
N VAL M 50 -23.11 -42.46 54.82
CA VAL M 50 -22.09 -42.60 53.80
C VAL M 50 -21.10 -43.69 54.20
N LEU M 51 -20.38 -44.21 53.20
CA LEU M 51 -19.41 -45.27 53.46
C LEU M 51 -18.09 -45.02 52.74
N LYS M 52 -18.11 -44.96 51.41
CA LYS M 52 -16.90 -44.80 50.62
C LYS M 52 -17.01 -43.55 49.77
N ILE M 53 -15.99 -42.70 49.84
CA ILE M 53 -15.91 -41.47 49.07
C ILE M 53 -14.90 -41.70 47.95
N GLU M 54 -15.30 -41.40 46.72
CA GLU M 54 -14.46 -41.60 45.55
C GLU M 54 -14.41 -40.32 44.72
N ILE M 55 -13.33 -40.17 43.97
CA ILE M 55 -13.10 -39.01 43.12
C ILE M 55 -13.03 -39.47 41.67
N LEU M 56 -13.54 -38.64 40.76
CA LEU M 56 -13.56 -38.97 39.34
C LEU M 56 -12.99 -37.88 38.45
N LYS M 57 -12.64 -36.72 39.00
CA LYS M 57 -12.12 -35.61 38.22
C LYS M 57 -11.03 -34.90 39.01
N PRO M 58 -10.02 -34.36 38.33
CA PRO M 58 -8.96 -33.64 39.04
C PRO M 58 -9.47 -32.34 39.64
N ILE M 59 -8.73 -31.85 40.64
CA ILE M 59 -9.12 -30.63 41.32
C ILE M 59 -8.78 -29.42 40.46
N GLN M 60 -9.71 -28.48 40.39
CA GLN M 60 -9.53 -27.23 39.64
C GLN M 60 -10.10 -26.10 40.49
N TRP M 61 -9.24 -25.48 41.30
CA TRP M 61 -9.65 -24.43 42.21
C TRP M 61 -9.79 -23.10 41.47
N THR M 62 -10.93 -22.45 41.64
CA THR M 62 -11.20 -21.15 41.04
C THR M 62 -11.51 -20.15 42.15
N ASN M 63 -10.81 -19.03 42.13
CA ASN M 63 -10.98 -18.01 43.16
C ASN M 63 -12.24 -17.19 42.87
N ILE M 64 -13.23 -17.32 43.75
CA ILE M 64 -14.49 -16.58 43.62
C ILE M 64 -14.86 -16.03 44.99
N ARG M 65 -15.07 -14.72 45.06
CA ARG M 65 -15.46 -14.06 46.30
C ARG M 65 -16.94 -13.69 46.22
N ARG M 66 -17.68 -14.04 47.27
CA ARG M 66 -19.10 -13.74 47.35
C ARG M 66 -19.34 -12.57 48.29
N ASN M 67 -20.24 -11.69 47.90
CA ASN M 67 -20.52 -10.46 48.63
C ASN M 67 -21.87 -10.62 49.34
N GLU M 68 -21.82 -10.71 50.67
CA GLU M 68 -22.99 -11.02 51.47
C GLU M 68 -23.28 -9.88 52.46
N VAL M 69 -24.35 -10.06 53.23
CA VAL M 69 -24.72 -9.12 54.26
C VAL M 69 -24.29 -9.67 55.61
N GLY M 70 -24.21 -8.79 56.60
CA GLY M 70 -23.78 -9.20 57.93
C GLY M 70 -24.86 -9.08 58.98
N THR M 71 -26.12 -9.17 58.54
CA THR M 71 -27.26 -9.06 59.45
C THR M 71 -28.28 -10.12 59.10
N LYS M 72 -28.88 -10.73 60.12
CA LYS M 72 -29.87 -11.77 59.91
C LYS M 72 -31.27 -11.17 59.87
N MET M 73 -32.17 -11.87 59.18
CA MET M 73 -33.56 -11.42 59.05
C MET M 73 -34.32 -11.78 60.32
N SER M 74 -35.17 -10.86 60.77
CA SER M 74 -35.93 -11.05 61.99
C SER M 74 -37.22 -10.24 61.90
N GLU M 75 -38.10 -10.45 62.88
CA GLU M 75 -39.36 -9.70 62.93
C GLU M 75 -39.17 -8.30 63.49
N ARG M 76 -37.98 -7.96 63.97
CA ARG M 76 -37.75 -6.63 64.50
C ARG M 76 -37.54 -5.59 63.41
N SER M 77 -36.45 -5.69 62.64
CA SER M 77 -36.16 -4.75 61.56
C SER M 77 -36.87 -5.21 60.29
N GLY M 78 -37.44 -4.25 59.56
CA GLY M 78 -38.16 -4.61 58.34
C GLY M 78 -37.23 -4.85 57.17
N SER M 79 -36.29 -3.94 56.95
CA SER M 79 -35.30 -4.07 55.90
C SER M 79 -33.90 -4.17 56.51
N LEU M 80 -32.96 -4.64 55.71
CA LEU M 80 -31.58 -4.83 56.16
C LEU M 80 -30.57 -3.98 55.42
N TYR M 81 -30.79 -3.69 54.14
CA TYR M 81 -29.89 -2.88 53.32
C TYR M 81 -28.50 -3.52 53.23
N ILE M 82 -28.26 -4.29 52.18
CA ILE M 82 -26.98 -4.96 52.02
C ILE M 82 -25.84 -3.97 51.78
N GLU M 83 -26.15 -2.75 51.37
CA GLU M 83 -25.12 -1.74 51.16
C GLU M 83 -24.50 -1.23 52.46
N ASP M 84 -25.14 -1.49 53.60
CA ASP M 84 -24.62 -1.07 54.90
C ASP M 84 -23.73 -2.10 55.55
N ASN M 85 -24.11 -3.38 55.50
CA ASN M 85 -23.33 -4.47 56.08
C ASN M 85 -22.73 -5.36 55.00
N ARG M 86 -22.15 -4.75 53.97
CA ARG M 86 -21.55 -5.52 52.89
C ARG M 86 -20.25 -6.15 53.34
N GLN M 87 -20.11 -7.45 53.13
CA GLN M 87 -18.92 -8.20 53.49
C GLN M 87 -18.47 -9.03 52.29
N GLN M 88 -17.21 -8.89 51.91
CA GLN M 88 -16.66 -9.55 50.73
C GLN M 88 -15.96 -10.83 51.17
N ARG M 89 -16.75 -11.88 51.40
CA ARG M 89 -16.23 -13.15 51.86
C ARG M 89 -15.68 -13.94 50.67
N ALA M 90 -14.95 -15.01 50.99
CA ALA M 90 -14.37 -15.88 49.98
C ALA M 90 -15.22 -17.12 49.80
N SER M 91 -15.16 -17.71 48.60
CA SER M 91 -15.92 -18.90 48.25
C SER M 91 -15.25 -19.56 47.06
N MET M 92 -14.11 -20.21 47.32
CA MET M 92 -13.36 -20.89 46.26
C MET M 92 -14.17 -22.05 45.71
N LEU M 93 -14.29 -22.11 44.39
CA LEU M 93 -15.09 -23.13 43.72
C LEU M 93 -14.20 -24.22 43.14
N LEU M 94 -14.79 -25.37 42.88
CA LEU M 94 -14.10 -26.51 42.28
C LEU M 94 -14.75 -26.81 40.93
N LYS M 95 -14.09 -26.39 39.86
CA LYS M 95 -14.63 -26.57 38.51
C LYS M 95 -14.56 -28.03 38.11
N ASP M 96 -15.66 -28.54 37.55
CA ASP M 96 -15.76 -29.91 37.05
C ASP M 96 -15.49 -30.92 38.15
N VAL M 97 -16.55 -31.34 38.85
CA VAL M 97 -16.43 -32.32 39.93
C VAL M 97 -17.32 -33.51 39.62
N ALA M 98 -16.90 -34.68 40.09
CA ALA M 98 -17.65 -35.91 39.88
C ALA M 98 -17.23 -36.92 40.94
N TYR M 99 -18.22 -37.50 41.62
CA TYR M 99 -17.97 -38.47 42.67
C TYR M 99 -18.92 -39.64 42.54
N ARG M 100 -18.38 -40.85 42.59
CA ARG M 100 -19.19 -42.07 42.60
C ARG M 100 -19.19 -42.67 44.01
N ILE M 101 -19.90 -41.97 44.89
CA ILE M 101 -19.89 -42.32 46.31
C ILE M 101 -20.67 -43.62 46.54
N HIS M 102 -20.18 -44.43 47.47
CA HIS M 102 -20.85 -45.67 47.87
C HIS M 102 -21.47 -45.44 49.25
N ALA M 103 -22.80 -45.44 49.30
CA ALA M 103 -23.52 -45.17 50.54
C ALA M 103 -24.80 -45.98 50.57
N ASP M 104 -25.19 -46.38 51.78
CA ASP M 104 -26.42 -47.14 51.97
C ASP M 104 -27.35 -46.43 52.94
N PHE M 105 -28.15 -47.19 53.68
CA PHE M 105 -29.08 -46.61 54.64
C PHE M 105 -29.34 -47.62 55.76
N ASP M 106 -29.74 -47.11 56.92
CA ASP M 106 -30.05 -47.96 58.06
C ASP M 106 -31.48 -47.72 58.54
N MET M 107 -31.67 -47.70 59.86
CA MET M 107 -32.98 -47.49 60.45
C MET M 107 -32.83 -46.62 61.70
N THR M 108 -33.89 -45.87 62.00
CA THR M 108 -33.92 -44.99 63.15
C THR M 108 -34.77 -45.60 64.26
N SER M 109 -35.00 -44.81 65.31
CA SER M 109 -35.81 -45.27 66.44
C SER M 109 -37.27 -44.85 66.33
N GLU M 110 -37.57 -43.80 65.58
CA GLU M 110 -38.93 -43.31 65.40
C GLU M 110 -39.56 -43.80 64.10
N ALA M 111 -39.35 -45.07 63.78
CA ALA M 111 -39.91 -45.62 62.54
C ALA M 111 -41.41 -45.85 62.68
N GLY M 112 -41.81 -46.83 63.48
CA GLY M 112 -43.23 -47.13 63.69
C GLY M 112 -43.69 -48.30 62.81
N GLU M 113 -44.46 -47.98 61.76
CA GLU M 113 -44.98 -48.98 60.85
C GLU M 113 -44.21 -49.07 59.55
N SER M 114 -43.73 -47.95 59.03
CA SER M 114 -42.96 -47.92 57.78
C SER M 114 -41.49 -48.07 58.12
N ASP M 115 -41.05 -49.31 58.27
CA ASP M 115 -39.66 -49.64 58.60
C ASP M 115 -39.15 -50.74 57.69
N ASN M 116 -39.51 -50.68 56.41
CA ASN M 116 -39.09 -51.69 55.45
C ASN M 116 -37.75 -51.30 54.84
N TYR M 117 -37.00 -52.32 54.40
CA TYR M 117 -35.68 -52.10 53.80
C TYR M 117 -35.74 -52.22 52.28
N VAL M 118 -36.29 -53.32 51.77
CA VAL M 118 -36.35 -53.51 50.32
C VAL M 118 -37.29 -52.49 49.68
N LYS M 119 -38.35 -52.08 50.38
CA LYS M 119 -39.25 -51.08 49.84
C LYS M 119 -38.54 -49.75 49.63
N PHE M 120 -37.84 -49.28 50.66
CA PHE M 120 -37.08 -48.03 50.52
C PHE M 120 -35.95 -48.17 49.51
N ALA M 121 -35.34 -49.35 49.43
CA ALA M 121 -34.27 -49.56 48.46
C ALA M 121 -34.79 -49.44 47.03
N GLU M 122 -35.90 -50.12 46.72
CA GLU M 122 -36.47 -50.03 45.38
C GLU M 122 -37.02 -48.64 45.09
N MET M 123 -37.53 -47.95 46.12
CA MET M 123 -38.00 -46.59 45.92
C MET M 123 -36.85 -45.66 45.55
N PHE M 124 -35.72 -45.78 46.26
CA PHE M 124 -34.56 -44.97 45.93
C PHE M 124 -34.01 -45.33 44.55
N LYS M 125 -34.04 -46.62 44.21
CA LYS M 125 -33.57 -47.03 42.88
C LYS M 125 -34.44 -46.44 41.78
N ARG M 126 -35.76 -46.47 41.96
CA ARG M 126 -36.66 -45.89 40.97
C ARG M 126 -36.48 -44.37 40.89
N ARG M 127 -36.29 -43.71 42.03
CA ARG M 127 -36.07 -42.27 42.03
C ARG M 127 -34.77 -41.90 41.35
N ALA M 128 -33.74 -42.74 41.47
CA ALA M 128 -32.47 -42.45 40.82
C ALA M 128 -32.49 -42.78 39.34
N LYS M 129 -33.25 -43.80 38.93
CA LYS M 129 -33.30 -44.19 37.53
C LYS M 129 -34.34 -43.40 36.73
N LYS M 130 -35.26 -42.72 37.40
CA LYS M 130 -36.28 -41.93 36.72
C LYS M 130 -36.09 -40.43 36.85
N GLY M 131 -35.54 -39.96 37.95
CA GLY M 131 -35.33 -38.56 38.19
C GLY M 131 -36.20 -37.92 39.25
N GLN M 132 -36.77 -38.71 40.16
CA GLN M 132 -37.62 -38.17 41.21
C GLN M 132 -36.76 -37.81 42.43
N TYR M 133 -37.00 -36.61 42.98
CA TYR M 133 -36.29 -36.18 44.17
C TYR M 133 -37.10 -35.09 44.85
N PHE M 134 -37.03 -35.07 46.19
CA PHE M 134 -37.74 -34.07 46.96
C PHE M 134 -37.14 -32.69 46.79
N HIS M 135 -35.83 -32.62 46.54
CA HIS M 135 -35.15 -31.34 46.35
C HIS M 135 -33.89 -31.58 45.52
N GLN M 136 -33.54 -30.59 44.72
CA GLN M 136 -32.34 -30.68 43.89
C GLN M 136 -31.10 -30.71 44.79
N PRO M 137 -30.25 -31.72 44.66
CA PRO M 137 -29.05 -31.79 45.51
C PRO M 137 -28.10 -30.63 45.24
N TYR M 138 -27.21 -30.39 46.21
CA TYR M 138 -26.27 -29.30 46.15
C TYR M 138 -24.86 -29.82 46.38
N LEU M 139 -23.88 -29.21 45.70
CA LEU M 139 -22.49 -29.60 45.84
C LEU M 139 -21.77 -28.60 46.74
N GLY M 140 -22.08 -28.69 48.03
CA GLY M 140 -21.55 -27.79 49.04
C GLY M 140 -22.35 -26.53 49.22
N CYS M 141 -22.91 -26.01 48.12
CA CYS M 141 -23.75 -24.83 48.15
C CYS M 141 -24.92 -25.04 47.19
N ARG M 142 -26.07 -24.46 47.54
CA ARG M 142 -27.28 -24.59 46.73
C ARG M 142 -27.25 -23.74 45.46
N GLU M 143 -26.16 -23.80 44.70
CA GLU M 143 -26.03 -23.06 43.46
C GLU M 143 -25.52 -23.90 42.30
N PHE M 144 -25.19 -25.17 42.55
CA PHE M 144 -24.68 -26.07 41.51
C PHE M 144 -25.59 -27.30 41.40
N PRO M 145 -25.80 -27.82 40.21
CA PRO M 145 -26.64 -29.01 40.05
C PRO M 145 -25.87 -30.27 40.39
N CYS M 146 -26.61 -31.38 40.45
CA CYS M 146 -26.04 -32.69 40.74
C CYS M 146 -26.72 -33.71 39.83
N ASP M 147 -26.08 -34.01 38.69
CA ASP M 147 -26.61 -34.99 37.74
C ASP M 147 -26.30 -36.40 38.25
N PHE M 148 -27.05 -36.80 39.28
CA PHE M 148 -26.85 -38.10 39.90
C PHE M 148 -27.36 -39.20 38.99
N ARG M 149 -26.65 -40.32 38.97
CA ARG M 149 -27.02 -41.47 38.15
C ARG M 149 -26.69 -42.75 38.91
N LEU M 150 -27.66 -43.64 39.02
CA LEU M 150 -27.47 -44.90 39.74
C LEU M 150 -26.57 -45.82 38.91
N LEU M 151 -25.35 -46.03 39.39
CA LEU M 151 -24.38 -46.89 38.72
C LEU M 151 -24.36 -48.27 39.36
N GLU M 152 -23.89 -49.24 38.59
CA GLU M 152 -23.79 -50.63 39.05
C GLU M 152 -22.41 -50.98 39.59
N LYS M 153 -21.35 -50.45 38.98
CA LYS M 153 -19.99 -50.73 39.43
C LYS M 153 -19.06 -49.58 39.08
N ALA M 154 -18.74 -49.42 37.80
CA ALA M 154 -17.86 -48.35 37.35
C ALA M 154 -18.27 -47.93 35.94
N GLU M 155 -18.41 -46.62 35.73
CA GLU M 155 -18.79 -46.08 34.43
C GLU M 155 -18.00 -44.87 34.02
N ASP M 156 -17.06 -44.40 34.84
CA ASP M 156 -16.26 -43.23 34.52
C ASP M 156 -14.82 -43.47 34.97
N GLY M 157 -13.92 -42.61 34.49
CA GLY M 157 -12.52 -42.72 34.82
C GLY M 157 -12.14 -41.85 36.01
N LEU M 158 -11.06 -42.25 36.69
CA LEU M 158 -10.56 -41.53 37.85
C LEU M 158 -9.12 -41.10 37.62
N PRO M 159 -8.74 -39.91 38.09
CA PRO M 159 -7.36 -39.44 37.87
C PRO M 159 -6.39 -39.93 38.93
N LEU M 160 -6.88 -40.16 40.15
CA LEU M 160 -6.04 -40.58 41.27
C LEU M 160 -5.92 -42.10 41.24
N GLU M 161 -4.94 -42.60 40.48
CA GLU M 161 -4.75 -44.04 40.34
C GLU M 161 -3.83 -44.58 41.43
N ASP M 162 -2.84 -43.80 41.84
CA ASP M 162 -1.86 -44.25 42.83
C ASP M 162 -1.98 -43.37 44.08
N ILE M 163 -1.00 -43.45 44.97
CA ILE M 163 -1.01 -42.68 46.21
C ILE M 163 -0.72 -41.22 45.90
N THR M 164 -1.51 -40.31 46.49
CA THR M 164 -1.34 -38.89 46.27
C THR M 164 -1.04 -38.25 47.61
N GLN M 165 -2.02 -37.65 48.28
CA GLN M 165 -1.79 -37.01 49.58
C GLN M 165 -3.08 -37.01 50.36
N ASP M 166 -2.97 -37.22 51.67
CA ASP M 166 -4.15 -37.25 52.53
C ASP M 166 -4.68 -35.84 52.75
N PHE M 167 -5.96 -35.75 53.09
CA PHE M 167 -6.62 -34.46 53.31
C PHE M 167 -6.67 -34.07 54.78
N GLY M 168 -6.10 -34.88 55.68
CA GLY M 168 -6.12 -34.54 57.09
C GLY M 168 -7.49 -34.72 57.71
N PHE M 169 -7.83 -33.80 58.61
CA PHE M 169 -9.12 -33.84 59.29
C PHE M 169 -10.23 -33.36 58.35
N MET M 170 -11.27 -34.19 58.21
CA MET M 170 -12.42 -33.85 57.40
C MET M 170 -13.67 -33.93 58.25
N LEU M 171 -14.65 -33.08 57.93
CA LEU M 171 -15.90 -33.03 58.67
C LEU M 171 -16.75 -34.25 58.34
N TYR M 172 -16.95 -35.11 59.33
CA TYR M 172 -17.77 -36.31 59.15
C TYR M 172 -19.24 -35.96 59.12
N ASP M 173 -19.86 -35.85 60.29
CA ASP M 173 -21.27 -35.52 60.39
C ASP M 173 -21.54 -34.92 61.76
N MET M 174 -22.48 -33.98 61.81
CA MET M 174 -22.83 -33.33 63.06
C MET M 174 -23.52 -34.32 64.00
N ASP M 175 -23.22 -34.20 65.28
CA ASP M 175 -23.79 -35.10 66.28
C ASP M 175 -25.26 -34.77 66.50
N PHE M 176 -26.14 -35.68 66.08
CA PHE M 176 -27.59 -35.51 66.23
C PHE M 176 -28.15 -36.36 67.36
N SER M 177 -27.29 -36.89 68.24
CA SER M 177 -27.77 -37.73 69.33
C SER M 177 -28.44 -36.89 70.42
N LYS M 178 -27.68 -35.97 71.02
CA LYS M 178 -28.20 -35.10 72.07
C LYS M 178 -28.82 -33.84 71.47
N SER M 179 -29.89 -34.05 70.68
CA SER M 179 -30.56 -32.96 70.02
C SER M 179 -32.02 -33.36 69.74
N ASP M 180 -32.94 -32.46 70.06
CA ASP M 180 -34.35 -32.68 69.79
C ASP M 180 -34.62 -32.56 68.30
N PRO M 181 -35.77 -33.05 67.84
CA PRO M 181 -36.14 -32.84 66.43
C PRO M 181 -36.14 -31.35 66.08
N ARG M 182 -35.75 -31.06 64.84
CA ARG M 182 -35.53 -29.69 64.37
C ARG M 182 -34.51 -28.98 65.27
N ASP M 183 -33.29 -29.54 65.25
CA ASP M 183 -32.23 -29.09 66.14
C ASP M 183 -31.77 -27.69 65.76
N SER M 184 -31.13 -27.02 66.73
CA SER M 184 -30.59 -25.69 66.51
C SER M 184 -29.31 -25.43 67.28
N ASN M 185 -28.69 -26.45 67.88
CA ASN M 185 -27.44 -26.26 68.62
C ASN M 185 -26.75 -27.61 68.73
N ASN M 186 -25.59 -27.74 68.10
CA ASN M 186 -24.82 -28.98 68.12
C ASN M 186 -23.37 -28.66 67.83
N ALA M 187 -22.56 -29.69 67.64
CA ALA M 187 -21.15 -29.56 67.34
C ALA M 187 -20.85 -30.11 65.95
N GLU M 188 -19.60 -29.98 65.53
CA GLU M 188 -19.14 -30.44 64.23
C GLU M 188 -17.81 -31.16 64.41
N PRO M 189 -17.83 -32.44 64.74
CA PRO M 189 -16.58 -33.19 64.92
C PRO M 189 -15.98 -33.60 63.58
N MET M 190 -14.66 -33.77 63.57
CA MET M 190 -13.94 -34.19 62.39
C MET M 190 -13.27 -35.55 62.62
N PHE M 191 -12.76 -36.12 61.53
CA PHE M 191 -12.14 -37.44 61.57
C PHE M 191 -11.05 -37.54 60.52
N TYR M 192 -10.19 -38.54 60.69
CA TYR M 192 -9.11 -38.82 59.76
C TYR M 192 -9.52 -39.91 58.79
N GLN M 193 -9.05 -39.78 57.54
CA GLN M 193 -9.34 -40.76 56.51
C GLN M 193 -8.40 -41.96 56.61
N CYS M 194 -7.69 -42.26 55.52
CA CYS M 194 -6.76 -43.39 55.51
C CYS M 194 -5.73 -43.22 54.41
N LYS M 195 -5.73 -44.14 53.44
CA LYS M 195 -4.81 -44.10 52.31
C LYS M 195 -5.56 -43.72 51.05
N ALA M 196 -5.04 -42.71 50.34
CA ALA M 196 -5.71 -42.20 49.14
C ALA M 196 -5.07 -42.80 47.88
N VAL M 197 -5.61 -43.95 47.49
CA VAL M 197 -5.19 -44.61 46.26
C VAL M 197 -6.32 -44.52 45.25
N ASN M 198 -7.49 -44.05 45.71
CA ASN M 198 -8.68 -43.87 44.87
C ASN M 198 -9.76 -43.09 45.59
N GLY M 199 -9.41 -42.32 46.60
CA GLY M 199 -10.36 -41.55 47.37
C GLY M 199 -10.09 -41.73 48.85
N VAL M 200 -11.13 -41.53 49.66
CA VAL M 200 -11.04 -41.66 51.11
C VAL M 200 -12.21 -42.49 51.61
N ILE M 201 -11.99 -43.17 52.73
CA ILE M 201 -13.00 -44.02 53.35
C ILE M 201 -13.46 -43.37 54.65
N THR M 202 -14.75 -43.44 54.92
CA THR M 202 -15.35 -42.85 56.11
C THR M 202 -15.59 -43.95 57.14
N VAL M 203 -14.91 -43.84 58.28
CA VAL M 203 -15.05 -44.81 59.36
C VAL M 203 -16.30 -44.46 60.16
N PRO M 204 -17.25 -45.37 60.32
CA PRO M 204 -18.47 -45.07 61.08
C PRO M 204 -18.17 -44.96 62.56
N PRO M 205 -18.83 -44.04 63.28
CA PRO M 205 -18.63 -43.86 64.72
C PRO M 205 -19.05 -45.08 65.53
#